data_6VE4
#
_entry.id   6VE4
#
_cell.length_a   1.00
_cell.length_b   1.00
_cell.length_c   1.00
_cell.angle_alpha   90.00
_cell.angle_beta   90.00
_cell.angle_gamma   90.00
#
_symmetry.space_group_name_H-M   'P 1'
#
_entity_poly.entity_id   1
_entity_poly.type   'polypeptide(L)'
_entity_poly.pdbx_seq_one_letter_code
;MNSGLSRLGIALLAAMFAPALLAADLEKLDVAALPGDRVELKLQFDEPVAAPRGYTIEQPARIALDLPGVQNKLGTKNRE
LSVGNTRSVTVVEAKDRTRLIINLTALSSYTTRVEGNNLFVVVGNSPHHHHHHHHAGASVASAAPVKASPAPASYAQPIK
PKPYVPAGRAIRNIDFQRGEKGEGNVVIDLSDPTLSPDIQEQGGKIRLDFAKTQLPDALRVRLDVKDFATPVQFVNASAQ
SDRTSITIEPSGLYDYLVYQTDNRLTVSIKPMTTEDAERRKKDNFAYTGEKLSLNFQDIDVRSVLQLIADFTDLNLVASD
TVQGNITLRLQNVPWDQALDLVLKTKGLDKRKLGNVLLVAPADEIAARERQELEAQKQIAELAPLRRELIQVNYAKAADI
AKLFQSVTSDGGQEGKEGGRGSITVDDRTNSIIAYQPQERLDELRRIVSQLDIPVRQVMIEARIVEANVGYDKSLGVRWG
GAYHKGNWSGYGKDGNIGIKDEDGMNCGPIAGSCTFPTTGTSKSPSPFVDLGAKDATSGIGIGFITDNIILDLQLSAMEK
TGNGEIVSQPKVVTSDKETAKILKGSEVPYQEASSSGATSTSFKEAALSLEVTPQITPDNRIIVEVKVTKDAPDYQNMLN
GVPPINKNEVNAKILVNDGETIVIGGVFSNEQSKSVEKVPFLGELPYLGRLFRRDTVTDRKNELLVFLTPRIMNNQAIAI
GRGHHHHHHHH
;
_entity_poly.pdbx_strand_id   A,B,C,D,E,F,G,H,I,J,K,L,M,N,O
#
# COMPACT_ATOMS: atom_id res chain seq x y z
N LEU A 385 9.76 -27.26 -71.97
CA LEU A 385 8.78 -27.27 -70.87
C LEU A 385 7.36 -27.22 -71.40
N ARG A 386 6.49 -27.88 -70.67
CA ARG A 386 5.08 -28.05 -70.99
C ARG A 386 4.26 -27.47 -69.85
N ARG A 387 3.23 -26.73 -70.18
CA ARG A 387 2.33 -26.17 -69.19
C ARG A 387 1.13 -27.10 -68.95
N GLU A 388 0.91 -27.48 -67.72
CA GLU A 388 -0.28 -28.25 -67.40
C GLU A 388 -1.02 -27.63 -66.23
N LEU A 389 -2.35 -27.54 -66.34
CA LEU A 389 -3.21 -27.05 -65.27
C LEU A 389 -3.95 -28.20 -64.61
N ILE A 390 -3.77 -28.35 -63.31
CA ILE A 390 -4.52 -29.33 -62.53
C ILE A 390 -5.20 -28.61 -61.37
N GLN A 391 -6.51 -28.81 -61.21
CA GLN A 391 -7.19 -28.23 -60.06
C GLN A 391 -7.43 -29.33 -59.04
N VAL A 392 -6.93 -29.14 -57.83
CA VAL A 392 -7.14 -30.10 -56.75
C VAL A 392 -7.93 -29.49 -55.59
N ASN A 393 -9.19 -29.89 -55.48
CA ASN A 393 -9.98 -29.48 -54.32
C ASN A 393 -9.57 -30.31 -53.10
N TYR A 394 -9.32 -31.61 -53.30
CA TYR A 394 -8.98 -32.55 -52.24
C TYR A 394 -7.49 -32.67 -51.99
N ALA A 395 -6.63 -32.14 -52.85
CA ALA A 395 -5.20 -32.27 -52.65
C ALA A 395 -4.70 -30.92 -52.18
N LYS A 396 -3.94 -30.92 -51.10
CA LYS A 396 -3.35 -29.70 -50.60
C LYS A 396 -2.31 -29.16 -51.59
N ALA A 397 -2.31 -27.84 -51.79
CA ALA A 397 -1.39 -27.23 -52.72
C ALA A 397 0.06 -27.43 -52.27
N ALA A 398 0.30 -27.32 -50.97
CA ALA A 398 1.64 -27.55 -50.44
C ALA A 398 2.12 -28.96 -50.75
N ASP A 399 1.23 -29.94 -50.66
CA ASP A 399 1.63 -31.30 -50.95
C ASP A 399 2.09 -31.42 -52.40
N ILE A 400 1.34 -30.81 -53.31
CA ILE A 400 1.70 -30.85 -54.72
C ILE A 400 3.05 -30.17 -54.93
N ALA A 401 3.27 -29.07 -54.21
CA ALA A 401 4.55 -28.39 -54.30
C ALA A 401 5.67 -29.29 -53.84
N LYS A 402 5.43 -30.04 -52.77
CA LYS A 402 6.44 -30.99 -52.27
C LYS A 402 6.71 -32.06 -53.29
N LEU A 403 5.66 -32.49 -54.00
CA LEU A 403 5.84 -33.50 -55.05
C LEU A 403 6.76 -32.97 -56.13
N PHE A 404 6.54 -31.73 -56.54
CA PHE A 404 7.42 -31.14 -57.55
C PHE A 404 8.82 -30.92 -57.02
N GLN A 405 8.95 -30.52 -55.76
CA GLN A 405 10.27 -30.33 -55.17
C GLN A 405 11.07 -31.62 -55.16
N SER A 406 10.43 -32.72 -54.78
CA SER A 406 11.11 -34.00 -54.86
C SER A 406 11.42 -34.34 -56.31
N VAL A 407 10.51 -33.97 -57.21
CA VAL A 407 10.74 -34.21 -58.63
C VAL A 407 12.01 -33.49 -59.07
N THR A 408 12.20 -32.27 -58.57
CA THR A 408 13.44 -31.54 -58.85
C THR A 408 14.63 -32.26 -58.23
N SER A 409 14.44 -32.85 -57.05
CA SER A 409 15.51 -33.64 -56.43
C SER A 409 15.90 -34.78 -57.36
N ASP A 410 14.94 -35.34 -58.08
CA ASP A 410 15.26 -36.37 -59.06
C ASP A 410 16.29 -35.86 -60.07
N GLY A 411 16.07 -34.64 -60.57
CA GLY A 411 16.93 -34.07 -61.59
C GLY A 411 17.51 -32.72 -61.21
N GLY A 421 10.92 -25.56 -65.28
CA GLY A 421 10.78 -25.50 -63.84
C GLY A 421 10.07 -24.25 -63.38
N SER A 422 8.89 -24.04 -63.93
CA SER A 422 8.03 -22.90 -63.61
C SER A 422 6.79 -23.41 -62.91
N ILE A 423 6.48 -22.83 -61.75
CA ILE A 423 5.33 -23.25 -60.96
C ILE A 423 4.39 -22.08 -60.72
N THR A 424 3.09 -22.32 -60.89
CA THR A 424 2.06 -21.33 -60.62
C THR A 424 1.07 -22.01 -59.67
N VAL A 425 0.73 -21.34 -58.58
CA VAL A 425 -0.18 -21.89 -57.57
C VAL A 425 -1.40 -21.00 -57.52
N ASP A 426 -2.59 -21.61 -57.63
CA ASP A 426 -3.86 -20.91 -57.55
C ASP A 426 -4.53 -21.28 -56.24
N ASP A 427 -4.59 -20.31 -55.32
CA ASP A 427 -5.21 -20.54 -54.03
C ASP A 427 -6.73 -20.72 -54.13
N ARG A 428 -7.39 -19.90 -54.96
CA ARG A 428 -8.85 -19.91 -55.00
C ARG A 428 -9.41 -21.25 -55.45
N THR A 429 -8.87 -21.78 -56.54
CA THR A 429 -9.29 -23.07 -57.04
C THR A 429 -8.39 -24.17 -56.53
N ASN A 430 -7.31 -23.78 -55.83
CA ASN A 430 -6.29 -24.73 -55.39
C ASN A 430 -5.74 -25.48 -56.60
N SER A 431 -5.53 -24.76 -57.70
CA SER A 431 -5.12 -25.34 -58.96
C SER A 431 -3.71 -24.91 -59.27
N ILE A 432 -2.86 -25.88 -59.56
CA ILE A 432 -1.46 -25.62 -59.82
C ILE A 432 -1.25 -25.83 -61.31
N ILE A 433 -0.75 -24.80 -61.96
CA ILE A 433 -0.35 -24.89 -63.36
C ILE A 433 1.16 -24.85 -63.40
N ALA A 434 1.77 -25.87 -63.97
CA ALA A 434 3.22 -25.93 -63.97
C ALA A 434 3.70 -26.05 -65.40
N TYR A 435 4.58 -25.14 -65.78
CA TYR A 435 5.22 -25.19 -67.08
C TYR A 435 6.66 -25.64 -66.83
N GLN A 436 6.93 -26.91 -67.12
CA GLN A 436 8.18 -27.56 -66.78
C GLN A 436 8.30 -28.82 -67.64
N PRO A 437 9.40 -29.59 -67.60
CA PRO A 437 9.53 -30.71 -68.53
C PRO A 437 8.37 -31.69 -68.39
N GLN A 438 8.00 -32.30 -69.53
CA GLN A 438 6.82 -33.14 -69.57
C GLN A 438 6.93 -34.30 -68.59
N GLU A 439 8.11 -34.92 -68.49
CA GLU A 439 8.23 -36.09 -67.63
C GLU A 439 8.00 -35.71 -66.18
N ARG A 440 8.62 -34.61 -65.75
CA ARG A 440 8.43 -34.13 -64.39
C ARG A 440 6.97 -33.77 -64.18
N LEU A 441 6.37 -33.15 -65.20
CA LEU A 441 4.98 -32.72 -65.12
C LEU A 441 4.05 -33.90 -64.92
N ASP A 442 4.29 -34.98 -65.66
CA ASP A 442 3.48 -36.18 -65.56
C ASP A 442 3.65 -36.86 -64.21
N GLU A 443 4.90 -36.94 -63.74
CA GLU A 443 5.14 -37.57 -62.45
C GLU A 443 4.41 -36.81 -61.36
N LEU A 444 4.49 -35.48 -61.42
CA LEU A 444 3.84 -34.67 -60.42
C LEU A 444 2.35 -34.85 -60.50
N ARG A 445 1.81 -34.96 -61.72
CA ARG A 445 0.38 -35.19 -61.90
C ARG A 445 -0.09 -36.49 -61.27
N ARG A 446 0.68 -37.56 -61.45
CA ARG A 446 0.30 -38.84 -60.84
C ARG A 446 0.26 -38.71 -59.33
N ILE A 447 1.31 -38.09 -58.77
CA ILE A 447 1.30 -37.91 -57.33
C ILE A 447 0.13 -37.01 -56.94
N VAL A 448 -0.18 -36.02 -57.78
CA VAL A 448 -1.29 -35.11 -57.51
C VAL A 448 -2.57 -35.91 -57.38
N SER A 449 -2.73 -36.90 -58.27
CA SER A 449 -3.90 -37.74 -58.23
C SER A 449 -3.98 -38.46 -56.90
N GLN A 450 -2.84 -38.96 -56.42
CA GLN A 450 -2.85 -39.61 -55.11
C GLN A 450 -3.27 -38.63 -54.02
N LEU A 451 -2.73 -37.41 -54.07
CA LEU A 451 -2.99 -36.38 -53.06
C LEU A 451 -4.45 -35.95 -53.04
N ASP A 452 -5.11 -35.91 -54.20
CA ASP A 452 -6.46 -35.37 -54.27
C ASP A 452 -7.41 -36.39 -53.67
N ILE A 453 -7.26 -36.57 -52.35
CA ILE A 453 -8.04 -37.49 -51.55
C ILE A 453 -8.83 -36.77 -50.46
N PRO A 454 -10.09 -37.13 -50.28
CA PRO A 454 -10.94 -36.49 -49.28
C PRO A 454 -10.44 -36.75 -47.87
N VAL A 455 -10.45 -35.70 -47.03
CA VAL A 455 -10.12 -35.90 -45.63
C VAL A 455 -11.06 -36.94 -45.03
N ARG A 456 -10.49 -37.88 -44.28
CA ARG A 456 -11.23 -39.03 -43.75
C ARG A 456 -11.83 -38.75 -42.38
N GLN A 457 -13.14 -38.71 -42.32
CA GLN A 457 -13.92 -38.60 -41.08
C GLN A 457 -14.21 -39.97 -40.50
N VAL A 458 -14.18 -40.07 -39.16
CA VAL A 458 -14.63 -41.26 -38.45
C VAL A 458 -15.57 -40.84 -37.32
N MET A 459 -16.67 -41.57 -37.17
CA MET A 459 -17.62 -41.38 -36.09
C MET A 459 -17.22 -42.27 -34.92
N ILE A 460 -16.88 -41.66 -33.80
CA ILE A 460 -16.39 -42.38 -32.64
C ILE A 460 -17.51 -42.41 -31.61
N GLU A 461 -17.88 -43.60 -31.18
CA GLU A 461 -18.95 -43.76 -30.20
C GLU A 461 -18.33 -44.53 -29.06
N ALA A 462 -18.04 -43.83 -27.97
CA ALA A 462 -17.53 -44.45 -26.77
C ALA A 462 -18.60 -44.29 -25.71
N ARG A 463 -19.03 -45.39 -25.13
CA ARG A 463 -20.13 -45.35 -24.19
C ARG A 463 -19.70 -45.69 -22.78
N ILE A 464 -20.23 -44.95 -21.83
CA ILE A 464 -19.92 -45.13 -20.42
C ILE A 464 -21.10 -45.82 -19.76
N VAL A 465 -20.83 -46.93 -19.09
CA VAL A 465 -21.84 -47.68 -18.37
C VAL A 465 -21.43 -47.71 -16.91
N GLU A 466 -22.25 -47.14 -16.04
CA GLU A 466 -22.01 -47.19 -14.60
C GLU A 466 -23.14 -47.85 -13.86
N ALA A 467 -22.83 -48.88 -13.09
CA ALA A 467 -23.83 -49.53 -12.26
C ALA A 467 -23.36 -49.52 -10.81
N ASN A 468 -24.20 -49.00 -9.91
CA ASN A 468 -23.91 -48.99 -8.48
C ASN A 468 -25.03 -49.68 -7.73
N VAL A 469 -24.69 -50.72 -6.98
CA VAL A 469 -25.65 -51.43 -6.15
C VAL A 469 -25.23 -51.28 -4.70
N GLY A 470 -26.12 -50.75 -3.88
CA GLY A 470 -25.84 -50.55 -2.49
C GLY A 470 -26.77 -51.08 -1.42
N TYR A 471 -26.22 -51.86 -0.49
CA TYR A 471 -26.92 -52.37 0.69
C TYR A 471 -26.29 -51.92 2.00
N ASP A 472 -27.05 -51.22 2.83
CA ASP A 472 -26.56 -50.82 4.15
C ASP A 472 -27.56 -51.23 5.22
N LYS A 473 -27.11 -51.98 6.22
CA LYS A 473 -27.97 -52.32 7.35
C LYS A 473 -27.32 -51.94 8.67
N SER A 474 -28.08 -51.28 9.54
CA SER A 474 -27.60 -50.93 10.88
C SER A 474 -28.66 -51.37 11.87
N LEU A 475 -28.25 -52.05 12.93
CA LEU A 475 -29.18 -52.53 13.94
C LEU A 475 -28.76 -52.01 15.30
N GLY A 476 -29.62 -51.22 15.94
CA GLY A 476 -29.56 -50.81 17.32
C GLY A 476 -30.48 -51.59 18.24
N VAL A 477 -29.94 -52.39 19.16
CA VAL A 477 -30.74 -53.27 20.00
C VAL A 477 -30.72 -52.73 21.43
N ARG A 478 -31.91 -52.54 22.01
CA ARG A 478 -32.12 -51.59 23.09
C ARG A 478 -33.03 -52.19 24.16
N TRP A 479 -32.50 -52.30 25.38
CA TRP A 479 -33.23 -52.83 26.54
C TRP A 479 -33.22 -51.83 27.70
N GLY A 480 -34.25 -50.99 27.81
CA GLY A 480 -34.22 -50.07 28.93
C GLY A 480 -35.37 -50.19 29.92
N GLY A 481 -35.00 -50.47 31.18
CA GLY A 481 -35.89 -50.48 32.32
C GLY A 481 -35.28 -49.61 33.41
N ALA A 482 -35.95 -48.57 33.87
CA ALA A 482 -35.42 -47.80 34.98
C ALA A 482 -35.87 -48.27 36.35
N TYR A 483 -36.84 -49.19 36.43
CA TYR A 483 -37.33 -49.59 37.75
C TYR A 483 -36.20 -50.28 38.53
N HIS A 484 -35.48 -51.18 37.86
CA HIS A 484 -34.37 -51.87 38.48
C HIS A 484 -33.05 -51.33 37.96
N LYS A 485 -33.11 -50.12 37.40
CA LYS A 485 -31.95 -49.43 36.84
C LYS A 485 -31.15 -50.31 35.89
N GLY A 486 -31.84 -51.10 35.07
CA GLY A 486 -31.15 -51.87 34.08
C GLY A 486 -31.41 -51.42 32.65
N ASN A 487 -30.40 -50.82 32.01
CA ASN A 487 -30.63 -50.26 30.68
C ASN A 487 -29.36 -50.31 29.85
N TRP A 488 -29.41 -51.11 28.79
CA TRP A 488 -28.37 -51.23 27.79
C TRP A 488 -28.85 -50.65 26.46
N SER A 489 -28.05 -49.75 25.90
CA SER A 489 -28.44 -49.01 24.71
C SER A 489 -28.04 -49.68 23.40
N GLY A 490 -28.93 -49.59 22.41
CA GLY A 490 -28.63 -50.07 21.10
C GLY A 490 -27.64 -49.12 20.47
N TYR A 491 -27.28 -49.40 19.24
CA TYR A 491 -26.34 -48.51 18.57
C TYR A 491 -26.76 -48.19 17.15
N GLY A 492 -26.99 -49.23 16.33
CA GLY A 492 -27.34 -49.00 14.95
C GLY A 492 -28.45 -47.98 14.85
N LYS A 493 -29.51 -48.17 15.66
CA LYS A 493 -30.51 -47.14 15.90
C LYS A 493 -30.65 -47.01 17.43
N ASP A 494 -29.62 -46.42 18.04
CA ASP A 494 -29.39 -46.43 19.48
C ASP A 494 -30.64 -46.21 20.31
N GLY A 495 -30.83 -47.05 21.32
CA GLY A 495 -31.93 -46.87 22.26
C GLY A 495 -31.62 -47.35 23.66
N ASN A 496 -31.96 -46.57 24.69
CA ASN A 496 -31.68 -46.99 26.06
C ASN A 496 -32.78 -46.38 26.92
N ILE A 497 -33.79 -47.18 27.20
CA ILE A 497 -35.03 -46.62 27.67
C ILE A 497 -34.88 -46.03 29.08
N GLY A 498 -33.81 -46.37 29.81
CA GLY A 498 -33.63 -45.76 31.12
C GLY A 498 -33.37 -44.26 31.06
N ILE A 499 -32.55 -43.82 30.09
CA ILE A 499 -32.24 -42.40 29.97
C ILE A 499 -33.51 -41.59 29.75
N LYS A 500 -34.43 -42.09 28.92
CA LYS A 500 -35.66 -41.36 28.71
C LYS A 500 -36.74 -41.83 29.68
N ASP A 501 -36.41 -42.79 30.55
CA ASP A 501 -37.18 -43.02 31.76
C ASP A 501 -36.89 -41.91 32.75
N GLU A 502 -35.76 -41.21 32.56
CA GLU A 502 -35.53 -40.00 33.34
C GLU A 502 -36.43 -38.90 32.84
N ASP A 503 -36.59 -38.82 31.51
CA ASP A 503 -37.56 -37.96 30.86
C ASP A 503 -38.97 -38.29 31.32
N PRO A 527 -45.02 -42.57 27.47
CA PRO A 527 -44.87 -43.68 26.54
C PRO A 527 -45.55 -43.46 25.19
N PHE A 528 -46.81 -43.00 25.18
CA PHE A 528 -47.48 -42.81 23.90
C PHE A 528 -46.83 -41.67 23.10
N VAL A 529 -46.34 -40.64 23.77
CA VAL A 529 -45.75 -39.50 23.05
C VAL A 529 -44.24 -39.69 22.87
N ASP A 530 -43.52 -40.01 23.95
CA ASP A 530 -42.06 -40.09 23.88
C ASP A 530 -41.62 -41.24 22.99
N LEU A 531 -42.21 -42.41 23.16
CA LEU A 531 -41.85 -43.54 22.32
C LEU A 531 -42.27 -43.31 20.87
N GLY A 532 -43.46 -42.75 20.62
CA GLY A 532 -43.86 -42.50 19.24
C GLY A 532 -42.79 -41.77 18.45
N ALA A 533 -42.32 -40.64 18.98
CA ALA A 533 -41.27 -39.88 18.30
C ALA A 533 -39.97 -40.65 18.32
N LYS A 534 -39.58 -41.17 19.49
CA LYS A 534 -38.33 -41.90 19.60
C LYS A 534 -38.28 -42.99 18.53
N ASP A 535 -39.39 -43.69 18.36
CA ASP A 535 -39.50 -44.86 17.50
C ASP A 535 -39.95 -44.47 16.11
N ALA A 536 -39.94 -43.17 15.80
CA ALA A 536 -40.37 -42.74 14.47
C ALA A 536 -39.51 -43.40 13.40
N THR A 537 -38.25 -43.65 13.71
CA THR A 537 -37.24 -44.11 12.77
C THR A 537 -37.69 -45.36 12.01
N SER A 538 -37.32 -45.41 10.72
CA SER A 538 -37.60 -46.48 9.77
C SER A 538 -37.87 -47.82 10.42
N GLY A 539 -36.88 -48.35 11.11
CA GLY A 539 -37.04 -49.66 11.67
C GLY A 539 -36.94 -49.66 13.17
N ILE A 540 -38.08 -49.76 13.83
CA ILE A 540 -38.17 -49.88 15.27
C ILE A 540 -39.12 -51.01 15.62
N GLY A 541 -38.67 -51.95 16.44
CA GLY A 541 -39.56 -52.96 16.93
C GLY A 541 -39.76 -52.69 18.40
N ILE A 542 -40.96 -52.26 18.81
CA ILE A 542 -41.21 -51.82 20.17
C ILE A 542 -41.93 -52.91 20.94
N GLY A 543 -41.37 -53.29 22.08
CA GLY A 543 -42.08 -54.01 23.12
C GLY A 543 -42.18 -53.06 24.28
N PHE A 544 -43.39 -52.77 24.76
CA PHE A 544 -43.52 -51.87 25.90
C PHE A 544 -44.35 -52.52 26.97
N ILE A 545 -43.90 -52.39 28.21
CA ILE A 545 -44.80 -52.56 29.35
C ILE A 545 -44.89 -51.18 29.97
N THR A 546 -46.10 -50.79 30.35
CA THR A 546 -46.26 -49.55 31.08
C THR A 546 -47.11 -49.73 32.33
N ASP A 547 -48.07 -50.64 32.25
CA ASP A 547 -49.07 -50.75 33.32
C ASP A 547 -48.45 -51.21 34.63
N ASN A 548 -47.72 -52.32 34.61
CA ASN A 548 -47.02 -52.77 35.81
C ASN A 548 -45.81 -51.88 36.08
N ILE A 549 -44.99 -51.69 35.05
CA ILE A 549 -43.77 -50.90 35.07
C ILE A 549 -43.61 -50.48 33.63
N ILE A 550 -42.89 -49.39 33.40
CA ILE A 550 -42.57 -49.02 32.03
C ILE A 550 -41.17 -49.55 31.76
N LEU A 551 -41.14 -50.60 30.94
CA LEU A 551 -39.91 -51.29 30.54
C LEU A 551 -40.04 -51.45 29.03
N ASP A 552 -39.21 -50.73 28.31
CA ASP A 552 -39.26 -50.67 26.85
C ASP A 552 -38.08 -51.40 26.23
N LEU A 553 -38.38 -52.36 25.35
CA LEU A 553 -37.38 -53.20 24.71
C LEU A 553 -37.60 -53.21 23.20
N GLN A 554 -36.71 -52.55 22.48
CA GLN A 554 -36.88 -52.34 21.05
C GLN A 554 -35.66 -52.82 20.26
N LEU A 555 -35.93 -53.42 19.11
CA LEU A 555 -34.87 -53.80 18.20
C LEU A 555 -35.10 -52.90 17.00
N SER A 556 -34.18 -51.99 16.75
CA SER A 556 -34.37 -50.97 15.72
C SER A 556 -33.36 -51.18 14.60
N ALA A 557 -33.83 -51.60 13.44
CA ALA A 557 -32.99 -52.03 12.33
C ALA A 557 -33.37 -51.35 11.03
N MET A 558 -32.36 -51.01 10.23
CA MET A 558 -32.53 -50.34 8.94
C MET A 558 -31.75 -51.09 7.87
N GLU A 559 -32.42 -51.34 6.75
CA GLU A 559 -31.79 -51.87 5.55
C GLU A 559 -32.15 -50.93 4.42
N LYS A 560 -31.15 -50.41 3.75
CA LYS A 560 -31.34 -49.45 2.68
C LYS A 560 -30.65 -50.02 1.45
N THR A 561 -31.34 -50.02 0.31
CA THR A 561 -30.71 -50.46 -0.92
C THR A 561 -30.92 -49.44 -2.03
N GLY A 562 -29.83 -48.98 -2.61
CA GLY A 562 -29.89 -48.07 -3.74
C GLY A 562 -29.02 -48.46 -4.91
N ASN A 563 -29.58 -48.58 -6.11
CA ASN A 563 -28.78 -48.86 -7.29
C ASN A 563 -28.99 -47.78 -8.35
N GLY A 564 -27.90 -47.17 -8.76
CA GLY A 564 -27.99 -46.19 -9.82
C GLY A 564 -27.09 -46.61 -10.96
N GLU A 565 -27.65 -46.73 -12.15
CA GLU A 565 -26.90 -47.05 -13.34
C GLU A 565 -27.14 -45.99 -14.40
N ILE A 566 -26.07 -45.40 -14.89
CA ILE A 566 -26.15 -44.41 -15.96
C ILE A 566 -25.31 -44.87 -17.13
N VAL A 567 -25.93 -44.95 -18.30
CA VAL A 567 -25.26 -45.38 -19.51
C VAL A 567 -25.41 -44.29 -20.56
N SER A 568 -24.31 -43.61 -20.89
CA SER A 568 -24.33 -42.51 -21.83
C SER A 568 -23.38 -42.77 -23.00
N GLN A 569 -23.85 -42.60 -24.22
CA GLN A 569 -22.98 -42.78 -25.38
C GLN A 569 -23.00 -41.59 -26.32
N PRO A 570 -21.90 -40.87 -26.40
CA PRO A 570 -21.71 -39.80 -27.40
C PRO A 570 -20.97 -40.23 -28.66
N LYS A 571 -21.50 -39.83 -29.81
CA LYS A 571 -20.94 -40.16 -31.12
C LYS A 571 -20.40 -38.89 -31.77
N VAL A 572 -19.14 -38.90 -32.20
CA VAL A 572 -18.47 -37.73 -32.77
C VAL A 572 -17.94 -38.03 -34.17
N VAL A 573 -18.16 -37.12 -35.12
CA VAL A 573 -17.60 -37.26 -36.47
C VAL A 573 -16.35 -36.38 -36.56
N THR A 574 -15.20 -37.01 -36.85
CA THR A 574 -13.90 -36.36 -36.83
C THR A 574 -13.12 -36.56 -38.11
N SER A 575 -12.36 -35.54 -38.52
CA SER A 575 -11.44 -35.77 -39.61
C SER A 575 -10.37 -36.78 -39.16
N ASP A 576 -9.60 -37.28 -40.13
CA ASP A 576 -8.59 -38.31 -39.83
C ASP A 576 -7.33 -37.63 -39.33
N LYS A 577 -6.81 -38.09 -38.20
CA LYS A 577 -5.61 -37.53 -37.57
C LYS A 577 -5.88 -36.15 -37.01
N GLU A 578 -7.14 -35.77 -36.90
CA GLU A 578 -7.55 -34.47 -36.41
C GLU A 578 -8.36 -34.71 -35.16
N THR A 579 -8.44 -33.71 -34.30
CA THR A 579 -9.28 -33.78 -33.12
C THR A 579 -10.67 -33.23 -33.37
N ALA A 580 -11.64 -33.93 -32.79
CA ALA A 580 -13.01 -33.46 -32.72
C ALA A 580 -13.50 -33.79 -31.31
N LYS A 581 -14.47 -33.01 -30.85
CA LYS A 581 -14.83 -33.08 -29.44
C LYS A 581 -16.32 -32.93 -29.27
N ILE A 582 -16.92 -33.85 -28.52
CA ILE A 582 -18.30 -33.72 -28.11
C ILE A 582 -18.25 -33.45 -26.62
N LEU A 583 -18.96 -32.42 -26.19
CA LEU A 583 -18.97 -32.06 -24.78
C LEU A 583 -20.38 -31.72 -24.36
N LYS A 584 -20.91 -32.48 -23.41
CA LYS A 584 -22.29 -32.40 -22.94
C LYS A 584 -22.28 -32.09 -21.46
N GLY A 585 -22.16 -30.83 -21.09
CA GLY A 585 -22.05 -30.49 -19.69
C GLY A 585 -22.35 -29.08 -19.29
N SER A 586 -21.68 -28.64 -18.24
CA SER A 586 -21.94 -27.35 -17.60
C SER A 586 -20.64 -26.92 -16.96
N GLU A 587 -20.39 -25.62 -16.86
CA GLU A 587 -19.02 -25.19 -16.58
C GLU A 587 -18.86 -24.67 -15.15
N VAL A 588 -18.40 -25.58 -14.29
CA VAL A 588 -18.13 -25.33 -12.89
C VAL A 588 -16.97 -24.35 -12.73
N PRO A 589 -17.27 -23.16 -12.26
CA PRO A 589 -16.30 -22.09 -12.08
C PRO A 589 -15.76 -22.07 -10.66
N TYR A 590 -14.79 -21.18 -10.45
CA TYR A 590 -14.34 -20.78 -9.12
C TYR A 590 -14.07 -19.30 -9.26
N GLN A 591 -14.77 -18.47 -8.48
CA GLN A 591 -14.63 -17.02 -8.56
C GLN A 591 -13.85 -16.58 -7.34
N GLU A 592 -12.55 -16.46 -7.48
CA GLU A 592 -11.71 -15.84 -6.46
C GLU A 592 -11.39 -14.42 -6.92
N ALA A 593 -12.08 -13.44 -6.36
CA ALA A 593 -11.91 -12.06 -6.81
C ALA A 593 -11.03 -11.28 -5.83
N SER A 594 -9.73 -11.32 -6.06
CA SER A 594 -8.73 -11.02 -5.06
C SER A 594 -8.23 -9.65 -5.53
N SER A 595 -8.74 -8.63 -4.85
CA SER A 595 -8.65 -7.22 -5.26
C SER A 595 -7.32 -6.85 -5.87
N SER A 596 -6.22 -7.14 -5.17
CA SER A 596 -4.92 -6.65 -5.61
C SER A 596 -4.35 -7.51 -6.73
N GLY A 597 -5.01 -7.38 -7.89
CA GLY A 597 -4.49 -7.86 -9.14
C GLY A 597 -4.81 -9.27 -9.57
N ALA A 598 -5.44 -10.10 -8.75
CA ALA A 598 -5.80 -11.42 -9.26
C ALA A 598 -7.31 -11.59 -9.26
N THR A 599 -7.88 -11.84 -10.45
CA THR A 599 -9.30 -12.09 -10.58
C THR A 599 -9.47 -13.47 -11.18
N SER A 600 -9.44 -14.48 -10.31
CA SER A 600 -9.47 -15.86 -10.74
C SER A 600 -10.95 -16.16 -11.01
N THR A 601 -11.43 -15.62 -12.13
CA THR A 601 -12.79 -15.93 -12.56
C THR A 601 -12.74 -17.23 -13.36
N SER A 602 -12.25 -18.24 -12.66
CA SER A 602 -11.97 -19.53 -13.27
C SER A 602 -13.28 -20.23 -13.58
N PHE A 603 -13.25 -21.05 -14.62
CA PHE A 603 -14.34 -21.96 -14.89
C PHE A 603 -13.79 -23.11 -15.69
N LYS A 604 -14.55 -24.19 -15.72
CA LYS A 604 -14.16 -25.45 -16.36
C LYS A 604 -15.43 -26.24 -16.51
N GLU A 605 -15.66 -26.79 -17.69
CA GLU A 605 -16.91 -27.49 -17.90
C GLU A 605 -16.81 -28.97 -17.53
N ALA A 606 -17.61 -29.34 -16.54
CA ALA A 606 -17.80 -30.71 -16.10
C ALA A 606 -18.86 -31.19 -17.08
N ALA A 607 -18.34 -31.73 -18.17
CA ALA A 607 -19.13 -32.18 -19.31
C ALA A 607 -18.71 -33.58 -19.67
N LEU A 608 -19.64 -34.38 -20.16
CA LEU A 608 -19.15 -35.58 -20.76
C LEU A 608 -18.39 -35.12 -22.00
N SER A 609 -17.36 -35.86 -22.39
CA SER A 609 -16.71 -35.44 -23.60
C SER A 609 -15.86 -36.55 -24.18
N LEU A 610 -15.71 -36.43 -25.50
CA LEU A 610 -14.80 -37.25 -26.27
C LEU A 610 -13.98 -36.27 -27.09
N GLU A 611 -12.67 -36.30 -26.92
CA GLU A 611 -11.75 -35.53 -27.74
C GLU A 611 -10.89 -36.54 -28.46
N VAL A 612 -11.14 -36.72 -29.75
CA VAL A 612 -10.56 -37.81 -30.52
C VAL A 612 -9.68 -37.30 -31.64
N THR A 613 -8.53 -37.96 -31.79
CA THR A 613 -7.61 -37.75 -32.92
C THR A 613 -7.37 -39.13 -33.53
N PRO A 614 -8.26 -39.56 -34.41
CA PRO A 614 -8.14 -40.88 -35.05
C PRO A 614 -7.14 -40.91 -36.20
N GLN A 615 -6.32 -41.96 -36.25
CA GLN A 615 -5.47 -42.24 -37.41
C GLN A 615 -5.98 -43.51 -38.08
N ILE A 616 -6.34 -43.41 -39.34
CA ILE A 616 -7.01 -44.48 -40.06
C ILE A 616 -6.00 -45.36 -40.79
N THR A 617 -6.00 -46.63 -40.46
CA THR A 617 -5.14 -47.62 -41.09
C THR A 617 -5.97 -48.53 -41.99
N PRO A 618 -5.35 -49.15 -43.02
CA PRO A 618 -6.14 -49.68 -44.14
C PRO A 618 -7.25 -50.63 -43.78
N ASP A 619 -7.03 -51.50 -42.81
CA ASP A 619 -8.05 -52.51 -42.59
C ASP A 619 -9.12 -51.89 -41.72
N ASN A 620 -9.61 -50.71 -42.12
CA ASN A 620 -10.72 -50.11 -41.42
C ASN A 620 -10.40 -50.10 -39.93
N ARG A 621 -9.22 -49.58 -39.60
CA ARG A 621 -8.87 -49.51 -38.20
C ARG A 621 -8.41 -48.11 -37.91
N ILE A 622 -8.40 -47.77 -36.63
CA ILE A 622 -7.91 -46.50 -36.16
C ILE A 622 -7.05 -46.64 -34.91
N ILE A 623 -5.90 -46.02 -34.92
CA ILE A 623 -5.16 -45.76 -33.69
C ILE A 623 -5.56 -44.33 -33.34
N VAL A 624 -6.25 -44.14 -32.23
CA VAL A 624 -6.78 -42.82 -31.92
C VAL A 624 -6.26 -42.39 -30.56
N GLU A 625 -5.86 -41.13 -30.48
CA GLU A 625 -5.61 -40.52 -29.18
C GLU A 625 -6.94 -39.93 -28.74
N VAL A 626 -7.52 -40.52 -27.71
CA VAL A 626 -8.83 -40.12 -27.22
C VAL A 626 -8.76 -39.75 -25.76
N LYS A 627 -9.26 -38.57 -25.47
CA LYS A 627 -9.63 -38.13 -24.14
C LYS A 627 -11.11 -38.43 -23.93
N VAL A 628 -11.41 -39.31 -22.98
CA VAL A 628 -12.78 -39.68 -22.67
C VAL A 628 -12.99 -39.25 -21.24
N THR A 629 -13.71 -38.16 -21.04
CA THR A 629 -13.88 -37.63 -19.70
C THR A 629 -15.33 -37.45 -19.30
N LYS A 630 -15.65 -37.87 -18.08
CA LYS A 630 -16.93 -37.56 -17.47
C LYS A 630 -16.60 -36.80 -16.20
N ASP A 631 -17.22 -35.64 -16.03
CA ASP A 631 -16.98 -34.87 -14.82
C ASP A 631 -18.29 -34.27 -14.39
N ALA A 632 -18.31 -33.77 -13.17
CA ALA A 632 -19.63 -33.36 -12.75
C ALA A 632 -19.59 -32.34 -11.62
N PRO A 633 -20.47 -31.34 -11.68
CA PRO A 633 -20.51 -30.28 -10.68
C PRO A 633 -20.50 -30.78 -9.26
N ASP A 634 -19.75 -30.07 -8.43
CA ASP A 634 -19.46 -30.47 -7.08
C ASP A 634 -20.46 -29.90 -6.09
N TYR A 635 -20.83 -30.72 -5.10
CA TYR A 635 -21.64 -30.20 -4.01
C TYR A 635 -20.97 -29.01 -3.34
N GLN A 636 -19.72 -29.15 -2.93
CA GLN A 636 -19.07 -28.04 -2.21
C GLN A 636 -18.97 -26.82 -3.11
N ASN A 637 -18.83 -27.03 -4.43
CA ASN A 637 -18.86 -25.92 -5.37
C ASN A 637 -20.23 -25.27 -5.38
N MET A 638 -21.27 -26.08 -5.49
CA MET A 638 -22.62 -25.55 -5.40
C MET A 638 -22.84 -24.99 -4.00
N LEU A 639 -22.08 -25.52 -3.04
CA LEU A 639 -22.08 -25.05 -1.66
C LEU A 639 -21.25 -23.79 -1.51
N ASN A 640 -20.45 -23.46 -2.54
CA ASN A 640 -19.51 -22.36 -2.48
C ASN A 640 -18.54 -22.55 -1.30
N GLY A 641 -18.18 -23.81 -1.06
CA GLY A 641 -17.20 -24.17 -0.04
C GLY A 641 -15.91 -24.52 -0.74
N VAL A 642 -15.21 -25.54 -0.26
CA VAL A 642 -14.03 -26.06 -0.96
C VAL A 642 -14.53 -27.17 -1.88
N PRO A 643 -14.52 -26.95 -3.20
CA PRO A 643 -15.24 -27.83 -4.16
C PRO A 643 -14.50 -29.06 -4.67
N PRO A 644 -14.86 -30.29 -4.21
CA PRO A 644 -14.32 -31.48 -4.90
C PRO A 644 -15.23 -31.91 -6.04
N ILE A 645 -14.96 -31.40 -7.25
CA ILE A 645 -15.69 -31.80 -8.44
C ILE A 645 -15.39 -33.24 -8.82
N ASN A 646 -16.37 -33.91 -9.43
CA ASN A 646 -16.18 -35.32 -9.76
C ASN A 646 -15.44 -35.43 -11.09
N LYS A 647 -14.52 -36.39 -11.17
CA LYS A 647 -13.78 -36.61 -12.41
C LYS A 647 -13.54 -38.10 -12.59
N ASN A 648 -14.05 -38.64 -13.68
CA ASN A 648 -13.70 -39.96 -14.22
C ASN A 648 -13.16 -39.75 -15.62
N GLU A 649 -11.85 -39.76 -15.80
CA GLU A 649 -11.31 -39.44 -17.11
C GLU A 649 -10.22 -40.41 -17.50
N VAL A 650 -10.29 -40.91 -18.73
CA VAL A 650 -9.23 -41.73 -19.30
C VAL A 650 -8.66 -40.99 -20.51
N ASN A 651 -7.35 -40.86 -20.55
CA ASN A 651 -6.66 -40.22 -21.66
C ASN A 651 -5.65 -41.20 -22.24
N ALA A 652 -5.83 -41.56 -23.50
CA ALA A 652 -4.97 -42.62 -24.03
C ALA A 652 -5.14 -42.76 -25.52
N LYS A 653 -4.12 -43.32 -26.16
CA LYS A 653 -4.17 -43.63 -27.59
C LYS A 653 -4.21 -45.15 -27.73
N ILE A 654 -5.24 -45.65 -28.43
CA ILE A 654 -5.41 -47.10 -28.60
C ILE A 654 -5.82 -47.39 -30.04
N LEU A 655 -5.55 -48.62 -30.47
CA LEU A 655 -5.89 -49.09 -31.81
C LEU A 655 -7.04 -50.08 -31.78
N VAL A 656 -8.07 -49.85 -32.59
CA VAL A 656 -9.19 -50.77 -32.77
C VAL A 656 -9.59 -50.75 -34.24
N ASN A 657 -10.16 -51.85 -34.73
CA ASN A 657 -10.69 -51.64 -36.07
C ASN A 657 -11.96 -50.83 -35.99
N ASP A 658 -12.33 -50.32 -37.16
CA ASP A 658 -13.52 -49.48 -37.25
C ASP A 658 -14.76 -50.26 -36.83
N GLY A 659 -14.86 -51.51 -37.25
CA GLY A 659 -16.05 -52.24 -36.91
C GLY A 659 -16.13 -52.69 -35.47
N GLU A 660 -15.20 -52.23 -34.62
CA GLU A 660 -14.84 -52.93 -33.41
C GLU A 660 -14.96 -52.04 -32.19
N THR A 661 -15.48 -52.64 -31.11
CA THR A 661 -15.66 -51.97 -29.85
C THR A 661 -14.74 -52.60 -28.84
N ILE A 662 -14.03 -51.79 -28.08
CA ILE A 662 -13.19 -52.31 -27.01
C ILE A 662 -13.57 -51.53 -25.77
N VAL A 663 -13.15 -52.06 -24.64
CA VAL A 663 -13.35 -51.36 -23.38
C VAL A 663 -12.08 -50.57 -23.17
N ILE A 664 -12.17 -49.25 -23.31
CA ILE A 664 -11.01 -48.41 -23.13
C ILE A 664 -10.51 -48.60 -21.72
N GLY A 665 -11.44 -48.71 -20.79
CA GLY A 665 -11.11 -48.96 -19.41
C GLY A 665 -12.37 -49.15 -18.60
N GLY A 666 -12.16 -49.44 -17.34
CA GLY A 666 -13.27 -49.59 -16.43
C GLY A 666 -12.75 -50.04 -15.08
N VAL A 667 -13.61 -49.89 -14.09
CA VAL A 667 -13.23 -50.19 -12.72
C VAL A 667 -14.43 -50.67 -11.93
N PHE A 668 -14.22 -51.74 -11.17
CA PHE A 668 -15.18 -52.21 -10.19
C PHE A 668 -14.71 -51.85 -8.79
N SER A 669 -15.58 -51.20 -8.01
CA SER A 669 -15.34 -50.86 -6.62
C SER A 669 -16.16 -51.74 -5.69
N ASN A 670 -15.50 -52.64 -4.96
CA ASN A 670 -16.18 -53.56 -4.04
C ASN A 670 -15.99 -53.12 -2.60
N GLU A 671 -17.04 -52.61 -1.99
CA GLU A 671 -17.04 -52.13 -0.61
C GLU A 671 -17.64 -53.15 0.34
N GLN A 672 -16.86 -53.57 1.34
CA GLN A 672 -17.39 -54.44 2.39
C GLN A 672 -17.10 -53.75 3.72
N SER A 673 -18.15 -53.28 4.39
CA SER A 673 -18.01 -52.56 5.65
C SER A 673 -18.79 -53.25 6.74
N LYS A 674 -18.14 -53.48 7.87
CA LYS A 674 -18.78 -54.07 9.03
C LYS A 674 -18.44 -53.26 10.27
N SER A 675 -19.45 -53.02 11.09
CA SER A 675 -19.34 -52.26 12.32
C SER A 675 -20.20 -52.99 13.34
N VAL A 676 -19.60 -53.46 14.42
CA VAL A 676 -20.38 -54.13 15.46
C VAL A 676 -20.08 -53.48 16.78
N GLU A 677 -21.14 -53.13 17.49
CA GLU A 677 -21.09 -52.47 18.79
C GLU A 677 -21.81 -53.32 19.81
N LYS A 678 -21.11 -53.69 20.87
CA LYS A 678 -21.72 -54.66 21.76
C LYS A 678 -21.25 -54.46 23.19
N VAL A 679 -22.22 -54.31 24.10
CA VAL A 679 -21.87 -54.56 25.49
C VAL A 679 -21.29 -55.96 25.57
N PRO A 680 -20.07 -56.09 26.09
CA PRO A 680 -19.41 -57.40 26.06
C PRO A 680 -20.16 -58.43 26.88
N PHE A 681 -20.57 -58.08 28.10
CA PHE A 681 -21.20 -59.07 28.97
C PHE A 681 -22.53 -59.54 28.41
N LEU A 682 -23.40 -58.61 28.04
CA LEU A 682 -24.68 -59.01 27.47
C LEU A 682 -24.48 -59.59 26.08
N GLY A 683 -23.53 -59.03 25.31
CA GLY A 683 -23.25 -59.58 23.99
C GLY A 683 -22.88 -61.04 24.10
N GLU A 684 -22.18 -61.40 25.18
CA GLU A 684 -21.78 -62.77 25.43
C GLU A 684 -22.99 -63.68 25.51
N LEU A 685 -24.07 -63.18 26.10
CA LEU A 685 -25.26 -64.00 26.29
C LEU A 685 -25.75 -64.49 24.94
N PRO A 686 -26.01 -65.79 24.79
CA PRO A 686 -26.42 -66.30 23.48
C PRO A 686 -27.76 -65.77 23.03
N TYR A 687 -28.72 -65.66 23.95
CA TYR A 687 -30.07 -65.26 23.58
C TYR A 687 -30.22 -63.76 23.58
N LEU A 688 -29.31 -63.05 24.25
CA LEU A 688 -29.40 -61.62 24.39
C LEU A 688 -28.29 -60.88 23.67
N GLY A 689 -27.25 -61.58 23.21
CA GLY A 689 -26.20 -60.87 22.52
C GLY A 689 -26.69 -60.22 21.25
N ARG A 690 -27.52 -60.94 20.49
CA ARG A 690 -28.13 -60.34 19.32
C ARG A 690 -28.92 -59.12 19.73
N LEU A 691 -29.53 -59.18 20.91
CA LEU A 691 -30.28 -58.10 21.52
C LEU A 691 -29.37 -57.09 22.18
N PHE A 692 -28.05 -57.35 22.18
CA PHE A 692 -27.10 -56.40 22.75
C PHE A 692 -25.83 -56.31 21.89
N ARG A 693 -25.89 -56.78 20.65
CA ARG A 693 -24.83 -56.62 19.65
C ARG A 693 -25.47 -55.91 18.47
N ARG A 694 -24.95 -54.74 18.15
CA ARG A 694 -25.43 -53.88 17.09
C ARG A 694 -24.56 -54.01 15.86
N ASP A 695 -25.09 -54.63 14.82
CA ASP A 695 -24.32 -54.89 13.61
C ASP A 695 -24.81 -53.95 12.52
N THR A 696 -23.87 -53.26 11.91
CA THR A 696 -24.08 -52.47 10.71
C THR A 696 -23.12 -52.97 9.65
N VAL A 697 -23.65 -53.52 8.57
CA VAL A 697 -22.85 -53.98 7.46
C VAL A 697 -23.36 -53.28 6.21
N THR A 698 -22.45 -52.63 5.51
CA THR A 698 -22.80 -51.98 4.27
C THR A 698 -21.85 -52.41 3.16
N ASP A 699 -22.42 -52.83 2.06
CA ASP A 699 -21.69 -53.13 0.84
C ASP A 699 -22.25 -52.24 -0.25
N ARG A 700 -21.46 -51.30 -0.73
CA ARG A 700 -21.89 -50.45 -1.83
C ARG A 700 -20.83 -50.65 -2.90
N LYS A 701 -21.24 -51.18 -4.03
CA LYS A 701 -20.29 -51.45 -5.10
C LYS A 701 -20.76 -50.89 -6.42
N ASN A 702 -19.97 -49.96 -6.95
CA ASN A 702 -20.22 -49.32 -8.23
C ASN A 702 -19.08 -49.66 -9.18
N GLU A 703 -19.44 -50.09 -10.37
CA GLU A 703 -18.48 -50.39 -11.41
C GLU A 703 -18.78 -49.45 -12.58
N LEU A 704 -17.71 -48.89 -13.14
CA LEU A 704 -17.81 -48.02 -14.29
C LEU A 704 -16.94 -48.59 -15.42
N LEU A 705 -17.50 -48.63 -16.63
CA LEU A 705 -16.80 -49.15 -17.79
C LEU A 705 -17.04 -48.25 -19.00
N VAL A 706 -16.01 -48.04 -19.81
CA VAL A 706 -16.11 -47.25 -21.03
C VAL A 706 -15.82 -48.14 -22.25
N PHE A 707 -16.78 -48.24 -23.16
CA PHE A 707 -16.54 -48.86 -24.45
C PHE A 707 -16.14 -47.79 -25.46
N LEU A 708 -15.76 -48.24 -26.66
CA LEU A 708 -15.61 -47.35 -27.82
C LEU A 708 -15.63 -48.17 -29.11
N THR A 709 -16.29 -47.61 -30.14
CA THR A 709 -16.27 -48.11 -31.50
C THR A 709 -16.14 -46.98 -32.52
N PRO A 710 -15.13 -47.00 -33.39
CA PRO A 710 -15.03 -45.94 -34.38
C PRO A 710 -15.55 -46.42 -35.73
N ARG A 711 -16.49 -45.73 -36.35
CA ARG A 711 -17.01 -46.11 -37.66
C ARG A 711 -16.48 -45.11 -38.66
N ILE A 712 -15.55 -45.56 -39.51
CA ILE A 712 -14.91 -44.62 -40.42
C ILE A 712 -15.95 -43.98 -41.32
N MET A 713 -15.94 -42.65 -41.36
CA MET A 713 -16.82 -41.88 -42.22
C MET A 713 -16.17 -41.67 -43.58
N ASN A 714 -14.90 -42.09 -43.73
CA ASN A 714 -14.31 -42.16 -45.06
C ASN A 714 -15.12 -43.07 -45.95
N ASN A 715 -15.77 -44.08 -45.38
CA ASN A 715 -16.57 -44.97 -46.21
C ASN A 715 -17.58 -44.12 -46.97
N GLN A 716 -17.96 -43.01 -46.36
CA GLN A 716 -18.83 -42.00 -46.92
C GLN A 716 -18.00 -40.80 -47.37
N ALA A 717 -16.91 -40.49 -46.66
CA ALA A 717 -16.09 -39.33 -46.97
C ALA A 717 -15.26 -39.55 -48.22
N ILE A 718 -14.88 -40.79 -48.52
CA ILE A 718 -14.18 -41.03 -49.77
C ILE A 718 -15.19 -40.88 -50.90
N ALA A 719 -16.41 -41.38 -50.67
CA ALA A 719 -17.51 -41.24 -51.60
C ALA A 719 -18.05 -39.82 -51.54
N ILE A 720 -17.67 -39.08 -50.51
CA ILE A 720 -17.86 -37.64 -50.42
C ILE A 720 -16.53 -36.91 -50.63
N LEU B 385 18.15 -44.67 -60.74
CA LEU B 385 17.19 -44.58 -59.65
C LEU B 385 15.81 -45.08 -60.06
N ARG B 386 15.14 -45.70 -59.10
CA ARG B 386 13.84 -46.32 -59.27
C ARG B 386 12.88 -45.67 -58.31
N ARG B 387 11.68 -45.35 -58.78
CA ARG B 387 10.64 -44.79 -57.95
C ARG B 387 9.75 -45.88 -57.37
N GLU B 388 9.61 -45.90 -56.05
CA GLU B 388 8.67 -46.82 -55.45
C GLU B 388 7.76 -46.09 -54.47
N LEU B 389 6.47 -46.39 -54.51
CA LEU B 389 5.49 -45.84 -53.59
C LEU B 389 5.07 -46.88 -52.56
N ILE B 390 5.26 -46.57 -51.28
CA ILE B 390 4.79 -47.42 -50.20
C ILE B 390 3.91 -46.58 -49.28
N GLN B 391 2.70 -47.07 -48.97
CA GLN B 391 1.87 -46.36 -48.01
C GLN B 391 1.93 -47.11 -46.70
N VAL B 392 2.33 -46.43 -45.63
CA VAL B 392 2.37 -47.01 -44.30
C VAL B 392 1.43 -46.32 -43.33
N ASN B 393 0.31 -46.98 -43.02
CA ASN B 393 -0.57 -46.46 -41.99
C ASN B 393 0.02 -46.71 -40.60
N TYR B 394 0.61 -47.90 -40.41
CA TYR B 394 1.18 -48.34 -39.14
C TYR B 394 2.64 -47.98 -38.98
N ALA B 395 3.33 -47.52 -40.01
CA ALA B 395 4.74 -47.20 -39.88
C ALA B 395 4.85 -45.68 -39.88
N LYS B 396 5.56 -45.15 -38.90
CA LYS B 396 5.78 -43.72 -38.84
C LYS B 396 6.64 -43.27 -40.01
N ALA B 397 6.28 -42.12 -40.59
CA ALA B 397 7.04 -41.61 -41.74
C ALA B 397 8.46 -41.27 -41.35
N ALA B 398 8.64 -40.70 -40.16
CA ALA B 398 9.98 -40.38 -39.67
C ALA B 398 10.84 -41.63 -39.57
N ASP B 399 10.24 -42.74 -39.12
CA ASP B 399 11.01 -43.97 -39.01
C ASP B 399 11.51 -44.40 -40.37
N ILE B 400 10.64 -44.34 -41.38
CA ILE B 400 11.03 -44.71 -42.75
C ILE B 400 12.14 -43.79 -43.23
N ALA B 401 12.04 -42.51 -42.90
CA ALA B 401 13.08 -41.57 -43.28
C ALA B 401 14.40 -41.95 -42.64
N LYS B 402 14.35 -42.37 -41.37
CA LYS B 402 15.57 -42.81 -40.68
C LYS B 402 16.15 -44.04 -41.35
N LEU B 403 15.28 -44.93 -41.81
CA LEU B 403 15.74 -46.12 -42.51
C LEU B 403 16.50 -45.73 -43.76
N PHE B 404 15.95 -44.78 -44.52
CA PHE B 404 16.66 -44.33 -45.72
C PHE B 404 17.94 -43.59 -45.38
N GLN B 405 17.93 -42.80 -44.30
CA GLN B 405 19.13 -42.08 -43.89
C GLN B 405 20.26 -43.04 -43.54
N SER B 406 19.93 -44.11 -42.80
CA SER B 406 20.93 -45.11 -42.53
C SER B 406 21.36 -45.79 -43.83
N VAL B 407 20.42 -45.99 -44.74
CA VAL B 407 20.73 -46.58 -46.03
C VAL B 407 21.76 -45.72 -46.75
N THR B 408 21.60 -44.41 -46.67
CA THR B 408 22.59 -43.50 -47.23
C THR B 408 23.92 -43.64 -46.50
N SER B 409 23.87 -43.85 -45.19
CA SER B 409 25.11 -44.10 -44.44
C SER B 409 25.81 -45.32 -44.98
N ASP B 410 25.06 -46.32 -45.44
CA ASP B 410 25.67 -47.48 -46.07
C ASP B 410 26.53 -47.04 -47.25
N GLY B 411 26.00 -46.15 -48.09
CA GLY B 411 26.70 -45.73 -49.29
C GLY B 411 26.88 -44.22 -49.38
N GLY B 421 18.65 -40.72 -54.99
CA GLY B 421 18.48 -40.24 -53.63
C GLY B 421 17.44 -39.15 -53.54
N SER B 422 16.26 -39.46 -54.04
CA SER B 422 15.11 -38.55 -54.03
C SER B 422 14.05 -39.12 -53.13
N ILE B 423 13.57 -38.32 -52.18
CA ILE B 423 12.56 -38.75 -51.22
C ILE B 423 11.33 -37.86 -51.29
N THR B 424 10.15 -38.48 -51.29
CA THR B 424 8.87 -37.77 -51.26
C THR B 424 8.10 -38.35 -50.09
N VAL B 425 7.57 -37.50 -49.24
CA VAL B 425 6.82 -37.94 -48.06
C VAL B 425 5.40 -37.43 -48.19
N ASP B 426 4.43 -38.33 -48.03
CA ASP B 426 3.01 -38.01 -48.09
C ASP B 426 2.44 -38.11 -46.68
N ASP B 427 2.10 -36.96 -46.10
CA ASP B 427 1.54 -36.94 -44.75
C ASP B 427 0.14 -37.54 -44.70
N ARG B 428 -0.71 -37.22 -45.70
CA ARG B 428 -2.12 -37.64 -45.64
C ARG B 428 -2.27 -39.15 -45.61
N THR B 429 -1.59 -39.83 -46.52
CA THR B 429 -1.63 -41.27 -46.58
C THR B 429 -0.47 -41.87 -45.81
N ASN B 430 0.46 -41.02 -45.35
CA ASN B 430 1.68 -41.48 -44.70
C ASN B 430 2.44 -42.39 -45.66
N SER B 431 2.46 -42.01 -46.94
CA SER B 431 3.05 -42.84 -47.99
C SER B 431 4.29 -42.15 -48.51
N ILE B 432 5.37 -42.90 -48.55
CA ILE B 432 6.66 -42.38 -48.96
C ILE B 432 6.95 -42.98 -50.33
N ILE B 433 7.16 -42.11 -51.30
CA ILE B 433 7.59 -42.52 -52.63
C ILE B 433 9.03 -42.09 -52.78
N ALA B 434 9.92 -43.03 -53.05
CA ALA B 434 11.33 -42.70 -53.12
C ALA B 434 11.85 -43.13 -54.47
N TYR B 435 12.45 -42.19 -55.18
CA TYR B 435 13.12 -42.46 -56.44
C TYR B 435 14.62 -42.41 -56.15
N GLN B 436 15.23 -43.59 -56.07
CA GLN B 436 16.61 -43.74 -55.63
C GLN B 436 17.08 -45.13 -56.07
N PRO B 437 18.35 -45.52 -55.87
CA PRO B 437 18.80 -46.81 -56.42
C PRO B 437 17.95 -47.96 -55.91
N GLN B 438 17.80 -48.96 -56.78
CA GLN B 438 16.88 -50.06 -56.48
C GLN B 438 17.29 -50.78 -55.20
N GLU B 439 18.58 -50.99 -54.99
CA GLU B 439 19.01 -51.77 -53.84
C GLU B 439 18.65 -51.03 -52.56
N ARG B 440 18.94 -49.73 -52.53
CA ARG B 440 18.60 -48.92 -51.37
C ARG B 440 17.09 -48.91 -51.18
N LEU B 441 16.36 -48.83 -52.29
CA LEU B 441 14.90 -48.77 -52.26
C LEU B 441 14.33 -50.05 -51.65
N ASP B 442 14.88 -51.19 -52.05
CA ASP B 442 14.42 -52.48 -51.53
C ASP B 442 14.75 -52.62 -50.05
N GLU B 443 15.96 -52.23 -49.66
CA GLU B 443 16.34 -52.33 -48.26
C GLU B 443 15.40 -51.49 -47.41
N LEU B 444 15.12 -50.28 -47.88
CA LEU B 444 14.26 -49.40 -47.13
C LEU B 444 12.87 -49.99 -47.04
N ARG B 445 12.40 -50.60 -48.13
CA ARG B 445 11.10 -51.25 -48.15
C ARG B 445 10.99 -52.37 -47.13
N ARG B 446 12.03 -53.20 -47.01
CA ARG B 446 12.00 -54.27 -46.02
C ARG B 446 11.90 -53.70 -44.62
N ILE B 447 12.71 -52.68 -44.34
CA ILE B 447 12.64 -52.07 -43.04
C ILE B 447 11.26 -51.44 -42.86
N VAL B 448 10.70 -50.87 -43.94
CA VAL B 448 9.37 -50.26 -43.88
C VAL B 448 8.37 -51.29 -43.43
N SER B 449 8.51 -52.51 -43.96
CA SER B 449 7.60 -53.59 -43.59
C SER B 449 7.70 -53.85 -42.11
N GLN B 450 8.93 -53.85 -41.57
CA GLN B 450 9.06 -54.03 -40.13
C GLN B 450 8.37 -52.91 -39.37
N LEU B 451 8.55 -51.67 -39.83
CA LEU B 451 8.00 -50.49 -39.16
C LEU B 451 6.48 -50.47 -39.17
N ASP B 452 5.86 -50.98 -40.24
CA ASP B 452 4.42 -50.87 -40.38
C ASP B 452 3.77 -51.88 -39.44
N ILE B 453 3.93 -51.58 -38.15
CA ILE B 453 3.42 -52.39 -37.05
C ILE B 453 2.45 -51.60 -36.18
N PRO B 454 1.32 -52.21 -35.82
CA PRO B 454 0.31 -51.53 -35.00
C PRO B 454 0.83 -51.20 -33.62
N VAL B 455 0.51 -49.99 -33.13
CA VAL B 455 0.86 -49.64 -31.76
C VAL B 455 0.23 -50.64 -30.82
N ARG B 456 1.03 -51.13 -29.86
CA ARG B 456 0.61 -52.20 -28.97
C ARG B 456 -0.07 -51.69 -27.69
N GLN B 457 -1.36 -51.97 -27.57
CA GLN B 457 -2.14 -51.69 -26.37
C GLN B 457 -2.06 -52.85 -25.38
N VAL B 458 -2.03 -52.52 -24.08
CA VAL B 458 -2.15 -53.50 -23.01
C VAL B 458 -3.19 -53.00 -22.01
N MET B 459 -4.05 -53.92 -21.57
CA MET B 459 -5.04 -53.66 -20.54
C MET B 459 -4.44 -54.01 -19.18
N ILE B 460 -4.30 -53.01 -18.32
CA ILE B 460 -3.65 -53.17 -17.03
C ILE B 460 -4.74 -53.19 -15.98
N GLU B 461 -4.79 -54.23 -15.18
CA GLU B 461 -5.79 -54.36 -14.13
C GLU B 461 -5.01 -54.54 -12.85
N ALA B 462 -4.94 -53.49 -12.04
CA ALA B 462 -4.30 -53.54 -10.74
C ALA B 462 -5.40 -53.34 -9.71
N ARG B 463 -5.52 -54.28 -8.80
CA ARG B 463 -6.61 -54.24 -7.85
C ARG B 463 -6.13 -54.00 -6.43
N ILE B 464 -6.87 -53.17 -5.72
CA ILE B 464 -6.55 -52.82 -4.36
C ILE B 464 -7.51 -53.56 -3.44
N VAL B 465 -6.96 -54.29 -2.48
CA VAL B 465 -7.74 -55.02 -1.49
C VAL B 465 -7.35 -54.48 -0.13
N GLU B 466 -8.32 -53.91 0.59
CA GLU B 466 -8.11 -53.43 1.94
C GLU B 466 -9.03 -54.12 2.93
N ALA B 467 -8.47 -54.73 3.95
CA ALA B 467 -9.27 -55.33 5.01
C ALA B 467 -8.85 -54.75 6.35
N ASN B 468 -9.82 -54.21 7.10
CA ASN B 468 -9.57 -53.67 8.43
C ASN B 468 -10.47 -54.37 9.44
N VAL B 469 -9.88 -55.00 10.44
CA VAL B 469 -10.63 -55.64 11.51
C VAL B 469 -10.29 -54.94 12.81
N GLY B 470 -11.31 -54.44 13.49
CA GLY B 470 -11.12 -53.74 14.74
C GLY B 470 -11.90 -54.16 15.97
N TYR B 471 -11.18 -54.42 17.06
CA TYR B 471 -11.72 -54.70 18.38
C TYR B 471 -11.28 -53.71 19.44
N ASP B 472 -12.21 -53.03 20.08
CA ASP B 472 -11.87 -52.12 21.17
C ASP B 472 -12.75 -52.43 22.38
N LYS B 473 -12.13 -52.68 23.53
CA LYS B 473 -12.89 -52.86 24.76
C LYS B 473 -12.40 -51.94 25.85
N SER B 474 -13.32 -51.27 26.54
CA SER B 474 -12.99 -50.40 27.66
C SER B 474 -13.91 -50.78 28.81
N LEU B 475 -13.34 -50.96 30.00
CA LEU B 475 -14.13 -51.32 31.17
C LEU B 475 -13.90 -50.32 32.28
N GLY B 476 -14.95 -49.63 32.70
CA GLY B 476 -15.04 -48.80 33.88
C GLY B 476 -15.73 -49.48 35.06
N VAL B 477 -15.00 -49.78 36.12
CA VAL B 477 -15.55 -50.53 37.25
C VAL B 477 -15.71 -49.59 38.45
N ARG B 478 -16.91 -49.55 39.01
CA ARG B 478 -17.40 -48.40 39.77
C ARG B 478 -18.14 -48.87 41.03
N TRP B 479 -17.63 -48.44 42.18
CA TRP B 479 -18.20 -48.75 43.50
C TRP B 479 -18.49 -47.48 44.29
N GLY B 480 -19.71 -46.95 44.22
CA GLY B 480 -19.96 -45.76 44.99
C GLY B 480 -21.05 -45.86 46.05
N GLY B 481 -20.64 -45.62 47.30
CA GLY B 481 -21.52 -45.51 48.44
C GLY B 481 -21.20 -44.23 49.18
N ALA B 482 -22.15 -43.32 49.35
CA ALA B 482 -21.86 -42.12 50.12
C ALA B 482 -22.19 -42.24 51.61
N TYR B 483 -22.87 -43.31 52.02
CA TYR B 483 -23.25 -43.40 53.43
C TYR B 483 -22.01 -43.49 54.30
N HIS B 484 -21.05 -44.33 53.90
CA HIS B 484 -19.80 -44.47 54.63
C HIS B 484 -18.67 -43.77 53.87
N LYS B 485 -19.05 -42.86 52.97
CA LYS B 485 -18.12 -42.10 52.16
C LYS B 485 -17.09 -42.99 51.47
N GLY B 486 -17.52 -44.14 50.98
CA GLY B 486 -16.62 -44.97 50.22
C GLY B 486 -16.96 -45.08 48.75
N ASN B 487 -16.15 -44.46 47.89
CA ASN B 487 -16.48 -44.43 46.48
C ASN B 487 -15.23 -44.40 45.62
N TRP B 488 -15.05 -45.46 44.86
CA TRP B 488 -13.99 -45.60 43.87
C TRP B 488 -14.59 -45.61 42.46
N SER B 489 -14.05 -44.76 41.60
CA SER B 489 -14.60 -44.57 40.27
C SER B 489 -14.01 -45.47 39.20
N GLY B 490 -14.87 -45.94 38.30
CA GLY B 490 -14.42 -46.71 37.18
C GLY B 490 -13.73 -45.76 36.23
N TYR B 491 -13.27 -46.31 35.11
CA TYR B 491 -12.60 -45.45 34.15
C TYR B 491 -13.06 -45.73 32.73
N GLY B 492 -12.97 -46.99 32.29
CA GLY B 492 -13.35 -47.30 30.93
C GLY B 492 -14.69 -46.70 30.60
N LYS B 493 -15.67 -46.90 31.49
CA LYS B 493 -16.92 -46.17 31.48
C LYS B 493 -17.13 -45.60 32.89
N ASP B 494 -16.33 -44.59 33.22
CA ASP B 494 -16.11 -44.09 34.59
C ASP B 494 -17.40 -43.96 35.38
N GLY B 495 -17.37 -44.47 36.61
CA GLY B 495 -18.49 -44.31 37.52
C GLY B 495 -18.10 -44.22 38.99
N ASN B 496 -18.66 -43.29 39.74
CA ASN B 496 -18.30 -43.16 41.16
C ASN B 496 -19.54 -42.64 41.86
N ILE B 497 -20.30 -43.55 42.43
CA ILE B 497 -21.66 -43.22 42.81
C ILE B 497 -21.70 -42.21 43.95
N GLY B 498 -20.60 -42.00 44.66
CA GLY B 498 -20.62 -40.99 45.71
C GLY B 498 -20.78 -39.57 45.18
N ILE B 499 -20.09 -39.25 44.07
CA ILE B 499 -20.18 -37.90 43.51
C ILE B 499 -21.62 -37.58 43.13
N LYS B 500 -22.35 -38.53 42.55
CA LYS B 500 -23.73 -38.27 42.23
C LYS B 500 -24.66 -38.68 43.37
N ASP B 501 -24.09 -39.20 44.45
CA ASP B 501 -24.79 -39.23 45.72
C ASP B 501 -24.85 -37.84 46.31
N GLU B 502 -23.95 -36.96 45.85
CA GLU B 502 -24.07 -35.56 46.20
C GLU B 502 -25.24 -34.94 45.44
N ASP B 503 -25.38 -35.33 44.17
CA ASP B 503 -26.53 -35.00 43.34
C ASP B 503 -27.81 -35.55 43.98
N PRO B 527 -32.38 -42.26 42.04
CA PRO B 527 -31.90 -43.52 41.48
C PRO B 527 -32.59 -43.92 40.18
N PHE B 528 -33.92 -43.85 40.11
CA PHE B 528 -34.60 -44.25 38.87
C PHE B 528 -34.26 -43.29 37.73
N VAL B 529 -34.09 -42.01 38.01
CA VAL B 529 -33.82 -41.04 36.94
C VAL B 529 -32.32 -40.86 36.74
N ASP B 530 -31.55 -40.62 37.81
CA ASP B 530 -30.14 -40.32 37.67
C ASP B 530 -29.37 -41.53 37.14
N LEU B 531 -29.63 -42.71 37.71
CA LEU B 531 -28.95 -43.90 37.22
C LEU B 531 -29.39 -44.25 35.80
N GLY B 532 -30.67 -44.13 35.48
CA GLY B 532 -31.11 -44.44 34.12
C GLY B 532 -30.25 -43.75 33.07
N ALA B 533 -30.13 -42.43 33.20
CA ALA B 533 -29.31 -41.65 32.26
C ALA B 533 -27.84 -42.02 32.42
N LYS B 534 -27.36 -42.01 33.67
CA LYS B 534 -25.95 -42.31 33.92
C LYS B 534 -25.59 -43.62 33.22
N ASP B 535 -26.46 -44.63 33.35
CA ASP B 535 -26.23 -45.98 32.90
C ASP B 535 -26.74 -46.17 31.49
N ALA B 536 -27.08 -45.08 30.79
CA ALA B 536 -27.58 -45.22 29.42
C ALA B 536 -26.56 -45.93 28.55
N THR B 537 -25.27 -45.71 28.85
CA THR B 537 -24.16 -46.17 28.02
C THR B 537 -24.24 -47.66 27.72
N SER B 538 -23.84 -48.01 26.48
CA SER B 538 -23.79 -49.35 25.92
C SER B 538 -23.71 -50.45 26.97
N GLY B 539 -22.62 -50.45 27.72
CA GLY B 539 -22.42 -51.52 28.66
C GLY B 539 -22.36 -51.02 30.07
N ILE B 540 -23.45 -51.22 30.81
CA ILE B 540 -23.52 -50.90 32.22
C ILE B 540 -24.14 -52.07 32.96
N GLY B 541 -23.45 -52.55 33.99
CA GLY B 541 -24.05 -53.57 34.83
C GLY B 541 -24.35 -52.90 36.16
N ILE B 542 -25.62 -52.71 36.48
CA ILE B 542 -26.01 -51.95 37.67
C ILE B 542 -26.43 -52.90 38.78
N GLY B 543 -25.81 -52.74 39.95
CA GLY B 543 -26.32 -53.26 41.20
C GLY B 543 -26.70 -52.05 42.02
N PHE B 544 -27.94 -51.96 42.46
CA PHE B 544 -28.34 -50.83 43.28
C PHE B 544 -28.99 -51.30 44.55
N ILE B 545 -28.61 -50.68 45.66
CA ILE B 545 -29.45 -50.72 46.86
C ILE B 545 -29.93 -49.30 47.04
N THR B 546 -31.21 -49.14 47.35
CA THR B 546 -31.72 -47.83 47.68
C THR B 546 -32.51 -47.83 48.98
N ASP B 547 -33.19 -48.95 49.25
CA ASP B 547 -34.14 -48.98 50.35
C ASP B 547 -33.44 -48.81 51.70
N ASN B 548 -32.43 -49.64 51.97
CA ASN B 548 -31.67 -49.48 53.21
C ASN B 548 -30.76 -48.27 53.11
N ILE B 549 -30.00 -48.20 52.02
CA ILE B 549 -29.04 -47.15 51.71
C ILE B 549 -28.97 -47.18 50.20
N ILE B 550 -28.57 -46.07 49.61
CA ILE B 550 -28.34 -46.07 48.17
C ILE B 550 -26.84 -46.25 47.98
N LEU B 551 -26.50 -47.46 47.53
CA LEU B 551 -25.13 -47.89 47.27
C LEU B 551 -25.17 -48.54 45.90
N ASP B 552 -24.57 -47.88 44.92
CA ASP B 552 -24.60 -48.30 43.53
C ASP B 552 -23.25 -48.85 43.09
N LEU B 553 -23.25 -50.07 42.57
CA LEU B 553 -22.04 -50.77 42.16
C LEU B 553 -22.23 -51.31 40.73
N GLN B 554 -21.54 -50.69 39.78
CA GLN B 554 -21.73 -51.00 38.37
C GLN B 554 -20.42 -51.36 37.69
N LEU B 555 -20.48 -52.32 36.80
CA LEU B 555 -19.33 -52.68 35.97
C LEU B 555 -19.78 -52.29 34.57
N SER B 556 -19.14 -51.29 33.99
CA SER B 556 -19.58 -50.74 32.73
C SER B 556 -18.53 -51.01 31.67
N ALA B 557 -18.84 -51.87 30.71
CA ALA B 557 -17.90 -52.39 29.74
C ALA B 557 -18.43 -52.28 28.32
N MET B 558 -17.52 -51.95 27.39
CA MET B 558 -17.85 -51.79 25.97
C MET B 558 -16.88 -52.59 25.13
N GLU B 559 -17.42 -53.35 24.19
CA GLU B 559 -16.65 -54.03 23.17
C GLU B 559 -17.23 -53.63 21.83
N LYS B 560 -16.39 -53.09 20.97
CA LYS B 560 -16.82 -52.60 19.67
C LYS B 560 -15.98 -53.32 18.63
N THR B 561 -16.62 -53.87 17.59
CA THR B 561 -15.87 -54.49 16.52
C THR B 561 -16.33 -53.96 15.17
N GLY B 562 -15.39 -53.42 14.40
CA GLY B 562 -15.66 -52.95 13.06
C GLY B 562 -14.70 -53.45 12.01
N ASN B 563 -15.18 -54.08 10.93
CA ASN B 563 -14.32 -54.49 9.84
C ASN B 563 -14.80 -53.89 8.53
N GLY B 564 -13.90 -53.17 7.88
CA GLY B 564 -14.24 -52.63 6.58
C GLY B 564 -13.23 -53.13 5.57
N GLU B 565 -13.72 -53.76 4.50
CA GLU B 565 -12.87 -54.22 3.43
C GLU B 565 -13.37 -53.66 2.11
N ILE B 566 -12.50 -52.98 1.39
CA ILE B 566 -12.83 -52.44 0.08
C ILE B 566 -11.87 -52.99 -0.94
N VAL B 567 -12.42 -53.59 -1.99
CA VAL B 567 -11.63 -54.20 -3.06
C VAL B 567 -12.05 -53.56 -4.38
N SER B 568 -11.18 -52.75 -4.97
CA SER B 568 -11.47 -52.04 -6.20
C SER B 568 -10.47 -52.40 -7.29
N GLN B 569 -10.94 -52.74 -8.48
CA GLN B 569 -10.03 -53.04 -9.58
C GLN B 569 -10.36 -52.25 -10.84
N PRO B 570 -9.50 -51.33 -11.20
CA PRO B 570 -9.59 -50.61 -12.49
C PRO B 570 -8.73 -51.19 -13.61
N LYS B 571 -9.33 -51.33 -14.79
CA LYS B 571 -8.66 -51.88 -15.96
C LYS B 571 -8.49 -50.78 -17.00
N VAL B 572 -7.26 -50.60 -17.50
CA VAL B 572 -6.92 -49.53 -18.44
C VAL B 572 -6.30 -50.10 -19.71
N VAL B 573 -6.76 -49.63 -20.88
CA VAL B 573 -6.14 -50.03 -22.15
C VAL B 573 -5.18 -48.92 -22.59
N THR B 574 -3.91 -49.27 -22.75
CA THR B 574 -2.84 -48.32 -23.02
C THR B 574 -2.00 -48.69 -24.23
N SER B 575 -1.54 -47.70 -24.97
CA SER B 575 -0.57 -48.00 -26.00
C SER B 575 0.73 -48.49 -25.34
N ASP B 576 1.62 -49.05 -26.15
CA ASP B 576 2.87 -49.62 -25.64
C ASP B 576 3.88 -48.51 -25.45
N LYS B 577 4.48 -48.44 -24.26
CA LYS B 577 5.48 -47.42 -23.92
C LYS B 577 4.83 -46.04 -23.78
N GLU B 578 3.51 -46.00 -23.72
CA GLU B 578 2.75 -44.78 -23.62
C GLU B 578 2.01 -44.82 -22.29
N THR B 579 1.65 -43.66 -21.79
CA THR B 579 0.84 -43.59 -20.60
C THR B 579 -0.66 -43.53 -20.90
N ALA B 580 -1.41 -44.24 -20.08
CA ALA B 580 -2.86 -44.16 -20.05
C ALA B 580 -3.25 -44.15 -18.59
N LYS B 581 -4.41 -43.57 -18.32
CA LYS B 581 -4.77 -43.28 -16.94
C LYS B 581 -6.25 -43.50 -16.73
N ILE B 582 -6.58 -44.24 -15.69
CA ILE B 582 -7.96 -44.37 -15.25
C ILE B 582 -8.02 -43.65 -13.92
N LEU B 583 -9.00 -42.76 -13.77
CA LEU B 583 -9.12 -42.00 -12.54
C LEU B 583 -10.59 -41.93 -12.15
N LYS B 584 -10.91 -42.47 -10.99
CA LYS B 584 -12.27 -42.63 -10.48
C LYS B 584 -12.37 -41.88 -9.16
N GLY B 585 -12.62 -40.59 -9.20
CA GLY B 585 -12.61 -39.81 -7.98
C GLY B 585 -13.31 -38.49 -8.02
N SER B 586 -12.81 -37.56 -7.19
CA SER B 586 -13.42 -36.27 -6.96
C SER B 586 -12.31 -35.32 -6.57
N GLU B 587 -12.42 -34.04 -6.89
CA GLU B 587 -11.23 -33.19 -6.85
C GLU B 587 -11.25 -32.24 -5.66
N VAL B 588 -10.58 -32.67 -4.60
CA VAL B 588 -10.42 -31.93 -3.35
C VAL B 588 -9.57 -30.68 -3.58
N PRO B 589 -10.20 -29.53 -3.49
CA PRO B 589 -9.56 -28.24 -3.70
C PRO B 589 -9.07 -27.63 -2.39
N TYR B 590 -8.39 -26.50 -2.53
CA TYR B 590 -8.11 -25.60 -1.42
C TYR B 590 -8.24 -24.21 -2.03
N GLN B 591 -9.15 -23.41 -1.49
CA GLN B 591 -9.43 -22.08 -2.02
C GLN B 591 -8.82 -21.08 -1.04
N GLU B 592 -7.59 -20.66 -1.31
CA GLU B 592 -6.97 -19.56 -0.58
C GLU B 592 -7.05 -18.33 -1.46
N ALA B 593 -8.00 -17.44 -1.19
CA ALA B 593 -8.20 -16.27 -2.05
C ALA B 593 -7.60 -15.03 -1.42
N SER B 594 -6.33 -14.79 -1.71
CA SER B 594 -5.47 -13.93 -0.92
C SER B 594 -5.34 -12.71 -1.81
N SER B 595 -6.14 -11.69 -1.45
CA SER B 595 -6.42 -10.51 -2.27
C SER B 595 -5.23 -10.00 -3.05
N SER B 596 -4.11 -9.76 -2.37
CA SER B 596 -2.99 -9.11 -3.02
C SER B 596 -2.18 -10.08 -3.87
N GLY B 597 -2.83 -10.51 -4.95
CA GLY B 597 -2.17 -11.19 -6.04
C GLY B 597 -2.08 -12.70 -5.99
N ALA B 598 -2.48 -13.37 -4.92
CA ALA B 598 -2.46 -14.83 -4.97
C ALA B 598 -3.86 -15.39 -4.83
N THR B 599 -4.31 -16.13 -5.84
CA THR B 599 -5.61 -16.79 -5.80
C THR B 599 -5.38 -18.28 -5.93
N SER B 600 -5.10 -18.92 -4.80
CA SER B 600 -4.74 -20.32 -4.79
C SER B 600 -6.06 -21.07 -4.85
N THR B 601 -6.65 -21.06 -6.04
CA THR B 601 -7.86 -21.83 -6.28
C THR B 601 -7.44 -23.26 -6.64
N SER B 602 -6.72 -23.83 -5.70
CA SER B 602 -6.08 -25.12 -5.90
C SER B 602 -7.13 -26.21 -5.90
N PHE B 603 -6.86 -27.27 -6.64
CA PHE B 603 -7.66 -28.48 -6.55
C PHE B 603 -6.79 -29.63 -6.99
N LYS B 604 -7.23 -30.83 -6.64
CA LYS B 604 -6.49 -32.05 -6.88
C LYS B 604 -7.50 -33.17 -6.70
N GLU B 605 -7.54 -34.10 -7.64
CA GLU B 605 -8.55 -35.15 -7.55
C GLU B 605 -8.06 -36.35 -6.75
N ALA B 606 -8.74 -36.59 -5.64
CA ALA B 606 -8.55 -37.75 -4.80
C ALA B 606 -9.42 -38.78 -5.51
N ALA B 607 -8.76 -39.48 -6.41
CA ALA B 607 -9.37 -40.45 -7.29
C ALA B 607 -8.56 -41.72 -7.25
N LEU B 608 -9.23 -42.85 -7.41
CA LEU B 608 -8.42 -44.01 -7.64
C LEU B 608 -7.79 -43.77 -9.00
N SER B 609 -6.59 -44.29 -9.21
CA SER B 609 -6.05 -44.12 -10.55
C SER B 609 -4.93 -45.08 -10.81
N LEU B 610 -4.79 -45.34 -12.10
CA LEU B 610 -3.66 -46.09 -12.66
C LEU B 610 -3.13 -45.23 -13.78
N GLU B 611 -1.86 -44.86 -13.70
CA GLU B 611 -1.18 -44.16 -14.78
C GLU B 611 -0.05 -45.08 -15.20
N VAL B 612 -0.22 -45.71 -16.36
CA VAL B 612 0.65 -46.79 -16.80
C VAL B 612 1.39 -46.43 -18.08
N THR B 613 2.67 -46.79 -18.11
CA THR B 613 3.52 -46.70 -19.29
C THR B 613 4.15 -48.08 -19.47
N PRO B 614 3.43 -48.99 -20.13
CA PRO B 614 3.92 -50.36 -20.33
C PRO B 614 4.91 -50.48 -21.48
N GLN B 615 5.99 -51.23 -21.26
CA GLN B 615 6.90 -51.61 -22.33
C GLN B 615 6.77 -53.11 -22.55
N ILE B 616 6.43 -53.51 -23.76
CA ILE B 616 6.09 -54.90 -24.07
C ILE B 616 7.32 -55.66 -24.56
N THR B 617 7.66 -56.71 -23.86
CA THR B 617 8.77 -57.58 -24.22
C THR B 617 8.23 -58.91 -24.74
N PRO B 618 9.03 -59.64 -25.56
CA PRO B 618 8.44 -60.68 -26.42
C PRO B 618 7.63 -61.72 -25.70
N ASP B 619 8.06 -62.16 -24.54
CA ASP B 619 7.35 -63.29 -23.94
C ASP B 619 6.13 -62.73 -23.24
N ASN B 620 5.34 -61.91 -23.95
CA ASN B 620 4.09 -61.44 -23.40
C ASN B 620 4.38 -60.88 -22.01
N ARG B 621 5.36 -60.00 -21.94
CA ARG B 621 5.65 -59.40 -20.65
C ARG B 621 5.70 -57.91 -20.82
N ILE B 622 5.58 -57.20 -19.71
CA ILE B 622 5.70 -55.76 -19.68
C ILE B 622 6.54 -55.29 -18.51
N ILE B 623 7.47 -54.40 -18.79
CA ILE B 623 8.09 -53.59 -17.75
C ILE B 623 7.31 -52.28 -17.82
N VAL B 624 6.57 -51.95 -16.78
CA VAL B 624 5.69 -50.79 -16.85
C VAL B 624 6.05 -49.84 -15.73
N GLU B 625 6.08 -48.55 -16.06
CA GLU B 625 6.13 -47.52 -15.04
C GLU B 625 4.68 -47.21 -14.71
N VAL B 626 4.26 -47.57 -13.50
CA VAL B 626 2.88 -47.42 -13.08
C VAL B 626 2.81 -46.59 -11.81
N LYS B 627 2.00 -45.56 -11.86
CA LYS B 627 1.51 -44.84 -10.71
C LYS B 627 0.16 -45.45 -10.32
N VAL B 628 0.09 -46.03 -9.13
CA VAL B 628 -1.13 -46.64 -8.63
C VAL B 628 -1.48 -45.86 -7.39
N THR B 629 -2.48 -45.00 -7.48
CA THR B 629 -2.82 -44.14 -6.36
C THR B 629 -4.27 -44.23 -5.93
N LYS B 630 -4.48 -44.33 -4.63
CA LYS B 630 -5.81 -44.19 -4.06
C LYS B 630 -5.73 -43.02 -3.11
N ASP B 631 -6.64 -42.08 -3.26
CA ASP B 631 -6.64 -40.93 -2.36
C ASP B 631 -8.08 -40.60 -2.04
N ALA B 632 -8.27 -39.76 -1.03
CA ALA B 632 -9.66 -39.62 -0.67
C ALA B 632 -9.92 -38.33 0.09
N PRO B 633 -11.04 -37.67 -0.22
CA PRO B 633 -11.38 -36.39 0.40
C PRO B 633 -11.27 -36.40 1.91
N ASP B 634 -10.76 -35.30 2.43
CA ASP B 634 -10.40 -35.16 3.82
C ASP B 634 -11.54 -34.61 4.65
N TYR B 635 -11.69 -35.15 5.87
CA TYR B 635 -12.64 -34.55 6.80
C TYR B 635 -12.34 -33.08 7.02
N GLN B 636 -11.10 -32.74 7.37
CA GLN B 636 -10.80 -31.34 7.68
C GLN B 636 -11.02 -30.47 6.44
N ASN B 637 -10.80 -31.04 5.24
CA ASN B 637 -11.11 -30.31 4.01
C ASN B 637 -12.60 -30.09 3.89
N MET B 638 -13.38 -31.15 4.11
CA MET B 638 -14.83 -31.00 4.12
C MET B 638 -15.22 -30.11 5.29
N LEU B 639 -14.38 -30.10 6.32
CA LEU B 639 -14.52 -29.24 7.49
C LEU B 639 -14.08 -27.82 7.19
N ASN B 640 -13.38 -27.62 6.07
CA ASN B 640 -12.76 -26.34 5.72
C ASN B 640 -11.82 -25.90 6.83
N GLY B 641 -11.12 -26.87 7.42
CA GLY B 641 -10.11 -26.62 8.43
C GLY B 641 -8.77 -26.82 7.79
N VAL B 642 -7.81 -27.41 8.51
CA VAL B 642 -6.52 -27.79 7.92
C VAL B 642 -6.67 -29.22 7.42
N PRO B 643 -6.70 -29.43 6.10
CA PRO B 643 -7.13 -30.73 5.51
C PRO B 643 -6.07 -31.80 5.34
N PRO B 644 -6.09 -32.87 6.18
CA PRO B 644 -5.23 -34.03 5.85
C PRO B 644 -5.96 -35.03 4.96
N ILE B 645 -5.82 -34.86 3.64
CA ILE B 645 -6.39 -35.80 2.68
C ILE B 645 -5.68 -37.15 2.73
N ASN B 646 -6.45 -38.21 2.42
CA ASN B 646 -5.87 -39.55 2.53
C ASN B 646 -5.09 -39.87 1.26
N LYS B 647 -3.94 -40.52 1.42
CA LYS B 647 -3.15 -40.91 0.26
C LYS B 647 -2.50 -42.26 0.52
N ASN B 648 -2.83 -43.23 -0.32
CA ASN B 648 -2.12 -44.51 -0.45
C ASN B 648 -1.62 -44.62 -1.89
N GLU B 649 -0.35 -44.32 -2.13
CA GLU B 649 0.10 -44.30 -3.52
C GLU B 649 1.42 -45.01 -3.67
N VAL B 650 1.52 -45.88 -4.67
CA VAL B 650 2.77 -46.51 -5.04
C VAL B 650 3.15 -46.05 -6.45
N ASN B 651 4.38 -45.61 -6.61
CA ASN B 651 4.88 -45.18 -7.92
C ASN B 651 6.12 -45.99 -8.22
N ALA B 652 6.09 -46.76 -9.31
CA ALA B 652 7.21 -47.66 -9.54
C ALA B 652 7.12 -48.30 -10.91
N LYS B 653 8.26 -48.75 -11.42
CA LYS B 653 8.33 -49.48 -12.67
C LYS B 653 8.71 -50.92 -12.35
N ILE B 654 7.87 -51.87 -12.78
CA ILE B 654 8.11 -53.28 -12.49
C ILE B 654 7.83 -54.11 -13.73
N LEU B 655 8.43 -55.30 -13.79
CA LEU B 655 8.26 -56.23 -14.90
C LEU B 655 7.43 -57.44 -14.48
N VAL B 656 6.39 -57.75 -15.27
CA VAL B 656 5.57 -58.94 -15.08
C VAL B 656 5.21 -59.49 -16.46
N ASN B 657 4.98 -60.80 -16.55
CA ASN B 657 4.44 -61.17 -17.84
C ASN B 657 2.99 -60.75 -17.93
N ASP B 658 2.52 -60.73 -19.17
CA ASP B 658 1.15 -60.32 -19.45
C ASP B 658 0.16 -61.23 -18.72
N GLY B 659 0.41 -62.52 -18.73
CA GLY B 659 -0.54 -63.41 -18.10
C GLY B 659 -0.51 -63.39 -16.60
N GLU B 660 0.22 -62.46 -15.99
CA GLU B 660 0.74 -62.62 -14.65
C GLU B 660 0.35 -61.46 -13.75
N THR B 661 0.00 -61.81 -12.53
CA THR B 661 -0.39 -60.85 -11.51
C THR B 661 0.66 -60.88 -10.41
N ILE B 662 1.10 -59.70 -9.99
CA ILE B 662 2.02 -59.62 -8.87
C ILE B 662 1.43 -58.62 -7.90
N VAL B 663 1.95 -58.65 -6.69
CA VAL B 663 1.55 -57.66 -5.70
C VAL B 663 2.55 -56.53 -5.83
N ILE B 664 2.09 -55.41 -6.36
CA ILE B 664 2.98 -54.27 -6.52
C ILE B 664 3.48 -53.86 -5.16
N GLY B 665 2.59 -53.93 -4.18
CA GLY B 665 2.95 -53.64 -2.81
C GLY B 665 1.78 -53.90 -1.91
N GLY B 666 2.03 -53.71 -0.62
CA GLY B 666 1.00 -53.87 0.36
C GLY B 666 1.58 -53.72 1.74
N VAL B 667 0.69 -53.49 2.69
CA VAL B 667 1.11 -53.25 4.07
C VAL B 667 0.08 -53.75 5.04
N PHE B 668 0.56 -54.43 6.08
CA PHE B 668 -0.26 -54.82 7.21
C PHE B 668 0.07 -53.94 8.41
N SER B 669 -0.96 -53.33 8.99
CA SER B 669 -0.85 -52.51 10.20
C SER B 669 -1.42 -53.25 11.41
N ASN B 670 -0.56 -53.66 12.33
CA ASN B 670 -0.98 -54.41 13.53
C ASN B 670 -0.94 -53.49 14.76
N GLU B 671 -2.11 -53.12 15.25
CA GLU B 671 -2.25 -52.26 16.41
C GLU B 671 -2.58 -53.04 17.67
N GLN B 672 -1.74 -52.92 18.69
CA GLN B 672 -2.03 -53.52 19.99
C GLN B 672 -1.97 -52.40 21.02
N SER B 673 -3.11 -52.04 21.58
CA SER B 673 -3.21 -50.95 22.55
C SER B 673 -3.79 -51.45 23.86
N LYS B 674 -3.12 -51.14 24.95
CA LYS B 674 -3.61 -51.49 26.28
C LYS B 674 -3.53 -50.28 27.19
N SER B 675 -4.58 -50.07 27.96
CA SER B 675 -4.71 -48.96 28.89
C SER B 675 -5.36 -49.53 30.13
N VAL B 676 -4.68 -49.47 31.27
CA VAL B 676 -5.26 -49.97 32.51
C VAL B 676 -5.17 -48.87 33.56
N GLU B 677 -6.31 -48.62 34.18
CA GLU B 677 -6.46 -47.60 35.21
C GLU B 677 -6.95 -48.25 36.49
N LYS B 678 -6.19 -48.08 37.57
CA LYS B 678 -6.53 -48.85 38.75
C LYS B 678 -6.17 -48.09 40.02
N VAL B 679 -7.16 -47.93 40.90
CA VAL B 679 -6.79 -47.62 42.26
C VAL B 679 -5.84 -48.72 42.74
N PRO B 680 -4.64 -48.36 43.19
CA PRO B 680 -3.65 -49.39 43.52
C PRO B 680 -4.11 -50.27 44.65
N PHE B 681 -4.62 -49.69 45.74
CA PHE B 681 -4.96 -50.48 46.90
C PHE B 681 -6.12 -51.43 46.61
N LEU B 682 -7.20 -50.93 46.03
CA LEU B 682 -8.30 -51.82 45.69
C LEU B 682 -7.91 -52.73 44.53
N GLY B 683 -7.14 -52.20 43.57
CA GLY B 683 -6.70 -53.04 42.47
C GLY B 683 -5.95 -54.24 42.98
N GLU B 684 -5.20 -54.04 44.08
CA GLU B 684 -4.44 -55.12 44.71
C GLU B 684 -5.36 -56.23 45.15
N LEU B 685 -6.54 -55.89 45.63
CA LEU B 685 -7.46 -56.89 46.14
C LEU B 685 -7.77 -57.89 45.03
N PRO B 686 -7.66 -59.19 45.31
CA PRO B 686 -7.89 -60.18 44.25
C PRO B 686 -9.33 -60.19 43.75
N TYR B 687 -10.29 -60.06 44.65
CA TYR B 687 -11.68 -60.16 44.27
C TYR B 687 -12.25 -58.84 43.81
N LEU B 688 -11.59 -57.75 44.17
CA LEU B 688 -12.07 -56.41 43.87
C LEU B 688 -11.19 -55.67 42.90
N GLY B 689 -9.98 -56.18 42.60
CA GLY B 689 -9.14 -55.46 41.66
C GLY B 689 -9.79 -55.41 40.29
N ARG B 690 -10.37 -56.51 39.85
CA ARG B 690 -11.09 -56.49 38.58
C ARG B 690 -12.20 -55.46 38.65
N LEU B 691 -12.78 -55.31 39.84
CA LEU B 691 -13.81 -54.34 40.13
C LEU B 691 -13.23 -52.97 40.39
N PHE B 692 -11.90 -52.85 40.39
CA PHE B 692 -11.24 -51.56 40.57
C PHE B 692 -10.04 -51.40 39.65
N ARG B 693 -9.94 -52.24 38.62
CA ARG B 693 -8.94 -52.12 37.55
C ARG B 693 -9.73 -52.01 36.25
N ARG B 694 -9.54 -50.90 35.56
CA ARG B 694 -10.22 -50.58 34.32
C ARG B 694 -9.32 -50.84 33.13
N ASP B 695 -9.64 -51.88 32.37
CA ASP B 695 -8.81 -52.29 31.25
C ASP B 695 -9.51 -51.91 29.96
N THR B 696 -8.78 -51.21 29.10
CA THR B 696 -9.18 -50.92 27.74
C THR B 696 -8.09 -51.45 26.83
N VAL B 697 -8.43 -52.42 26.00
CA VAL B 697 -7.52 -52.98 25.02
C VAL B 697 -8.16 -52.88 23.67
N THR B 698 -7.46 -52.25 22.74
CA THR B 698 -7.95 -52.14 21.39
C THR B 698 -6.89 -52.62 20.40
N ASP B 699 -7.30 -53.50 19.51
CA ASP B 699 -6.49 -53.97 18.40
C ASP B 699 -7.26 -53.64 17.13
N ARG B 700 -6.74 -52.71 16.34
CA ARG B 700 -7.37 -52.40 15.07
C ARG B 700 -6.27 -52.63 14.04
N LYS B 701 -6.50 -53.58 13.15
CA LYS B 701 -5.48 -53.90 12.16
C LYS B 701 -6.06 -53.92 10.76
N ASN B 702 -5.55 -53.03 9.93
CA ASN B 702 -5.94 -52.92 8.53
C ASN B 702 -4.73 -53.21 7.66
N GLU B 703 -4.94 -54.07 6.67
CA GLU B 703 -3.91 -54.41 5.71
C GLU B 703 -4.42 -54.01 4.34
N LEU B 704 -3.54 -53.39 3.57
CA LEU B 704 -3.84 -52.98 2.21
C LEU B 704 -2.84 -53.62 1.25
N LEU B 705 -3.34 -54.18 0.15
CA LEU B 705 -2.50 -54.83 -0.84
C LEU B 705 -2.96 -54.45 -2.24
N VAL B 706 -2.00 -54.23 -3.14
CA VAL B 706 -2.29 -53.93 -4.55
C VAL B 706 -1.75 -55.03 -5.45
N PHE B 707 -2.63 -55.67 -6.21
CA PHE B 707 -2.19 -56.58 -7.26
C PHE B 707 -2.08 -55.81 -8.58
N LEU B 708 -1.56 -56.48 -9.62
CA LEU B 708 -1.64 -56.00 -10.99
C LEU B 708 -1.42 -57.14 -11.96
N THR B 709 -2.18 -57.13 -13.06
CA THR B 709 -1.99 -58.02 -14.21
C THR B 709 -2.15 -57.27 -15.53
N PRO B 710 -1.16 -57.28 -16.42
CA PRO B 710 -1.34 -56.60 -17.69
C PRO B 710 -1.68 -57.59 -18.80
N ARG B 711 -2.76 -57.41 -19.53
CA ARG B 711 -3.12 -58.31 -20.62
C ARG B 711 -2.86 -57.56 -21.92
N ILE B 712 -1.83 -57.98 -22.64
CA ILE B 712 -1.47 -57.24 -23.84
C ILE B 712 -2.62 -57.23 -24.83
N MET B 713 -2.97 -56.02 -25.27
CA MET B 713 -4.00 -55.82 -26.27
C MET B 713 -3.42 -55.88 -27.66
N ASN B 714 -2.07 -55.97 -27.75
CA ASN B 714 -1.46 -56.29 -29.04
C ASN B 714 -1.96 -57.61 -29.56
N ASN B 715 -2.33 -58.53 -28.66
CA ASN B 715 -2.84 -59.81 -29.13
C ASN B 715 -4.01 -59.55 -30.03
N GLN B 716 -4.70 -58.45 -29.76
CA GLN B 716 -5.80 -57.93 -30.56
C GLN B 716 -5.33 -56.76 -31.40
N ALA B 717 -4.38 -55.96 -30.90
CA ALA B 717 -3.91 -54.77 -31.60
C ALA B 717 -3.03 -55.14 -32.78
N ILE B 718 -2.32 -56.27 -32.71
CA ILE B 718 -1.54 -56.69 -33.87
C ILE B 718 -2.53 -57.18 -34.92
N ALA B 719 -3.57 -57.89 -34.46
CA ALA B 719 -4.66 -58.34 -35.32
C ALA B 719 -5.56 -57.18 -35.66
N ILE B 720 -5.43 -56.07 -34.93
CA ILE B 720 -6.00 -54.78 -35.28
C ILE B 720 -4.92 -53.83 -35.78
N LEU C 385 30.64 -54.87 -45.53
CA LEU C 385 29.67 -54.71 -44.44
C LEU C 385 28.50 -55.67 -44.59
N ARG C 386 28.01 -56.11 -43.44
CA ARG C 386 26.93 -57.08 -43.32
C ARG C 386 25.81 -56.44 -42.53
N ARG C 387 24.59 -56.63 -43.00
CA ARG C 387 23.41 -56.13 -42.31
C ARG C 387 22.85 -57.18 -41.36
N GLU C 388 22.70 -56.82 -40.10
CA GLU C 388 22.04 -57.73 -39.17
C GLU C 388 20.95 -57.00 -38.40
N LEU C 389 19.78 -57.64 -38.26
CA LEU C 389 18.67 -57.10 -37.48
C LEU C 389 18.55 -57.85 -36.17
N ILE C 390 18.62 -57.11 -35.06
CA ILE C 390 18.38 -57.67 -33.73
C ILE C 390 17.29 -56.86 -33.05
N GLN C 391 16.26 -57.54 -32.53
CA GLN C 391 15.25 -56.82 -31.77
C GLN C 391 15.48 -57.07 -30.30
N VAL C 392 15.66 -56.01 -29.53
CA VAL C 392 15.84 -56.12 -28.08
C VAL C 392 14.72 -55.44 -27.30
N ASN C 393 13.83 -56.24 -26.74
CA ASN C 393 12.81 -55.68 -25.85
C ASN C 393 13.44 -55.33 -24.50
N TYR C 394 14.33 -56.19 -24.00
CA TYR C 394 14.97 -56.04 -22.69
C TYR C 394 16.28 -55.26 -22.75
N ALA C 395 16.83 -54.98 -23.91
CA ALA C 395 18.09 -54.26 -23.99
C ALA C 395 17.77 -52.87 -24.45
N LYS C 396 18.29 -51.87 -23.74
CA LYS C 396 18.11 -50.49 -24.14
C LYS C 396 18.83 -50.22 -25.45
N ALA C 397 18.18 -49.45 -26.33
CA ALA C 397 18.77 -49.14 -27.63
C ALA C 397 20.05 -48.32 -27.45
N ALA C 398 20.04 -47.38 -26.52
CA ALA C 398 21.23 -46.58 -26.24
C ALA C 398 22.40 -47.46 -25.82
N ASP C 399 22.12 -48.49 -25.03
CA ASP C 399 23.21 -49.37 -24.59
C ASP C 399 23.83 -50.06 -25.79
N ILE C 400 23.00 -50.55 -26.71
CA ILE C 400 23.50 -51.21 -27.91
C ILE C 400 24.32 -50.23 -28.74
N ALA C 401 23.86 -48.97 -28.81
CA ALA C 401 24.60 -47.96 -29.53
C ALA C 401 25.97 -47.75 -28.89
N LYS C 402 26.02 -47.75 -27.56
CA LYS C 402 27.29 -47.61 -26.86
C LYS C 402 28.21 -48.78 -27.16
N LEU C 403 27.62 -49.97 -27.26
CA LEU C 403 28.40 -51.15 -27.60
C LEU C 403 29.05 -50.98 -28.95
N PHE C 404 28.28 -50.51 -29.93
CA PHE C 404 28.85 -50.27 -31.25
C PHE C 404 29.87 -49.15 -31.24
N GLN C 405 29.63 -48.10 -30.46
CA GLN C 405 30.58 -47.00 -30.38
C GLN C 405 31.91 -47.46 -29.83
N SER C 406 31.88 -48.28 -28.79
CA SER C 406 33.12 -48.86 -28.29
C SER C 406 33.74 -49.75 -29.34
N VAL C 407 32.90 -50.47 -30.08
CA VAL C 407 33.39 -51.33 -31.15
C VAL C 407 34.15 -50.49 -32.16
N THR C 408 33.63 -49.31 -32.48
CA THR C 408 34.34 -48.40 -33.36
C THR C 408 35.64 -47.94 -32.72
N SER C 409 35.64 -47.73 -31.40
CA SER C 409 36.87 -47.39 -30.70
C SER C 409 37.91 -48.49 -30.89
N ASP C 410 37.45 -49.75 -30.97
CA ASP C 410 38.38 -50.83 -31.26
C ASP C 410 39.12 -50.58 -32.58
N GLY C 411 38.38 -50.16 -33.61
CA GLY C 411 38.94 -49.96 -34.93
C GLY C 411 38.69 -48.58 -35.48
N GLY C 421 29.94 -49.34 -41.30
CA GLY C 421 29.60 -48.54 -40.14
C GLY C 421 28.31 -47.79 -40.31
N SER C 422 27.25 -48.53 -40.62
CA SER C 422 25.91 -48.01 -40.80
C SER C 422 25.03 -48.54 -39.69
N ILE C 423 24.33 -47.64 -39.00
CA ILE C 423 23.47 -48.01 -37.89
C ILE C 423 22.04 -47.55 -38.14
N THR C 424 21.07 -48.43 -37.88
CA THR C 424 19.66 -48.13 -37.97
C THR C 424 19.05 -48.49 -36.62
N VAL C 425 18.28 -47.59 -36.04
CA VAL C 425 17.67 -47.82 -34.73
C VAL C 425 16.16 -47.79 -34.91
N ASP C 426 15.48 -48.82 -34.42
CA ASP C 426 14.03 -48.92 -34.46
C ASP C 426 13.48 -48.74 -33.06
N ASP C 427 12.84 -47.60 -32.84
CA ASP C 427 12.26 -47.30 -31.53
C ASP C 427 11.07 -48.21 -31.20
N ARG C 428 10.20 -48.46 -32.17
CA ARG C 428 8.95 -49.20 -31.89
C ARG C 428 9.23 -50.60 -31.41
N THR C 429 10.08 -51.33 -32.10
CA THR C 429 10.46 -52.68 -31.72
C THR C 429 11.72 -52.67 -30.88
N ASN C 430 12.36 -51.50 -30.76
CA ASN C 430 13.65 -51.38 -30.11
C ASN C 430 14.65 -52.31 -30.79
N SER C 431 14.59 -52.36 -32.13
CA SER C 431 15.39 -53.28 -32.90
C SER C 431 16.41 -52.49 -33.69
N ILE C 432 17.66 -52.88 -33.58
CA ILE C 432 18.76 -52.19 -34.22
C ILE C 432 19.22 -53.08 -35.36
N ILE C 433 19.21 -52.54 -36.57
CA ILE C 433 19.76 -53.21 -37.73
C ILE C 433 21.03 -52.48 -38.10
N ALA C 434 22.14 -53.18 -38.13
CA ALA C 434 23.41 -52.54 -38.40
C ALA C 434 24.05 -53.20 -39.60
N TYR C 435 24.39 -52.40 -40.60
CA TYR C 435 25.12 -52.86 -41.76
C TYR C 435 26.54 -52.33 -41.61
N GLN C 436 27.46 -53.21 -41.22
CA GLN C 436 28.81 -52.85 -40.84
C GLN C 436 29.66 -54.11 -40.87
N PRO C 437 30.98 -54.07 -40.64
CA PRO C 437 31.78 -55.30 -40.81
C PRO C 437 31.27 -56.42 -39.93
N GLN C 438 31.42 -57.64 -40.43
CA GLN C 438 30.85 -58.80 -39.75
C GLN C 438 31.41 -58.95 -38.35
N GLU C 439 32.71 -58.73 -38.17
CA GLU C 439 33.31 -58.95 -36.86
C GLU C 439 32.74 -57.98 -35.85
N ARG C 440 32.66 -56.71 -36.24
CA ARG C 440 32.08 -55.70 -35.36
C ARG C 440 30.62 -56.04 -35.08
N LEU C 441 29.93 -56.50 -36.11
CA LEU C 441 28.51 -56.84 -35.99
C LEU C 441 28.30 -57.96 -34.98
N ASP C 442 29.15 -58.98 -35.04
CA ASP C 442 29.07 -60.12 -34.13
C ASP C 442 29.39 -59.70 -32.71
N GLU C 443 30.43 -58.88 -32.54
CA GLU C 443 30.80 -58.45 -31.21
C GLU C 443 29.65 -57.67 -30.59
N LEU C 444 29.06 -56.78 -31.39
CA LEU C 444 27.97 -55.98 -30.88
C LEU C 444 26.80 -56.87 -30.53
N ARG C 445 26.54 -57.89 -31.34
CA ARG C 445 25.47 -58.84 -31.06
C ARG C 445 25.66 -59.56 -29.73
N ARG C 446 26.88 -60.01 -29.45
CA ARG C 446 27.14 -60.68 -28.19
C ARG C 446 26.86 -59.75 -27.02
N ILE C 447 27.35 -58.52 -27.13
CA ILE C 447 27.08 -57.57 -26.07
C ILE C 447 25.57 -57.31 -25.99
N VAL C 448 24.91 -57.28 -27.14
CA VAL C 448 23.46 -57.07 -27.19
C VAL C 448 22.77 -58.14 -26.38
N SER C 449 23.26 -59.37 -26.51
CA SER C 449 22.68 -60.48 -25.78
C SER C 449 22.82 -60.22 -24.29
N GLN C 450 23.98 -59.73 -23.87
CA GLN C 450 24.14 -59.42 -22.45
C GLN C 450 23.15 -58.34 -22.03
N LEU C 451 22.99 -57.30 -22.85
CA LEU C 451 22.13 -56.17 -22.54
C LEU C 451 20.66 -56.57 -22.45
N ASP C 452 20.23 -57.53 -23.26
CA ASP C 452 18.80 -57.86 -23.33
C ASP C 452 18.44 -58.66 -22.08
N ILE C 453 18.50 -57.94 -20.96
CA ILE C 453 18.22 -58.46 -19.63
C ILE C 453 17.03 -57.74 -18.98
N PRO C 454 16.12 -58.49 -18.37
CA PRO C 454 14.95 -57.88 -17.73
C PRO C 454 15.34 -57.00 -16.56
N VAL C 455 14.69 -55.84 -16.44
CA VAL C 455 14.90 -55.00 -15.27
C VAL C 455 14.56 -55.79 -14.02
N ARG C 456 15.44 -55.72 -13.02
CA ARG C 456 15.32 -56.53 -11.81
C ARG C 456 14.50 -55.85 -10.71
N GLN C 457 13.34 -56.42 -10.42
CA GLN C 457 12.49 -56.00 -9.31
C GLN C 457 12.87 -56.71 -8.01
N VAL C 458 12.78 -56.01 -6.89
CA VAL C 458 12.91 -56.60 -5.57
C VAL C 458 11.76 -56.11 -4.69
N MET C 459 11.18 -57.04 -3.93
CA MET C 459 10.14 -56.75 -2.96
C MET C 459 10.79 -56.47 -1.62
N ILE C 460 10.64 -55.26 -1.11
CA ILE C 460 11.27 -54.83 0.12
C ILE C 460 10.21 -54.81 1.20
N GLU C 461 10.45 -55.53 2.28
CA GLU C 461 9.50 -55.59 3.38
C GLU C 461 10.28 -55.14 4.61
N ALA C 462 10.03 -53.91 5.04
CA ALA C 462 10.65 -53.38 6.24
C ALA C 462 9.52 -53.18 7.24
N ARG C 463 9.65 -53.78 8.40
CA ARG C 463 8.57 -53.75 9.37
C ARG C 463 8.94 -52.95 10.61
N ILE C 464 7.99 -52.17 11.09
CA ILE C 464 8.18 -51.33 12.25
C ILE C 464 7.45 -51.98 13.42
N VAL C 465 8.15 -52.21 14.52
CA VAL C 465 7.59 -52.77 15.73
C VAL C 465 7.78 -51.74 16.84
N GLU C 466 6.69 -51.26 17.40
CA GLU C 466 6.73 -50.35 18.53
C GLU C 466 6.02 -50.92 19.74
N ALA C 467 6.71 -51.00 20.87
CA ALA C 467 6.09 -51.43 22.11
C ALA C 467 6.30 -50.37 23.17
N ASN C 468 5.21 -49.91 23.79
CA ASN C 468 5.28 -48.94 24.87
C ASN C 468 4.59 -49.50 26.11
N VAL C 469 5.32 -49.60 27.22
CA VAL C 469 4.76 -50.05 28.47
C VAL C 469 4.87 -48.92 29.47
N GLY C 470 3.74 -48.53 30.03
CA GLY C 470 3.69 -47.46 30.99
C GLY C 470 3.05 -47.65 32.35
N TYR C 471 3.80 -47.35 33.41
CA TYR C 471 3.31 -47.35 34.79
C TYR C 471 3.45 -46.00 35.46
N ASP C 472 2.35 -45.43 35.92
CA ASP C 472 2.41 -44.16 36.67
C ASP C 472 1.64 -44.30 37.97
N LYS C 473 2.27 -44.01 39.09
CA LYS C 473 1.58 -43.99 40.37
C LYS C 473 1.78 -42.67 41.09
N SER C 474 0.69 -42.10 41.60
CA SER C 474 0.75 -40.87 42.38
C SER C 474 -0.05 -41.11 43.66
N LEU C 475 0.52 -40.76 44.80
CA LEU C 475 -0.16 -40.93 46.08
C LEU C 475 -0.22 -39.60 46.80
N GLY C 476 -1.44 -39.13 47.07
CA GLY C 476 -1.78 -38.02 47.95
C GLY C 476 -2.27 -38.46 49.32
N VAL C 477 -1.51 -38.21 50.38
CA VAL C 477 -1.84 -38.69 51.71
C VAL C 477 -2.28 -37.50 52.57
N ARG C 478 -3.47 -37.61 53.19
CA ARG C 478 -4.26 -36.46 53.59
C ARG C 478 -4.86 -36.69 54.97
N TRP C 479 -4.51 -35.80 55.90
CA TRP C 479 -5.00 -35.83 57.29
C TRP C 479 -5.64 -34.49 57.68
N GLY C 480 -6.96 -34.37 57.53
CA GLY C 480 -7.55 -33.11 57.92
C GLY C 480 -8.58 -33.16 59.04
N GLY C 481 -8.28 -32.45 60.13
CA GLY C 481 -9.18 -32.23 61.24
C GLY C 481 -9.22 -30.73 61.52
N ALA C 482 -10.39 -30.11 61.47
CA ALA C 482 -10.47 -28.70 61.83
C ALA C 482 -10.78 -28.45 63.29
N TYR C 483 -11.13 -29.46 64.06
CA TYR C 483 -11.51 -29.21 65.46
C TYR C 483 -10.31 -28.69 66.22
N HIS C 484 -9.15 -29.31 66.02
CA HIS C 484 -7.92 -28.89 66.67
C HIS C 484 -7.02 -28.18 65.67
N LYS C 485 -7.61 -27.73 64.57
CA LYS C 485 -6.91 -27.04 63.48
C LYS C 485 -5.66 -27.79 63.04
N GLY C 486 -5.75 -29.10 62.96
CA GLY C 486 -4.64 -29.86 62.42
C GLY C 486 -4.92 -30.51 61.08
N ASN C 487 -4.29 -30.00 60.02
CA ASN C 487 -4.60 -30.50 58.69
C ASN C 487 -3.39 -30.40 57.76
N TRP C 488 -2.90 -31.56 57.36
CA TRP C 488 -1.83 -31.72 56.39
C TRP C 488 -2.38 -32.32 55.10
N SER C 489 -2.09 -31.67 53.98
CA SER C 489 -2.64 -32.06 52.69
C SER C 489 -1.80 -33.06 51.92
N GLY C 490 -2.49 -33.98 51.27
CA GLY C 490 -1.82 -34.92 50.40
C GLY C 490 -1.40 -34.17 49.16
N TYR C 491 -0.78 -34.89 48.24
CA TYR C 491 -0.37 -34.24 47.01
C TYR C 491 -0.70 -35.06 45.78
N GLY C 492 -0.27 -36.32 45.74
CA GLY C 492 -0.52 -37.13 44.56
C GLY C 492 -1.97 -37.04 44.17
N LYS C 493 -2.87 -37.21 45.14
CA LYS C 493 -4.27 -36.88 45.00
C LYS C 493 -4.66 -35.97 46.18
N ASP C 494 -4.16 -34.74 46.13
CA ASP C 494 -4.12 -33.80 47.26
C ASP C 494 -5.41 -33.78 48.07
N GLY C 495 -5.27 -33.85 49.39
CA GLY C 495 -6.41 -33.72 50.29
C GLY C 495 -6.07 -33.08 51.62
N ASN C 496 -6.88 -32.14 52.09
CA ASN C 496 -6.60 -31.49 53.38
C ASN C 496 -7.95 -31.13 53.96
N ILE C 497 -8.44 -31.98 54.84
CA ILE C 497 -9.84 -31.93 55.20
C ILE C 497 -10.18 -30.67 55.97
N GLY C 498 -9.20 -29.95 56.51
CA GLY C 498 -9.51 -28.71 57.20
C GLY C 498 -10.05 -27.62 56.28
N ILE C 499 -9.45 -27.50 55.08
CA ILE C 499 -9.91 -26.47 54.14
C ILE C 499 -11.37 -26.67 53.78
N LYS C 500 -11.80 -27.92 53.58
CA LYS C 500 -13.20 -28.16 53.28
C LYS C 500 -13.98 -28.43 54.55
N ASP C 501 -13.32 -28.40 55.71
CA ASP C 501 -14.01 -28.23 56.97
C ASP C 501 -14.46 -26.79 57.10
N GLU C 502 -13.83 -25.90 56.34
CA GLU C 502 -14.34 -24.53 56.26
C GLU C 502 -15.62 -24.53 55.42
N ASP C 503 -15.63 -25.31 54.35
CA ASP C 503 -16.80 -25.58 53.54
C ASP C 503 -17.90 -26.22 54.40
N PRO C 527 -20.39 -34.17 54.93
CA PRO C 527 -19.57 -35.37 54.75
C PRO C 527 -20.10 -36.33 53.68
N PHE C 528 -21.39 -36.64 53.68
CA PHE C 528 -21.91 -37.57 52.68
C PHE C 528 -21.84 -36.97 51.27
N VAL C 529 -22.03 -35.66 51.14
CA VAL C 529 -22.02 -35.04 49.82
C VAL C 529 -20.63 -34.53 49.46
N ASP C 530 -19.99 -33.77 50.35
CA ASP C 530 -18.69 -33.17 50.03
C ASP C 530 -17.62 -34.22 49.84
N LEU C 531 -17.54 -35.20 50.75
CA LEU C 531 -16.56 -36.25 50.61
C LEU C 531 -16.85 -37.13 49.40
N GLY C 532 -18.12 -37.47 49.14
CA GLY C 532 -18.42 -38.30 47.98
C GLY C 532 -17.78 -37.76 46.71
N ALA C 533 -18.02 -36.48 46.42
CA ALA C 533 -17.44 -35.86 45.24
C ALA C 533 -15.93 -35.74 45.40
N LYS C 534 -15.49 -35.22 46.55
CA LYS C 534 -14.06 -35.03 46.78
C LYS C 534 -13.33 -36.34 46.49
N ASP C 535 -13.89 -37.45 46.97
CA ASP C 535 -13.29 -38.77 46.95
C ASP C 535 -13.69 -39.52 45.70
N ALA C 536 -14.32 -38.84 44.73
CA ALA C 536 -14.74 -39.52 43.51
C ALA C 536 -13.54 -40.16 42.82
N THR C 537 -12.38 -39.53 42.94
CA THR C 537 -11.17 -39.91 42.23
C THR C 537 -10.82 -41.37 42.40
N SER C 538 -10.31 -41.97 41.30
CA SER C 538 -9.90 -43.37 41.18
C SER C 538 -9.52 -44.02 42.49
N GLY C 539 -8.49 -43.49 43.13
CA GLY C 539 -8.02 -44.10 44.34
C GLY C 539 -8.13 -43.20 45.53
N ILE C 540 -9.12 -43.45 46.36
CA ILE C 540 -9.31 -42.73 47.61
C ILE C 540 -9.59 -43.74 48.72
N GLY C 541 -8.83 -43.68 49.79
CA GLY C 541 -9.13 -44.48 50.94
C GLY C 541 -9.63 -43.55 52.01
N ILE C 542 -10.91 -43.62 52.36
CA ILE C 542 -11.51 -42.66 53.28
C ILE C 542 -11.67 -43.29 54.65
N GLY C 543 -11.14 -42.62 55.67
CA GLY C 543 -11.50 -42.83 57.05
C GLY C 543 -12.23 -41.58 57.49
N PHE C 544 -13.45 -41.69 57.97
CA PHE C 544 -14.16 -40.52 58.42
C PHE C 544 -14.68 -40.71 59.83
N ILE C 545 -14.51 -39.70 60.67
CA ILE C 545 -15.32 -39.60 61.87
C ILE C 545 -16.18 -38.37 61.65
N THR C 546 -17.46 -38.48 61.99
CA THR C 546 -18.32 -37.31 61.94
C THR C 546 -19.10 -37.12 63.22
N ASP C 547 -19.44 -38.24 63.87
CA ASP C 547 -20.37 -38.17 65.00
C ASP C 547 -19.76 -37.42 66.17
N ASN C 548 -18.57 -37.81 66.61
CA ASN C 548 -17.90 -37.09 67.68
C ASN C 548 -17.36 -35.77 67.16
N ILE C 549 -16.64 -35.84 66.05
CA ILE C 549 -16.00 -34.72 65.37
C ILE C 549 -15.90 -35.19 63.94
N ILE C 550 -15.81 -34.26 63.01
CA ILE C 550 -15.56 -34.64 61.62
C ILE C 550 -14.07 -34.47 61.39
N LEU C 551 -13.40 -35.62 61.30
CA LEU C 551 -11.97 -35.72 61.10
C LEU C 551 -11.80 -36.76 60.01
N ASP C 552 -11.38 -36.29 58.84
CA ASP C 552 -11.28 -37.12 57.64
C ASP C 552 -9.81 -37.39 57.30
N LEU C 553 -9.47 -38.67 57.16
CA LEU C 553 -8.10 -39.12 56.90
C LEU C 553 -8.11 -40.10 55.73
N GLN C 554 -7.61 -39.66 54.59
CA GLN C 554 -7.68 -40.42 53.35
C GLN C 554 -6.30 -40.60 52.73
N LEU C 555 -6.08 -41.78 52.17
CA LEU C 555 -4.87 -42.06 51.42
C LEU C 555 -5.38 -42.26 50.00
N SER C 556 -5.03 -41.36 49.11
CA SER C 556 -5.59 -41.37 47.77
C SER C 556 -4.48 -41.66 46.75
N ALA C 557 -4.53 -42.84 46.14
CA ALA C 557 -3.45 -43.35 45.32
C ALA C 557 -3.97 -43.84 43.96
N MET C 558 -3.17 -43.59 42.92
CA MET C 558 -3.51 -43.96 41.55
C MET C 558 -2.34 -44.71 40.92
N GLU C 559 -2.64 -45.83 40.30
CA GLU C 559 -1.68 -46.58 39.48
C GLU C 559 -2.33 -46.78 38.13
N LYS C 560 -1.66 -46.33 37.08
CA LYS C 560 -2.18 -46.40 35.74
C LYS C 560 -1.15 -47.16 34.90
N THR C 561 -1.60 -48.15 34.14
CA THR C 561 -0.68 -48.85 33.24
C THR C 561 -1.25 -48.90 31.83
N GLY C 562 -0.49 -48.41 30.87
CA GLY C 562 -0.86 -48.48 29.48
C GLY C 562 0.23 -49.00 28.56
N ASN C 563 -0.05 -50.04 27.77
CA ASN C 563 0.93 -50.52 26.80
C ASN C 563 0.33 -50.51 25.41
N GLY C 564 0.99 -49.81 24.50
CA GLY C 564 0.54 -49.82 23.14
C GLY C 564 1.66 -50.32 22.25
N GLU C 565 1.39 -51.36 21.47
CA GLU C 565 2.36 -51.89 20.52
C GLU C 565 1.73 -51.91 19.13
N ILE C 566 2.41 -51.28 18.18
CA ILE C 566 1.94 -51.29 16.80
C ILE C 566 3.05 -51.85 15.92
N VAL C 567 2.71 -52.88 15.15
CA VAL C 567 3.65 -53.55 14.26
C VAL C 567 3.09 -53.50 12.84
N SER C 568 3.72 -52.71 11.99
CA SER C 568 3.27 -52.52 10.62
C SER C 568 4.35 -52.92 9.62
N GLN C 569 4.00 -53.73 8.63
CA GLN C 569 4.99 -54.10 7.61
C GLN C 569 4.47 -53.87 6.20
N PRO C 570 5.04 -52.90 5.50
CA PRO C 570 4.78 -52.68 4.07
C PRO C 570 5.78 -53.33 3.13
N LYS C 571 5.28 -53.98 2.09
CA LYS C 571 6.09 -54.67 1.10
C LYS C 571 5.97 -53.95 -0.24
N VAL C 572 7.11 -53.60 -0.85
CA VAL C 572 7.15 -52.84 -2.10
C VAL C 572 7.93 -53.58 -3.18
N VAL C 573 7.39 -53.64 -4.39
CA VAL C 573 8.10 -54.24 -5.53
C VAL C 573 8.73 -53.11 -6.34
N THR C 574 10.05 -53.13 -6.48
CA THR C 574 10.83 -52.07 -7.10
C THR C 574 11.76 -52.56 -8.20
N SER C 575 11.93 -51.76 -9.24
CA SER C 575 12.97 -52.10 -10.19
C SER C 575 14.34 -51.99 -9.51
N ASP C 576 15.37 -52.51 -10.17
CA ASP C 576 16.71 -52.54 -9.59
C ASP C 576 17.38 -51.19 -9.82
N LYS C 577 17.92 -50.59 -8.75
CA LYS C 577 18.59 -49.29 -8.82
C LYS C 577 17.57 -48.18 -9.06
N GLU C 578 16.29 -48.48 -8.93
CA GLU C 578 15.22 -47.52 -9.15
C GLU C 578 14.50 -47.35 -7.82
N THR C 579 13.82 -46.22 -7.67
CA THR C 579 13.00 -46.01 -6.50
C THR C 579 11.56 -46.45 -6.70
N ALA C 580 11.01 -47.05 -5.65
CA ALA C 580 9.60 -47.36 -5.55
C ALA C 580 9.18 -47.00 -4.14
N LYS C 581 7.91 -46.69 -3.98
CA LYS C 581 7.46 -46.10 -2.73
C LYS C 581 6.09 -46.62 -2.37
N ILE C 582 5.96 -47.08 -1.12
CA ILE C 582 4.66 -47.42 -0.57
C ILE C 582 4.39 -46.36 0.48
N LEU C 583 3.21 -45.77 0.42
CA LEU C 583 2.85 -44.73 1.37
C LEU C 583 1.41 -44.94 1.82
N LYS C 584 1.24 -45.15 3.11
CA LYS C 584 -0.04 -45.49 3.74
C LYS C 584 -0.37 -44.43 4.77
N GLY C 585 -0.96 -43.33 4.35
CA GLY C 585 -1.19 -42.24 5.28
C GLY C 585 -2.23 -41.23 4.89
N SER C 586 -2.01 -40.01 5.35
CA SER C 586 -2.97 -38.91 5.22
C SER C 586 -2.17 -37.63 5.22
N GLU C 587 -2.62 -36.60 4.54
CA GLU C 587 -1.72 -35.49 4.24
C GLU C 587 -2.03 -34.25 5.08
N VAL C 588 -1.27 -34.14 6.17
CA VAL C 588 -1.35 -33.03 7.12
C VAL C 588 -0.89 -31.73 6.46
N PRO C 589 -1.81 -30.82 6.24
CA PRO C 589 -1.53 -29.54 5.61
C PRO C 589 -1.27 -28.45 6.63
N TYR C 590 -0.92 -27.28 6.10
CA TYR C 590 -0.92 -26.04 6.86
C TYR C 590 -1.42 -25.00 5.88
N GLN C 591 -2.53 -24.35 6.20
CA GLN C 591 -3.15 -23.37 5.32
C GLN C 591 -2.86 -21.99 5.91
N GLU C 592 -1.79 -21.36 5.43
CA GLU C 592 -1.52 -19.97 5.75
C GLU C 592 -1.92 -19.13 4.53
N ALA C 593 -3.09 -18.50 4.59
CA ALA C 593 -3.59 -17.76 3.44
C ALA C 593 -3.36 -16.27 3.61
N SER C 594 -2.20 -15.79 3.17
CA SER C 594 -1.63 -14.54 3.60
C SER C 594 -1.84 -13.66 2.37
N SER C 595 -2.88 -12.84 2.46
CA SER C 595 -3.47 -12.10 1.35
C SER C 595 -2.45 -11.56 0.36
N SER C 596 -1.46 -10.82 0.86
CA SER C 596 -0.54 -10.13 -0.04
C SER C 596 0.52 -11.07 -0.61
N GLY C 597 0.03 -11.97 -1.47
CA GLY C 597 0.87 -12.76 -2.33
C GLY C 597 1.38 -14.09 -1.83
N ALA C 598 1.16 -14.46 -0.58
CA ALA C 598 1.58 -15.81 -0.19
C ALA C 598 0.40 -16.66 0.22
N THR C 599 0.19 -17.76 -0.49
CA THR C 599 -0.89 -18.70 -0.16
C THR C 599 -0.25 -20.04 0.16
N SER C 600 0.18 -20.19 1.41
CA SER C 600 0.91 -21.37 1.82
C SER C 600 -0.15 -22.43 2.08
N THR C 601 -0.69 -22.96 0.98
CA THR C 601 -1.65 -24.05 1.08
C THR C 601 -0.84 -25.35 1.15
N SER C 602 0.01 -25.39 2.16
CA SER C 602 0.97 -26.45 2.32
C SER C 602 0.26 -27.72 2.73
N PHE C 603 0.83 -28.84 2.33
CA PHE C 603 0.39 -30.13 2.84
C PHE C 603 1.56 -31.10 2.71
N LYS C 604 1.47 -32.19 3.44
CA LYS C 604 2.52 -33.19 3.53
C LYS C 604 1.87 -34.42 4.11
N GLU C 605 2.09 -35.57 3.51
CA GLU C 605 1.41 -36.76 3.98
C GLU C 605 2.20 -37.48 5.06
N ALA C 606 1.60 -37.53 6.24
CA ALA C 606 2.08 -38.28 7.39
C ALA C 606 1.55 -39.67 7.08
N ALA C 607 2.39 -40.41 6.40
CA ALA C 607 2.09 -41.74 5.89
C ALA C 607 3.22 -42.66 6.27
N LEU C 608 2.88 -43.92 6.51
CA LEU C 608 3.99 -44.84 6.58
C LEU C 608 4.55 -44.88 5.17
N SER C 609 5.85 -45.10 5.05
CA SER C 609 6.35 -45.20 3.69
C SER C 609 7.70 -45.87 3.65
N LEU C 610 7.93 -46.47 2.49
CA LEU C 610 9.23 -47.02 2.11
C LEU C 610 9.53 -46.45 0.75
N GLU C 611 10.63 -45.75 0.63
CA GLU C 611 11.11 -45.26 -0.65
C GLU C 611 12.46 -45.93 -0.86
N VAL C 612 12.50 -46.90 -1.76
CA VAL C 612 13.63 -47.80 -1.91
C VAL C 612 14.27 -47.67 -3.29
N THR C 613 15.60 -47.65 -3.29
CA THR C 613 16.41 -47.72 -4.51
C THR C 613 17.40 -48.86 -4.30
N PRO C 614 16.97 -50.08 -4.59
CA PRO C 614 17.83 -51.27 -4.41
C PRO C 614 18.83 -51.47 -5.54
N GLN C 615 20.07 -51.80 -5.17
CA GLN C 615 21.08 -52.24 -6.14
C GLN C 615 21.38 -53.70 -5.87
N ILE C 616 21.18 -54.54 -6.88
CA ILE C 616 21.25 -55.98 -6.73
C ILE C 616 22.64 -56.50 -7.04
N THR C 617 23.25 -57.16 -6.09
CA THR C 617 24.55 -57.76 -6.24
C THR C 617 24.42 -59.28 -6.28
N PRO C 618 25.41 -59.98 -6.90
CA PRO C 618 25.14 -61.36 -7.36
C PRO C 618 24.64 -62.31 -6.31
N ASP C 619 25.16 -62.23 -5.09
CA ASP C 619 24.78 -63.25 -4.14
C ASP C 619 23.43 -62.87 -3.56
N ASN C 620 22.47 -62.55 -4.42
CA ASN C 620 21.13 -62.28 -3.95
C ASN C 620 21.21 -61.26 -2.82
N ARG C 621 21.91 -60.17 -3.09
CA ARG C 621 22.01 -59.14 -2.06
C ARG C 621 21.64 -57.82 -2.70
N ILE C 622 21.31 -56.86 -1.85
CA ILE C 622 21.03 -55.51 -2.27
C ILE C 622 21.68 -54.49 -1.36
N ILE C 623 22.34 -53.51 -1.96
CA ILE C 623 22.69 -52.29 -1.26
C ILE C 623 21.57 -51.33 -1.67
N VAL C 624 20.76 -50.90 -0.74
CA VAL C 624 19.59 -50.10 -1.09
C VAL C 624 19.65 -48.78 -0.35
N GLU C 625 19.33 -47.71 -1.05
CA GLU C 625 19.07 -46.43 -0.39
C GLU C 625 17.59 -46.43 -0.07
N VAL C 626 17.27 -46.51 1.20
CA VAL C 626 15.89 -46.60 1.66
C VAL C 626 15.57 -45.47 2.63
N LYS C 627 14.51 -44.77 2.32
CA LYS C 627 13.81 -43.88 3.22
C LYS C 627 12.69 -44.68 3.88
N VAL C 628 12.76 -44.86 5.19
CA VAL C 628 11.74 -45.58 5.93
C VAL C 628 11.17 -44.59 6.91
N THR C 629 9.97 -44.09 6.62
CA THR C 629 9.39 -43.05 7.45
C THR C 629 8.01 -43.39 7.98
N LYS C 630 7.81 -43.13 9.26
CA LYS C 630 6.49 -43.18 9.86
C LYS C 630 6.22 -41.80 10.40
N ASP C 631 5.09 -41.22 10.03
CA ASP C 631 4.75 -39.91 10.54
C ASP C 631 3.27 -39.89 10.84
N ALA C 632 2.84 -38.86 11.55
CA ALA C 632 1.46 -38.99 11.95
C ALA C 632 0.85 -37.65 12.30
N PRO C 633 -0.42 -37.45 11.89
CA PRO C 633 -1.11 -36.18 12.11
C PRO C 633 -1.02 -35.69 13.55
N ASP C 634 -0.85 -34.39 13.66
CA ASP C 634 -0.56 -33.73 14.92
C ASP C 634 -1.83 -33.27 15.62
N TYR C 635 -1.85 -33.42 16.94
CA TYR C 635 -2.93 -32.84 17.71
C TYR C 635 -3.07 -31.35 17.46
N GLN C 636 -1.97 -30.60 17.60
CA GLN C 636 -2.08 -29.15 17.44
C GLN C 636 -2.50 -28.80 16.02
N ASN C 637 -2.11 -29.63 15.03
CA ASN C 637 -2.59 -29.44 13.67
C ASN C 637 -4.09 -29.68 13.60
N MET C 638 -4.55 -30.79 14.18
CA MET C 638 -5.98 -31.03 14.25
C MET C 638 -6.62 -29.97 15.11
N LEU C 639 -5.83 -29.40 16.03
CA LEU C 639 -6.23 -28.29 16.88
C LEU C 639 -6.18 -26.97 16.13
N ASN C 640 -5.56 -26.95 14.96
CA ASN C 640 -5.32 -25.74 14.20
C ASN C 640 -4.55 -24.73 15.06
N GLY C 641 -3.61 -25.24 15.85
CA GLY C 641 -2.74 -24.43 16.67
C GLY C 641 -1.37 -24.45 16.03
N VAL C 642 -0.31 -24.51 16.83
CA VAL C 642 1.04 -24.69 16.30
C VAL C 642 1.31 -26.19 16.26
N PRO C 643 1.36 -26.80 15.07
CA PRO C 643 1.32 -28.28 14.94
C PRO C 643 2.64 -29.04 15.04
N PRO C 644 2.91 -29.76 16.16
CA PRO C 644 4.06 -30.67 16.13
C PRO C 644 3.65 -32.06 15.65
N ILE C 645 3.76 -32.28 14.34
CA ILE C 645 3.49 -33.58 13.74
C ILE C 645 4.53 -34.62 14.15
N ASN C 646 4.10 -35.88 14.24
CA ASN C 646 5.03 -36.92 14.70
C ASN C 646 5.88 -37.40 13.54
N LYS C 647 7.17 -37.62 13.81
CA LYS C 647 8.05 -38.13 12.77
C LYS C 647 9.05 -39.11 13.38
N ASN C 648 9.02 -40.34 12.91
CA ASN C 648 10.06 -41.35 13.12
C ASN C 648 10.59 -41.77 11.75
N GLU C 649 11.73 -41.24 11.34
CA GLU C 649 12.19 -41.53 9.99
C GLU C 649 13.66 -41.86 9.98
N VAL C 650 14.00 -42.94 9.28
CA VAL C 650 15.40 -43.29 9.03
C VAL C 650 15.65 -43.23 7.53
N ASN C 651 16.71 -42.54 7.15
CA ASN C 651 17.10 -42.42 5.75
C ASN C 651 18.53 -42.92 5.61
N ALA C 652 18.73 -43.97 4.82
CA ALA C 652 20.06 -44.56 4.79
C ALA C 652 20.16 -45.59 3.69
N LYS C 653 21.40 -45.86 3.27
CA LYS C 653 21.68 -46.89 2.30
C LYS C 653 22.44 -48.00 3.02
N ILE C 654 21.92 -49.23 2.95
CA ILE C 654 22.53 -50.36 3.64
C ILE C 654 22.51 -51.58 2.73
N LEU C 655 23.42 -52.52 3.00
CA LEU C 655 23.53 -53.75 2.24
C LEU C 655 23.06 -54.95 3.06
N VAL C 656 22.16 -55.76 2.48
CA VAL C 656 21.70 -57.01 3.08
C VAL C 656 21.53 -58.03 1.97
N ASN C 657 21.67 -59.32 2.30
CA ASN C 657 21.28 -60.20 1.22
C ASN C 657 19.77 -60.24 1.10
N ASP C 658 19.34 -60.73 -0.05
CA ASP C 658 17.91 -60.82 -0.33
C ASP C 658 17.21 -61.68 0.70
N GLY C 659 17.81 -62.79 1.07
CA GLY C 659 17.13 -63.66 1.99
C GLY C 659 17.12 -63.17 3.42
N GLU C 660 17.56 -61.94 3.66
CA GLU C 660 18.07 -61.53 4.96
C GLU C 660 17.37 -60.29 5.48
N THR C 661 17.10 -60.31 6.78
CA THR C 661 16.44 -59.23 7.48
C THR C 661 17.43 -58.63 8.45
N ILE C 662 17.53 -57.31 8.46
CA ILE C 662 18.37 -56.65 9.43
C ILE C 662 17.51 -55.59 10.09
N VAL C 663 18.00 -55.08 11.21
CA VAL C 663 17.31 -54.00 11.89
C VAL C 663 17.97 -52.74 11.36
N ILE C 664 17.23 -52.00 10.53
CA ILE C 664 17.76 -50.78 9.97
C ILE C 664 18.11 -49.84 11.11
N GLY C 665 17.25 -49.84 12.12
CA GLY C 665 17.51 -49.05 13.30
C GLY C 665 16.43 -49.32 14.32
N GLY C 666 16.60 -48.68 15.47
CA GLY C 666 15.62 -48.79 16.52
C GLY C 666 16.12 -48.07 17.75
N VAL C 667 15.19 -47.81 18.65
CA VAL C 667 15.50 -47.03 19.84
C VAL C 667 14.64 -47.48 21.00
N PHE C 668 15.26 -47.66 22.16
CA PHE C 668 14.56 -47.86 23.42
C PHE C 668 14.61 -46.60 24.25
N SER C 669 13.44 -46.14 24.69
CA SER C 669 13.30 -44.99 25.59
C SER C 669 12.95 -45.44 27.00
N ASN C 670 13.87 -45.29 27.95
CA ASN C 670 13.65 -45.70 29.33
C ASN C 670 13.41 -44.48 30.22
N GLU C 671 12.17 -44.31 30.66
CA GLU C 671 11.77 -43.20 31.51
C GLU C 671 11.65 -43.60 32.97
N GLN C 672 12.41 -42.95 33.84
CA GLN C 672 12.28 -43.16 35.27
C GLN C 672 12.01 -41.80 35.90
N SER C 673 10.80 -41.61 36.42
CA SER C 673 10.39 -40.34 37.01
C SER C 673 9.94 -40.54 38.45
N LYS C 674 10.48 -39.74 39.34
CA LYS C 674 10.08 -39.77 40.73
C LYS C 674 9.81 -38.37 41.23
N SER C 675 8.73 -38.22 41.97
CA SER C 675 8.28 -36.95 42.53
C SER C 675 7.79 -37.26 43.94
N VAL C 676 8.41 -36.66 44.95
CA VAL C 676 7.97 -36.89 46.31
C VAL C 676 7.72 -35.55 46.97
N GLU C 677 6.56 -35.41 47.57
CA GLU C 677 6.11 -34.21 48.25
C GLU C 677 5.81 -34.53 49.69
N LYS C 678 6.46 -33.83 50.61
CA LYS C 678 6.32 -34.26 51.99
C LYS C 678 6.44 -33.08 52.94
N VAL C 679 5.44 -32.93 53.79
CA VAL C 679 5.68 -32.12 54.97
C VAL C 679 6.88 -32.72 55.69
N PRO C 680 7.92 -31.93 55.92
CA PRO C 680 9.16 -32.49 56.48
C PRO C 680 8.94 -33.07 57.86
N PHE C 681 8.26 -32.33 58.75
CA PHE C 681 8.13 -32.78 60.13
C PHE C 681 7.31 -34.05 60.22
N LEU C 682 6.14 -34.07 59.58
CA LEU C 682 5.33 -35.28 59.62
C LEU C 682 5.96 -36.36 58.76
N GLY C 683 6.58 -35.98 57.63
CA GLY C 683 7.25 -36.97 56.81
C GLY C 683 8.30 -37.70 57.62
N GLU C 684 8.94 -36.98 58.54
CA GLU C 684 9.96 -37.55 59.41
C GLU C 684 9.39 -38.68 60.24
N LEU C 685 8.14 -38.54 60.67
CA LEU C 685 7.54 -39.53 61.53
C LEU C 685 7.53 -40.88 60.81
N PRO C 686 7.99 -41.94 61.45
CA PRO C 686 8.06 -43.24 60.76
C PRO C 686 6.69 -43.79 60.40
N TYR C 687 5.72 -43.65 61.28
CA TYR C 687 4.41 -44.24 61.05
C TYR C 687 3.51 -43.32 60.25
N LEU C 688 3.84 -42.04 60.21
CA LEU C 688 3.01 -41.04 59.55
C LEU C 688 3.68 -40.43 58.34
N GLY C 689 4.97 -40.67 58.12
CA GLY C 689 5.60 -40.08 56.95
C GLY C 689 4.99 -40.63 55.68
N ARG C 690 4.74 -41.93 55.64
CA ARG C 690 4.06 -42.51 54.48
C ARG C 690 2.72 -41.84 54.32
N LEU C 691 2.09 -41.49 55.43
CA LEU C 691 0.82 -40.79 55.49
C LEU C 691 1.00 -39.30 55.29
N PHE C 692 2.25 -38.84 55.14
CA PHE C 692 2.52 -37.43 54.88
C PHE C 692 3.65 -37.25 53.87
N ARG C 693 4.00 -38.30 53.14
CA ARG C 693 4.93 -38.26 52.02
C ARG C 693 4.17 -38.79 50.80
N ARG C 694 4.06 -37.93 49.80
CA ARG C 694 3.34 -38.21 48.57
C ARG C 694 4.30 -38.58 47.45
N ASP C 695 4.30 -39.85 47.07
CA ASP C 695 5.22 -40.34 46.07
C ASP C 695 4.47 -40.59 44.78
N THR C 696 4.99 -40.03 43.70
CA THR C 696 4.55 -40.30 42.35
C THR C 696 5.76 -40.77 41.56
N VAL C 697 5.71 -42.01 41.10
CA VAL C 697 6.77 -42.57 40.29
C VAL C 697 6.14 -43.07 39.01
N THR C 698 6.66 -42.61 37.88
CA THR C 698 6.19 -43.06 36.59
C THR C 698 7.34 -43.52 35.74
N ASP C 699 7.21 -44.71 35.19
CA ASP C 699 8.14 -45.26 34.21
C ASP C 699 7.34 -45.56 32.97
N ARG C 700 7.59 -44.83 31.90
CA ARG C 700 6.93 -45.11 30.63
C ARG C 700 8.06 -45.35 29.66
N LYS C 701 8.12 -46.55 29.11
CA LYS C 701 9.20 -46.88 28.19
C LYS C 701 8.68 -47.50 26.91
N ASN C 702 8.94 -46.80 25.81
CA ASN C 702 8.56 -47.24 24.48
C ASN C 702 9.82 -47.46 23.66
N GLU C 703 9.87 -48.60 23.00
CA GLU C 703 10.97 -48.94 22.13
C GLU C 703 10.39 -49.13 20.73
N LEU C 704 11.08 -48.57 19.74
CA LEU C 704 10.70 -48.71 18.34
C LEU C 704 11.85 -49.32 17.57
N LEU C 705 11.55 -50.31 16.73
CA LEU C 705 12.56 -50.98 15.91
C LEU C 705 12.04 -51.20 14.50
N VAL C 706 12.91 -51.03 13.52
CA VAL C 706 12.58 -51.26 12.11
C VAL C 706 13.42 -52.40 11.56
N PHE C 707 12.78 -53.46 11.09
CA PHE C 707 13.45 -54.50 10.32
C PHE C 707 13.38 -54.18 8.84
N LEU C 708 14.07 -54.98 8.02
CA LEU C 708 13.89 -54.98 6.58
C LEU C 708 14.44 -56.27 5.98
N THR C 709 13.71 -56.81 4.99
CA THR C 709 14.17 -57.92 4.16
C THR C 709 13.82 -57.70 2.68
N PRO C 710 14.80 -57.73 1.78
CA PRO C 710 14.46 -57.54 0.37
C PRO C 710 14.43 -58.89 -0.36
N ARG C 711 13.35 -59.24 -1.02
CA ARG C 711 13.28 -60.49 -1.76
C ARG C 711 13.34 -60.15 -3.23
N ILE C 712 14.46 -60.48 -3.88
CA ILE C 712 14.63 -60.08 -5.26
C ILE C 712 13.53 -60.68 -6.12
N MET C 713 12.87 -59.82 -6.88
CA MET C 713 11.83 -60.22 -7.82
C MET C 713 12.45 -60.55 -9.17
N ASN C 714 13.76 -60.30 -9.33
CA ASN C 714 14.46 -60.83 -10.49
C ASN C 714 14.35 -62.33 -10.55
N ASN C 715 14.24 -62.99 -9.39
CA ASN C 715 14.11 -64.44 -9.40
C ASN C 715 12.93 -64.80 -10.27
N GLN C 716 11.96 -63.89 -10.30
CA GLN C 716 10.77 -63.96 -11.13
C GLN C 716 10.91 -63.03 -12.32
N ALA C 717 11.60 -61.90 -12.15
CA ALA C 717 11.74 -60.91 -13.22
C ALA C 717 12.70 -61.38 -14.28
N ILE C 718 13.70 -62.20 -13.92
CA ILE C 718 14.58 -62.73 -14.96
C ILE C 718 13.78 -63.77 -15.73
N ALA C 719 12.97 -64.55 -15.01
CA ALA C 719 12.07 -65.53 -15.60
C ALA C 719 10.88 -64.81 -16.23
N ILE C 720 10.70 -63.54 -15.87
CA ILE C 720 9.80 -62.63 -16.56
C ILE C 720 10.57 -61.63 -17.40
N LEU D 385 45.36 -56.03 -28.76
CA LEU D 385 44.36 -55.80 -27.71
C LEU D 385 43.49 -57.03 -27.49
N ARG D 386 43.11 -57.22 -26.23
CA ARG D 386 42.34 -58.34 -25.77
C ARG D 386 41.06 -57.82 -25.13
N ARG D 387 39.95 -58.46 -25.44
CA ARG D 387 38.66 -58.09 -24.87
C ARG D 387 38.39 -58.91 -23.61
N GLU D 388 38.11 -58.24 -22.51
CA GLU D 388 37.71 -58.96 -21.30
C GLU D 388 36.45 -58.33 -20.73
N LEU D 389 35.49 -59.18 -20.32
CA LEU D 389 34.26 -58.75 -19.68
C LEU D 389 34.31 -59.06 -18.20
N ILE D 390 34.15 -58.03 -17.36
CA ILE D 390 34.05 -58.20 -15.92
C ILE D 390 32.77 -57.54 -15.45
N GLN D 391 31.95 -58.25 -14.69
CA GLN D 391 30.75 -57.63 -14.12
C GLN D 391 31.01 -57.35 -12.65
N VAL D 392 30.88 -56.10 -12.25
CA VAL D 392 31.06 -55.71 -10.85
C VAL D 392 29.78 -55.14 -10.25
N ASN D 393 29.13 -55.93 -9.41
CA ASN D 393 27.97 -55.41 -8.67
C ASN D 393 28.44 -54.51 -7.53
N TYR D 394 29.53 -54.91 -6.85
CA TYR D 394 30.09 -54.21 -5.69
C TYR D 394 31.12 -53.17 -6.06
N ALA D 395 31.62 -53.14 -7.29
CA ALA D 395 32.64 -52.17 -7.65
C ALA D 395 31.97 -51.11 -8.51
N LYS D 396 32.18 -49.85 -8.16
CA LYS D 396 31.64 -48.76 -8.94
C LYS D 396 32.30 -48.72 -10.31
N ALA D 397 31.47 -48.46 -11.34
CA ALA D 397 32.00 -48.41 -12.70
C ALA D 397 33.00 -47.28 -12.87
N ALA D 398 32.72 -46.13 -12.26
CA ALA D 398 33.64 -45.00 -12.30
C ALA D 398 34.99 -45.37 -11.72
N ASP D 399 34.99 -46.14 -10.63
CA ASP D 399 36.25 -46.54 -10.02
C ASP D 399 37.08 -47.37 -10.99
N ILE D 400 36.42 -48.31 -11.67
CA ILE D 400 37.11 -49.15 -12.66
C ILE D 400 37.65 -48.29 -13.78
N ALA D 401 36.88 -47.29 -14.19
CA ALA D 401 37.33 -46.39 -15.23
C ALA D 401 38.58 -45.65 -14.77
N LYS D 402 38.60 -45.22 -13.51
CA LYS D 402 39.77 -44.54 -12.96
C LYS D 402 40.97 -45.47 -12.96
N LEU D 403 40.73 -46.74 -12.66
CA LEU D 403 41.81 -47.71 -12.67
C LEU D 403 42.42 -47.81 -14.05
N PHE D 404 41.56 -47.88 -15.08
CA PHE D 404 42.08 -47.91 -16.45
C PHE D 404 42.76 -46.62 -16.84
N GLN D 405 42.23 -45.49 -16.39
CA GLN D 405 42.84 -44.19 -16.70
C GLN D 405 44.25 -44.10 -16.12
N SER D 406 44.41 -44.54 -14.88
CA SER D 406 45.75 -44.59 -14.32
C SER D 406 46.61 -45.57 -15.08
N VAL D 407 46.01 -46.68 -15.52
CA VAL D 407 46.74 -47.66 -16.30
C VAL D 407 47.27 -47.01 -17.57
N THR D 408 46.46 -46.16 -18.20
CA THR D 408 46.91 -45.40 -19.36
C THR D 408 48.04 -44.45 -18.96
N SER D 409 47.94 -43.87 -17.77
CA SER D 409 49.03 -43.01 -17.28
C SER D 409 50.33 -43.79 -17.20
N ASP D 410 50.23 -45.09 -16.87
CA ASP D 410 51.42 -45.93 -16.88
C ASP D 410 52.08 -45.91 -18.26
N GLY D 411 51.28 -46.03 -19.31
CA GLY D 411 51.80 -46.11 -20.66
C GLY D 411 51.20 -45.08 -21.60
N GLY D 421 43.09 -49.85 -26.35
CA GLY D 421 42.53 -48.86 -25.46
C GLY D 421 41.09 -48.56 -25.78
N SER D 422 40.28 -49.62 -25.78
CA SER D 422 38.86 -49.54 -26.03
C SER D 422 38.13 -49.92 -24.75
N ILE D 423 37.20 -49.07 -24.33
CA ILE D 423 36.44 -49.30 -23.11
C ILE D 423 34.94 -49.32 -23.39
N THR D 424 34.25 -50.31 -22.82
CA THR D 424 32.80 -50.43 -22.91
C THR D 424 32.28 -50.51 -21.49
N VAL D 425 31.28 -49.70 -21.15
CA VAL D 425 30.74 -49.68 -19.80
C VAL D 425 29.27 -50.09 -19.88
N ASP D 426 28.88 -51.07 -19.06
CA ASP D 426 27.52 -51.56 -18.98
C ASP D 426 26.91 -51.10 -17.67
N ASP D 427 25.97 -50.16 -17.75
CA ASP D 427 25.32 -49.64 -16.56
C ASP D 427 24.41 -50.68 -15.90
N ARG D 428 23.65 -51.44 -16.70
CA ARG D 428 22.65 -52.35 -16.14
C ARG D 428 23.28 -53.42 -15.27
N THR D 429 24.31 -54.07 -15.77
CA THR D 429 25.03 -55.08 -15.02
C THR D 429 26.23 -54.49 -14.31
N ASN D 430 26.52 -53.22 -14.58
CA ASN D 430 27.72 -52.57 -14.07
C ASN D 430 28.95 -53.37 -14.50
N SER D 431 28.94 -53.83 -15.75
CA SER D 431 29.97 -54.71 -16.27
C SER D 431 30.76 -53.95 -17.33
N ILE D 432 32.06 -53.96 -17.17
CA ILE D 432 32.95 -53.23 -18.06
C ILE D 432 33.66 -54.27 -18.91
N ILE D 433 33.53 -54.15 -20.21
CA ILE D 433 34.26 -54.99 -21.15
C ILE D 433 35.30 -54.09 -21.81
N ALA D 434 36.56 -54.46 -21.70
CA ALA D 434 37.61 -53.61 -22.23
C ALA D 434 38.43 -54.41 -23.21
N TYR D 435 38.56 -53.90 -24.41
CA TYR D 435 39.41 -54.49 -25.43
C TYR D 435 40.64 -53.58 -25.53
N GLN D 436 41.75 -54.04 -24.96
CA GLN D 436 42.95 -53.22 -24.79
C GLN D 436 44.10 -54.17 -24.49
N PRO D 437 45.37 -53.71 -24.38
CA PRO D 437 46.47 -54.67 -24.21
C PRO D 437 46.27 -55.56 -23.00
N GLN D 438 46.74 -56.80 -23.11
CA GLN D 438 46.48 -57.80 -22.09
C GLN D 438 47.03 -57.36 -20.73
N GLU D 439 48.22 -56.76 -20.72
CA GLU D 439 48.84 -56.40 -19.45
C GLU D 439 48.01 -55.36 -18.75
N ARG D 440 47.59 -54.34 -19.49
CA ARG D 440 46.74 -53.30 -18.92
C ARG D 440 45.43 -53.90 -18.46
N LEU D 441 44.90 -54.83 -19.25
CA LEU D 441 43.63 -55.46 -18.94
C LEU D 441 43.71 -56.23 -17.64
N ASP D 442 44.80 -56.97 -17.45
CA ASP D 442 45.00 -57.75 -16.23
C ASP D 442 45.16 -56.85 -15.02
N GLU D 443 45.95 -55.78 -15.17
CA GLU D 443 46.16 -54.87 -14.06
C GLU D 443 44.83 -54.27 -13.63
N LEU D 444 44.04 -53.86 -14.62
CA LEU D 444 42.76 -53.26 -14.31
C LEU D 444 41.86 -54.27 -13.64
N ARG D 445 41.91 -55.52 -14.09
CA ARG D 445 41.13 -56.58 -13.46
C ARG D 445 41.47 -56.79 -12.00
N ARG D 446 42.77 -56.79 -11.68
CA ARG D 446 43.17 -56.94 -10.28
C ARG D 446 42.62 -55.81 -9.44
N ILE D 447 42.77 -54.59 -9.94
CA ILE D 447 42.23 -53.47 -9.19
C ILE D 447 40.71 -53.60 -9.10
N VAL D 448 40.08 -54.12 -10.17
CA VAL D 448 38.64 -54.30 -10.20
C VAL D 448 38.24 -55.21 -9.05
N SER D 449 39.04 -56.26 -8.84
CA SER D 449 38.77 -57.19 -7.77
C SER D 449 38.79 -56.47 -6.45
N GLN D 450 39.78 -55.58 -6.27
CA GLN D 450 39.81 -54.82 -5.02
C GLN D 450 38.56 -53.97 -4.88
N LEU D 451 38.15 -53.31 -5.97
CA LEU D 451 37.01 -52.40 -5.95
C LEU D 451 35.69 -53.12 -5.66
N ASP D 452 35.55 -54.37 -6.11
CA ASP D 452 34.27 -55.06 -5.99
C ASP D 452 34.12 -55.51 -4.54
N ILE D 453 33.96 -54.49 -3.70
CA ILE D 453 33.79 -54.64 -2.26
C ILE D 453 32.45 -54.08 -1.78
N PRO D 454 31.76 -54.82 -0.92
CA PRO D 454 30.45 -54.39 -0.42
C PRO D 454 30.56 -53.12 0.42
N VAL D 455 29.61 -52.19 0.21
CA VAL D 455 29.57 -51.00 1.06
C VAL D 455 29.42 -51.44 2.51
N ARG D 456 30.23 -50.83 3.39
CA ARG D 456 30.31 -51.23 4.79
C ARG D 456 29.32 -50.49 5.67
N GLN D 457 28.34 -51.22 6.20
CA GLN D 457 27.39 -50.72 7.18
C GLN D 457 27.91 -50.89 8.60
N VAL D 458 27.62 -49.91 9.46
CA VAL D 458 27.87 -50.01 10.90
C VAL D 458 26.62 -49.61 11.65
N MET D 459 26.29 -50.37 12.69
CA MET D 459 25.19 -50.08 13.60
C MET D 459 25.71 -49.24 14.75
N ILE D 460 25.23 -48.02 14.88
CA ILE D 460 25.70 -47.09 15.88
C ILE D 460 24.65 -47.01 16.96
N GLU D 461 25.04 -47.27 18.20
CA GLU D 461 24.12 -47.24 19.33
C GLU D 461 24.73 -46.25 20.30
N ALA D 462 24.15 -45.06 20.36
CA ALA D 462 24.57 -44.04 21.31
C ALA D 462 23.40 -43.84 22.26
N ARG D 463 23.67 -44.00 23.54
CA ARG D 463 22.60 -43.96 24.52
C ARG D 463 22.71 -42.76 25.44
N ILE D 464 21.58 -42.15 25.72
CA ILE D 464 21.51 -40.97 26.56
C ILE D 464 20.95 -41.40 27.91
N VAL D 465 21.67 -41.08 28.98
CA VAL D 465 21.26 -41.37 30.34
C VAL D 465 21.14 -40.05 31.08
N GLU D 466 19.94 -39.73 31.53
CA GLU D 466 19.71 -38.53 32.33
C GLU D 466 19.15 -38.87 33.70
N ALA D 467 19.81 -38.41 34.75
CA ALA D 467 19.31 -38.59 36.10
C ALA D 467 19.20 -37.24 36.78
N ASN D 468 18.02 -36.91 37.30
CA ASN D 468 17.80 -35.67 38.04
C ASN D 468 17.26 -35.99 39.41
N VAL D 469 17.95 -35.55 40.45
CA VAL D 469 17.52 -35.72 41.82
C VAL D 469 17.29 -34.35 42.43
N GLY D 470 16.08 -34.12 42.92
CA GLY D 470 15.73 -32.86 43.51
C GLY D 470 15.13 -32.78 44.90
N TYR D 471 15.76 -32.00 45.77
CA TYR D 471 15.26 -31.70 47.12
C TYR D 471 15.02 -30.22 47.33
N ASP D 472 13.79 -29.84 47.67
CA ASP D 472 13.49 -28.44 47.99
C ASP D 472 12.76 -28.38 49.32
N LYS D 473 13.27 -27.60 50.27
CA LYS D 473 12.56 -27.37 51.52
C LYS D 473 12.38 -25.88 51.80
N SER D 474 11.17 -25.49 52.18
CA SER D 474 10.88 -24.12 52.55
C SER D 474 10.15 -24.14 53.88
N LEU D 475 10.58 -23.32 54.83
CA LEU D 475 9.94 -23.27 56.13
C LEU D 475 9.50 -21.84 56.44
N GLY D 476 8.20 -21.66 56.62
CA GLY D 476 7.56 -20.46 57.15
C GLY D 476 7.17 -20.57 58.61
N VAL D 477 7.82 -19.81 59.49
CA VAL D 477 7.59 -19.94 60.93
C VAL D 477 6.83 -18.70 61.42
N ARG D 478 5.71 -18.92 62.11
CA ARG D 478 4.62 -17.95 62.20
C ARG D 478 4.08 -17.90 63.62
N TRP D 479 4.16 -16.70 64.22
CA TRP D 479 3.66 -16.43 65.58
C TRP D 479 2.68 -15.26 65.58
N GLY D 480 1.38 -15.54 65.49
CA GLY D 480 0.46 -14.42 65.51
C GLY D 480 -0.54 -14.39 66.66
N GLY D 481 -0.46 -13.34 67.45
CA GLY D 481 -1.41 -13.03 68.51
C GLY D 481 -1.87 -11.59 68.33
N ALA D 482 -3.16 -11.34 68.17
CA ALA D 482 -3.61 -9.96 68.08
C ALA D 482 -4.02 -9.35 69.42
N TYR D 483 -4.11 -10.15 70.49
CA TYR D 483 -4.56 -9.59 71.76
C TYR D 483 -3.56 -8.55 72.25
N HIS D 484 -2.27 -8.89 72.18
CA HIS D 484 -1.22 -7.97 72.59
C HIS D 484 -0.52 -7.40 71.37
N LYS D 485 -1.18 -7.48 70.22
CA LYS D 485 -0.68 -6.99 68.95
C LYS D 485 0.74 -7.49 68.66
N GLY D 486 1.01 -8.75 68.99
CA GLY D 486 2.29 -9.32 68.64
C GLY D 486 2.23 -10.38 67.57
N ASN D 487 2.72 -10.07 66.37
CA ASN D 487 2.58 -11.03 65.28
C ASN D 487 3.74 -10.90 64.29
N TRP D 488 4.53 -11.96 64.22
CA TRP D 488 5.62 -12.12 63.28
C TRP D 488 5.30 -13.21 62.27
N SER D 489 5.43 -12.88 60.99
CA SER D 489 5.03 -13.77 59.92
C SER D 489 6.12 -14.70 59.42
N GLY D 490 5.72 -15.94 59.13
CA GLY D 490 6.63 -16.88 58.55
C GLY D 490 6.87 -16.47 57.12
N TYR D 491 7.67 -17.25 56.42
CA TYR D 491 7.92 -16.91 55.03
C TYR D 491 7.84 -18.13 54.12
N GLY D 492 8.60 -19.18 54.44
CA GLY D 492 8.61 -20.35 53.57
C GLY D 492 7.19 -20.78 53.26
N LYS D 493 6.35 -20.86 54.29
CA LYS D 493 4.91 -20.98 54.14
C LYS D 493 4.27 -19.88 55.03
N ASP D 494 4.43 -18.63 54.58
CA ASP D 494 4.18 -17.42 55.37
C ASP D 494 2.92 -17.49 56.21
N GLY D 495 3.05 -17.11 57.48
CA GLY D 495 1.90 -17.03 58.36
C GLY D 495 2.02 -15.95 59.41
N ASN D 496 0.97 -15.15 59.64
CA ASN D 496 1.05 -14.09 60.64
C ASN D 496 -0.37 -13.92 61.18
N ILE D 497 -0.63 -14.57 62.31
CA ILE D 497 -2.00 -14.78 62.71
C ILE D 497 -2.69 -13.47 63.09
N GLY D 498 -1.94 -12.40 63.33
CA GLY D 498 -2.60 -11.13 63.63
C GLY D 498 -3.39 -10.57 62.45
N ILE D 499 -2.81 -10.66 61.24
CA ILE D 499 -3.51 -10.13 60.07
C ILE D 499 -4.86 -10.80 59.88
N LYS D 500 -4.92 -12.12 60.08
CA LYS D 500 -6.20 -12.80 59.96
C LYS D 500 -6.92 -12.86 61.30
N ASP D 501 -6.31 -12.32 62.35
CA ASP D 501 -7.04 -11.94 63.54
C ASP D 501 -7.87 -10.70 63.27
N GLU D 502 -7.49 -9.96 62.23
CA GLU D 502 -8.34 -8.88 61.77
C GLU D 502 -9.56 -9.46 61.06
N ASP D 503 -9.33 -10.50 60.28
CA ASP D 503 -10.38 -11.30 59.67
C ASP D 503 -11.28 -11.91 60.74
N PRO D 527 -11.55 -19.69 63.78
CA PRO D 527 -10.43 -20.62 63.93
C PRO D 527 -10.66 -21.97 63.23
N PHE D 528 -11.83 -22.59 63.41
CA PHE D 528 -12.06 -23.88 62.77
C PHE D 528 -12.12 -23.74 61.25
N VAL D 529 -12.65 -22.64 60.74
CA VAL D 529 -12.78 -22.47 59.29
C VAL D 529 -11.56 -21.76 58.70
N ASP D 530 -11.16 -20.61 59.29
CA ASP D 530 -10.08 -19.82 58.71
C ASP D 530 -8.76 -20.57 58.79
N LEU D 531 -8.45 -21.15 59.95
CA LEU D 531 -7.20 -21.91 60.06
C LEU D 531 -7.23 -23.16 59.19
N GLY D 532 -8.35 -23.88 59.14
CA GLY D 532 -8.40 -25.07 58.30
C GLY D 532 -7.89 -24.81 56.89
N ALA D 533 -8.47 -23.78 56.24
CA ALA D 533 -8.04 -23.42 54.90
C ALA D 533 -6.63 -22.87 54.92
N LYS D 534 -6.36 -21.92 55.82
CA LYS D 534 -5.05 -21.31 55.89
C LYS D 534 -3.99 -22.41 55.97
N ASP D 535 -4.24 -23.42 56.80
CA ASP D 535 -3.30 -24.47 57.13
C ASP D 535 -3.47 -25.65 56.19
N ALA D 536 -4.23 -25.49 55.11
CA ALA D 536 -4.42 -26.59 54.18
C ALA D 536 -3.08 -27.08 53.65
N THR D 537 -2.13 -26.16 53.51
CA THR D 537 -0.85 -26.40 52.85
C THR D 537 -0.12 -27.61 53.44
N SER D 538 0.55 -28.36 52.54
CA SER D 538 1.34 -29.55 52.81
C SER D 538 1.83 -29.65 54.24
N GLY D 539 2.66 -28.70 54.62
CA GLY D 539 3.27 -28.78 55.93
C GLY D 539 2.89 -27.61 56.79
N ILE D 540 1.98 -27.85 57.72
CA ILE D 540 1.58 -26.86 58.71
C ILE D 540 1.55 -27.51 60.08
N GLY D 541 2.25 -26.92 61.04
CA GLY D 541 2.15 -27.40 62.40
C GLY D 541 1.40 -26.34 63.17
N ILE D 542 0.17 -26.62 63.59
CA ILE D 542 -0.69 -25.63 64.22
C ILE D 542 -0.70 -25.82 65.73
N GLY D 543 -0.39 -24.75 66.46
CA GLY D 543 -0.71 -24.62 67.86
C GLY D 543 -1.75 -23.54 67.95
N PHE D 544 -2.91 -23.81 68.52
CA PHE D 544 -3.92 -22.78 68.64
C PHE D 544 -4.39 -22.67 70.07
N ILE D 545 -4.52 -21.44 70.55
CA ILE D 545 -5.36 -21.19 71.72
C ILE D 545 -6.51 -20.36 71.18
N THR D 546 -7.72 -20.69 71.62
CA THR D 546 -8.87 -19.86 71.28
C THR D 546 -9.70 -19.50 72.49
N ASP D 547 -9.74 -20.41 73.46
CA ASP D 547 -10.67 -20.26 74.57
C ASP D 547 -10.33 -19.04 75.43
N ASN D 548 -9.07 -18.96 75.89
CA ASN D 548 -8.64 -17.78 76.64
C ASN D 548 -8.48 -16.59 75.72
N ILE D 549 -7.72 -16.82 74.63
CA ILE D 549 -7.41 -15.83 73.62
C ILE D 549 -7.15 -16.68 72.39
N ILE D 550 -7.30 -16.09 71.21
CA ILE D 550 -6.93 -16.79 70.01
C ILE D 550 -5.53 -16.32 69.63
N LEU D 551 -4.57 -17.21 69.86
CA LEU D 551 -3.15 -17.00 69.61
C LEU D 551 -2.69 -18.24 68.86
N ASP D 552 -2.38 -18.06 67.58
CA ASP D 552 -2.03 -19.16 66.69
C ASP D 552 -0.55 -19.13 66.35
N LEU D 553 0.12 -20.25 66.59
CA LEU D 553 1.56 -20.38 66.39
C LEU D 553 1.85 -21.64 65.57
N GLN D 554 2.24 -21.45 64.32
CA GLN D 554 2.40 -22.55 63.38
C GLN D 554 3.79 -22.54 62.75
N LEU D 555 4.34 -23.74 62.57
CA LEU D 555 5.60 -23.90 61.86
C LEU D 555 5.19 -24.66 60.60
N SER D 556 5.30 -24.01 59.46
CA SER D 556 4.80 -24.59 58.22
C SER D 556 5.96 -24.87 57.28
N ALA D 557 6.24 -26.14 57.05
CA ALA D 557 7.44 -26.59 56.34
C ALA D 557 7.11 -27.58 55.24
N MET D 558 7.81 -27.46 54.12
CA MET D 558 7.63 -28.32 52.96
C MET D 558 8.97 -28.87 52.51
N GLU D 559 9.00 -30.18 52.27
CA GLU D 559 10.14 -30.85 51.66
C GLU D 559 9.60 -31.63 50.47
N LYS D 560 10.14 -31.36 49.30
CA LYS D 560 9.70 -31.98 48.07
C LYS D 560 10.90 -32.66 47.45
N THR D 561 10.76 -33.92 47.04
CA THR D 561 11.84 -34.59 46.35
C THR D 561 11.34 -35.23 45.05
N GLY D 562 11.97 -34.86 43.95
CA GLY D 562 11.66 -35.45 42.66
C GLY D 562 12.86 -35.92 41.88
N ASN D 563 12.90 -37.19 41.46
CA ASN D 563 13.98 -37.67 40.62
C ASN D 563 13.43 -38.24 39.32
N GLY D 564 13.91 -37.71 38.21
CA GLY D 564 13.51 -38.26 36.93
C GLY D 564 14.74 -38.69 36.17
N GLU D 565 14.78 -39.96 35.77
CA GLU D 565 15.87 -40.47 34.96
C GLU D 565 15.31 -41.08 33.69
N ILE D 566 15.81 -40.63 32.55
CA ILE D 566 15.40 -41.17 31.27
C ILE D 566 16.63 -41.68 30.54
N VAL D 567 16.59 -42.94 30.13
CA VAL D 567 17.70 -43.57 29.43
C VAL D 567 17.17 -44.10 28.10
N SER D 568 17.59 -43.49 27.00
CA SER D 568 17.14 -43.86 25.68
C SER D 568 18.30 -44.23 24.77
N GLN D 569 18.21 -45.37 24.10
CA GLN D 569 19.28 -45.77 23.18
C GLN D 569 18.76 -46.13 21.79
N PRO D 570 19.06 -45.31 20.81
CA PRO D 570 18.78 -45.60 19.40
C PRO D 570 19.94 -46.22 18.64
N LYS D 571 19.65 -47.27 17.88
CA LYS D 571 20.64 -48.00 17.09
C LYS D 571 20.36 -47.77 15.60
N VAL D 572 21.37 -47.35 14.85
CA VAL D 572 21.24 -47.02 13.42
C VAL D 572 22.21 -47.83 12.57
N VAL D 573 21.73 -48.41 11.47
CA VAL D 573 22.61 -49.11 10.52
C VAL D 573 22.92 -48.16 9.36
N THR D 574 24.21 -47.88 9.17
CA THR D 574 24.68 -46.88 8.20
C THR D 574 25.74 -47.42 7.25
N SER D 575 25.71 -46.97 6.01
CA SER D 575 26.82 -47.30 5.13
C SER D 575 28.10 -46.63 5.67
N ASP D 576 29.24 -47.04 5.14
CA ASP D 576 30.53 -46.53 5.61
C ASP D 576 30.81 -45.20 4.94
N LYS D 577 31.14 -44.18 5.74
CA LYS D 577 31.44 -42.82 5.25
C LYS D 577 30.17 -42.15 4.75
N GLU D 578 29.01 -42.72 5.04
CA GLU D 578 27.73 -42.19 4.61
C GLU D 578 26.96 -41.82 5.86
N THR D 579 26.00 -40.93 5.72
CA THR D 579 25.12 -40.59 6.82
C THR D 579 23.86 -41.42 6.85
N ALA D 580 23.48 -41.80 8.06
CA ALA D 580 22.19 -42.42 8.34
C ALA D 580 21.67 -41.77 9.60
N LYS D 581 20.35 -41.77 9.74
CA LYS D 581 19.74 -40.97 10.78
C LYS D 581 18.55 -41.69 11.37
N ILE D 582 18.52 -41.76 12.69
CA ILE D 582 17.35 -42.25 13.41
C ILE D 582 16.78 -41.03 14.10
N LEU D 583 15.49 -40.81 13.94
CA LEU D 583 14.83 -39.67 14.55
C LEU D 583 13.50 -40.10 15.13
N LYS D 584 13.36 -39.94 16.44
CA LYS D 584 12.21 -40.40 17.21
C LYS D 584 11.59 -39.19 17.90
N GLY D 585 10.73 -38.48 17.21
CA GLY D 585 10.19 -37.25 17.78
C GLY D 585 8.93 -36.72 17.17
N SER D 586 8.80 -35.39 17.22
CA SER D 586 7.59 -34.69 16.83
C SER D 586 8.02 -33.30 16.40
N GLU D 587 7.31 -32.69 15.46
CA GLU D 587 7.89 -31.53 14.79
C GLU D 587 7.25 -30.22 15.23
N VAL D 588 7.91 -29.58 16.19
CA VAL D 588 7.52 -28.31 16.76
C VAL D 588 7.64 -27.20 15.72
N PRO D 589 6.51 -26.68 15.30
CA PRO D 589 6.44 -25.62 14.29
C PRO D 589 6.38 -24.23 14.91
N TYR D 590 6.41 -23.24 14.04
CA TYR D 590 6.06 -21.87 14.39
C TYR D 590 5.32 -21.35 13.17
N GLN D 591 4.07 -20.95 13.36
CA GLN D 591 3.23 -20.49 12.25
C GLN D 591 3.13 -18.97 12.37
N GLU D 592 4.00 -18.26 11.68
CA GLU D 592 3.88 -16.81 11.54
C GLU D 592 3.29 -16.54 10.16
N ALA D 593 2.01 -16.24 10.10
CA ALA D 593 1.35 -16.05 8.80
C ALA D 593 1.17 -14.57 8.51
N SER D 594 2.16 -13.97 7.87
CA SER D 594 2.36 -12.53 7.86
C SER D 594 1.95 -12.17 6.45
N SER D 595 0.73 -11.66 6.35
CA SER D 595 -0.01 -11.48 5.10
C SER D 595 0.84 -11.02 3.94
N SER D 596 1.59 -9.94 4.13
CA SER D 596 2.30 -9.33 3.01
C SER D 596 3.59 -10.09 2.69
N GLY D 597 3.38 -11.30 2.17
CA GLY D 597 4.42 -12.07 1.53
C GLY D 597 5.25 -13.00 2.38
N ALA D 598 5.11 -13.02 3.70
CA ALA D 598 5.88 -14.02 4.45
C ALA D 598 4.95 -14.98 5.16
N THR D 599 5.07 -16.27 4.84
CA THR D 599 4.27 -17.30 5.49
C THR D 599 5.24 -18.26 6.16
N SER D 600 5.67 -17.91 7.37
CA SER D 600 6.68 -18.67 8.07
C SER D 600 5.94 -19.83 8.71
N THR D 601 5.57 -20.79 7.85
CA THR D 601 4.96 -22.01 8.34
C THR D 601 6.08 -22.97 8.74
N SER D 602 6.88 -22.47 9.66
CA SER D 602 8.09 -23.14 10.07
C SER D 602 7.75 -24.37 10.89
N PHE D 603 8.61 -25.37 10.81
CA PHE D 603 8.53 -26.50 11.71
C PHE D 603 9.90 -27.12 11.80
N LYS D 604 10.09 -27.93 12.83
CA LYS D 604 11.38 -28.54 13.15
C LYS D 604 11.06 -29.65 14.12
N GLU D 605 11.60 -30.84 13.89
CA GLU D 605 11.25 -31.95 14.73
C GLU D 605 12.19 -32.07 15.93
N ALA D 606 11.59 -31.93 17.11
CA ALA D 606 12.23 -32.13 18.39
C ALA D 606 12.10 -33.63 18.55
N ALA D 607 13.13 -34.31 18.07
CA ALA D 607 13.21 -35.74 18.01
C ALA D 607 14.53 -36.18 18.57
N LEU D 608 14.54 -37.34 19.20
CA LEU D 608 15.86 -37.87 19.48
C LEU D 608 16.44 -38.19 18.11
N SER D 609 17.75 -38.09 17.97
CA SER D 609 18.29 -38.47 16.69
C SER D 609 19.77 -38.74 16.77
N LEU D 610 20.18 -39.58 15.83
CA LEU D 610 21.58 -39.85 15.56
C LEU D 610 21.74 -39.68 14.07
N GLU D 611 22.63 -38.78 13.66
CA GLU D 611 22.99 -38.60 12.27
C GLU D 611 24.46 -38.93 12.19
N VAL D 612 24.79 -40.08 11.62
CA VAL D 612 26.12 -40.65 11.69
C VAL D 612 26.73 -40.79 10.30
N THR D 613 28.01 -40.43 10.20
CA THR D 613 28.83 -40.65 9.02
C THR D 613 30.08 -41.37 9.49
N PRO D 614 30.01 -42.69 9.61
CA PRO D 614 31.15 -43.49 10.08
C PRO D 614 32.20 -43.75 9.01
N GLN D 615 33.47 -43.62 9.38
CA GLN D 615 34.58 -44.05 8.53
C GLN D 615 35.26 -45.24 9.21
N ILE D 616 35.31 -46.36 8.51
CA ILE D 616 35.76 -47.62 9.09
C ILE D 616 37.25 -47.82 8.86
N THR D 617 38.00 -47.97 9.93
CA THR D 617 39.41 -48.22 9.88
C THR D 617 39.70 -49.67 10.30
N PRO D 618 40.84 -50.24 9.87
CA PRO D 618 40.97 -51.71 9.86
C PRO D 618 40.72 -52.38 11.18
N ASP D 619 41.17 -51.81 12.28
CA ASP D 619 41.05 -52.56 13.51
C ASP D 619 39.64 -52.37 14.04
N ASN D 620 38.65 -52.60 13.18
CA ASN D 620 37.27 -52.55 13.63
C ASN D 620 37.07 -51.25 14.39
N ARG D 621 37.44 -50.15 13.77
CA ARG D 621 37.24 -48.88 14.43
C ARG D 621 36.55 -47.96 13.44
N ILE D 622 35.95 -46.91 13.99
CA ILE D 622 35.33 -45.87 13.20
C ILE D 622 35.65 -44.49 13.72
N ILE D 623 36.04 -43.61 12.81
CA ILE D 623 36.03 -42.18 13.09
C ILE D 623 34.72 -41.72 12.48
N VAL D 624 33.78 -41.25 13.28
CA VAL D 624 32.46 -40.94 12.78
C VAL D 624 32.15 -39.49 13.09
N GLU D 625 31.56 -38.81 12.12
CA GLU D 625 30.96 -37.51 12.37
C GLU D 625 29.52 -37.80 12.77
N VAL D 626 29.20 -37.56 14.03
CA VAL D 626 27.90 -37.87 14.58
C VAL D 626 27.27 -36.63 15.18
N LYS D 627 26.06 -36.35 14.73
CA LYS D 627 25.13 -35.45 15.38
C LYS D 627 24.24 -36.27 16.31
N VAL D 628 24.33 -36.01 17.61
CA VAL D 628 23.53 -36.72 18.60
C VAL D 628 22.69 -35.65 19.26
N THR D 629 21.41 -35.60 18.91
CA THR D 629 20.55 -34.55 19.42
C THR D 629 19.30 -35.06 20.12
N LYS D 630 19.01 -34.48 21.26
CA LYS D 630 17.74 -34.69 21.93
C LYS D 630 17.10 -33.33 22.06
N ASP D 631 15.87 -33.22 21.60
CA ASP D 631 15.16 -31.95 21.71
C ASP D 631 13.74 -32.23 22.08
N ALA D 632 13.03 -31.18 22.47
CA ALA D 632 11.73 -31.54 22.98
C ALA D 632 10.76 -30.37 22.94
N PRO D 633 9.51 -30.64 22.57
CA PRO D 633 8.49 -29.60 22.45
C PRO D 633 8.41 -28.69 23.66
N ASP D 634 8.23 -27.41 23.37
CA ASP D 634 8.29 -26.35 24.34
C ASP D 634 6.94 -26.05 24.95
N TYR D 635 6.94 -25.78 26.26
CA TYR D 635 5.71 -25.30 26.89
C TYR D 635 5.19 -24.04 26.20
N GLN D 636 6.04 -23.02 26.04
CA GLN D 636 5.56 -21.78 25.45
C GLN D 636 5.08 -22.00 24.03
N ASN D 637 5.70 -22.96 23.33
CA ASN D 637 5.22 -23.34 21.99
C ASN D 637 3.85 -23.97 22.09
N MET D 638 3.69 -24.92 23.01
CA MET D 638 2.38 -25.50 23.23
C MET D 638 1.46 -24.43 23.77
N LEU D 639 2.04 -23.42 24.43
CA LEU D 639 1.34 -22.26 24.93
C LEU D 639 1.04 -21.27 23.82
N ASN D 640 1.67 -21.45 22.66
CA ASN D 640 1.59 -20.50 21.56
C ASN D 640 2.04 -19.11 22.02
N GLY D 641 3.06 -19.09 22.87
CA GLY D 641 3.67 -17.88 23.34
C GLY D 641 5.00 -17.73 22.66
N VAL D 642 6.03 -17.25 23.37
CA VAL D 642 7.38 -17.22 22.83
C VAL D 642 8.04 -18.54 23.24
N PRO D 643 8.28 -19.45 22.29
CA PRO D 643 8.65 -20.85 22.61
C PRO D 643 10.11 -21.17 22.85
N PRO D 644 10.55 -21.41 24.11
CA PRO D 644 11.89 -21.97 24.30
C PRO D 644 11.88 -23.49 24.28
N ILE D 645 12.08 -24.06 23.08
CA ILE D 645 12.19 -25.51 22.93
C ILE D 645 13.46 -26.05 23.58
N ASN D 646 13.39 -27.29 24.06
CA ASN D 646 14.54 -27.86 24.75
C ASN D 646 15.52 -28.43 23.74
N LYS D 647 16.82 -28.22 23.98
CA LYS D 647 17.83 -28.77 23.10
C LYS D 647 19.03 -29.21 23.90
N ASN D 648 19.35 -30.50 23.83
CA ASN D 648 20.61 -31.08 24.27
C ASN D 648 21.27 -31.74 23.07
N GLU D 649 22.23 -31.08 22.44
CA GLU D 649 22.78 -31.64 21.21
C GLU D 649 24.29 -31.57 21.20
N VAL D 650 24.92 -32.67 20.85
CA VAL D 650 26.36 -32.72 20.62
C VAL D 650 26.62 -33.04 19.15
N ASN D 651 27.47 -32.26 18.52
CA ASN D 651 27.84 -32.47 17.14
C ASN D 651 29.36 -32.59 17.07
N ALA D 652 29.84 -33.74 16.61
CA ALA D 652 31.29 -33.94 16.68
C ALA D 652 31.69 -35.20 15.94
N LYS D 653 32.96 -35.25 15.54
CA LYS D 653 33.54 -36.42 14.91
C LYS D 653 34.55 -37.01 15.88
N ILE D 654 34.37 -38.29 16.23
CA ILE D 654 35.26 -38.96 17.18
C ILE D 654 35.58 -40.37 16.68
N LEU D 655 36.71 -40.90 17.15
CA LEU D 655 37.16 -42.23 16.80
C LEU D 655 37.01 -43.20 17.97
N VAL D 656 36.38 -44.35 17.73
CA VAL D 656 36.26 -45.43 18.70
C VAL D 656 36.40 -46.75 17.96
N ASN D 657 36.87 -47.78 18.65
CA ASN D 657 36.76 -49.03 17.91
C ASN D 657 35.31 -49.50 17.91
N ASP D 658 35.05 -50.42 16.99
CA ASP D 658 33.71 -50.96 16.84
C ASP D 658 33.24 -51.62 18.12
N GLY D 659 34.11 -52.36 18.77
CA GLY D 659 33.66 -53.04 19.96
C GLY D 659 33.50 -52.16 21.17
N GLU D 660 33.57 -50.85 21.00
CA GLU D 660 33.93 -49.93 22.07
C GLU D 660 32.91 -48.83 22.24
N THR D 661 32.64 -48.53 23.50
CA THR D 661 31.69 -47.50 23.88
C THR D 661 32.47 -46.39 24.57
N ILE D 662 32.21 -45.15 24.17
CA ILE D 662 32.81 -44.02 24.85
C ILE D 662 31.68 -43.08 25.21
N VAL D 663 31.99 -42.15 26.09
CA VAL D 663 31.03 -41.13 26.45
C VAL D 663 31.33 -39.96 25.51
N ILE D 664 30.44 -39.74 24.57
CA ILE D 664 30.64 -38.65 23.62
C ILE D 664 30.69 -37.35 24.42
N GLY D 665 29.86 -37.26 25.43
CA GLY D 665 29.85 -36.12 26.30
C GLY D 665 28.86 -36.33 27.41
N GLY D 666 28.83 -35.35 28.31
CA GLY D 666 27.90 -35.39 29.39
C GLY D 666 28.16 -34.22 30.32
N VAL D 667 27.17 -33.94 31.15
CA VAL D 667 27.24 -32.79 32.03
C VAL D 667 26.49 -33.08 33.33
N PHE D 668 27.12 -32.71 34.44
CA PHE D 668 26.48 -32.70 35.74
C PHE D 668 26.16 -31.26 36.16
N SER D 669 24.91 -31.03 36.52
CA SER D 669 24.45 -29.74 37.02
C SER D 669 24.19 -29.81 38.53
N ASN D 670 25.02 -29.13 39.32
CA ASN D 670 24.89 -29.14 40.79
C ASN D 670 24.31 -27.82 41.28
N GLU D 671 23.07 -27.85 41.71
CA GLU D 671 22.36 -26.68 42.22
C GLU D 671 22.32 -26.63 43.73
N GLN D 672 22.85 -25.57 44.31
CA GLN D 672 22.75 -25.37 45.76
C GLN D 672 22.12 -24.00 45.97
N SER D 673 20.88 -23.98 46.48
CA SER D 673 20.14 -22.74 46.67
C SER D 673 19.73 -22.61 48.13
N LYS D 674 20.00 -21.46 48.71
CA LYS D 674 19.61 -21.16 50.07
C LYS D 674 18.96 -19.79 50.14
N SER D 675 17.85 -19.72 50.86
CA SER D 675 17.07 -18.50 51.04
C SER D 675 16.66 -18.48 52.50
N VAL D 676 17.07 -17.47 53.24
CA VAL D 676 16.68 -17.37 54.64
C VAL D 676 16.06 -16.00 54.87
N GLU D 677 14.89 -16.01 55.48
CA GLU D 677 14.12 -14.81 55.79
C GLU D 677 13.87 -14.74 57.28
N LYS D 678 14.30 -13.66 57.90
CA LYS D 678 14.26 -13.65 59.36
C LYS D 678 14.03 -12.26 59.90
N VAL D 679 13.01 -12.11 60.72
CA VAL D 679 13.00 -10.95 61.59
C VAL D 679 14.29 -10.96 62.38
N PRO D 680 15.08 -9.90 62.30
CA PRO D 680 16.41 -9.92 62.92
C PRO D 680 16.33 -10.07 64.42
N PHE D 681 15.46 -9.31 65.08
CA PHE D 681 15.43 -9.32 66.54
C PHE D 681 14.97 -10.69 67.05
N LEU D 682 13.86 -11.20 66.53
CA LEU D 682 13.41 -12.51 66.98
C LEU D 682 14.33 -13.60 66.45
N GLY D 683 14.84 -13.43 65.22
CA GLY D 683 15.77 -14.41 64.70
C GLY D 683 16.97 -14.55 65.62
N GLU D 684 17.37 -13.44 66.24
CA GLU D 684 18.48 -13.43 67.18
C GLU D 684 18.22 -14.37 68.34
N LEU D 685 16.96 -14.43 68.78
CA LEU D 685 16.62 -15.24 69.94
C LEU D 685 17.00 -16.69 69.66
N PRO D 686 17.72 -17.35 70.56
CA PRO D 686 18.15 -18.72 70.30
C PRO D 686 16.99 -19.70 70.19
N TYR D 687 15.99 -19.56 71.05
CA TYR D 687 14.90 -20.51 71.10
C TYR D 687 13.80 -20.15 70.12
N LEU D 688 13.77 -18.90 69.67
CA LEU D 688 12.73 -18.40 68.80
C LEU D 688 13.23 -18.05 67.41
N GLY D 689 14.54 -17.99 67.20
CA GLY D 689 15.02 -17.65 65.87
C GLY D 689 14.61 -18.70 64.86
N ARG D 690 14.72 -19.97 65.23
CA ARG D 690 14.25 -21.03 64.35
C ARG D 690 12.77 -20.82 64.07
N LEU D 691 12.06 -20.32 65.07
CA LEU D 691 10.64 -20.00 65.00
C LEU D 691 10.42 -18.66 64.33
N PHE D 692 11.50 -17.94 63.98
CA PHE D 692 11.38 -16.67 63.30
C PHE D 692 12.45 -16.51 62.20
N ARG D 693 13.08 -17.61 61.81
CA ARG D 693 14.00 -17.67 60.67
C ARG D 693 13.43 -18.72 59.72
N ARG D 694 13.12 -18.29 58.51
CA ARG D 694 12.52 -19.10 57.48
C ARG D 694 13.58 -19.53 56.47
N ASP D 695 13.92 -20.80 56.48
CA ASP D 695 14.97 -21.32 55.63
C ASP D 695 14.34 -22.15 54.51
N THR D 696 14.71 -21.82 53.29
CA THR D 696 14.39 -22.61 52.11
C THR D 696 15.69 -22.96 51.42
N VAL D 697 16.00 -24.24 51.36
CA VAL D 697 17.18 -24.74 50.69
C VAL D 697 16.74 -25.74 49.66
N THR D 698 17.14 -25.53 48.42
CA THR D 698 16.83 -26.47 47.36
C THR D 698 18.08 -26.84 46.61
N ASP D 699 18.30 -28.13 46.46
CA ASP D 699 19.36 -28.69 45.64
C ASP D 699 18.69 -29.56 44.60
N ARG D 700 18.76 -29.16 43.34
CA ARG D 700 18.23 -29.97 42.26
C ARG D 700 19.40 -30.20 41.33
N LYS D 701 19.80 -31.44 41.17
CA LYS D 701 20.95 -31.75 40.33
C LYS D 701 20.64 -32.84 39.32
N ASN D 702 20.73 -32.48 38.05
CA ASN D 702 20.50 -33.38 36.95
C ASN D 702 21.79 -33.51 36.15
N GLU D 703 22.17 -34.74 35.86
CA GLU D 703 23.34 -35.03 35.06
C GLU D 703 22.87 -35.78 33.83
N LEU D 704 23.39 -35.40 32.68
CA LEU D 704 23.09 -36.04 31.41
C LEU D 704 24.39 -36.54 30.79
N LEU D 705 24.38 -37.78 30.31
CA LEU D 705 25.55 -38.38 29.68
C LEU D 705 25.14 -39.15 28.43
N VAL D 706 25.95 -39.05 27.38
CA VAL D 706 25.73 -39.79 26.14
C VAL D 706 26.85 -40.79 25.90
N PHE D 707 26.53 -42.08 25.80
CA PHE D 707 27.48 -43.07 25.36
C PHE D 707 27.35 -43.26 23.85
N LEU D 708 28.25 -44.06 23.27
CA LEU D 708 28.12 -44.55 21.91
C LEU D 708 29.00 -45.78 21.70
N THR D 709 28.48 -46.76 20.96
CA THR D 709 29.22 -47.91 20.47
C THR D 709 28.87 -48.25 19.03
N PRO D 710 29.83 -48.29 18.11
CA PRO D 710 29.49 -48.66 16.73
C PRO D 710 29.84 -50.11 16.45
N ARG D 711 28.92 -50.92 15.99
CA ARG D 711 29.18 -52.32 15.66
C ARG D 711 29.19 -52.44 14.16
N ILE D 712 30.37 -52.64 13.58
CA ILE D 712 30.46 -52.65 12.13
C ILE D 712 29.58 -53.75 11.56
N MET D 713 28.73 -53.37 10.62
CA MET D 713 27.86 -54.30 9.91
C MET D 713 28.57 -54.85 8.69
N ASN D 714 29.76 -54.33 8.38
CA ASN D 714 30.62 -54.98 7.39
C ASN D 714 30.90 -56.41 7.79
N ASN D 715 30.96 -56.69 9.11
CA ASN D 715 31.22 -58.05 9.53
C ASN D 715 30.19 -58.95 8.89
N GLN D 716 29.01 -58.40 8.66
CA GLN D 716 27.91 -59.02 7.96
C GLN D 716 27.82 -58.50 6.53
N ALA D 717 28.18 -57.23 6.31
CA ALA D 717 28.07 -56.62 4.99
C ALA D 717 29.15 -57.11 4.05
N ILE D 718 30.32 -57.49 4.58
CA ILE D 718 31.34 -58.06 3.71
C ILE D 718 30.86 -59.46 3.34
N ALA D 719 30.28 -60.17 4.30
CA ALA D 719 29.69 -61.48 4.08
C ALA D 719 28.35 -61.33 3.35
N ILE D 720 27.83 -60.11 3.32
CA ILE D 720 26.74 -59.72 2.45
C ILE D 720 27.23 -58.86 1.30
N LEU E 385 59.47 -48.01 -13.44
CA LEU E 385 58.43 -47.75 -12.45
C LEU E 385 57.92 -49.03 -11.80
N ARG E 386 57.58 -48.91 -10.53
CA ARG E 386 57.14 -50.01 -9.70
C ARG E 386 55.75 -49.66 -9.17
N ARG E 387 54.86 -50.64 -9.19
CA ARG E 387 53.51 -50.48 -8.68
C ARG E 387 53.44 -50.90 -7.21
N GLU E 388 52.98 -50.03 -6.34
CA GLU E 388 52.77 -50.42 -4.97
C GLU E 388 51.37 -50.01 -4.52
N LEU E 389 50.68 -50.91 -3.81
CA LEU E 389 49.36 -50.65 -3.25
C LEU E 389 49.46 -50.46 -1.75
N ILE E 390 49.02 -49.31 -1.26
CA ILE E 390 48.93 -49.03 0.17
C ILE E 390 47.51 -48.63 0.50
N GLN E 391 46.90 -49.27 1.50
CA GLN E 391 45.58 -48.85 1.93
C GLN E 391 45.72 -48.07 3.22
N VAL E 392 45.25 -46.83 3.24
CA VAL E 392 45.28 -46.00 4.44
C VAL E 392 43.88 -45.64 4.92
N ASN E 393 43.45 -46.27 6.00
CA ASN E 393 42.19 -45.88 6.63
C ASN E 393 42.37 -44.58 7.41
N TYR E 394 43.51 -44.44 8.11
CA TYR E 394 43.83 -43.30 8.95
C TYR E 394 44.56 -42.18 8.23
N ALA E 395 45.04 -42.41 7.00
CA ALA E 395 45.77 -41.36 6.30
C ALA E 395 44.84 -40.84 5.22
N LYS E 396 44.70 -39.52 5.17
CA LYS E 396 43.90 -38.90 4.12
C LYS E 396 44.53 -39.12 2.76
N ALA E 397 43.70 -39.41 1.76
CA ALA E 397 44.22 -39.66 0.42
C ALA E 397 44.88 -38.40 -0.15
N ALA E 398 44.28 -37.24 0.10
CA ALA E 398 44.86 -35.98 -0.35
C ALA E 398 46.25 -35.78 0.23
N ASP E 399 46.43 -36.14 1.50
CA ASP E 399 47.74 -35.98 2.11
C ASP E 399 48.78 -36.82 1.39
N ILE E 400 48.43 -38.07 1.07
CA ILE E 400 49.33 -38.96 0.35
C ILE E 400 49.64 -38.37 -1.02
N ALA E 401 48.63 -37.79 -1.66
CA ALA E 401 48.85 -37.16 -2.96
C ALA E 401 49.83 -36.02 -2.83
N LYS E 402 49.71 -35.24 -1.76
CA LYS E 402 50.64 -34.13 -1.52
C LYS E 402 52.05 -34.66 -1.31
N LEU E 403 52.16 -35.79 -0.63
CA LEU E 403 53.46 -36.40 -0.42
C LEU E 403 54.10 -36.75 -1.75
N PHE E 404 53.32 -37.35 -2.64
CA PHE E 404 53.86 -37.68 -3.96
C PHE E 404 54.16 -36.43 -4.77
N GLN E 405 53.32 -35.39 -4.66
CA GLN E 405 53.58 -34.16 -5.39
C GLN E 405 54.88 -33.51 -4.95
N SER E 406 55.15 -33.48 -3.65
CA SER E 406 56.43 -33.00 -3.19
C SER E 406 57.54 -33.90 -3.68
N VAL E 407 57.27 -35.21 -3.72
CA VAL E 407 58.26 -36.16 -4.22
C VAL E 407 58.62 -35.82 -5.66
N THR E 408 57.62 -35.45 -6.46
CA THR E 408 57.86 -34.99 -7.81
C THR E 408 58.68 -33.70 -7.81
N SER E 409 58.41 -32.82 -6.84
CA SER E 409 59.20 -31.60 -6.70
C SER E 409 60.67 -31.96 -6.48
N ASP E 410 60.92 -33.06 -5.76
CA ASP E 410 62.30 -33.51 -5.60
C ASP E 410 62.95 -33.74 -6.96
N GLY E 411 62.24 -34.40 -7.87
CA GLY E 411 62.79 -34.74 -9.17
C GLY E 411 61.94 -34.25 -10.33
N GLY E 421 55.55 -42.24 -12.87
CA GLY E 421 54.73 -41.19 -12.29
C GLY E 421 53.26 -41.40 -12.58
N SER E 422 52.78 -42.59 -12.21
CA SER E 422 51.39 -42.97 -12.37
C SER E 422 50.76 -43.12 -11.00
N ILE E 423 49.63 -42.46 -10.79
CA ILE E 423 48.93 -42.49 -9.51
C ILE E 423 47.51 -43.00 -9.67
N THR E 424 47.10 -43.90 -8.78
CA THR E 424 45.75 -44.44 -8.74
C THR E 424 45.24 -44.20 -7.33
N VAL E 425 44.05 -43.63 -7.18
CA VAL E 425 43.49 -43.33 -5.86
C VAL E 425 42.21 -44.13 -5.73
N ASP E 426 42.08 -44.87 -4.62
CA ASP E 426 40.89 -45.65 -4.32
C ASP E 426 40.16 -44.99 -3.15
N ASP E 427 39.00 -44.41 -3.46
CA ASP E 427 38.20 -43.74 -2.44
C ASP E 427 37.61 -44.73 -1.44
N ARG E 428 37.10 -45.88 -1.92
CA ARG E 428 36.37 -46.80 -1.05
C ARG E 428 37.26 -47.34 0.07
N THR E 429 38.44 -47.81 -0.29
CA THR E 429 39.39 -48.31 0.69
C THR E 429 40.36 -47.24 1.10
N ASN E 430 40.31 -46.08 0.44
CA ASN E 430 41.28 -45.02 0.65
C ASN E 430 42.68 -45.55 0.40
N SER E 431 42.82 -46.36 -0.64
CA SER E 431 44.06 -47.04 -0.94
C SER E 431 44.63 -46.47 -2.22
N ILE E 432 45.90 -46.08 -2.17
CA ILE E 432 46.56 -45.46 -3.29
C ILE E 432 47.55 -46.48 -3.83
N ILE E 433 47.41 -46.80 -5.10
CA ILE E 433 48.36 -47.67 -5.79
C ILE E 433 49.13 -46.77 -6.74
N ALA E 434 50.44 -46.73 -6.62
CA ALA E 434 51.22 -45.85 -7.45
C ALA E 434 52.25 -46.67 -8.19
N TYR E 435 52.27 -46.53 -9.51
CA TYR E 435 53.27 -47.16 -10.35
C TYR E 435 54.20 -46.04 -10.80
N GLN E 436 55.37 -45.97 -10.19
CA GLN E 436 56.31 -44.86 -10.36
C GLN E 436 57.68 -45.33 -9.86
N PRO E 437 58.75 -44.54 -9.97
CA PRO E 437 60.07 -45.07 -9.60
C PRO E 437 60.09 -45.57 -8.16
N GLN E 438 60.89 -46.60 -7.93
CA GLN E 438 60.91 -47.26 -6.64
C GLN E 438 61.29 -46.30 -5.53
N GLU E 439 62.26 -45.43 -5.77
CA GLU E 439 62.74 -44.56 -4.71
C GLU E 439 61.63 -43.60 -4.29
N ARG E 440 60.96 -43.00 -5.29
CA ARG E 440 59.86 -42.11 -5.00
C ARG E 440 58.75 -42.86 -4.30
N LEU E 441 58.51 -44.10 -4.74
CA LEU E 441 57.46 -44.93 -4.17
C LEU E 441 57.72 -45.21 -2.69
N ASP E 442 58.97 -45.53 -2.37
CA ASP E 442 59.35 -45.81 -0.99
C ASP E 442 59.25 -44.57 -0.12
N GLU E 443 59.70 -43.44 -0.64
CA GLU E 443 59.63 -42.20 0.13
C GLU E 443 58.19 -41.87 0.45
N LEU E 444 57.33 -42.01 -0.56
CA LEU E 444 55.93 -41.71 -0.37
C LEU E 444 55.33 -42.66 0.64
N ARG E 445 55.72 -43.93 0.59
CA ARG E 445 55.25 -44.93 1.55
C ARG E 445 55.61 -44.57 2.98
N ARG E 446 56.85 -44.12 3.20
CA ARG E 446 57.25 -43.73 4.55
C ARG E 446 56.40 -42.58 5.05
N ILE E 447 56.21 -41.58 4.19
CA ILE E 447 55.37 -40.47 4.59
C ILE E 447 53.95 -40.97 4.82
N VAL E 448 53.50 -41.93 4.01
CA VAL E 448 52.16 -42.49 4.14
C VAL E 448 52.01 -43.08 5.52
N SER E 449 53.05 -43.76 5.98
CA SER E 449 53.03 -44.35 7.30
C SER E 449 52.83 -43.27 8.35
N GLN E 450 53.54 -42.15 8.19
CA GLN E 450 53.34 -41.06 9.13
C GLN E 450 51.89 -40.57 9.10
N LEU E 451 51.34 -40.41 7.89
CA LEU E 451 49.99 -39.89 7.70
C LEU E 451 48.93 -40.80 8.29
N ASP E 452 49.13 -42.11 8.24
CA ASP E 452 48.10 -43.06 8.65
C ASP E 452 48.04 -43.05 10.18
N ILE E 453 47.59 -41.90 10.68
CA ILE E 453 47.44 -41.64 12.11
C ILE E 453 45.99 -41.35 12.48
N PRO E 454 45.51 -41.94 13.57
CA PRO E 454 44.12 -41.74 14.00
C PRO E 454 43.86 -40.29 14.40
N VAL E 455 42.71 -39.75 14.00
CA VAL E 455 42.32 -38.42 14.45
C VAL E 455 42.27 -38.42 15.97
N ARG E 456 42.86 -37.38 16.56
CA ARG E 456 43.02 -37.28 18.01
C ARG E 456 41.84 -36.61 18.70
N GLN E 457 41.11 -37.36 19.48
CA GLN E 457 40.03 -36.86 20.32
C GLN E 457 40.55 -36.42 21.69
N VAL E 458 39.98 -35.35 22.23
CA VAL E 458 40.23 -34.93 23.60
C VAL E 458 38.90 -34.66 24.30
N MET E 459 38.77 -35.13 25.53
CA MET E 459 37.61 -34.88 26.38
C MET E 459 37.86 -33.62 27.19
N ILE E 460 37.06 -32.59 26.96
CA ILE E 460 37.23 -31.30 27.61
C ILE E 460 36.18 -31.18 28.70
N GLU E 461 36.61 -30.93 29.92
CA GLU E 461 35.69 -30.80 31.04
C GLU E 461 35.98 -29.44 31.63
N ALA E 462 35.10 -28.48 31.37
CA ALA E 462 35.20 -27.15 31.93
C ALA E 462 34.02 -26.98 32.86
N ARG E 463 34.29 -26.66 34.10
CA ARG E 463 33.23 -26.61 35.09
C ARG E 463 32.99 -25.19 35.59
N ILE E 464 31.73 -24.85 35.75
CA ILE E 464 31.32 -23.54 36.21
C ILE E 464 30.88 -23.66 37.66
N VAL E 465 31.46 -22.85 38.53
CA VAL E 465 31.11 -22.81 39.93
C VAL E 465 30.63 -21.40 40.24
N GLU E 466 29.37 -21.28 40.66
CA GLU E 466 28.81 -20.00 41.07
C GLU E 466 28.35 -20.04 42.51
N ALA E 467 28.84 -19.13 43.33
CA ALA E 467 28.37 -19.01 44.70
C ALA E 467 27.88 -17.58 44.95
N ASN E 468 26.65 -17.45 45.42
CA ASN E 468 26.09 -16.14 45.76
C ASN E 468 25.62 -16.15 47.21
N VAL E 469 26.15 -15.25 48.01
CA VAL E 469 25.74 -15.10 49.40
C VAL E 469 25.15 -13.72 49.58
N GLY E 470 23.91 -13.68 50.05
CA GLY E 470 23.22 -12.44 50.26
C GLY E 470 22.59 -12.10 51.60
N TYR E 471 22.96 -10.95 52.14
CA TYR E 471 22.38 -10.38 53.36
C TYR E 471 21.73 -9.03 53.14
N ASP E 472 20.44 -8.91 53.43
CA ASP E 472 19.76 -7.62 53.33
C ASP E 472 19.01 -7.34 54.63
N LYS E 473 19.26 -6.20 55.26
CA LYS E 473 18.50 -5.79 56.42
C LYS E 473 17.92 -4.41 56.26
N SER E 474 16.64 -4.26 56.58
CA SER E 474 15.98 -2.95 56.54
C SER E 474 15.26 -2.77 57.86
N LEU E 475 15.42 -1.60 58.48
CA LEU E 475 14.78 -1.32 59.75
C LEU E 475 13.96 -0.04 59.63
N GLY E 476 12.64 -0.16 59.84
CA GLY E 476 11.69 0.92 60.02
C GLY E 476 11.34 1.17 61.48
N VAL E 477 11.72 2.30 62.05
CA VAL E 477 11.50 2.58 63.46
C VAL E 477 10.43 3.65 63.61
N ARG E 478 9.40 3.36 64.40
CA ARG E 478 8.08 3.98 64.26
C ARG E 478 7.52 4.33 65.63
N TRP E 479 7.26 5.62 65.84
CA TRP E 479 6.68 6.15 67.08
C TRP E 479 5.42 6.96 66.80
N GLY E 480 4.24 6.34 66.88
CA GLY E 480 3.05 7.13 66.62
C GLY E 480 2.06 7.24 67.77
N GLY E 481 1.82 8.47 68.20
CA GLY E 481 0.81 8.83 69.18
C GLY E 481 -0.02 9.96 68.61
N ALA E 482 -1.33 9.80 68.46
CA ALA E 482 -2.14 10.91 68.00
C ALA E 482 -2.72 11.76 69.10
N TYR E 483 -2.62 11.34 70.37
CA TYR E 483 -3.23 12.13 71.44
C TYR E 483 -2.56 13.49 71.53
N HIS E 484 -1.23 13.52 71.48
CA HIS E 484 -0.47 14.75 71.51
C HIS E 484 0.07 15.09 70.14
N LYS E 485 -0.52 14.48 69.12
CA LYS E 485 -0.14 14.67 67.73
C LYS E 485 1.36 14.49 67.51
N GLY E 486 1.96 13.53 68.18
CA GLY E 486 3.36 13.24 67.94
C GLY E 486 3.61 11.92 67.24
N ASN E 487 4.01 11.95 65.98
CA ASN E 487 4.17 10.71 65.23
C ASN E 487 5.27 10.84 64.19
N TRP E 488 6.32 10.06 64.39
CA TRP E 488 7.43 9.92 63.46
C TRP E 488 7.43 8.52 62.85
N SER E 489 7.49 8.46 61.53
CA SER E 489 7.37 7.21 60.81
C SER E 489 8.69 6.50 60.55
N GLY E 490 8.65 5.17 60.67
CA GLY E 490 9.80 4.37 60.33
C GLY E 490 9.94 4.37 58.84
N TYR E 491 10.93 3.65 58.36
CA TYR E 491 11.11 3.60 56.91
C TYR E 491 11.39 2.19 56.42
N GLY E 492 12.40 1.53 57.00
CA GLY E 492 12.75 0.19 56.53
C GLY E 492 11.50 -0.66 56.45
N LYS E 493 10.70 -0.66 57.52
CA LYS E 493 9.35 -1.18 57.51
C LYS E 493 8.43 -0.08 58.05
N ASP E 494 8.23 0.96 57.23
CA ASP E 494 7.65 2.25 57.63
C ASP E 494 6.44 2.10 58.54
N GLY E 495 6.43 2.88 59.63
CA GLY E 495 5.29 2.92 60.52
C GLY E 495 5.08 4.27 61.19
N ASN E 496 3.86 4.77 61.22
CA ASN E 496 3.62 6.08 61.86
C ASN E 496 2.20 6.02 62.40
N ILE E 497 2.10 5.71 63.69
CA ILE E 497 0.84 5.28 64.23
C ILE E 497 -0.19 6.41 64.25
N GLY E 498 0.23 7.66 64.10
CA GLY E 498 -0.75 8.74 64.05
C GLY E 498 -1.64 8.68 62.81
N ILE E 499 -1.05 8.37 61.64
CA ILE E 499 -1.83 8.31 60.41
C ILE E 499 -2.95 7.27 60.53
N LYS E 500 -2.65 6.12 61.13
CA LYS E 500 -3.69 5.12 61.30
C LYS E 500 -4.39 5.28 62.64
N ASP E 501 -3.97 6.27 63.43
CA ASP E 501 -4.80 6.78 64.50
C ASP E 501 -5.93 7.61 63.92
N GLU E 502 -5.76 8.07 62.68
CA GLU E 502 -6.86 8.69 61.98
C GLU E 502 -7.85 7.62 61.56
N ASP E 503 -7.33 6.48 61.11
CA ASP E 503 -8.11 5.28 60.84
C ASP E 503 -8.83 4.82 62.11
N PRO E 527 -7.03 -1.42 67.37
CA PRO E 527 -5.70 -1.93 67.71
C PRO E 527 -5.54 -3.43 67.47
N PHE E 528 -6.49 -4.26 67.91
CA PHE E 528 -6.34 -5.69 67.70
C PHE E 528 -6.41 -6.05 66.22
N VAL E 529 -7.22 -5.34 65.44
CA VAL E 529 -7.36 -5.67 64.01
C VAL E 529 -6.36 -4.87 63.17
N ASP E 530 -6.31 -3.54 63.34
CA ASP E 530 -5.47 -2.71 62.50
C ASP E 530 -4.00 -3.02 62.70
N LEU E 531 -3.56 -3.11 63.95
CA LEU E 531 -2.17 -3.42 64.22
C LEU E 531 -1.83 -4.85 63.77
N GLY E 532 -2.71 -5.83 64.00
CA GLY E 532 -2.41 -7.18 63.56
C GLY E 532 -1.97 -7.24 62.11
N ALA E 533 -2.79 -6.66 61.23
CA ALA E 533 -2.46 -6.63 59.81
C ALA E 533 -1.25 -5.75 59.57
N LYS E 534 -1.26 -4.53 60.13
CA LYS E 534 -0.16 -3.60 59.93
C LYS E 534 1.14 -4.29 60.26
N ASP E 535 1.16 -5.03 61.37
CA ASP E 535 2.34 -5.64 61.94
C ASP E 535 2.53 -7.05 61.42
N ALA E 536 1.78 -7.43 60.39
CA ALA E 536 1.91 -8.78 59.85
C ALA E 536 3.35 -9.04 59.40
N THR E 537 4.01 -7.99 58.93
CA THR E 537 5.32 -8.07 58.29
C THR E 537 6.33 -8.80 59.16
N SER E 538 7.20 -9.58 58.49
CA SER E 538 8.28 -10.39 59.07
C SER E 538 8.76 -9.90 60.41
N GLY E 539 9.30 -8.69 60.44
CA GLY E 539 9.86 -8.20 61.66
C GLY E 539 9.16 -6.96 62.15
N ILE E 540 8.34 -7.14 63.17
CA ILE E 540 7.66 -6.03 63.83
C ILE E 540 7.79 -6.21 65.34
N GLY E 541 8.28 -5.19 66.02
CA GLY E 541 8.29 -5.23 67.47
C GLY E 541 7.26 -4.23 67.93
N ILE E 542 6.14 -4.69 68.50
CA ILE E 542 5.04 -3.81 68.85
C ILE E 542 5.05 -3.52 70.35
N GLY E 543 5.05 -2.25 70.70
CA GLY E 543 4.66 -1.78 72.02
C GLY E 543 3.37 -1.03 71.84
N PHE E 544 2.31 -1.42 72.54
CA PHE E 544 1.06 -0.70 72.40
C PHE E 544 0.55 -0.29 73.77
N ILE E 545 0.08 0.94 73.87
CA ILE E 545 -0.82 1.31 74.95
C ILE E 545 -2.15 1.60 74.27
N THR E 546 -3.23 1.11 74.87
CA THR E 546 -4.54 1.45 74.36
C THR E 546 -5.47 1.93 75.47
N ASP E 547 -5.28 1.40 76.67
CA ASP E 547 -6.24 1.63 77.74
C ASP E 547 -6.25 3.10 78.17
N ASN E 548 -5.09 3.65 78.50
CA ASN E 548 -5.01 5.06 78.83
C ASN E 548 -5.15 5.91 77.58
N ILE E 549 -4.35 5.57 76.57
CA ILE E 549 -4.29 6.25 75.28
C ILE E 549 -3.78 5.17 74.35
N ILE E 550 -4.07 5.30 73.07
CA ILE E 550 -3.50 4.38 72.10
C ILE E 550 -2.26 5.07 71.52
N LEU E 551 -1.11 4.57 71.93
CA LEU E 551 0.20 5.07 71.54
C LEU E 551 1.00 3.83 71.17
N ASP E 552 1.27 3.68 69.88
CA ASP E 552 1.92 2.50 69.34
C ASP E 552 3.35 2.81 68.91
N LEU E 553 4.30 2.04 69.43
CA LEU E 553 5.73 2.24 69.18
C LEU E 553 6.36 0.91 68.77
N GLN E 554 6.71 0.81 67.50
CA GLN E 554 7.19 -0.44 66.93
C GLN E 554 8.53 -0.26 66.23
N LEU E 555 9.38 -1.26 66.39
CA LEU E 555 10.65 -1.29 65.67
C LEU E 555 10.49 -2.47 64.73
N SER E 556 10.45 -2.21 63.44
CA SER E 556 10.15 -3.25 62.47
C SER E 556 11.36 -3.49 61.58
N ALA E 557 11.99 -4.65 61.73
CA ALA E 557 13.27 -4.96 61.12
C ALA E 557 13.24 -6.29 60.39
N MET E 558 13.92 -6.34 59.24
CA MET E 558 14.00 -7.53 58.40
C MET E 558 15.45 -7.83 58.05
N GLU E 559 15.84 -9.08 58.22
CA GLU E 559 17.12 -9.58 57.77
C GLU E 559 16.84 -10.80 56.91
N LYS E 560 17.32 -10.76 55.68
CA LYS E 560 17.08 -11.84 54.73
C LYS E 560 18.44 -12.32 54.26
N THR E 561 18.64 -13.64 54.26
CA THR E 561 19.89 -14.18 53.73
C THR E 561 19.61 -15.29 52.73
N GLY E 562 20.14 -15.13 51.53
CA GLY E 562 20.03 -16.15 50.50
C GLY E 562 21.33 -16.50 49.82
N ASN E 563 21.72 -17.77 49.80
CA ASN E 563 22.91 -18.19 49.07
C ASN E 563 22.56 -19.26 48.05
N GLY E 564 22.90 -18.99 46.80
CA GLY E 564 22.69 -19.99 45.78
C GLY E 564 24.00 -20.29 45.10
N GLU E 565 24.39 -21.56 45.09
CA GLU E 565 25.60 -21.99 44.42
C GLU E 565 25.24 -23.08 43.43
N ILE E 566 25.63 -22.89 42.18
CA ILE E 566 25.41 -23.90 41.15
C ILE E 566 26.75 -24.25 40.52
N VAL E 567 27.06 -25.54 40.51
CA VAL E 567 28.31 -26.04 39.96
C VAL E 567 27.99 -27.08 38.89
N SER E 568 28.24 -26.74 37.64
CA SER E 568 27.92 -27.62 36.52
C SER E 568 29.17 -27.92 35.70
N GLN E 569 29.40 -29.20 35.41
CA GLN E 569 30.56 -29.55 34.58
C GLN E 569 30.18 -30.44 33.41
N PRO E 570 30.27 -29.92 32.20
CA PRO E 570 30.11 -30.69 30.98
C PRO E 570 31.40 -31.20 30.36
N LYS E 571 31.43 -32.47 29.97
CA LYS E 571 32.59 -33.11 29.37
C LYS E 571 32.29 -33.44 27.91
N VAL E 572 33.17 -33.02 26.99
CA VAL E 572 32.98 -33.19 25.55
C VAL E 572 34.15 -33.94 24.92
N VAL E 573 33.87 -34.92 24.08
CA VAL E 573 34.92 -35.62 23.33
C VAL E 573 34.99 -35.03 21.93
N THR E 574 36.16 -34.50 21.56
CA THR E 574 36.36 -33.76 20.31
C THR E 574 37.53 -34.27 19.51
N SER E 575 37.41 -34.23 18.18
CA SER E 575 38.58 -34.51 17.38
C SER E 575 39.62 -33.40 17.60
N ASP E 576 40.85 -33.63 17.14
CA ASP E 576 41.93 -32.68 17.35
C ASP E 576 41.85 -31.60 16.29
N LYS E 577 41.88 -30.33 16.73
CA LYS E 577 41.79 -29.17 15.83
C LYS E 577 40.41 -29.04 15.23
N GLU E 578 39.44 -29.77 15.77
CA GLU E 578 38.07 -29.77 15.29
C GLU E 578 37.21 -29.26 16.42
N THR E 579 36.05 -28.75 16.06
CA THR E 579 35.08 -28.31 17.07
C THR E 579 34.10 -29.42 17.44
N ALA E 580 33.81 -29.48 18.73
CA ALA E 580 32.75 -30.30 19.27
C ALA E 580 32.03 -29.46 20.30
N LYS E 581 30.77 -29.77 20.52
CA LYS E 581 29.93 -28.87 21.30
C LYS E 581 28.98 -29.66 22.17
N ILE E 582 28.95 -29.33 23.45
CA ILE E 582 27.93 -29.87 24.36
C ILE E 582 27.04 -28.69 24.68
N LEU E 583 25.74 -28.89 24.55
CA LEU E 583 24.78 -27.83 24.83
C LEU E 583 23.61 -28.40 25.60
N LYS E 584 23.40 -27.89 26.80
CA LYS E 584 22.42 -28.37 27.76
C LYS E 584 21.47 -27.23 28.08
N GLY E 585 20.46 -27.01 27.27
CA GLY E 585 19.59 -25.87 27.47
C GLY E 585 18.24 -25.90 26.82
N SER E 586 17.76 -24.72 26.47
CA SER E 586 16.41 -24.51 25.97
C SER E 586 16.45 -23.25 25.12
N GLU E 587 15.62 -23.17 24.09
CA GLU E 587 15.88 -22.17 23.06
C GLU E 587 14.90 -21.01 23.13
N VAL E 588 15.34 -19.95 23.80
CA VAL E 588 14.60 -18.71 23.98
C VAL E 588 14.43 -18.00 22.65
N PRO E 589 13.21 -17.95 22.16
CA PRO E 589 12.88 -17.32 20.89
C PRO E 589 12.43 -15.87 21.07
N TYR E 590 12.21 -15.23 19.94
CA TYR E 590 11.49 -13.96 19.88
C TYR E 590 10.66 -14.06 18.62
N GLN E 591 9.34 -13.97 18.75
CA GLN E 591 8.43 -14.11 17.62
C GLN E 591 7.92 -12.72 17.29
N GLU E 592 8.56 -12.05 16.35
CA GLU E 592 8.05 -10.81 15.79
C GLU E 592 7.45 -11.14 14.43
N ALA E 593 6.13 -11.22 14.37
CA ALA E 593 5.47 -11.62 13.12
C ALA E 593 4.89 -10.40 12.41
N SER E 594 5.69 -9.79 11.55
CA SER E 594 5.50 -8.43 11.11
C SER E 594 5.04 -8.65 9.67
N SER E 595 3.72 -8.53 9.51
CA SER E 595 2.98 -8.95 8.32
C SER E 595 3.71 -8.66 7.01
N SER E 596 4.12 -7.42 6.81
CA SER E 596 4.65 -7.02 5.52
C SER E 596 6.11 -7.48 5.36
N GLY E 597 6.26 -8.79 5.25
CA GLY E 597 7.47 -9.41 4.81
C GLY E 597 8.51 -9.78 5.83
N ALA E 598 8.36 -9.42 7.11
CA ALA E 598 9.36 -9.90 8.07
C ALA E 598 8.71 -10.81 9.10
N THR E 599 9.18 -12.06 9.17
CA THR E 599 8.69 -13.01 10.16
C THR E 599 9.87 -13.43 11.03
N SER E 600 10.16 -12.62 12.03
CA SER E 600 11.33 -12.81 12.87
C SER E 600 10.92 -13.88 13.87
N THR E 601 10.85 -15.12 13.38
CA THR E 601 10.58 -16.25 14.25
C THR E 601 11.92 -16.71 14.84
N SER E 602 12.54 -15.74 15.51
CA SER E 602 13.88 -15.91 16.02
C SER E 602 13.86 -16.88 17.20
N PHE E 603 14.96 -17.58 17.37
CA PHE E 603 15.17 -18.36 18.58
C PHE E 603 16.67 -18.53 18.75
N LYS E 604 17.05 -18.90 19.97
CA LYS E 604 18.44 -19.01 20.38
C LYS E 604 18.43 -19.82 21.65
N GLU E 605 19.26 -20.83 21.73
CA GLU E 605 19.23 -21.68 22.92
C GLU E 605 20.14 -21.16 24.02
N ALA E 606 19.50 -20.83 25.13
CA ALA E 606 20.14 -20.45 26.38
C ALA E 606 20.43 -21.81 26.99
N ALA E 607 21.61 -22.30 26.67
CA ALA E 607 22.08 -23.61 27.04
C ALA E 607 23.46 -23.49 27.62
N LEU E 608 23.78 -24.35 28.57
CA LEU E 608 25.18 -24.40 28.90
C LEU E 608 25.85 -24.96 27.67
N SER E 609 27.09 -24.55 27.42
CA SER E 609 27.73 -25.15 26.27
C SER E 609 29.23 -24.98 26.32
N LEU E 610 29.88 -25.93 25.66
CA LEU E 610 31.30 -25.89 25.39
C LEU E 610 31.44 -26.14 23.91
N GLU E 611 32.05 -25.21 23.20
CA GLU E 611 32.38 -25.39 21.80
C GLU E 611 33.89 -25.33 21.72
N VAL E 612 34.53 -26.47 21.51
CA VAL E 612 35.97 -26.60 21.65
C VAL E 612 36.61 -27.00 20.33
N THR E 613 37.74 -26.36 20.05
CA THR E 613 38.62 -26.70 18.93
C THR E 613 40.02 -26.87 19.52
N PRO E 614 40.30 -28.07 20.04
CA PRO E 614 41.60 -28.36 20.66
C PRO E 614 42.71 -28.65 19.65
N GLN E 615 43.89 -28.07 19.87
CA GLN E 615 45.09 -28.43 19.12
C GLN E 615 46.05 -29.12 20.08
N ILE E 616 46.42 -30.35 19.75
CA ILE E 616 47.19 -31.21 20.66
C ILE E 616 48.68 -31.07 20.39
N THR E 617 49.42 -30.67 21.41
CA THR E 617 50.85 -30.54 21.34
C THR E 617 51.51 -31.65 22.16
N PRO E 618 52.79 -32.01 21.84
CA PRO E 618 53.30 -33.32 22.27
C PRO E 618 53.22 -33.59 23.75
N ASP E 619 53.47 -32.61 24.58
CA ASP E 619 53.54 -32.94 25.99
C ASP E 619 52.13 -32.98 26.53
N ASN E 620 51.26 -33.73 25.85
CA ASN E 620 49.91 -33.91 26.36
C ASN E 620 49.34 -32.55 26.71
N ARG E 621 49.41 -31.63 25.75
CA ARG E 621 48.85 -30.32 26.00
C ARG E 621 47.96 -29.96 24.85
N ILE E 622 47.09 -29.01 25.08
CA ILE E 622 46.21 -28.46 24.06
C ILE E 622 46.14 -26.95 24.11
N ILE E 623 46.29 -26.32 22.95
CA ILE E 623 45.88 -24.94 22.79
C ILE E 623 44.51 -25.05 22.16
N VAL E 624 43.46 -24.63 22.85
CA VAL E 624 42.12 -24.84 22.36
C VAL E 624 41.41 -23.52 22.24
N GLU E 625 40.69 -23.34 21.15
CA GLU E 625 39.75 -22.24 21.04
C GLU E 625 38.43 -22.76 21.59
N VAL E 626 38.03 -22.24 22.75
CA VAL E 626 36.85 -22.70 23.45
C VAL E 626 35.89 -21.55 23.68
N LYS E 627 34.66 -21.75 23.25
CA LYS E 627 33.51 -20.98 23.67
C LYS E 627 32.87 -21.68 24.86
N VAL E 628 32.86 -21.02 26.00
CA VAL E 628 32.27 -21.57 27.20
C VAL E 628 31.14 -20.62 27.57
N THR E 629 29.91 -21.03 27.31
CA THR E 629 28.79 -20.13 27.53
C THR E 629 27.71 -20.72 28.44
N LYS E 630 27.24 -19.91 29.37
CA LYS E 630 26.08 -20.24 30.16
C LYS E 630 25.08 -19.13 29.90
N ASP E 631 23.87 -19.49 29.52
CA ASP E 631 22.85 -18.48 29.28
C ASP E 631 21.55 -19.01 29.81
N ALA E 632 20.57 -18.11 29.93
CA ALA E 632 19.40 -18.63 30.60
C ALA E 632 18.16 -17.83 30.28
N PRO E 633 17.04 -18.52 30.09
CA PRO E 633 15.78 -17.88 29.72
C PRO E 633 15.42 -16.70 30.60
N ASP E 634 14.90 -15.67 29.95
CA ASP E 634 14.66 -14.38 30.55
C ASP E 634 13.26 -14.28 31.13
N TYR E 635 13.15 -13.64 32.29
CA TYR E 635 11.84 -13.33 32.83
C TYR E 635 11.01 -12.53 31.84
N GLN E 636 11.55 -11.42 31.32
CA GLN E 636 10.75 -10.59 30.42
C GLN E 636 10.40 -11.37 29.16
N ASN E 637 11.26 -12.30 28.74
CA ASN E 637 10.93 -13.18 27.61
C ASN E 637 9.78 -14.09 27.99
N MET E 638 9.87 -14.72 29.16
CA MET E 638 8.76 -15.53 29.64
C MET E 638 7.57 -14.63 29.89
N LEU E 639 7.84 -13.35 30.17
CA LEU E 639 6.84 -12.32 30.33
C LEU E 639 6.31 -11.84 29.00
N ASN E 640 6.98 -12.19 27.91
CA ASN E 640 6.66 -11.68 26.58
C ASN E 640 6.71 -10.15 26.58
N GLY E 641 7.67 -9.61 27.31
CA GLY E 641 7.91 -8.18 27.36
C GLY E 641 9.17 -7.91 26.57
N VAL E 642 10.00 -6.99 27.03
CA VAL E 642 11.32 -6.76 26.43
C VAL E 642 12.30 -7.67 27.16
N PRO E 643 12.80 -8.72 26.52
CA PRO E 643 13.53 -9.81 27.22
C PRO E 643 15.02 -9.63 27.44
N PRO E 644 15.48 -9.35 28.70
CA PRO E 644 16.92 -9.43 28.95
C PRO E 644 17.33 -10.83 29.39
N ILE E 645 17.71 -11.68 28.42
CA ILE E 645 18.20 -13.02 28.70
C ILE E 645 19.56 -12.98 29.39
N ASN E 646 19.82 -13.98 30.24
CA ASN E 646 21.08 -13.97 30.99
C ASN E 646 22.19 -14.55 30.13
N LYS E 647 23.37 -13.94 30.21
CA LYS E 647 24.51 -14.45 29.46
C LYS E 647 25.77 -14.28 30.29
N ASN E 648 26.44 -15.39 30.59
CA ASN E 648 27.80 -15.44 31.10
C ASN E 648 28.64 -16.25 30.10
N GLU E 649 29.40 -15.58 29.24
CA GLU E 649 30.10 -16.33 28.22
C GLU E 649 31.53 -15.86 28.09
N VAL E 650 32.45 -16.82 28.03
CA VAL E 650 33.86 -16.54 27.74
C VAL E 650 34.22 -17.22 26.44
N ASN E 651 34.83 -16.47 25.53
CA ASN E 651 35.27 -16.99 24.24
C ASN E 651 36.77 -16.72 24.11
N ALA E 652 37.56 -17.79 24.01
CA ALA E 652 39.00 -17.56 24.04
C ALA E 652 39.75 -18.83 23.69
N LYS E 653 40.98 -18.66 23.23
CA LYS E 653 41.88 -19.77 22.95
C LYS E 653 42.99 -19.75 23.98
N ILE E 654 43.17 -20.86 24.71
CA ILE E 654 44.18 -20.94 25.76
C ILE E 654 44.89 -22.28 25.68
N LEU E 655 46.10 -22.33 26.23
CA LEU E 655 46.91 -23.53 26.27
C LEU E 655 47.02 -24.09 27.68
N VAL E 656 46.72 -25.39 27.84
CA VAL E 656 46.88 -26.11 29.10
C VAL E 656 47.39 -27.51 28.78
N ASN E 657 48.11 -28.12 29.72
CA ASN E 657 48.35 -29.51 29.40
C ASN E 657 47.10 -30.32 29.63
N ASP E 658 47.12 -31.51 29.06
CA ASP E 658 45.98 -32.41 29.15
C ASP E 658 45.68 -32.74 30.61
N GLY E 659 46.71 -32.99 31.40
CA GLY E 659 46.45 -33.37 32.77
C GLY E 659 46.02 -32.23 33.65
N GLU E 660 45.73 -31.06 33.09
CA GLU E 660 45.81 -29.80 33.81
C GLU E 660 44.53 -29.01 33.71
N THR E 661 44.16 -28.42 34.83
CA THR E 661 42.96 -27.61 34.94
C THR E 661 43.39 -26.18 35.21
N ILE E 662 42.80 -25.25 34.47
CA ILE E 662 43.06 -23.84 34.74
C ILE E 662 41.71 -23.17 34.88
N VAL E 663 41.73 -21.97 35.42
CA VAL E 663 40.52 -21.18 35.51
C VAL E 663 40.52 -20.32 34.26
N ILE E 664 39.61 -20.65 33.34
CA ILE E 664 39.52 -19.89 32.11
C ILE E 664 39.21 -18.45 32.45
N GLY E 665 38.36 -18.28 33.45
CA GLY E 665 38.02 -16.97 33.94
C GLY E 665 37.11 -17.07 35.12
N GLY E 666 36.79 -15.92 35.68
CA GLY E 666 35.89 -15.86 36.79
C GLY E 666 35.80 -14.44 37.29
N VAL E 667 34.76 -14.20 38.07
CA VAL E 667 34.49 -12.85 38.56
C VAL E 667 33.82 -12.91 39.92
N PHE E 668 34.31 -12.06 40.83
CA PHE E 668 33.66 -11.83 42.10
C PHE E 668 32.96 -10.47 42.09
N SER E 669 31.67 -10.48 42.44
CA SER E 669 30.87 -9.26 42.56
C SER E 669 30.61 -8.94 44.03
N ASN E 670 31.21 -7.85 44.53
CA ASN E 670 31.05 -7.45 45.93
C ASN E 670 30.13 -6.25 46.04
N GLU E 671 28.93 -6.46 46.55
CA GLU E 671 27.93 -5.43 46.72
C GLU E 671 27.85 -4.93 48.15
N GLN E 672 28.05 -3.64 48.34
CA GLN E 672 27.87 -3.03 49.66
C GLN E 672 26.88 -1.89 49.50
N SER E 673 25.69 -2.04 50.05
CA SER E 673 24.62 -1.06 49.92
C SER E 673 24.16 -0.59 51.28
N LYS E 674 24.11 0.72 51.47
CA LYS E 674 23.61 1.30 52.71
C LYS E 674 22.61 2.40 52.40
N SER E 675 21.51 2.40 53.14
CA SER E 675 20.43 3.35 52.99
C SER E 675 20.00 3.71 54.40
N VAL E 676 20.09 4.97 54.78
CA VAL E 676 19.66 5.39 56.10
C VAL E 676 18.71 6.55 55.95
N GLU E 677 17.55 6.43 56.61
CA GLU E 677 16.48 7.40 56.59
C GLU E 677 16.21 7.86 58.00
N LYS E 678 16.30 9.16 58.24
CA LYS E 678 16.22 9.60 59.62
C LYS E 678 15.62 10.99 59.72
N VAL E 679 14.58 11.10 60.54
CA VAL E 679 14.23 12.43 61.01
C VAL E 679 15.47 13.00 61.68
N PRO E 680 15.94 14.15 61.22
CA PRO E 680 17.21 14.68 61.74
C PRO E 680 17.14 14.98 63.22
N PHE E 681 16.09 15.65 63.68
CA PHE E 681 16.03 16.07 65.06
C PHE E 681 15.95 14.88 66.00
N LEU E 682 15.03 13.94 65.73
CA LEU E 682 14.95 12.77 66.58
C LEU E 682 16.15 11.86 66.35
N GLY E 683 16.62 11.78 65.10
CA GLY E 683 17.79 10.96 64.82
C GLY E 683 18.96 11.43 65.67
N GLU E 684 19.03 12.74 65.90
CA GLU E 684 20.08 13.34 66.72
C GLU E 684 20.06 12.77 68.12
N LEU E 685 18.85 12.52 68.64
CA LEU E 685 18.74 12.05 70.01
C LEU E 685 19.50 10.73 70.15
N PRO E 686 20.35 10.61 71.17
CA PRO E 686 21.15 9.38 71.30
C PRO E 686 20.31 8.15 71.57
N TYR E 687 19.28 8.28 72.41
CA TYR E 687 18.50 7.13 72.81
C TYR E 687 17.37 6.86 71.85
N LEU E 688 16.99 7.86 71.05
CA LEU E 688 15.87 7.77 70.14
C LEU E 688 16.28 7.79 68.68
N GLY E 689 17.54 8.14 68.38
CA GLY E 689 17.92 8.16 66.98
C GLY E 689 17.84 6.79 66.36
N ARG E 690 18.30 5.76 67.09
CA ARG E 690 18.14 4.40 66.60
C ARG E 690 16.67 4.11 66.36
N LEU E 691 15.82 4.68 67.22
CA LEU E 691 14.38 4.58 67.14
C LEU E 691 13.81 5.55 66.12
N PHE E 692 14.66 6.37 65.50
CA PHE E 692 14.21 7.29 64.47
C PHE E 692 15.21 7.39 63.32
N ARG E 693 16.13 6.42 63.23
CA ARG E 693 17.05 6.27 62.11
C ARG E 693 16.81 4.86 61.55
N ARG E 694 16.41 4.80 60.30
CA ARG E 694 16.08 3.59 59.59
C ARG E 694 17.24 3.16 58.70
N ASP E 695 17.92 2.09 59.08
CA ASP E 695 19.09 1.63 58.34
C ASP E 695 18.72 0.37 57.58
N THR E 696 19.02 0.39 56.28
CA THR E 696 18.94 -0.78 55.43
C THR E 696 20.31 -0.96 54.79
N VAL E 697 20.95 -2.07 55.10
CA VAL E 697 22.24 -2.41 54.53
C VAL E 697 22.12 -3.78 53.89
N THR E 698 22.47 -3.85 52.62
CA THR E 698 22.44 -5.11 51.92
C THR E 698 23.77 -5.36 51.23
N ASP E 699 24.33 -6.53 51.46
CA ASP E 699 25.52 -7.01 50.78
C ASP E 699 25.14 -8.30 50.09
N ARG E 700 25.11 -8.30 48.77
CA ARG E 700 24.85 -9.52 48.03
C ARG E 700 26.06 -9.70 47.14
N LYS E 701 26.78 -10.78 47.33
CA LYS E 701 27.99 -11.01 46.55
C LYS E 701 28.01 -12.40 45.94
N ASN E 702 28.01 -12.44 44.62
CA ASN E 702 28.08 -13.67 43.85
C ASN E 702 29.36 -13.69 43.05
N GLU E 703 30.07 -14.80 43.12
CA GLU E 703 31.28 -14.99 42.37
C GLU E 703 31.06 -16.19 41.46
N LEU E 704 31.49 -16.05 40.21
CA LEU E 704 31.41 -17.11 39.23
C LEU E 704 32.80 -17.41 38.70
N LEU E 705 33.14 -18.70 38.61
CA LEU E 705 34.43 -19.13 38.11
C LEU E 705 34.29 -20.33 37.19
N VAL E 706 35.06 -20.36 36.11
CA VAL E 706 35.06 -21.47 35.17
C VAL E 706 36.43 -22.14 35.16
N PHE E 707 36.47 -23.44 35.48
CA PHE E 707 37.67 -24.24 35.29
C PHE E 707 37.62 -24.91 33.93
N LEU E 708 38.71 -25.58 33.56
CA LEU E 708 38.75 -26.49 32.42
C LEU E 708 39.94 -27.43 32.53
N THR E 709 39.72 -28.70 32.16
CA THR E 709 40.76 -29.70 32.00
C THR E 709 40.54 -30.55 30.75
N PRO E 710 41.50 -30.62 29.83
CA PRO E 710 41.29 -31.46 28.65
C PRO E 710 42.03 -32.78 28.79
N ARG E 711 41.37 -33.92 28.66
CA ARG E 711 42.03 -35.22 28.76
C ARG E 711 42.09 -35.79 27.35
N ILE E 712 43.30 -35.84 26.79
CA ILE E 712 43.41 -36.28 25.41
C ILE E 712 42.88 -37.69 25.26
N MET E 713 41.97 -37.86 24.31
CA MET E 713 41.40 -39.16 23.97
C MET E 713 42.27 -39.85 22.93
N ASN E 714 43.27 -39.15 22.39
CA ASN E 714 44.29 -39.83 21.59
C ASN E 714 44.96 -40.92 22.39
N ASN E 715 45.05 -40.76 23.72
CA ASN E 715 45.67 -41.80 24.52
C ASN E 715 44.94 -43.10 24.26
N GLN E 716 43.66 -42.97 23.94
CA GLN E 716 42.79 -44.05 23.54
C GLN E 716 42.59 -44.04 22.03
N ALA E 717 42.59 -42.86 21.41
CA ALA E 717 42.34 -42.73 19.97
C ALA E 717 43.53 -43.19 19.16
N ILE E 718 44.74 -43.06 19.70
CA ILE E 718 45.89 -43.58 18.98
C ILE E 718 45.83 -45.10 19.07
N ALA E 719 45.45 -45.60 20.25
CA ALA E 719 45.24 -47.02 20.48
C ALA E 719 43.94 -47.46 19.82
N ILE E 720 43.09 -46.50 19.45
CA ILE E 720 41.96 -46.71 18.59
C ILE E 720 42.22 -46.15 17.20
N LEU F 385 70.41 -32.25 -2.09
CA LEU F 385 69.32 -31.98 -1.16
C LEU F 385 69.18 -33.09 -0.13
N ARG F 386 68.79 -32.68 1.07
CA ARG F 386 68.64 -33.54 2.23
C ARG F 386 67.20 -33.43 2.71
N ARG F 387 66.60 -34.57 3.04
CA ARG F 387 65.25 -34.61 3.57
C ARG F 387 65.27 -34.57 5.09
N GLU F 388 64.57 -33.62 5.68
CA GLU F 388 64.44 -33.61 7.13
C GLU F 388 62.97 -33.47 7.52
N LEU F 389 62.54 -34.26 8.50
CA LEU F 389 61.19 -34.19 9.05
C LEU F 389 61.20 -33.52 10.42
N ILE F 390 60.45 -32.44 10.56
CA ILE F 390 60.27 -31.78 11.84
C ILE F 390 58.78 -31.68 12.13
N GLN F 391 58.34 -32.11 13.31
CA GLN F 391 56.95 -31.95 13.68
C GLN F 391 56.86 -30.79 14.66
N VAL F 392 56.06 -29.79 14.33
CA VAL F 392 55.84 -28.65 15.22
C VAL F 392 54.39 -28.54 15.67
N ASN F 393 54.12 -28.89 16.91
CA ASN F 393 52.79 -28.67 17.47
C ASN F 393 52.60 -27.19 17.81
N TYR F 394 53.65 -26.56 18.36
CA TYR F 394 53.63 -25.18 18.80
C TYR F 394 54.04 -24.19 17.73
N ALA F 395 54.59 -24.63 16.59
CA ALA F 395 55.02 -23.70 15.57
C ALA F 395 54.02 -23.80 14.44
N LYS F 396 53.53 -22.65 14.00
CA LYS F 396 52.61 -22.62 12.88
C LYS F 396 53.32 -23.07 11.60
N ALA F 397 52.60 -23.85 10.79
CA ALA F 397 53.20 -24.36 9.56
C ALA F 397 53.51 -23.22 8.59
N ALA F 398 52.62 -22.23 8.52
CA ALA F 398 52.84 -21.07 7.68
C ALA F 398 54.11 -20.33 8.08
N ASP F 399 54.37 -20.23 9.39
CA ASP F 399 55.58 -19.55 9.84
C ASP F 399 56.81 -20.27 9.33
N ILE F 400 56.81 -21.60 9.42
CA ILE F 400 57.94 -22.39 8.94
C ILE F 400 58.11 -22.21 7.45
N ALA F 401 56.99 -22.14 6.73
CA ALA F 401 57.06 -21.90 5.30
C ALA F 401 57.69 -20.56 5.01
N LYS F 402 57.34 -19.54 5.81
CA LYS F 402 57.94 -18.22 5.64
C LYS F 402 59.42 -18.26 5.91
N LEU F 403 59.82 -19.06 6.89
CA LEU F 403 61.25 -19.21 7.19
C LEU F 403 61.98 -19.77 5.99
N PHE F 404 61.40 -20.80 5.36
CA PHE F 404 62.04 -21.36 4.17
C PHE F 404 62.01 -20.39 3.00
N GLN F 405 60.92 -19.63 2.86
CA GLN F 405 60.85 -18.65 1.78
C GLN F 405 61.93 -17.59 1.91
N SER F 406 62.15 -17.10 3.13
CA SER F 406 63.24 -16.17 3.34
C SER F 406 64.56 -16.87 3.08
N VAL F 407 64.65 -18.14 3.45
CA VAL F 407 65.87 -18.89 3.20
C VAL F 407 66.15 -18.93 1.70
N THR F 408 65.11 -19.10 0.90
CA THR F 408 65.25 -19.03 -0.56
C THR F 408 65.69 -17.64 -0.98
N SER F 409 65.16 -16.61 -0.31
CA SER F 409 65.61 -15.24 -0.60
C SER F 409 67.10 -15.11 -0.37
N ASP F 410 67.63 -15.84 0.62
CA ASP F 410 69.08 -15.84 0.83
C ASP F 410 69.80 -16.29 -0.44
N GLY F 411 69.31 -17.36 -1.06
CA GLY F 411 69.95 -17.93 -2.23
C GLY F 411 69.04 -18.05 -3.43
N GLY F 421 65.08 -27.82 -3.03
CA GLY F 421 63.99 -26.90 -2.74
C GLY F 421 62.65 -27.57 -2.86
N SER F 422 62.49 -28.67 -2.12
CA SER F 422 61.26 -29.44 -2.07
C SER F 422 60.67 -29.32 -0.68
N ILE F 423 59.39 -28.94 -0.60
CA ILE F 423 58.70 -28.76 0.66
C ILE F 423 57.48 -29.65 0.75
N THR F 424 57.31 -30.31 1.91
CA THR F 424 56.14 -31.14 2.18
C THR F 424 55.57 -30.62 3.49
N VAL F 425 54.27 -30.36 3.53
CA VAL F 425 53.62 -29.84 4.72
C VAL F 425 52.59 -30.86 5.19
N ASP F 426 52.66 -31.24 6.46
CA ASP F 426 51.71 -32.17 7.07
C ASP F 426 50.80 -31.40 8.03
N ASP F 427 49.54 -31.27 7.62
CA ASP F 427 48.57 -30.56 8.45
C ASP F 427 48.25 -31.31 9.74
N ARG F 428 48.08 -32.63 9.66
CA ARG F 428 47.59 -33.40 10.81
C ARG F 428 48.57 -33.32 11.98
N THR F 429 49.85 -33.55 11.71
CA THR F 429 50.88 -33.46 12.73
C THR F 429 51.51 -32.09 12.74
N ASN F 430 51.16 -31.25 11.76
CA ASN F 430 51.80 -29.96 11.58
C ASN F 430 53.31 -30.16 11.41
N SER F 431 53.67 -31.18 10.65
CA SER F 431 55.07 -31.58 10.50
C SER F 431 55.49 -31.29 9.06
N ILE F 432 56.59 -30.59 8.92
CA ILE F 432 57.09 -30.19 7.62
C ILE F 432 58.33 -31.03 7.37
N ILE F 433 58.31 -31.76 6.26
CA ILE F 433 59.47 -32.50 5.79
C ILE F 433 59.99 -31.78 4.57
N ALA F 434 61.24 -31.36 4.60
CA ALA F 434 61.78 -30.60 3.49
C ALA F 434 63.00 -31.30 2.96
N TYR F 435 63.00 -31.59 1.68
CA TYR F 435 64.16 -32.15 0.99
C TYR F 435 64.77 -31.02 0.16
N GLN F 436 65.87 -30.46 0.66
CA GLN F 436 66.46 -29.26 0.10
C GLN F 436 67.89 -29.17 0.62
N PRO F 437 68.72 -28.20 0.21
CA PRO F 437 70.13 -28.23 0.63
C PRO F 437 70.25 -28.23 2.16
N GLN F 438 71.30 -28.90 2.64
CA GLN F 438 71.45 -29.10 4.07
C GLN F 438 71.54 -27.78 4.81
N GLU F 439 72.26 -26.81 4.25
CA GLU F 439 72.45 -25.55 4.96
C GLU F 439 71.12 -24.84 5.14
N ARG F 440 70.34 -24.78 4.07
CA ARG F 440 69.03 -24.15 4.14
C ARG F 440 68.15 -24.92 5.11
N LEU F 441 68.27 -26.26 5.08
CA LEU F 441 67.46 -27.12 5.94
C LEU F 441 67.75 -26.85 7.40
N ASP F 442 69.04 -26.71 7.73
CA ASP F 442 69.45 -26.45 9.10
C ASP F 442 68.99 -25.08 9.56
N GLU F 443 69.15 -24.07 8.70
CA GLU F 443 68.73 -22.73 9.06
C GLU F 443 67.24 -22.71 9.35
N LEU F 444 66.48 -23.38 8.49
CA LEU F 444 65.04 -23.40 8.68
C LEU F 444 64.70 -24.13 9.96
N ARG F 445 65.42 -25.20 10.27
CA ARG F 445 65.22 -25.93 11.51
C ARG F 445 65.44 -25.07 12.74
N ARG F 446 66.50 -24.27 12.74
CA ARG F 446 66.75 -23.40 13.88
C ARG F 446 65.61 -22.41 14.07
N ILE F 447 65.18 -21.81 12.96
CA ILE F 447 64.06 -20.90 13.06
C ILE F 447 62.83 -21.65 13.52
N VAL F 448 62.67 -22.90 13.06
CA VAL F 448 61.53 -23.72 13.44
C VAL F 448 61.52 -23.88 14.94
N SER F 449 62.70 -24.07 15.52
CA SER F 449 62.81 -24.22 16.96
C SER F 449 62.31 -22.97 17.64
N GLN F 450 62.69 -21.81 17.10
CA GLN F 450 62.18 -20.57 17.68
C GLN F 450 60.66 -20.52 17.59
N LEU F 451 60.11 -20.88 16.44
CA LEU F 451 58.67 -20.81 16.19
C LEU F 451 57.87 -21.75 17.09
N ASP F 452 58.44 -22.92 17.42
CA ASP F 452 57.68 -23.93 18.16
C ASP F 452 57.59 -23.46 19.61
N ILE F 453 56.84 -22.38 19.79
CA ILE F 453 56.59 -21.74 21.07
C ILE F 453 55.11 -21.74 21.43
N PRO F 454 54.78 -22.06 22.67
CA PRO F 454 53.38 -22.11 23.12
C PRO F 454 52.74 -20.74 23.07
N VAL F 455 51.49 -20.68 22.60
CA VAL F 455 50.75 -19.42 22.65
C VAL F 455 50.67 -18.96 24.10
N ARG F 456 50.95 -17.67 24.31
CA ARG F 456 51.05 -17.10 25.66
C ARG F 456 49.71 -16.57 26.18
N GLN F 457 49.19 -17.23 27.20
CA GLN F 457 48.00 -16.79 27.92
C GLN F 457 48.36 -15.83 29.06
N VAL F 458 47.51 -14.83 29.29
CA VAL F 458 47.60 -13.96 30.45
C VAL F 458 46.23 -13.85 31.10
N MET F 459 46.21 -13.93 32.43
CA MET F 459 45.01 -13.75 33.23
C MET F 459 44.90 -12.28 33.62
N ILE F 460 43.85 -11.62 33.15
CA ILE F 460 43.67 -10.20 33.36
C ILE F 460 42.60 -10.03 34.42
N GLU F 461 42.92 -9.31 35.48
CA GLU F 461 41.97 -9.09 36.57
C GLU F 461 41.86 -7.58 36.70
N ALA F 462 40.77 -7.02 36.22
CA ALA F 462 40.50 -5.61 36.36
C ALA F 462 39.30 -5.48 37.25
N ARG F 463 39.44 -4.74 38.33
CA ARG F 463 38.39 -4.65 39.32
C ARG F 463 37.76 -3.27 39.39
N ILE F 464 36.45 -3.25 39.52
CA ILE F 464 35.70 -2.01 39.58
C ILE F 464 35.27 -1.80 41.02
N VAL F 465 35.60 -0.63 41.57
CA VAL F 465 35.22 -0.25 42.92
C VAL F 465 34.36 1.00 42.82
N GLU F 466 33.12 0.91 43.27
CA GLU F 466 32.23 2.06 43.30
C GLU F 466 31.76 2.34 44.71
N ALA F 467 31.97 3.56 45.19
CA ALA F 467 31.46 3.97 46.49
C ALA F 467 30.60 5.21 46.32
N ASN F 468 29.37 5.17 46.81
CA ASN F 468 28.47 6.31 46.78
C ASN F 468 28.00 6.63 48.19
N VAL F 469 28.25 7.84 48.64
CA VAL F 469 27.79 8.29 49.95
C VAL F 469 26.83 9.46 49.74
N GLY F 470 25.62 9.32 50.26
CA GLY F 470 24.61 10.33 50.12
C GLY F 470 23.89 10.88 51.33
N TYR F 471 23.91 12.20 51.49
CA TYR F 471 23.19 12.94 52.52
C TYR F 471 22.21 13.95 51.93
N ASP F 472 20.93 13.80 52.25
CA ASP F 472 19.93 14.78 51.82
C ASP F 472 19.10 15.23 53.02
N LYS F 473 19.03 16.53 53.25
CA LYS F 473 18.16 17.06 54.29
C LYS F 473 17.23 18.13 53.75
N SER F 474 15.95 18.03 54.09
CA SER F 474 14.96 19.03 53.70
C SER F 474 14.19 19.42 54.95
N LEU F 475 14.03 20.72 55.18
CA LEU F 475 13.29 21.19 56.35
C LEU F 475 12.17 22.11 55.91
N GLY F 476 10.93 21.72 56.22
CA GLY F 476 9.73 22.52 56.13
C GLY F 476 9.27 23.10 57.46
N VAL F 477 9.32 24.41 57.63
CA VAL F 477 9.02 25.04 58.91
C VAL F 477 7.70 25.79 58.79
N ARG F 478 6.76 25.50 59.71
CA ARG F 478 5.33 25.68 59.47
C ARG F 478 4.67 26.27 60.70
N TRP F 479 4.06 27.44 60.53
CA TRP F 479 3.33 28.16 61.58
C TRP F 479 1.91 28.48 61.16
N GLY F 480 0.94 27.63 61.50
CA GLY F 480 -0.41 27.96 61.10
C GLY F 480 -1.41 28.15 62.22
N GLY F 481 -1.98 29.36 62.27
CA GLY F 481 -3.08 29.70 63.15
C GLY F 481 -4.17 30.35 62.32
N ALA F 482 -5.38 29.81 62.32
CA ALA F 482 -6.46 30.47 61.59
C ALA F 482 -7.27 31.45 62.42
N TYR F 483 -7.08 31.48 63.75
CA TYR F 483 -7.91 32.36 64.57
C TYR F 483 -7.63 33.81 64.20
N HIS F 484 -6.35 34.16 64.06
CA HIS F 484 -5.95 35.51 63.68
C HIS F 484 -5.49 35.53 62.23
N LYS F 485 -5.88 34.51 61.48
CA LYS F 485 -5.54 34.35 60.08
C LYS F 485 -4.05 34.53 59.82
N GLY F 486 -3.22 34.00 60.72
CA GLY F 486 -1.79 34.03 60.48
C GLY F 486 -1.18 32.68 60.21
N ASN F 487 -0.77 32.42 58.96
CA ASN F 487 -0.27 31.11 58.62
C ASN F 487 0.77 31.19 57.51
N TRP F 488 1.99 30.81 57.88
CA TRP F 488 3.12 30.69 56.97
C TRP F 488 3.50 29.22 56.81
N SER F 489 3.61 28.77 55.56
CA SER F 489 3.85 27.38 55.26
C SER F 489 5.31 27.00 55.15
N GLY F 490 5.62 25.81 55.66
CA GLY F 490 6.95 25.28 55.51
C GLY F 490 7.12 24.85 54.08
N TYR F 491 8.29 24.30 53.77
CA TYR F 491 8.50 23.86 52.40
C TYR F 491 9.16 22.50 52.34
N GLY F 492 10.30 22.34 53.01
CA GLY F 492 11.00 21.06 52.95
C GLY F 492 10.04 19.92 53.22
N LYS F 493 9.24 20.06 54.28
CA LYS F 493 8.07 19.21 54.51
C LYS F 493 6.89 20.13 54.76
N ASP F 494 6.43 20.78 53.69
CA ASP F 494 5.52 21.94 53.72
C ASP F 494 4.37 21.77 54.70
N GLY F 495 4.14 22.81 55.50
CA GLY F 495 3.00 22.83 56.40
C GLY F 495 2.43 24.20 56.65
N ASN F 496 1.12 24.36 56.61
CA ASN F 496 0.52 25.69 56.83
C ASN F 496 -0.84 25.43 57.47
N ILE F 497 -0.89 25.51 58.79
CA ILE F 497 -1.99 24.95 59.52
C ILE F 497 -3.28 25.71 59.26
N GLY F 498 -3.22 26.93 58.71
CA GLY F 498 -4.45 27.64 58.39
C GLY F 498 -5.26 26.97 57.30
N ILE F 499 -4.59 26.49 56.24
CA ILE F 499 -5.30 25.85 55.14
C ILE F 499 -6.10 24.65 55.63
N LYS F 500 -5.51 23.85 56.53
CA LYS F 500 -6.25 22.71 57.06
C LYS F 500 -6.99 23.09 58.33
N ASP F 501 -6.88 24.35 58.76
CA ASP F 501 -7.84 24.92 59.68
C ASP F 501 -9.14 25.21 58.96
N GLU F 502 -9.06 25.30 57.62
CA GLU F 502 -10.28 25.36 56.83
C GLU F 502 -10.94 23.99 56.82
N ASP F 503 -10.12 22.94 56.70
CA ASP F 503 -10.55 21.57 56.86
C ASP F 503 -11.13 21.35 58.25
N PRO F 527 -7.83 17.72 65.01
CA PRO F 527 -6.42 17.71 65.42
C PRO F 527 -5.86 16.30 65.62
N PHE F 528 -6.56 15.44 66.35
CA PHE F 528 -6.02 14.09 66.58
C PHE F 528 -5.96 13.30 65.28
N VAL F 529 -6.92 13.49 64.36
CA VAL F 529 -6.93 12.71 63.12
C VAL F 529 -6.18 13.44 62.02
N ASP F 530 -6.49 14.73 61.78
CA ASP F 530 -5.88 15.46 60.67
C ASP F 530 -4.39 15.61 60.86
N LEU F 531 -3.97 16.04 62.05
CA LEU F 531 -2.54 16.19 62.31
C LEU F 531 -1.82 14.84 62.29
N GLY F 532 -2.41 13.80 62.87
CA GLY F 532 -1.75 12.50 62.84
C GLY F 532 -1.28 12.11 61.44
N ALA F 533 -2.21 12.16 60.47
CA ALA F 533 -1.86 11.83 59.10
C ALA F 533 -0.94 12.89 58.53
N LYS F 534 -1.29 14.16 58.70
CA LYS F 534 -0.48 15.24 58.16
C LYS F 534 0.96 15.05 58.60
N ASP F 535 1.16 14.73 59.87
CA ASP F 535 2.45 14.66 60.53
C ASP F 535 3.01 13.25 60.44
N ALA F 536 2.42 12.39 59.62
CA ALA F 536 2.92 11.02 59.51
C ALA F 536 4.37 11.03 59.07
N THR F 537 4.74 12.02 58.25
CA THR F 537 6.04 12.09 57.60
C THR F 537 7.20 11.95 58.58
N SER F 538 8.26 11.27 58.12
CA SER F 538 9.49 10.99 58.84
C SER F 538 9.80 11.98 59.94
N GLY F 539 9.99 13.23 59.57
CA GLY F 539 10.38 14.20 60.55
C GLY F 539 9.37 15.30 60.70
N ILE F 540 8.59 15.25 61.76
CA ILE F 540 7.63 16.27 62.11
C ILE F 540 7.77 16.60 63.58
N GLY F 541 7.96 17.88 63.90
CA GLY F 541 7.95 18.29 65.28
C GLY F 541 6.68 19.08 65.48
N ILE F 542 5.72 18.54 66.24
CA ILE F 542 4.41 19.15 66.38
C ILE F 542 4.31 19.88 67.72
N GLY F 543 3.95 21.16 67.67
CA GLY F 543 3.44 21.89 68.81
C GLY F 543 1.98 22.18 68.49
N PHE F 544 1.06 21.77 69.35
CA PHE F 544 -0.33 22.05 69.08
C PHE F 544 -0.97 22.71 70.29
N ILE F 545 -1.76 23.75 70.03
CA ILE F 545 -2.74 24.17 71.01
C ILE F 545 -4.08 23.88 70.36
N THR F 546 -5.00 23.34 71.15
CA THR F 546 -6.35 23.15 70.66
C THR F 546 -7.39 23.69 71.61
N ASP F 547 -7.09 23.61 72.90
CA ASP F 547 -8.10 23.90 73.92
C ASP F 547 -8.52 25.37 73.88
N ASN F 548 -7.55 26.28 73.95
CA ASN F 548 -7.87 27.70 73.85
C ASN F 548 -8.20 28.05 72.41
N ILE F 549 -7.32 27.65 71.49
CA ILE F 549 -7.43 27.88 70.06
C ILE F 549 -6.63 26.74 69.47
N ILE F 550 -6.91 26.40 68.23
CA ILE F 550 -6.08 25.40 67.55
C ILE F 550 -5.08 26.18 66.71
N LEU F 551 -3.84 26.16 67.18
CA LEU F 551 -2.71 26.84 66.56
C LEU F 551 -1.60 25.80 66.54
N ASP F 552 -1.26 25.34 65.34
CA ASP F 552 -0.31 24.26 65.14
C ASP F 552 0.99 24.79 64.55
N LEU F 553 2.11 24.49 65.21
CA LEU F 553 3.43 24.98 64.82
C LEU F 553 4.40 23.81 64.79
N GLN F 554 4.80 23.41 63.59
CA GLN F 554 5.61 22.21 63.38
C GLN F 554 6.87 22.52 62.59
N LEU F 555 7.95 21.88 62.99
CA LEU F 555 9.20 21.96 62.23
C LEU F 555 9.38 20.55 61.71
N SER F 556 9.30 20.38 60.40
CA SER F 556 9.30 19.05 59.82
C SER F 556 10.56 18.88 58.95
N ALA F 557 11.47 18.03 59.41
CA ALA F 557 12.79 17.89 58.84
C ALA F 557 13.15 16.44 58.55
N MET F 558 13.84 16.23 57.43
CA MET F 558 14.25 14.90 56.98
C MET F 558 15.72 14.90 56.65
N GLU F 559 16.44 13.91 57.16
CA GLU F 559 17.82 13.65 56.80
C GLU F 559 17.89 12.20 56.36
N LYS F 560 18.38 11.98 55.16
CA LYS F 560 18.45 10.64 54.59
C LYS F 560 19.90 10.41 54.20
N THR F 561 20.46 9.26 54.59
CA THR F 561 21.81 8.93 54.17
C THR F 561 21.86 7.53 53.56
N GLY F 562 22.35 7.44 52.34
CA GLY F 562 22.54 6.17 51.67
C GLY F 562 23.90 5.98 51.05
N ASN F 563 24.62 4.91 51.39
CA ASN F 563 25.89 4.62 50.74
C ASN F 563 25.87 3.24 50.12
N GLY F 564 26.14 3.19 48.82
CA GLY F 564 26.23 1.91 48.17
C GLY F 564 27.59 1.76 47.53
N GLU F 565 28.30 0.71 47.89
CA GLU F 565 29.60 0.42 47.29
C GLU F 565 29.59 -0.98 46.70
N ILE F 566 29.92 -1.09 45.43
CA ILE F 566 30.00 -2.38 44.76
C ILE F 566 31.39 -2.55 44.18
N VAL F 567 32.05 -3.64 44.55
CA VAL F 567 33.40 -3.94 44.11
C VAL F 567 33.38 -5.30 43.42
N SER F 568 33.56 -5.31 42.11
CA SER F 568 33.52 -6.54 41.31
C SER F 568 34.82 -6.74 40.56
N GLN F 569 35.40 -7.94 40.64
CA GLN F 569 36.62 -8.22 39.89
C GLN F 569 36.52 -9.49 39.07
N PRO F 570 36.48 -9.36 37.76
CA PRO F 570 36.57 -10.49 36.83
C PRO F 570 37.97 -10.79 36.31
N LYS F 571 38.35 -12.07 36.32
CA LYS F 571 39.65 -12.53 35.87
C LYS F 571 39.48 -13.36 34.61
N VAL F 572 40.22 -13.02 33.55
CA VAL F 572 40.12 -13.67 32.24
C VAL F 572 41.46 -14.25 31.79
N VAL F 573 41.47 -15.48 31.30
CA VAL F 573 42.69 -16.07 30.74
C VAL F 573 42.62 -15.94 29.21
N THR F 574 43.61 -15.26 28.63
CA THR F 574 43.63 -14.92 27.22
C THR F 574 44.91 -15.32 26.52
N SER F 575 44.81 -15.73 25.26
CA SER F 575 46.04 -15.93 24.51
C SER F 575 46.73 -14.56 24.31
N ASP F 576 47.98 -14.60 23.86
CA ASP F 576 48.77 -13.37 23.72
C ASP F 576 48.42 -12.73 22.38
N LYS F 577 48.09 -11.43 22.42
CA LYS F 577 47.73 -10.67 21.22
C LYS F 577 46.37 -11.09 20.70
N GLU F 578 45.62 -11.86 21.50
CA GLU F 578 44.32 -12.36 21.12
C GLU F 578 43.32 -11.76 22.10
N THR F 579 42.07 -11.72 21.68
CA THR F 579 41.01 -11.27 22.57
C THR F 579 40.35 -12.42 23.31
N ALA F 580 40.06 -12.16 24.58
CA ALA F 580 39.24 -13.03 25.41
C ALA F 580 38.30 -12.12 26.18
N LYS F 581 37.16 -12.67 26.57
CA LYS F 581 36.10 -11.84 27.09
C LYS F 581 35.38 -12.54 28.22
N ILE F 582 35.23 -11.85 29.34
CA ILE F 582 34.39 -12.33 30.42
C ILE F 582 33.20 -11.39 30.44
N LEU F 583 32.00 -11.95 30.46
CA LEU F 583 30.80 -11.15 30.46
C LEU F 583 29.80 -11.74 31.44
N LYS F 584 29.45 -10.95 32.45
CA LYS F 584 28.60 -11.36 33.57
C LYS F 584 27.37 -10.46 33.59
N GLY F 585 26.36 -10.78 32.81
CA GLY F 585 25.21 -9.90 32.72
C GLY F 585 23.94 -10.49 32.20
N SER F 586 23.16 -9.63 31.54
CA SER F 586 21.81 -9.96 31.09
C SER F 586 21.54 -9.07 29.89
N GLU F 587 20.74 -9.53 28.94
CA GLU F 587 20.74 -8.85 27.65
C GLU F 587 19.47 -8.02 27.42
N VAL F 588 19.61 -6.73 27.72
CA VAL F 588 18.55 -5.74 27.57
C VAL F 588 18.23 -5.53 26.08
N PRO F 589 17.05 -5.97 25.69
CA PRO F 589 16.58 -5.87 24.31
C PRO F 589 15.76 -4.61 24.08
N TYR F 590 15.39 -4.42 22.82
CA TYR F 590 14.36 -3.47 22.43
C TYR F 590 13.61 -4.17 21.31
N GLN F 591 12.32 -4.39 21.50
CA GLN F 591 11.49 -5.10 20.51
C GLN F 591 10.63 -4.07 19.82
N GLU F 592 11.11 -3.58 18.68
CA GLU F 592 10.30 -2.74 17.80
C GLU F 592 9.82 -3.61 16.65
N ALA F 593 8.58 -4.06 16.70
CA ALA F 593 8.07 -4.98 15.68
C ALA F 593 7.20 -4.25 14.67
N SER F 594 7.83 -3.74 13.63
CA SER F 594 7.29 -2.68 12.79
C SER F 594 6.93 -3.44 11.52
N SER F 595 5.63 -3.74 11.42
CA SER F 595 5.06 -4.67 10.46
C SER F 595 5.71 -4.62 9.09
N SER F 596 5.77 -3.43 8.50
CA SER F 596 6.21 -3.33 7.12
C SER F 596 7.73 -3.40 7.01
N GLY F 597 8.23 -4.61 7.29
CA GLY F 597 9.58 -4.99 6.97
C GLY F 597 10.65 -4.74 7.99
N ALA F 598 10.39 -4.07 9.11
CA ALA F 598 11.46 -3.95 10.09
C ALA F 598 11.06 -4.63 11.41
N THR F 599 11.85 -5.62 11.81
CA THR F 599 11.62 -6.31 13.08
C THR F 599 12.84 -6.12 13.95
N SER F 600 12.88 -5.00 14.64
CA SER F 600 14.05 -4.62 15.42
C SER F 600 13.92 -5.39 16.73
N THR F 601 14.19 -6.70 16.63
CA THR F 601 14.22 -7.53 17.82
C THR F 601 15.62 -7.42 18.43
N SER F 602 15.94 -6.17 18.75
CA SER F 602 17.26 -5.81 19.20
C SER F 602 17.48 -6.34 20.60
N PHE F 603 18.72 -6.65 20.91
CA PHE F 603 19.12 -6.93 22.28
C PHE F 603 20.60 -6.63 22.40
N LYS F 604 21.03 -6.50 23.64
CA LYS F 604 22.40 -6.12 23.97
C LYS F 604 22.57 -6.47 25.43
N GLU F 605 23.66 -7.14 25.77
CA GLU F 605 23.84 -7.57 27.14
C GLU F 605 24.55 -6.52 27.99
N ALA F 606 23.82 -6.04 28.98
CA ALA F 606 24.31 -5.14 30.02
C ALA F 606 24.93 -6.12 30.99
N ALA F 607 26.20 -6.35 30.75
CA ALA F 607 27.01 -7.32 31.46
C ALA F 607 28.29 -6.66 31.90
N LEU F 608 28.82 -7.07 33.04
CA LEU F 608 30.17 -6.65 33.28
C LEU F 608 30.99 -7.37 32.22
N SER F 609 32.08 -6.75 31.79
CA SER F 609 32.89 -7.48 30.83
C SER F 609 34.28 -6.91 30.75
N LEU F 610 35.17 -7.82 30.36
CA LEU F 610 36.54 -7.49 30.00
C LEU F 610 36.77 -8.15 28.66
N GLU F 611 37.12 -7.35 27.66
CA GLU F 611 37.52 -7.85 26.36
C GLU F 611 38.95 -7.42 26.17
N VAL F 612 39.88 -8.35 26.27
CA VAL F 612 41.29 -8.06 26.36
C VAL F 612 42.05 -8.66 25.18
N THR F 613 42.98 -7.86 24.64
CA THR F 613 43.94 -8.29 23.62
C THR F 613 45.31 -7.90 24.15
N PRO F 614 45.90 -8.77 24.99
CA PRO F 614 47.22 -8.49 25.57
C PRO F 614 48.38 -8.78 24.63
N GLN F 615 49.36 -7.88 24.60
CA GLN F 615 50.63 -8.12 23.92
C GLN F 615 51.72 -8.21 24.97
N ILE F 616 52.42 -9.33 25.00
CA ILE F 616 53.36 -9.64 26.08
C ILE F 616 54.77 -9.20 25.68
N THR F 617 55.35 -8.33 26.48
CA THR F 617 56.69 -7.85 26.29
C THR F 617 57.62 -8.45 27.37
N PRO F 618 58.94 -8.53 27.09
CA PRO F 618 59.78 -9.46 27.86
C PRO F 618 59.74 -9.29 29.35
N ASP F 619 59.72 -8.06 29.84
CA ASP F 619 59.84 -7.91 31.28
C ASP F 619 58.48 -8.16 31.88
N ASN F 620 57.84 -9.28 31.51
CA ASN F 620 56.59 -9.65 32.14
C ASN F 620 55.66 -8.44 32.10
N ARG F 621 55.51 -7.87 30.91
CA ARG F 621 54.62 -6.74 30.79
C ARG F 621 53.68 -7.01 29.64
N ILE F 622 52.58 -6.29 29.63
CA ILE F 622 51.61 -6.34 28.55
C ILE F 622 51.13 -4.96 28.15
N ILE F 623 51.13 -4.69 26.85
CA ILE F 623 50.38 -3.59 26.30
C ILE F 623 49.10 -4.25 25.82
N VAL F 624 47.97 -3.92 26.42
CA VAL F 624 46.73 -4.63 26.12
C VAL F 624 45.70 -3.63 25.64
N GLU F 625 44.98 -4.00 24.59
CA GLU F 625 43.78 -3.26 24.22
C GLU F 625 42.64 -3.92 24.99
N VAL F 626 42.09 -3.19 25.96
CA VAL F 626 41.06 -3.71 26.83
C VAL F 626 39.82 -2.83 26.77
N LYS F 627 38.71 -3.49 26.51
CA LYS F 627 37.37 -2.95 26.74
C LYS F 627 36.92 -3.39 28.11
N VAL F 628 36.72 -2.44 29.01
CA VAL F 628 36.26 -2.73 30.36
C VAL F 628 34.92 -2.04 30.50
N THR F 629 33.85 -2.81 30.45
CA THR F 629 32.52 -2.23 30.46
C THR F 629 31.63 -2.76 31.56
N LYS F 630 30.93 -1.86 32.24
CA LYS F 630 29.88 -2.22 33.17
C LYS F 630 28.63 -1.55 32.66
N ASP F 631 27.58 -2.31 32.48
CA ASP F 631 26.33 -1.73 32.01
C ASP F 631 25.20 -2.40 32.76
N ALA F 632 24.02 -1.80 32.66
CA ALA F 632 23.02 -2.37 33.53
C ALA F 632 21.62 -2.07 33.05
N PRO F 633 20.72 -3.05 33.16
CA PRO F 633 19.34 -2.90 32.69
C PRO F 633 18.66 -1.65 33.20
N ASP F 634 17.90 -1.04 32.31
CA ASP F 634 17.31 0.26 32.51
C ASP F 634 15.92 0.16 33.11
N TYR F 635 15.62 1.08 34.04
CA TYR F 635 14.26 1.18 34.54
C TYR F 635 13.26 1.38 33.40
N GLN F 636 13.50 2.38 32.54
CA GLN F 636 12.53 2.65 31.48
C GLN F 636 12.42 1.46 30.54
N ASN F 637 13.51 0.71 30.37
CA ASN F 637 13.45 -0.52 29.58
C ASN F 637 12.58 -1.55 30.29
N MET F 638 12.81 -1.74 31.59
CA MET F 638 11.96 -2.63 32.36
C MET F 638 10.55 -2.03 32.41
N LEU F 639 10.47 -0.71 32.26
CA LEU F 639 9.22 0.03 32.18
C LEU F 639 8.61 -0.08 30.80
N ASN F 640 9.38 -0.57 29.83
CA ASN F 640 8.96 -0.60 28.43
C ASN F 640 8.60 0.81 27.95
N GLY F 641 9.36 1.79 28.43
CA GLY F 641 9.20 3.17 28.03
C GLY F 641 10.36 3.51 27.12
N VAL F 642 10.90 4.71 27.23
CA VAL F 642 12.12 5.08 26.50
C VAL F 642 13.30 4.74 27.41
N PRO F 643 14.08 3.71 27.08
CA PRO F 643 15.06 3.11 28.03
C PRO F 643 16.44 3.75 28.10
N PRO F 644 16.78 4.50 29.17
CA PRO F 644 18.19 4.88 29.34
C PRO F 644 18.95 3.84 30.16
N ILE F 645 19.55 2.87 29.47
CA ILE F 645 20.39 1.86 30.11
C ILE F 645 21.67 2.46 30.66
N ASN F 646 22.18 1.88 31.76
CA ASN F 646 23.36 2.45 32.38
C ASN F 646 24.60 1.95 31.67
N LYS F 647 25.58 2.84 31.49
CA LYS F 647 26.83 2.45 30.85
C LYS F 647 27.99 3.19 31.52
N ASN F 648 28.91 2.44 32.09
CA ASN F 648 30.23 2.89 32.51
C ASN F 648 31.28 2.08 31.75
N GLU F 649 31.85 2.62 30.68
CA GLU F 649 32.74 1.81 29.88
C GLU F 649 34.00 2.57 29.53
N VAL F 650 35.14 1.92 29.70
CA VAL F 650 36.43 2.46 29.26
C VAL F 650 36.99 1.53 28.19
N ASN F 651 37.39 2.10 27.07
CA ASN F 651 37.99 1.34 25.97
C ASN F 651 39.36 1.94 25.68
N ALA F 652 40.41 1.14 25.84
CA ALA F 652 41.73 1.74 25.70
C ALA F 652 42.80 0.66 25.71
N LYS F 653 43.96 1.01 25.14
CA LYS F 653 45.12 0.13 25.15
C LYS F 653 46.17 0.77 26.06
N ILE F 654 46.62 0.02 27.08
CA ILE F 654 47.60 0.53 28.03
C ILE F 654 48.64 -0.53 28.32
N LEU F 655 49.81 -0.09 28.78
CA LEU F 655 50.91 -0.97 29.12
C LEU F 655 51.13 -1.02 30.64
N VAL F 656 51.20 -2.23 31.19
CA VAL F 656 51.52 -2.46 32.59
C VAL F 656 52.39 -3.70 32.68
N ASN F 657 53.24 -3.78 33.71
CA ASN F 657 53.86 -5.09 33.81
C ASN F 657 52.85 -6.09 34.35
N ASP F 658 53.21 -7.36 34.17
CA ASP F 658 52.35 -8.44 34.61
C ASP F 658 52.12 -8.38 36.11
N GLY F 659 53.16 -8.09 36.86
CA GLY F 659 52.98 -8.09 38.30
C GLY F 659 52.25 -6.89 38.83
N GLU F 660 51.67 -6.06 37.95
CA GLU F 660 51.39 -4.67 38.26
C GLU F 660 49.93 -4.32 38.01
N THR F 661 49.40 -3.53 38.92
CA THR F 661 48.02 -3.07 38.87
C THR F 661 48.05 -1.57 38.66
N ILE F 662 47.25 -1.09 37.72
CA ILE F 662 47.11 0.34 37.52
C ILE F 662 45.64 0.64 37.54
N VAL F 663 45.32 1.92 37.69
CA VAL F 663 43.94 2.35 37.61
C VAL F 663 43.73 2.74 36.17
N ILE F 664 42.96 1.92 35.45
CA ILE F 664 42.70 2.22 34.05
C ILE F 664 42.00 3.56 33.98
N GLY F 665 41.12 3.80 34.92
CA GLY F 665 40.43 5.06 35.01
C GLY F 665 39.55 5.09 36.23
N GLY F 666 38.93 6.23 36.43
CA GLY F 666 38.02 6.39 37.53
C GLY F 666 37.54 7.82 37.59
N VAL F 667 36.45 8.00 38.32
CA VAL F 667 35.82 9.32 38.40
C VAL F 667 35.17 9.51 39.76
N PHE F 668 35.38 10.68 40.33
CA PHE F 668 34.67 11.13 41.51
C PHE F 668 33.63 12.17 41.13
N SER F 669 32.40 11.95 41.55
CA SER F 669 31.28 12.88 41.36
C SER F 669 30.92 13.56 42.68
N ASN F 670 31.20 14.86 42.79
CA ASN F 670 30.91 15.63 44.01
C ASN F 670 29.69 16.51 43.80
N GLU F 671 28.58 16.15 44.42
CA GLU F 671 27.33 16.89 44.34
C GLU F 671 27.09 17.76 45.57
N GLN F 672 26.94 19.06 45.34
CA GLN F 672 26.58 19.97 46.43
C GLN F 672 25.32 20.71 45.98
N SER F 673 24.20 20.42 46.64
CA SER F 673 22.91 21.00 46.28
C SER F 673 22.31 21.73 47.47
N LYS F 674 21.90 22.97 47.26
CA LYS F 674 21.25 23.75 48.29
C LYS F 674 19.99 24.40 47.73
N SER F 675 18.92 24.33 48.51
CA SER F 675 17.61 24.89 48.15
C SER F 675 17.07 25.53 49.41
N VAL F 676 16.82 26.82 49.38
CA VAL F 676 16.27 27.50 50.54
C VAL F 676 15.03 28.26 50.11
N GLU F 677 13.95 28.05 50.84
CA GLU F 677 12.66 28.65 50.61
C GLU F 677 12.23 29.43 51.83
N LYS F 678 11.97 30.73 51.65
CA LYS F 678 11.75 31.52 52.84
C LYS F 678 10.79 32.67 52.57
N VAL F 679 9.75 32.74 53.38
CA VAL F 679 9.05 34.01 53.44
C VAL F 679 10.07 35.07 53.83
N PRO F 680 10.22 36.12 53.02
CA PRO F 680 11.29 37.09 53.26
C PRO F 680 11.12 37.79 54.59
N PHE F 681 9.91 38.28 54.88
CA PHE F 681 9.71 39.07 56.09
C PHE F 681 9.93 38.24 57.35
N LEU F 682 9.30 37.07 57.42
CA LEU F 682 9.53 36.23 58.60
C LEU F 682 10.93 35.63 58.57
N GLY F 683 11.43 35.30 57.38
CA GLY F 683 12.78 34.78 57.30
C GLY F 683 13.77 35.78 57.88
N GLU F 684 13.48 37.07 57.70
CA GLU F 684 14.31 38.14 58.22
C GLU F 684 14.41 38.04 59.73
N LEU F 685 13.32 37.66 60.38
CA LEU F 685 13.30 37.61 61.82
C LEU F 685 14.38 36.67 62.32
N PRO F 686 15.21 37.08 63.26
CA PRO F 686 16.31 36.20 63.71
C PRO F 686 15.83 34.94 64.39
N TYR F 687 14.78 35.05 65.21
CA TYR F 687 14.33 33.91 65.99
C TYR F 687 13.33 33.08 65.23
N LEU F 688 12.73 33.65 64.19
CA LEU F 688 11.70 32.99 63.43
C LEU F 688 12.11 32.68 62.01
N GLY F 689 13.23 33.22 61.53
CA GLY F 689 13.63 32.92 60.17
C GLY F 689 13.93 31.45 60.00
N ARG F 690 14.62 30.85 60.98
CA ARG F 690 14.85 29.41 60.92
C ARG F 690 13.52 28.69 60.88
N LEU F 691 12.53 29.26 61.57
CA LEU F 691 11.18 28.76 61.63
C LEU F 691 10.38 29.18 60.40
N PHE F 692 11.00 29.98 59.51
CA PHE F 692 10.33 30.39 58.28
C PHE F 692 11.31 30.37 57.10
N ARG F 693 12.45 29.70 57.24
CA ARG F 693 13.40 29.46 56.15
C ARG F 693 13.56 27.94 56.07
N ARG F 694 13.21 27.40 54.91
CA ARG F 694 13.25 25.98 54.64
C ARG F 694 14.48 25.62 53.84
N ASP F 695 15.41 24.93 54.48
CA ASP F 695 16.68 24.60 53.85
C ASP F 695 16.69 23.12 53.52
N THR F 696 16.99 22.81 52.27
CA THR F 696 17.25 21.47 51.80
C THR F 696 18.64 21.46 51.17
N VAL F 697 19.54 20.70 51.76
CA VAL F 697 20.89 20.55 51.23
C VAL F 697 21.14 19.08 51.04
N THR F 698 21.53 18.71 49.84
CA THR F 698 21.87 17.34 49.55
C THR F 698 23.22 17.25 48.88
N ASP F 699 24.07 16.39 49.42
CA ASP F 699 25.36 16.05 48.84
C ASP F 699 25.35 14.55 48.60
N ARG F 700 25.37 14.16 47.34
CA ARG F 700 25.45 12.74 47.02
C ARG F 700 26.67 12.62 46.15
N LYS F 701 27.67 11.88 46.60
CA LYS F 701 28.90 11.75 45.86
C LYS F 701 29.31 10.30 45.71
N ASN F 702 29.35 9.86 44.45
CA ASN F 702 29.76 8.52 44.09
C ASN F 702 31.01 8.58 43.24
N GLU F 703 32.00 7.78 43.61
CA GLU F 703 33.24 7.69 42.87
C GLU F 703 33.36 6.26 42.38
N LEU F 704 33.77 6.11 41.12
CA LEU F 704 33.98 4.81 40.51
C LEU F 704 35.41 4.74 40.00
N LEU F 705 36.10 3.63 40.29
CA LEU F 705 37.47 3.42 39.86
C LEU F 705 37.66 2.00 39.36
N VAL F 706 38.44 1.85 38.29
CA VAL F 706 38.77 0.54 37.73
C VAL F 706 40.27 0.28 37.84
N PHE F 707 40.64 -0.79 38.54
CA PHE F 707 42.02 -1.26 38.51
C PHE F 707 42.18 -2.32 37.42
N LEU F 708 43.42 -2.75 37.20
CA LEU F 708 43.72 -3.92 36.40
C LEU F 708 45.12 -4.44 36.70
N THR F 709 45.25 -5.77 36.74
CA THR F 709 46.54 -6.47 36.82
C THR F 709 46.58 -7.67 35.91
N PRO F 710 47.54 -7.77 34.99
CA PRO F 710 47.59 -8.96 34.13
C PRO F 710 48.65 -9.94 34.63
N ARG F 711 48.32 -11.18 34.88
CA ARG F 711 49.31 -12.17 35.32
C ARG F 711 49.55 -13.10 34.16
N ILE F 712 50.74 -13.02 33.55
CA ILE F 712 50.99 -13.80 32.38
C ILE F 712 50.87 -15.29 32.68
N MET F 713 50.06 -15.98 31.89
CA MET F 713 49.87 -17.41 31.99
C MET F 713 50.90 -18.14 31.16
N ASN F 714 51.70 -17.40 30.38
CA ASN F 714 52.88 -18.00 29.75
C ASN F 714 53.79 -18.58 30.80
N ASN F 715 53.81 -18.00 32.00
CA ASN F 715 54.68 -18.54 33.04
C ASN F 715 54.33 -20.00 33.23
N GLN F 716 53.07 -20.32 32.97
CA GLN F 716 52.53 -21.66 32.96
C GLN F 716 52.37 -22.16 31.55
N ALA F 717 52.06 -21.27 30.60
CA ALA F 717 51.81 -21.66 29.21
C ALA F 717 53.10 -22.01 28.49
N ILE F 718 54.22 -21.41 28.89
CA ILE F 718 55.48 -21.81 28.29
C ILE F 718 55.84 -23.18 28.84
N ALA F 719 55.58 -23.39 30.13
CA ALA F 719 55.75 -24.67 30.79
C ALA F 719 54.64 -25.61 30.39
N ILE F 720 53.58 -25.07 29.80
CA ILE F 720 52.54 -25.82 29.11
C ILE F 720 52.67 -25.67 27.60
N LEU G 385 76.58 -11.61 3.18
CA LEU G 385 75.43 -11.36 4.05
C LEU G 385 75.57 -12.10 5.38
N ARG G 386 75.06 -11.45 6.42
CA ARG G 386 75.12 -11.92 7.79
C ARG G 386 73.70 -12.06 8.31
N ARG G 387 73.42 -13.15 9.00
CA ARG G 387 72.12 -13.38 9.60
C ARG G 387 72.10 -12.87 11.03
N GLU G 388 71.16 -12.01 11.36
CA GLU G 388 70.99 -11.59 12.73
C GLU G 388 69.55 -11.72 13.16
N LEU G 389 69.31 -12.25 14.36
CA LEU G 389 67.98 -12.38 14.94
C LEU G 389 67.79 -11.34 16.04
N ILE G 390 66.76 -10.51 15.90
CA ILE G 390 66.39 -9.55 16.93
C ILE G 390 64.93 -9.77 17.27
N GLN G 391 64.60 -9.91 18.56
CA GLN G 391 63.20 -10.00 18.94
C GLN G 391 62.77 -8.68 19.53
N VAL G 392 61.75 -8.07 18.97
CA VAL G 392 61.22 -6.81 19.48
C VAL G 392 59.78 -6.95 19.96
N ASN G 393 59.59 -6.97 21.28
CA ASN G 393 58.24 -6.94 21.82
C ASN G 393 57.65 -5.53 21.71
N TYR G 394 58.47 -4.51 21.97
CA TYR G 394 58.07 -3.11 21.98
C TYR G 394 58.22 -2.43 20.63
N ALA G 395 58.90 -3.04 19.66
CA ALA G 395 59.09 -2.40 18.37
C ALA G 395 58.16 -3.09 17.39
N LYS G 396 57.39 -2.31 16.66
CA LYS G 396 56.52 -2.86 15.64
C LYS G 396 57.35 -3.48 14.52
N ALA G 397 56.90 -4.64 14.03
CA ALA G 397 57.64 -5.32 12.97
C ALA G 397 57.65 -4.50 11.69
N ALA G 398 56.52 -3.85 11.38
CA ALA G 398 56.45 -2.98 10.21
C ALA G 398 57.46 -1.86 10.29
N ASP G 399 57.65 -1.29 11.48
CA ASP G 399 58.62 -0.22 11.63
C ASP G 399 60.01 -0.71 11.29
N ILE G 400 60.37 -1.89 11.78
CA ILE G 400 61.67 -2.47 11.49
C ILE G 400 61.82 -2.72 10.00
N ALA G 401 60.74 -3.17 9.36
CA ALA G 401 60.77 -3.38 7.93
C ALA G 401 61.03 -2.07 7.21
N LYS G 402 60.40 -0.98 7.68
CA LYS G 402 60.61 0.32 7.08
C LYS G 402 62.06 0.76 7.25
N LEU G 403 62.64 0.43 8.41
CA LEU G 403 64.04 0.77 8.65
C LEU G 403 64.92 0.08 7.63
N PHE G 404 64.67 -1.21 7.39
CA PHE G 404 65.45 -1.92 6.38
C PHE G 404 65.18 -1.40 4.98
N GLN G 405 63.94 -1.03 4.67
CA GLN G 405 63.62 -0.49 3.36
C GLN G 405 64.37 0.81 3.09
N SER G 406 64.42 1.68 4.09
CA SER G 406 65.23 2.89 3.94
C SER G 406 66.69 2.51 3.82
N VAL G 407 67.11 1.49 4.55
CA VAL G 407 68.50 1.03 4.46
C VAL G 407 68.80 0.62 3.03
N THR G 408 67.87 -0.06 2.38
CA THR G 408 68.02 -0.41 0.98
C THR G 408 68.07 0.85 0.12
N SER G 409 67.27 1.86 0.47
CA SER G 409 67.34 3.14 -0.24
C SER G 409 68.73 3.72 -0.16
N ASP G 410 69.42 3.50 0.97
CA ASP G 410 70.82 3.94 1.08
C ASP G 410 71.65 3.33 -0.04
N GLY G 411 71.47 2.03 -0.28
CA GLY G 411 72.28 1.32 -1.25
C GLY G 411 71.45 0.60 -2.30
N GLY G 421 70.27 -9.26 1.28
CA GLY G 421 68.97 -8.61 1.35
C GLY G 421 67.86 -9.61 1.53
N SER G 422 67.98 -10.43 2.57
CA SER G 422 67.00 -11.43 2.93
C SER G 422 66.38 -11.05 4.25
N ILE G 423 65.04 -11.02 4.29
CA ILE G 423 64.31 -10.64 5.49
C ILE G 423 63.37 -11.76 5.92
N THR G 424 63.35 -12.05 7.22
CA THR G 424 62.44 -13.03 7.82
C THR G 424 61.73 -12.30 8.95
N VAL G 425 60.41 -12.39 8.98
CA VAL G 425 59.61 -11.71 10.00
C VAL G 425 58.89 -12.78 10.81
N ASP G 426 59.02 -12.72 12.14
CA ASP G 426 58.35 -13.63 13.07
C ASP G 426 57.25 -12.87 13.79
N ASP G 427 56.01 -13.20 13.46
CA ASP G 427 54.87 -12.55 14.08
C ASP G 427 54.73 -12.93 15.56
N ARG G 428 54.92 -14.20 15.89
CA ARG G 428 54.65 -14.67 17.25
C ARG G 428 55.54 -13.98 18.28
N THR G 429 56.84 -13.95 18.00
CA THR G 429 57.78 -13.29 18.89
C THR G 429 58.03 -11.86 18.44
N ASN G 430 57.48 -11.49 17.28
CA ASN G 430 57.75 -10.19 16.67
C ASN G 430 59.25 -10.03 16.47
N SER G 431 59.90 -11.11 16.04
CA SER G 431 61.36 -11.14 15.92
C SER G 431 61.72 -11.21 14.45
N ILE G 432 62.59 -10.33 14.03
CA ILE G 432 62.99 -10.23 12.65
C ILE G 432 64.42 -10.76 12.57
N ILE G 433 64.61 -11.77 11.74
CA ILE G 433 65.94 -12.29 11.45
C ILE G 433 66.27 -11.87 10.03
N ALA G 434 67.36 -11.14 9.86
CA ALA G 434 67.69 -10.64 8.53
C ALA G 434 69.08 -11.13 8.17
N TYR G 435 69.18 -11.79 7.03
CA TYR G 435 70.46 -12.22 6.48
C TYR G 435 70.75 -11.28 5.31
N GLN G 436 71.65 -10.33 5.55
CA GLN G 436 71.92 -9.23 4.60
C GLN G 436 73.26 -8.62 4.99
N PRO G 437 73.82 -7.65 4.25
CA PRO G 437 75.17 -7.17 4.58
C PRO G 437 75.24 -6.67 6.01
N GLN G 438 76.43 -6.86 6.60
CA GLN G 438 76.61 -6.56 8.01
C GLN G 438 76.32 -5.10 8.32
N GLU G 439 76.76 -4.20 7.45
CA GLU G 439 76.58 -2.78 7.74
C GLU G 439 75.11 -2.42 7.77
N ARG G 440 74.37 -2.90 6.78
CA ARG G 440 72.94 -2.66 6.74
C ARG G 440 72.27 -3.29 7.95
N LEU G 441 72.74 -4.48 8.32
CA LEU G 441 72.19 -5.22 9.44
C LEU G 441 72.37 -4.44 10.74
N ASP G 442 73.55 -3.88 10.94
CA ASP G 442 73.85 -3.11 12.13
C ASP G 442 73.04 -1.84 12.18
N GLU G 443 72.92 -1.14 11.05
CA GLU G 443 72.16 0.08 11.02
C GLU G 443 70.72 -0.19 11.38
N LEU G 444 70.17 -1.27 10.81
CA LEU G 444 68.79 -1.61 11.09
C LEU G 444 68.64 -1.97 12.55
N ARG G 445 69.62 -2.66 13.12
CA ARG G 445 69.59 -3.01 14.53
C ARG G 445 69.54 -1.79 15.44
N ARG G 446 70.35 -0.78 15.12
CA ARG G 446 70.33 0.44 15.92
C ARG G 446 68.97 1.09 15.87
N ILE G 447 68.42 1.20 14.67
CA ILE G 447 67.09 1.78 14.56
C ILE G 447 66.09 0.90 15.31
N VAL G 448 66.28 -0.42 15.25
CA VAL G 448 65.40 -1.36 15.93
C VAL G 448 65.40 -1.04 17.41
N SER G 449 66.58 -0.74 17.94
CA SER G 449 66.70 -0.41 19.35
C SER G 449 65.87 0.82 19.65
N GLN G 450 65.92 1.82 18.77
CA GLN G 450 65.09 3.00 18.98
C GLN G 450 63.61 2.62 18.97
N LEU G 451 63.21 1.78 18.02
CA LEU G 451 61.81 1.39 17.86
C LEU G 451 61.27 0.61 19.05
N ASP G 452 62.12 -0.21 19.69
CA ASP G 452 61.65 -1.10 20.73
C ASP G 452 61.41 -0.26 21.98
N ILE G 453 60.38 0.60 21.87
CA ILE G 453 59.96 1.52 22.91
C ILE G 453 58.52 1.24 23.35
N PRO G 454 58.27 1.23 24.65
CA PRO G 454 56.93 0.95 25.17
C PRO G 454 55.93 2.03 24.76
N VAL G 455 54.73 1.62 24.36
CA VAL G 455 53.68 2.59 24.08
C VAL G 455 53.43 3.44 25.33
N ARG G 456 53.35 4.75 25.13
CA ARG G 456 53.27 5.71 26.22
C ARG G 456 51.83 6.00 26.64
N GLN G 457 51.48 5.58 27.84
CA GLN G 457 50.20 5.90 28.47
C GLN G 457 50.27 7.21 29.25
N VAL G 458 49.17 7.97 29.22
CA VAL G 458 49.01 9.15 30.06
C VAL G 458 47.64 9.10 30.73
N MET G 459 47.62 9.43 32.03
CA MET G 459 46.40 9.52 32.81
C MET G 459 45.89 10.95 32.73
N ILE G 460 44.71 11.14 32.15
CA ILE G 460 44.14 12.45 31.93
C ILE G 460 43.04 12.65 32.96
N GLU G 461 43.13 13.73 33.73
CA GLU G 461 42.14 14.02 34.76
C GLU G 461 41.64 15.40 34.44
N ALA G 462 40.44 15.48 33.88
CA ALA G 462 39.79 16.75 33.59
C ALA G 462 38.58 16.82 34.49
N ARG G 463 38.50 17.88 35.28
CA ARG G 463 37.44 17.98 36.28
C ARG G 463 36.47 19.10 35.95
N ILE G 464 35.20 18.82 36.15
CA ILE G 464 34.14 19.78 35.88
C ILE G 464 33.64 20.31 37.22
N VAL G 465 33.63 21.62 37.36
CA VAL G 465 33.14 22.28 38.56
C VAL G 465 31.98 23.17 38.14
N GLU G 466 30.79 22.90 38.67
CA GLU G 466 29.63 23.73 38.42
C GLU G 466 29.07 24.30 39.70
N ALA G 467 28.93 25.62 39.77
CA ALA G 467 28.30 26.25 40.91
C ALA G 467 27.14 27.12 40.44
N ASN G 468 25.96 26.90 40.99
CA ASN G 468 24.78 27.70 40.67
C ASN G 468 24.21 28.30 41.95
N VAL G 469 24.12 29.62 42.01
CA VAL G 469 23.52 30.32 43.14
C VAL G 469 22.30 31.07 42.65
N GLY G 470 21.16 30.77 43.26
CA GLY G 470 19.92 31.40 42.88
C GLY G 470 19.05 32.09 43.92
N TYR G 471 18.72 33.35 43.67
CA TYR G 471 17.80 34.15 44.47
C TYR G 471 16.59 34.63 43.67
N ASP G 472 15.39 34.27 44.11
CA ASP G 472 14.18 34.76 43.46
C ASP G 472 13.24 35.32 44.51
N LYS G 473 12.81 36.57 44.35
CA LYS G 473 11.81 37.15 45.23
C LYS G 473 10.64 37.71 44.45
N SER G 474 9.42 37.39 44.89
CA SER G 474 8.21 37.92 44.28
C SER G 474 7.34 38.46 45.39
N LEU G 475 6.82 39.68 45.24
CA LEU G 475 5.97 40.28 46.25
C LEU G 475 4.64 40.69 45.62
N GLY G 476 3.55 40.11 46.12
CA GLY G 476 2.17 40.49 45.87
C GLY G 476 1.56 41.31 46.99
N VAL G 477 1.25 42.58 46.75
CA VAL G 477 0.76 43.47 47.80
C VAL G 477 -0.72 43.76 47.54
N ARG G 478 -1.55 43.53 48.56
CA ARG G 478 -2.97 43.25 48.37
C ARG G 478 -3.80 44.00 49.41
N TRP G 479 -4.69 44.86 48.93
CA TRP G 479 -5.61 45.65 49.75
C TRP G 479 -7.06 45.44 49.35
N GLY G 480 -7.77 44.51 49.99
CA GLY G 480 -9.15 44.33 49.60
C GLY G 480 -10.19 44.59 50.67
N GLY G 481 -11.07 45.56 50.40
CA GLY G 481 -12.23 45.87 51.20
C GLY G 481 -13.44 45.91 50.27
N ALA G 482 -14.47 45.09 50.51
CA ALA G 482 -15.66 45.20 49.68
C ALA G 482 -16.72 46.14 50.25
N TYR G 483 -16.58 46.62 51.47
CA TYR G 483 -17.62 47.47 52.04
C TYR G 483 -17.74 48.75 51.23
N HIS G 484 -16.60 49.37 50.92
CA HIS G 484 -16.57 50.58 50.12
C HIS G 484 -16.11 50.28 48.71
N LYS G 485 -16.19 49.00 48.33
CA LYS G 485 -15.78 48.51 47.02
C LYS G 485 -14.39 48.99 46.63
N GLY G 486 -13.48 49.00 47.59
CA GLY G 486 -12.11 49.34 47.26
C GLY G 486 -11.14 48.18 47.37
N ASN G 487 -10.65 47.67 46.24
CA ASN G 487 -9.81 46.48 46.28
C ASN G 487 -8.80 46.49 45.14
N TRP G 488 -7.54 46.58 45.51
CA TRP G 488 -6.40 46.48 44.62
C TRP G 488 -5.62 45.20 44.89
N SER G 489 -5.38 44.43 43.83
CA SER G 489 -4.77 43.12 43.95
C SER G 489 -3.25 43.12 43.86
N GLY G 490 -2.64 42.27 44.69
CA GLY G 490 -1.21 42.09 44.62
C GLY G 490 -0.91 41.31 43.38
N TYR G 491 0.37 41.02 43.17
CA TYR G 491 0.72 40.24 42.00
C TYR G 491 1.72 39.15 42.30
N GLY G 492 2.85 39.51 42.93
CA GLY G 492 3.86 38.50 43.21
C GLY G 492 3.24 37.30 43.87
N LYS G 493 2.42 37.54 44.89
CA LYS G 493 1.52 36.54 45.44
C LYS G 493 0.11 37.15 45.48
N ASP G 494 -0.47 37.29 44.28
CA ASP G 494 -1.66 38.11 44.02
C ASP G 494 -2.74 37.96 45.08
N GLY G 495 -3.27 39.09 45.54
CA GLY G 495 -4.39 39.08 46.47
C GLY G 495 -5.31 40.28 46.31
N ASN G 496 -6.63 40.06 46.32
CA ASN G 496 -7.55 41.18 46.17
C ASN G 496 -8.80 40.79 46.94
N ILE G 497 -8.89 41.26 48.17
CA ILE G 497 -9.83 40.68 49.10
C ILE G 497 -11.27 40.96 48.70
N GLY G 498 -11.53 41.92 47.81
CA GLY G 498 -12.90 42.15 47.38
C GLY G 498 -13.48 40.98 46.59
N ILE G 499 -12.68 40.40 45.69
CA ILE G 499 -13.16 39.29 44.88
C ILE G 499 -13.62 38.13 45.77
N LYS G 500 -12.86 37.83 46.82
CA LYS G 500 -13.28 36.76 47.72
C LYS G 500 -14.13 37.31 48.86
N ASP G 501 -14.36 38.62 48.88
CA ASP G 501 -15.46 39.18 49.64
C ASP G 501 -16.76 38.86 48.94
N GLU G 502 -16.69 38.56 47.65
CA GLU G 502 -17.87 38.05 46.95
C GLU G 502 -18.13 36.62 47.40
N ASP G 503 -17.06 35.85 47.55
CA ASP G 503 -17.09 34.52 48.15
C ASP G 503 -17.63 34.59 49.57
N PRO G 527 -13.62 34.24 56.89
CA PRO G 527 -12.26 34.72 57.18
C PRO G 527 -11.35 33.64 57.77
N PHE G 528 -11.81 32.89 58.77
CA PHE G 528 -10.93 31.88 59.36
C PHE G 528 -10.63 30.75 58.35
N VAL G 529 -11.59 30.41 57.49
CA VAL G 529 -11.36 29.31 56.55
C VAL G 529 -10.82 29.84 55.22
N ASP G 530 -11.46 30.86 54.64
CA ASP G 530 -11.05 31.33 53.32
C ASP G 530 -9.65 31.94 53.35
N LEU G 531 -9.39 32.80 54.34
CA LEU G 531 -8.05 33.39 54.44
C LEU G 531 -7.00 32.34 54.79
N GLY G 532 -7.30 31.40 55.69
CA GLY G 532 -6.31 30.37 56.01
C GLY G 532 -5.73 29.73 54.77
N ALA G 533 -6.61 29.22 53.90
CA ALA G 533 -6.17 28.59 52.66
C ALA G 533 -5.55 29.62 51.75
N LYS G 534 -6.24 30.74 51.54
CA LYS G 534 -5.74 31.78 50.65
C LYS G 534 -4.30 32.12 51.02
N ASP G 535 -4.05 32.27 52.33
CA ASP G 535 -2.81 32.74 52.89
C ASP G 535 -1.88 31.58 53.20
N ALA G 536 -2.20 30.38 52.72
CA ALA G 536 -1.35 29.23 53.00
C ALA G 536 0.06 29.48 52.47
N THR G 537 0.16 30.24 51.39
CA THR G 537 1.41 30.44 50.65
C THR G 537 2.54 30.92 51.55
N SER G 538 3.75 30.43 51.26
CA SER G 538 5.01 30.72 51.94
C SER G 538 5.01 32.04 52.68
N GLY G 539 4.86 33.12 51.93
CA GLY G 539 4.95 34.42 52.54
C GLY G 539 3.68 35.20 52.42
N ILE G 540 2.92 35.27 53.50
CA ILE G 540 1.72 36.07 53.58
C ILE G 540 1.73 36.86 54.87
N GLY G 541 1.57 38.17 54.77
CA GLY G 541 1.42 38.97 55.97
C GLY G 541 -0.03 39.42 56.01
N ILE G 542 -0.82 38.92 56.94
CA ILE G 542 -2.26 39.18 56.98
C ILE G 542 -2.57 40.23 58.04
N GLY G 543 -3.26 41.28 57.62
CA GLY G 543 -3.97 42.17 58.51
C GLY G 543 -5.45 41.95 58.23
N PHE G 544 -6.24 41.60 59.22
CA PHE G 544 -7.66 41.41 58.97
C PHE G 544 -8.46 42.22 59.96
N ILE G 545 -9.50 42.88 59.46
CA ILE G 545 -10.58 43.32 60.32
C ILE G 545 -11.78 42.50 59.88
N THR G 546 -12.53 42.00 60.85
CA THR G 546 -13.78 41.31 60.52
C THR G 546 -14.94 41.84 61.33
N ASP G 547 -14.67 42.24 62.57
CA ASP G 547 -15.73 42.56 63.50
C ASP G 547 -16.53 43.77 63.05
N ASN G 548 -15.84 44.89 62.79
CA ASN G 548 -16.53 46.07 62.27
C ASN G 548 -16.91 45.86 60.82
N ILE G 549 -15.94 45.44 60.02
CA ILE G 549 -16.07 45.19 58.59
C ILE G 549 -14.98 44.17 58.32
N ILE G 550 -15.13 43.40 57.27
CA ILE G 550 -14.06 42.51 56.87
C ILE G 550 -13.28 43.22 55.77
N LEU G 551 -12.09 43.66 56.14
CA LEU G 551 -11.17 44.39 55.28
C LEU G 551 -9.83 43.73 55.51
N ASP G 552 -9.35 43.02 54.48
CA ASP G 552 -8.14 42.22 54.56
C ASP G 552 -7.02 42.87 53.75
N LEU G 553 -5.88 43.09 54.40
CA LEU G 553 -4.73 43.77 53.80
C LEU G 553 -3.47 42.94 54.06
N GLN G 554 -2.96 42.31 53.01
CA GLN G 554 -1.86 41.37 53.13
C GLN G 554 -0.71 41.73 52.21
N LEU G 555 0.51 41.54 52.70
CA LEU G 555 1.69 41.72 51.88
C LEU G 555 2.26 40.32 51.80
N SER G 556 2.25 39.73 50.60
CA SER G 556 2.62 38.34 50.45
C SER G 556 3.90 38.25 49.61
N ALA G 557 4.99 37.85 50.23
CA ALA G 557 6.32 37.91 49.65
C ALA G 557 7.06 36.57 49.78
N MET G 558 7.80 36.21 48.75
CA MET G 558 8.57 34.97 48.69
C MET G 558 10.00 35.26 48.28
N GLU G 559 10.94 34.70 49.02
CA GLU G 559 12.35 34.71 48.67
C GLU G 559 12.82 33.27 48.70
N LYS G 560 13.37 32.81 47.58
CA LYS G 560 13.81 31.45 47.44
C LYS G 560 15.28 31.49 47.05
N THR G 561 16.12 30.71 47.72
CA THR G 561 17.52 30.63 47.33
C THR G 561 17.95 29.18 47.18
N GLY G 562 18.47 28.85 46.01
CA GLY G 562 19.01 27.52 45.76
C GLY G 562 20.39 27.51 45.13
N ASN G 563 21.35 26.83 45.73
CA ASN G 563 22.68 26.70 45.12
C ASN G 563 23.04 25.24 44.95
N GLY G 564 23.34 24.86 43.71
CA GLY G 564 23.79 23.51 43.47
C GLY G 564 25.15 23.55 42.82
N GLU G 565 26.11 22.87 43.43
CA GLU G 565 27.45 22.77 42.87
C GLU G 565 27.82 21.31 42.74
N ILE G 566 28.20 20.90 41.54
CA ILE G 566 28.64 19.54 41.28
C ILE G 566 30.04 19.57 40.70
N VAL G 567 30.95 18.85 41.34
CA VAL G 567 32.35 18.80 40.91
C VAL G 567 32.71 17.34 40.68
N SER G 568 32.92 16.98 39.42
CA SER G 568 33.22 15.61 39.05
C SER G 568 34.54 15.51 38.30
N GLN G 569 35.42 14.60 38.71
CA GLN G 569 36.69 14.43 38.00
C GLN G 569 36.95 12.99 37.61
N PRO G 570 36.91 12.70 36.32
CA PRO G 570 37.31 11.40 35.78
C PRO G 570 38.75 11.33 35.28
N LYS G 571 39.46 10.27 35.65
CA LYS G 571 40.85 10.04 35.29
C LYS G 571 40.93 8.85 34.34
N VAL G 572 41.58 9.03 33.19
CA VAL G 572 41.68 8.01 32.15
C VAL G 572 43.14 7.70 31.80
N VAL G 573 43.49 6.42 31.71
CA VAL G 573 44.84 6.02 31.27
C VAL G 573 44.77 5.66 29.80
N THR G 574 45.55 6.36 28.97
CA THR G 574 45.50 6.24 27.52
C THR G 574 46.86 6.00 26.90
N SER G 575 46.91 5.21 25.83
CA SER G 575 48.15 5.12 25.10
C SER G 575 48.45 6.48 24.46
N ASP G 576 49.68 6.64 23.96
CA ASP G 576 50.11 7.92 23.40
C ASP G 576 49.63 8.01 21.96
N LYS G 577 48.97 9.12 21.61
CA LYS G 577 48.43 9.35 20.27
C LYS G 577 47.25 8.45 20.00
N GLU G 578 46.72 7.79 21.03
CA GLU G 578 45.61 6.87 20.90
C GLU G 578 44.46 7.46 21.72
N THR G 579 43.25 7.06 21.39
CA THR G 579 42.10 7.45 22.16
C THR G 579 41.76 6.46 23.26
N ALA G 580 41.38 7.01 24.41
CA ALA G 580 40.81 6.26 25.51
C ALA G 580 39.65 7.08 26.03
N LYS G 581 38.69 6.40 26.63
CA LYS G 581 37.43 7.05 26.95
C LYS G 581 36.91 6.55 28.28
N ILE G 582 36.55 7.50 29.15
CA ILE G 582 35.85 7.17 30.38
C ILE G 582 34.46 7.73 30.18
N LEU G 583 33.44 6.90 30.45
CA LEU G 583 32.07 7.32 30.29
C LEU G 583 31.25 6.82 31.47
N LYS G 584 30.67 7.75 32.20
CA LYS G 584 29.94 7.49 33.44
C LYS G 584 28.52 8.01 33.28
N GLY G 585 27.66 7.22 32.69
CA GLY G 585 26.31 7.69 32.41
C GLY G 585 25.25 6.66 32.17
N SER G 586 24.29 7.04 31.34
CA SER G 586 23.08 6.24 31.09
C SER G 586 22.60 6.62 29.71
N GLU G 587 21.97 5.70 28.99
CA GLU G 587 21.82 5.91 27.56
C GLU G 587 20.39 6.26 27.18
N VAL G 588 20.15 7.57 27.06
CA VAL G 588 18.89 8.16 26.68
C VAL G 588 18.55 7.80 25.24
N PRO G 589 17.54 6.99 25.06
CA PRO G 589 17.09 6.52 23.75
C PRO G 589 15.96 7.39 23.19
N TYR G 590 15.59 7.08 21.97
CA TYR G 590 14.34 7.55 21.38
C TYR G 590 13.83 6.37 20.58
N GLN G 591 12.64 5.89 20.89
CA GLN G 591 12.07 4.72 20.23
C GLN G 591 10.97 5.23 19.31
N GLU G 592 11.32 5.44 18.05
CA GLU G 592 10.33 5.72 17.01
C GLU G 592 10.13 4.45 16.21
N ALA G 593 9.06 3.73 16.47
CA ALA G 593 8.84 2.44 15.81
C ALA G 593 7.82 2.57 14.69
N SER G 594 8.32 2.89 13.50
CA SER G 594 7.52 3.46 12.42
C SER G 594 7.40 2.27 11.47
N SER G 595 6.23 1.62 11.54
CA SER G 595 5.96 0.33 10.95
C SER G 595 6.60 0.12 9.59
N SER G 596 6.36 1.05 8.66
CA SER G 596 6.78 0.82 7.28
C SER G 596 8.27 1.12 7.11
N GLY G 597 9.07 0.24 7.71
CA GLY G 597 10.47 0.14 7.44
C GLY G 597 11.42 0.98 8.27
N ALA G 598 10.97 1.86 9.14
CA ALA G 598 11.94 2.55 9.98
C ALA G 598 11.72 2.23 11.44
N THR G 599 12.73 1.65 12.08
CA THR G 599 12.66 1.35 13.51
C THR G 599 13.78 2.11 14.21
N SER G 600 13.49 3.37 14.53
CA SER G 600 14.50 4.26 15.08
C SER G 600 14.55 3.92 16.56
N THR G 601 15.17 2.77 16.85
CA THR G 601 15.40 2.39 18.23
C THR G 601 16.69 3.04 18.69
N SER G 602 16.67 4.37 18.59
CA SER G 602 17.84 5.17 18.82
C SER G 602 18.16 5.19 20.30
N PHE G 603 19.44 5.33 20.61
CA PHE G 603 19.87 5.59 21.97
C PHE G 603 21.21 6.29 21.91
N LYS G 604 21.56 6.91 23.02
CA LYS G 604 22.77 7.72 23.13
C LYS G 604 23.00 7.89 24.61
N GLU G 605 24.22 7.67 25.07
CA GLU G 605 24.46 7.75 26.49
C GLU G 605 24.85 9.15 26.94
N ALA G 606 24.00 9.71 27.78
CA ALA G 606 24.21 10.97 28.45
C ALA G 606 25.06 10.54 29.64
N ALA G 607 26.36 10.60 29.40
CA ALA G 607 27.37 10.14 30.33
C ALA G 607 28.42 11.21 30.46
N LEU G 608 29.01 11.32 31.64
CA LEU G 608 30.19 12.14 31.64
C LEU G 608 31.20 11.37 30.81
N SER G 609 32.09 12.09 30.13
CA SER G 609 33.09 11.34 29.41
C SER G 609 34.27 12.19 29.05
N LEU G 610 35.38 11.49 28.90
CA LEU G 610 36.62 12.03 28.38
C LEU G 610 37.05 11.08 27.28
N GLU G 611 37.19 11.59 26.08
CA GLU G 611 37.74 10.83 24.95
C GLU G 611 39.01 11.55 24.55
N VAL G 612 40.14 10.97 24.88
CA VAL G 612 41.44 11.63 24.78
C VAL G 612 42.34 10.92 23.79
N THR G 613 43.03 11.73 22.98
CA THR G 613 44.09 11.27 22.08
C THR G 613 45.30 12.15 22.38
N PRO G 614 46.08 11.77 23.40
CA PRO G 614 47.27 12.55 23.79
C PRO G 614 48.48 12.30 22.90
N GLN G 615 49.18 13.37 22.53
CA GLN G 615 50.48 13.27 21.88
C GLN G 615 51.54 13.81 22.84
N ILE G 616 52.51 12.97 23.17
CA ILE G 616 53.48 13.27 24.21
C ILE G 616 54.73 13.92 23.63
N THR G 617 55.04 15.11 24.09
CA THR G 617 56.21 15.84 23.67
C THR G 617 57.23 15.88 24.82
N PRO G 618 58.53 16.06 24.49
CA PRO G 618 59.58 15.67 25.45
C PRO G 618 59.46 16.28 26.82
N ASP G 619 59.08 17.54 26.91
CA ASP G 619 59.15 18.15 28.23
C ASP G 619 57.89 17.76 28.97
N ASN G 620 57.58 16.46 29.00
CA ASN G 620 56.46 15.98 29.78
C ASN G 620 55.25 16.83 29.44
N ARG G 621 54.97 16.94 28.14
CA ARG G 621 53.81 17.70 27.75
C ARG G 621 53.01 16.86 26.80
N ILE G 622 51.75 17.23 26.64
CA ILE G 622 50.86 16.60 25.69
C ILE G 622 50.03 17.60 24.92
N ILE G 623 49.99 17.45 23.61
CA ILE G 623 48.97 18.09 22.80
C ILE G 623 47.92 17.00 22.62
N VAL G 624 46.73 17.18 23.16
CA VAL G 624 45.74 16.13 23.16
C VAL G 624 44.49 16.62 22.48
N GLU G 625 43.92 15.77 21.64
CA GLU G 625 42.57 16.01 21.14
C GLU G 625 41.64 15.36 22.14
N VAL G 626 40.90 16.17 22.88
CA VAL G 626 40.03 15.70 23.93
C VAL G 626 38.60 16.16 23.69
N LYS G 627 37.70 15.19 23.71
CA LYS G 627 36.28 15.39 23.84
C LYS G 627 35.93 15.30 25.32
N VAL G 628 35.45 16.39 25.90
CA VAL G 628 35.07 16.42 27.30
C VAL G 628 33.59 16.74 27.30
N THR G 629 32.76 15.74 27.56
CA THR G 629 31.32 15.94 27.48
C THR G 629 30.59 15.55 28.75
N LYS G 630 29.67 16.40 29.16
CA LYS G 630 28.73 16.08 30.21
C LYS G 630 27.35 16.21 29.60
N ASP G 631 26.54 15.17 29.74
CA ASP G 631 25.20 15.24 29.20
C ASP G 631 24.27 14.57 30.18
N ALA G 632 22.98 14.77 29.97
CA ALA G 632 22.16 14.25 31.04
C ALA G 632 20.73 14.01 30.60
N PRO G 633 20.13 12.91 31.05
CA PRO G 633 18.77 12.54 30.65
C PRO G 633 17.77 13.67 30.78
N ASP G 634 16.90 13.75 29.81
CA ASP G 634 15.97 14.84 29.64
C ASP G 634 14.65 14.57 30.34
N TYR G 635 14.09 15.61 30.96
CA TYR G 635 12.74 15.51 31.49
C TYR G 635 11.75 15.08 30.42
N GLN G 636 11.73 15.79 29.28
CA GLN G 636 10.74 15.47 28.26
C GLN G 636 10.98 14.05 27.73
N ASN G 637 12.23 13.60 27.71
CA ASN G 637 12.52 12.22 27.36
C ASN G 637 11.95 11.27 28.39
N MET G 638 12.20 11.55 29.66
CA MET G 638 11.59 10.75 30.72
C MET G 638 10.09 10.94 30.67
N LEU G 639 9.65 12.09 30.14
CA LEU G 639 8.26 12.41 29.92
C LEU G 639 7.72 11.73 28.68
N ASN G 640 8.61 11.18 27.85
CA ASN G 640 8.25 10.61 26.55
C ASN G 640 7.52 11.66 25.71
N GLY G 641 7.99 12.90 25.81
CA GLY G 641 7.47 13.99 25.02
C GLY G 641 8.52 14.33 23.98
N VAL G 642 8.71 15.61 23.69
CA VAL G 642 9.79 16.03 22.80
C VAL G 642 11.01 16.32 23.70
N PRO G 643 12.04 15.47 23.64
CA PRO G 643 13.13 15.48 24.67
C PRO G 643 14.29 16.44 24.45
N PRO G 644 14.38 17.55 25.23
CA PRO G 644 15.63 18.32 25.19
C PRO G 644 16.63 17.82 26.22
N ILE G 645 17.49 16.89 25.82
CA ILE G 645 18.55 16.38 26.68
C ILE G 645 19.61 17.44 26.95
N ASN G 646 20.24 17.37 28.13
CA ASN G 646 21.21 18.40 28.48
C ASN G 646 22.55 18.04 27.87
N LYS G 647 23.26 19.06 27.38
CA LYS G 647 24.58 18.83 26.81
C LYS G 647 25.48 20.02 27.13
N ASN G 648 26.56 19.76 27.85
CA ASN G 648 27.70 20.65 28.02
C ASN G 648 28.94 19.94 27.48
N GLU G 649 29.37 20.26 26.27
CA GLU G 649 30.47 19.49 25.69
C GLU G 649 31.48 20.42 25.05
N VAL G 650 32.75 20.18 25.34
CA VAL G 650 33.85 20.86 24.66
C VAL G 650 34.67 19.84 23.90
N ASN G 651 34.92 20.12 22.63
CA ASN G 651 35.73 19.24 21.79
C ASN G 651 36.88 20.06 21.24
N ALA G 652 38.11 19.66 21.57
CA ALA G 652 39.23 20.50 21.18
C ALA G 652 40.54 19.80 21.43
N LYS G 653 41.58 20.25 20.72
CA LYS G 653 42.93 19.76 20.91
C LYS G 653 43.75 20.90 21.52
N ILE G 654 44.36 20.64 22.68
CA ILE G 654 45.15 21.66 23.38
C ILE G 654 46.44 21.05 23.91
N LEU G 655 47.43 21.91 24.13
CA LEU G 655 48.73 21.49 24.65
C LEU G 655 48.92 21.97 26.09
N VAL G 656 49.30 21.05 26.98
CA VAL G 656 49.65 21.36 28.37
C VAL G 656 50.81 20.48 28.77
N ASN G 657 51.63 20.94 29.72
CA ASN G 657 52.56 19.94 30.16
C ASN G 657 51.87 18.93 31.05
N ASP G 658 52.54 17.81 31.23
CA ASP G 658 52.00 16.73 32.03
C ASP G 658 51.73 17.19 33.47
N GLY G 659 52.64 17.96 34.03
CA GLY G 659 52.44 18.35 35.40
C GLY G 659 51.40 19.43 35.59
N GLU G 660 50.64 19.76 34.54
CA GLU G 660 49.98 21.05 34.44
C GLU G 660 48.51 20.91 34.18
N THR G 661 47.75 21.77 34.85
CA THR G 661 46.31 21.82 34.74
C THR G 661 45.93 23.13 34.09
N ILE G 662 45.05 23.07 33.10
CA ILE G 662 44.54 24.29 32.49
C ILE G 662 43.03 24.17 32.51
N VAL G 663 42.39 25.30 32.28
CA VAL G 663 40.94 25.31 32.17
C VAL G 663 40.65 25.18 30.69
N ILE G 664 40.16 24.01 30.30
CA ILE G 664 39.86 23.77 28.90
C ILE G 664 38.82 24.79 28.47
N GLY G 665 37.89 25.07 29.35
CA GLY G 665 36.89 26.07 29.10
C GLY G 665 36.00 26.24 30.31
N GLY G 666 35.10 27.19 30.20
CA GLY G 666 34.15 27.44 31.25
C GLY G 666 33.30 28.63 30.90
N VAL G 667 32.19 28.74 31.61
CA VAL G 667 31.23 29.80 31.33
C VAL G 667 30.52 30.22 32.61
N PHE G 668 30.40 31.53 32.78
CA PHE G 668 29.57 32.11 33.81
C PHE G 668 28.30 32.68 33.22
N SER G 669 27.16 32.28 33.75
CA SER G 669 25.84 32.78 33.36
C SER G 669 25.28 33.71 34.42
N ASN G 670 25.19 35.01 34.13
CA ASN G 670 24.69 36.01 35.07
C ASN G 670 23.28 36.43 34.69
N GLU G 671 22.29 36.01 35.47
CA GLU G 671 20.89 36.32 35.24
C GLU G 671 20.40 37.43 36.15
N GLN G 672 19.91 38.52 35.56
CA GLN G 672 19.29 39.59 36.34
C GLN G 672 17.89 39.79 35.77
N SER G 673 16.87 39.44 36.55
CA SER G 673 15.49 39.53 36.12
C SER G 673 14.69 40.41 37.07
N LYS G 674 13.96 41.36 36.52
CA LYS G 674 13.11 42.23 37.31
C LYS G 674 11.73 42.31 36.66
N SER G 675 10.70 42.22 37.48
CA SER G 675 9.31 42.26 37.06
C SER G 675 8.59 43.10 38.09
N VAL G 676 7.99 44.21 37.70
CA VAL G 676 7.25 45.04 38.63
C VAL G 676 5.87 45.27 38.07
N GLU G 677 4.87 45.02 38.90
CA GLU G 677 3.47 45.16 38.58
C GLU G 677 2.82 46.15 39.53
N LYS G 678 2.23 47.20 38.99
CA LYS G 678 1.78 48.24 39.89
C LYS G 678 0.55 48.95 39.35
N VAL G 679 -0.49 48.99 40.16
CA VAL G 679 -1.51 49.99 39.88
C VAL G 679 -0.82 51.35 39.87
N PRO G 680 -0.95 52.09 38.76
CA PRO G 680 -0.18 53.34 38.65
C PRO G 680 -0.56 54.35 39.70
N PHE G 681 -1.86 54.56 39.91
CA PHE G 681 -2.30 55.61 40.83
C PHE G 681 -1.88 55.29 42.26
N LEU G 682 -2.17 54.08 42.73
CA LEU G 682 -1.75 53.73 44.09
C LEU G 682 -0.25 53.55 44.15
N GLY G 683 0.36 53.01 43.09
CA GLY G 683 1.80 52.86 43.07
C GLY G 683 2.46 54.22 43.27
N GLU G 684 1.84 55.26 42.72
CA GLU G 684 2.35 56.62 42.84
C GLU G 684 2.44 57.02 44.31
N LEU G 685 1.47 56.58 45.11
CA LEU G 685 1.43 56.99 46.51
C LEU G 685 2.72 56.55 47.18
N PRO G 686 3.39 57.44 47.90
CA PRO G 686 4.68 57.07 48.52
C PRO G 686 4.53 56.00 49.58
N TYR G 687 3.49 56.08 50.40
CA TYR G 687 3.34 55.16 51.52
C TYR G 687 2.61 53.89 51.10
N LEU G 688 1.90 53.94 49.98
CA LEU G 688 1.10 52.82 49.52
C LEU G 688 1.62 52.21 48.24
N GLY G 689 2.55 52.86 47.55
CA GLY G 689 3.04 52.26 46.32
C GLY G 689 3.74 50.95 46.58
N ARG G 690 4.55 50.89 47.64
CA ARG G 690 5.16 49.62 48.02
C ARG G 690 4.07 48.60 48.29
N LEU G 691 2.96 49.06 48.83
CA LEU G 691 1.78 48.28 49.12
C LEU G 691 0.93 48.07 47.88
N PHE G 692 1.32 48.68 46.76
CA PHE G 692 0.61 48.49 45.50
C PHE G 692 1.56 48.37 44.32
N ARG G 693 2.83 48.12 44.58
CA ARG G 693 3.84 47.80 43.57
C ARG G 693 4.40 46.44 43.93
N ARG G 694 4.24 45.49 43.02
CA ARG G 694 4.66 44.12 43.18
C ARG G 694 5.97 43.87 42.45
N ASP G 695 7.04 43.68 43.21
CA ASP G 695 8.37 43.51 42.62
C ASP G 695 8.78 42.05 42.76
N THR G 696 9.18 41.47 41.64
CA THR G 696 9.80 40.16 41.60
C THR G 696 11.14 40.33 40.91
N VAL G 697 12.21 40.06 41.64
CA VAL G 697 13.56 40.12 41.09
C VAL G 697 14.21 38.77 41.34
N THR G 698 14.70 38.16 40.28
CA THR G 698 15.40 36.90 40.40
C THR G 698 16.74 36.98 39.71
N ASP G 699 17.78 36.58 40.42
CA ASP G 699 19.13 36.43 39.89
C ASP G 699 19.52 34.99 40.12
N ARG G 700 19.67 34.23 39.04
CA ARG G 700 20.13 32.86 39.16
C ARG G 700 21.37 32.81 38.28
N LYS G 701 22.52 32.53 38.89
CA LYS G 701 23.75 32.51 38.13
C LYS G 701 24.54 31.24 38.39
N ASN G 702 24.73 30.47 37.34
CA ASN G 702 25.49 29.23 37.37
C ASN G 702 26.70 29.36 36.47
N GLU G 703 27.85 29.00 36.99
CA GLU G 703 29.09 29.00 36.24
C GLU G 703 29.60 27.58 36.20
N LEU G 704 30.06 27.16 35.03
CA LEU G 704 30.63 25.85 34.82
C LEU G 704 32.03 26.01 34.27
N LEU G 705 32.98 25.25 34.84
CA LEU G 705 34.38 25.29 34.40
C LEU G 705 34.96 23.89 34.33
N VAL G 706 35.76 23.63 33.32
CA VAL G 706 36.44 22.34 33.15
C VAL G 706 37.95 22.53 33.25
N PHE G 707 38.59 21.86 34.20
CA PHE G 707 40.04 21.78 34.24
C PHE G 707 40.51 20.53 33.51
N LEU G 708 41.82 20.39 33.35
CA LEU G 708 42.45 19.15 32.92
C LEU G 708 43.92 19.14 33.27
N THR G 709 44.41 17.97 33.71
CA THR G 709 45.83 17.70 33.91
C THR G 709 46.21 16.31 33.41
N PRO G 710 47.18 16.19 32.50
CA PRO G 710 47.58 14.86 32.05
C PRO G 710 48.84 14.39 32.75
N ARG G 711 48.86 13.25 33.38
CA ARG G 711 50.06 12.73 34.04
C ARG G 711 50.58 11.59 33.20
N ILE G 712 51.70 11.80 32.52
CA ILE G 712 52.19 10.78 31.62
C ILE G 712 52.46 9.49 32.37
N MET G 713 51.88 8.41 31.87
CA MET G 713 52.08 7.07 32.42
C MET G 713 53.30 6.42 31.78
N ASN G 714 53.88 7.07 30.76
CA ASN G 714 55.18 6.63 30.28
C ASN G 714 56.21 6.66 31.38
N ASN G 715 56.04 7.57 32.35
CA ASN G 715 57.00 7.63 33.45
C ASN G 715 57.05 6.26 34.09
N GLN G 716 55.93 5.55 34.02
CA GLN G 716 55.77 4.18 34.46
C GLN G 716 55.78 3.23 33.27
N ALA G 717 55.25 3.68 32.12
CA ALA G 717 55.15 2.84 30.93
C ALA G 717 56.51 2.63 30.29
N ILE G 718 57.42 3.60 30.40
CA ILE G 718 58.76 3.39 29.87
C ILE G 718 59.45 2.38 30.79
N ALA G 719 59.23 2.53 32.09
CA ALA G 719 59.73 1.61 33.10
C ALA G 719 58.91 0.32 33.07
N ILE G 720 57.76 0.37 32.41
CA ILE G 720 56.99 -0.81 32.05
C ILE G 720 57.10 -1.10 30.56
N LEU H 385 76.86 10.53 1.64
CA LEU H 385 75.68 10.73 2.47
C LEU H 385 75.97 10.50 3.95
N ARG H 386 75.29 11.29 4.77
CA ARG H 386 75.45 11.30 6.20
C ARG H 386 74.11 10.97 6.84
N ARG H 387 74.13 10.12 7.85
CA ARG H 387 72.92 9.76 8.58
C ARG H 387 72.74 10.67 9.78
N GLU H 388 71.58 11.31 9.89
CA GLU H 388 71.29 12.08 11.08
C GLU H 388 69.92 11.70 11.62
N LEU H 389 69.83 11.54 12.94
CA LEU H 389 68.57 11.25 13.62
C LEU H 389 68.07 12.49 14.35
N ILE H 390 66.87 12.94 14.03
CA ILE H 390 66.22 14.04 14.75
C ILE H 390 64.86 13.56 15.23
N GLN H 391 64.56 13.75 16.51
CA GLN H 391 63.24 13.40 17.01
C GLN H 391 62.45 14.69 17.19
N VAL H 392 61.31 14.79 16.53
CA VAL H 392 60.45 15.97 16.67
C VAL H 392 59.09 15.60 17.26
N ASN H 393 58.89 15.96 18.53
CA ASN H 393 57.57 15.79 19.13
C ASN H 393 56.63 16.88 18.63
N TYR H 394 57.13 18.11 18.51
CA TYR H 394 56.36 19.29 18.11
C TYR H 394 56.35 19.52 16.61
N ALA H 395 57.18 18.84 15.83
CA ALA H 395 57.21 19.07 14.40
C ALA H 395 56.53 17.88 13.74
N LYS H 396 55.59 18.16 12.86
CA LYS H 396 54.93 17.10 12.12
C LYS H 396 55.92 16.41 11.19
N ALA H 397 55.81 15.07 11.12
CA ALA H 397 56.73 14.30 10.27
C ALA H 397 56.53 14.67 8.80
N ALA H 398 55.28 14.85 8.38
CA ALA H 398 55.00 15.25 7.01
C ALA H 398 55.67 16.58 6.67
N ASP H 399 55.67 17.51 7.63
CA ASP H 399 56.30 18.80 7.36
C ASP H 399 57.79 18.61 7.10
N ILE H 400 58.44 17.78 7.90
CA ILE H 400 59.86 17.52 7.72
C ILE H 400 60.10 16.86 6.36
N ALA H 401 59.19 15.97 5.98
CA ALA H 401 59.31 15.33 4.68
C ALA H 401 59.22 16.37 3.57
N LYS H 402 58.31 17.33 3.73
CA LYS H 402 58.17 18.39 2.74
C LYS H 402 59.43 19.23 2.67
N LEU H 403 60.06 19.45 3.82
CA LEU H 403 61.30 20.20 3.86
C LEU H 403 62.37 19.48 3.04
N PHE H 404 62.47 18.17 3.23
CA PHE H 404 63.45 17.41 2.44
C PHE H 404 63.07 17.37 0.97
N GLN H 405 61.78 17.27 0.65
CA GLN H 405 61.36 17.27 -0.74
C GLN H 405 61.73 18.56 -1.44
N SER H 406 61.52 19.69 -0.78
CA SER H 406 61.96 20.95 -1.34
C SER H 406 63.48 20.97 -1.44
N VAL H 407 64.15 20.38 -0.46
CA VAL H 407 65.60 20.30 -0.50
C VAL H 407 66.05 19.55 -1.75
N THR H 408 65.34 18.48 -2.09
CA THR H 408 65.60 17.76 -3.33
C THR H 408 65.33 18.65 -4.53
N SER H 409 64.29 19.48 -4.45
CA SER H 409 64.01 20.43 -5.53
C SER H 409 65.19 21.36 -5.72
N ASP H 410 65.89 21.70 -4.63
CA ASP H 410 67.10 22.50 -4.77
C ASP H 410 68.10 21.81 -5.69
N GLY H 411 68.29 20.51 -5.50
CA GLY H 411 69.29 19.77 -6.26
C GLY H 411 68.71 18.56 -6.97
N GLY H 421 70.19 10.40 -0.46
CA GLY H 421 68.76 10.66 -0.51
C GLY H 421 67.96 9.50 0.04
N SER H 422 68.28 9.13 1.28
CA SER H 422 67.61 8.06 2.00
C SER H 422 66.88 8.66 3.18
N ILE H 423 65.59 8.35 3.30
CA ILE H 423 64.75 8.87 4.37
C ILE H 423 64.14 7.75 5.19
N THR H 424 64.18 7.89 6.51
CA THR H 424 63.56 6.95 7.43
C THR H 424 62.66 7.77 8.34
N VAL H 425 61.40 7.35 8.49
CA VAL H 425 60.43 8.08 9.30
C VAL H 425 60.01 7.17 10.44
N ASP H 426 60.10 7.68 11.67
CA ASP H 426 59.69 6.97 12.87
C ASP H 426 58.41 7.59 13.41
N ASP H 427 57.31 6.85 13.28
CA ASP H 427 56.02 7.34 13.75
C ASP H 427 55.95 7.43 15.28
N ARG H 428 56.48 6.42 15.97
CA ARG H 428 56.33 6.35 17.42
C ARG H 428 56.97 7.53 18.12
N THR H 429 58.22 7.83 17.77
CA THR H 429 58.92 8.97 18.34
C THR H 429 58.78 10.19 17.45
N ASN H 430 58.18 10.02 16.27
CA ASN H 430 58.09 11.08 15.28
C ASN H 430 59.50 11.56 14.95
N SER H 431 60.43 10.61 14.82
CA SER H 431 61.84 10.93 14.62
C SER H 431 62.24 10.49 13.22
N ILE H 432 62.84 11.40 12.50
CA ILE H 432 63.23 11.16 11.12
C ILE H 432 64.74 11.03 11.11
N ILE H 433 65.22 9.91 10.62
CA ILE H 433 66.65 9.70 10.42
C ILE H 433 66.88 9.72 8.91
N ALA H 434 67.74 10.61 8.45
CA ALA H 434 67.94 10.73 7.02
C ALA H 434 69.42 10.54 6.73
N TYR H 435 69.72 9.61 5.85
CA TYR H 435 71.07 9.40 5.38
C TYR H 435 71.12 9.96 3.95
N GLN H 436 71.73 11.13 3.82
CA GLN H 436 71.70 11.91 2.58
C GLN H 436 72.82 12.94 2.66
N PRO H 437 73.10 13.74 1.62
CA PRO H 437 74.25 14.64 1.69
C PRO H 437 74.18 15.57 2.89
N GLN H 438 75.35 15.89 3.43
CA GLN H 438 75.41 16.66 4.66
C GLN H 438 74.72 18.00 4.52
N GLU H 439 74.92 18.68 3.39
CA GLU H 439 74.36 20.01 3.24
C GLU H 439 72.85 19.95 3.26
N ARG H 440 72.28 19.01 2.52
CA ARG H 440 70.84 18.84 2.50
C ARG H 440 70.35 18.47 3.90
N LEU H 441 71.12 17.62 4.58
CA LEU H 441 70.76 17.16 5.91
C LEU H 441 70.70 18.32 6.89
N ASP H 442 71.68 19.21 6.82
CA ASP H 442 71.73 20.37 7.70
C ASP H 442 70.60 21.33 7.41
N GLU H 443 70.33 21.57 6.12
CA GLU H 443 69.25 22.49 5.76
C GLU H 443 67.94 21.96 6.30
N LEU H 444 67.72 20.65 6.12
CA LEU H 444 66.49 20.06 6.59
C LEU H 444 66.40 20.15 8.09
N ARG H 445 67.52 19.97 8.78
CA ARG H 445 67.55 20.08 10.24
C ARG H 445 67.16 21.47 10.71
N ARG H 446 67.67 22.51 10.05
CA ARG H 446 67.30 23.87 10.43
C ARG H 446 65.81 24.09 10.27
N ILE H 447 65.28 23.65 9.14
CA ILE H 447 63.84 23.79 8.95
C ILE H 447 63.11 22.96 9.99
N VAL H 448 63.66 21.80 10.34
CA VAL H 448 63.06 20.92 11.34
C VAL H 448 62.93 21.68 12.64
N SER H 449 63.97 22.43 12.97
CA SER H 449 63.96 23.22 14.20
C SER H 449 62.82 24.20 14.16
N GLN H 450 62.63 24.85 13.00
CA GLN H 450 61.50 25.77 12.90
C GLN H 450 60.17 25.04 13.11
N LEU H 451 60.04 23.86 12.49
CA LEU H 451 58.80 23.08 12.55
C LEU H 451 58.49 22.60 13.96
N ASP H 452 59.51 22.28 14.75
CA ASP H 452 59.28 21.67 16.06
C ASP H 452 58.79 22.77 17.01
N ILE H 453 57.58 23.23 16.70
CA ILE H 453 56.88 24.30 17.44
C ILE H 453 55.57 23.80 18.04
N PRO H 454 55.31 24.13 19.29
CA PRO H 454 54.08 23.69 19.96
C PRO H 454 52.84 24.29 19.31
N VAL H 455 51.80 23.45 19.14
CA VAL H 455 50.53 23.97 18.65
C VAL H 455 50.04 25.07 19.58
N ARG H 456 49.61 26.19 18.99
CA ARG H 456 49.24 27.39 19.74
C ARG H 456 47.77 27.40 20.15
N GLN H 457 47.52 27.30 21.44
CA GLN H 457 46.20 27.44 22.02
C GLN H 457 45.89 28.90 22.35
N VAL H 458 44.63 29.30 22.16
CA VAL H 458 44.12 30.60 22.59
C VAL H 458 42.82 30.40 23.36
N MET H 459 42.68 31.10 24.47
CA MET H 459 41.46 31.11 25.27
C MET H 459 40.57 32.25 24.80
N ILE H 460 39.41 31.93 24.27
CA ILE H 460 38.51 32.90 23.70
C ILE H 460 37.38 33.12 24.68
N GLU H 461 37.16 34.36 25.08
CA GLU H 461 36.11 34.68 26.03
C GLU H 461 35.24 35.72 25.33
N ALA H 462 34.08 35.30 24.86
CA ALA H 462 33.12 36.19 24.23
C ALA H 462 31.91 36.21 25.15
N ARG H 463 31.52 37.40 25.58
CA ARG H 463 30.46 37.53 26.56
C ARG H 463 29.23 38.18 25.98
N ILE H 464 28.08 37.66 26.34
CA ILE H 464 26.81 38.16 25.86
C ILE H 464 26.16 38.93 27.00
N VAL H 465 25.78 40.18 26.73
CA VAL H 465 25.10 41.03 27.69
C VAL H 465 23.75 41.40 27.10
N GLU H 466 22.67 41.00 27.77
CA GLU H 466 21.34 41.37 27.35
C GLU H 466 20.61 42.14 28.43
N ALA H 467 20.12 43.32 28.10
CA ALA H 467 19.31 44.10 29.03
C ALA H 467 17.98 44.43 28.39
N ASN H 468 16.88 44.09 29.07
CA ASN H 468 15.55 44.41 28.59
C ASN H 468 14.81 45.20 29.66
N VAL H 469 14.35 46.40 29.31
CA VAL H 469 13.57 47.23 30.21
C VAL H 469 12.20 47.43 29.60
N GLY H 470 11.17 47.06 30.34
CA GLY H 470 9.81 47.19 29.88
C GLY H 470 8.77 47.91 30.71
N TYR H 471 8.11 48.89 30.10
CA TYR H 471 6.99 49.62 30.68
C TYR H 471 5.71 49.49 29.85
N ASP H 472 4.65 48.98 30.46
CA ASP H 472 3.36 48.90 29.78
C ASP H 472 2.27 49.49 30.67
N LYS H 473 1.52 50.46 30.16
CA LYS H 473 0.39 51.00 30.88
C LYS H 473 -0.88 50.96 30.05
N SER H 474 -1.96 50.48 30.64
CA SER H 474 -3.26 50.45 29.98
C SER H 474 -4.26 51.07 30.94
N LEU H 475 -5.10 51.98 30.44
CA LEU H 475 -6.11 52.63 31.28
C LEU H 475 -7.47 52.45 30.65
N GLY H 476 -8.37 51.79 31.37
CA GLY H 476 -9.80 51.69 31.11
C GLY H 476 -10.64 52.62 31.97
N VAL H 477 -11.28 53.62 31.37
CA VAL H 477 -12.01 54.64 32.11
C VAL H 477 -13.51 54.44 31.88
N ARG H 478 -14.27 54.32 32.98
CA ARG H 478 -15.56 53.62 32.98
C ARG H 478 -16.58 54.42 33.79
N TRP H 479 -17.66 54.81 33.13
CA TRP H 479 -18.77 55.56 33.74
C TRP H 479 -20.10 54.84 33.51
N GLY H 480 -20.54 54.01 34.46
CA GLY H 480 -21.81 53.36 34.23
C GLY H 480 -22.91 53.65 35.24
N GLY H 481 -24.01 54.21 34.74
CA GLY H 481 -25.23 54.44 35.49
C GLY H 481 -26.38 53.87 34.68
N ALA H 482 -27.16 52.93 35.22
CA ALA H 482 -28.32 52.44 34.49
C ALA H 482 -29.61 53.20 34.81
N TYR H 483 -29.62 54.06 35.81
CA TYR H 483 -30.86 54.73 36.16
C TYR H 483 -31.31 55.61 35.01
N HIS H 484 -30.39 56.38 34.43
CA HIS H 484 -30.67 57.24 33.31
C HIS H 484 -30.12 56.64 32.02
N LYS H 485 -29.84 55.34 32.06
CA LYS H 485 -29.29 54.59 30.94
C LYS H 485 -28.07 55.27 30.33
N GLY H 486 -27.21 55.83 31.18
CA GLY H 486 -25.97 56.39 30.67
C GLY H 486 -24.74 55.62 31.07
N ASN H 487 -24.11 54.94 30.11
CA ASN H 487 -22.98 54.10 30.46
C ASN H 487 -21.98 54.01 29.31
N TRP H 488 -20.79 54.54 29.56
CA TRP H 488 -19.65 54.48 28.66
C TRP H 488 -18.57 53.60 29.26
N SER H 489 -18.10 52.63 28.47
CA SER H 489 -17.16 51.64 28.95
C SER H 489 -15.70 52.01 28.76
N GLY H 490 -14.90 51.67 29.77
CA GLY H 490 -13.47 51.85 29.67
C GLY H 490 -12.94 50.83 28.70
N TYR H 491 -11.63 50.84 28.51
CA TYR H 491 -11.06 49.85 27.60
C TYR H 491 -9.81 49.23 28.17
N GLY H 492 -8.82 50.05 28.57
CA GLY H 492 -7.58 49.49 29.08
C GLY H 492 -7.87 48.43 30.12
N LYS H 493 -8.74 48.75 31.07
CA LYS H 493 -9.34 47.77 31.97
C LYS H 493 -10.86 47.97 31.91
N ASP H 494 -11.44 47.58 30.77
CA ASP H 494 -12.80 47.92 30.36
C ASP H 494 -13.82 47.82 31.48
N GLY H 495 -14.65 48.86 31.60
CA GLY H 495 -15.74 48.86 32.56
C GLY H 495 -16.95 49.65 32.11
N ASN H 496 -18.15 49.10 32.26
CA ASN H 496 -19.35 49.83 31.85
C ASN H 496 -20.46 49.38 32.77
N ILE H 497 -20.70 50.18 33.81
CA ILE H 497 -21.46 49.69 34.94
C ILE H 497 -22.92 49.44 34.57
N GLY H 498 -23.40 49.97 33.44
CA GLY H 498 -24.78 49.67 33.05
C GLY H 498 -25.01 48.21 32.70
N ILE H 499 -24.05 47.61 31.98
CA ILE H 499 -24.21 46.21 31.58
C ILE H 499 -24.33 45.32 32.81
N LYS H 500 -23.55 45.58 33.86
CA LYS H 500 -23.68 44.77 35.06
C LYS H 500 -24.67 45.40 36.04
N ASP H 501 -25.24 46.54 35.66
CA ASP H 501 -26.47 47.00 36.29
C ASP H 501 -27.63 46.14 35.81
N GLU H 502 -27.45 45.48 34.68
CA GLU H 502 -28.43 44.49 34.25
C GLU H 502 -28.29 43.26 35.13
N ASP H 503 -27.06 42.89 35.45
CA ASP H 503 -26.75 41.85 36.41
C ASP H 503 -27.31 42.22 37.79
N PRO H 527 -23.51 45.27 44.57
CA PRO H 527 -22.34 46.17 44.61
C PRO H 527 -21.18 45.62 45.43
N PHE H 528 -21.43 45.12 46.65
CA PHE H 528 -20.33 44.61 47.46
C PHE H 528 -19.71 43.36 46.83
N VAL H 529 -20.51 42.52 46.19
CA VAL H 529 -19.98 41.28 45.62
C VAL H 529 -19.57 41.49 44.16
N ASP H 530 -20.44 42.06 43.32
CA ASP H 530 -20.16 42.18 41.90
C ASP H 530 -18.99 43.12 41.66
N LEU H 531 -18.98 44.28 42.31
CA LEU H 531 -17.86 45.21 42.14
C LEU H 531 -16.58 44.65 42.71
N GLY H 532 -16.62 43.99 43.87
CA GLY H 532 -15.40 43.42 44.44
C GLY H 532 -14.64 42.58 43.42
N ALA H 533 -15.33 41.63 42.80
CA ALA H 533 -14.70 40.78 41.80
C ALA H 533 -14.37 41.59 40.56
N LYS H 534 -15.33 42.37 40.07
CA LYS H 534 -15.12 43.16 38.86
C LYS H 534 -13.85 43.97 39.03
N ASP H 535 -13.67 44.58 40.20
CA ASP H 535 -12.61 45.52 40.49
C ASP H 535 -11.41 44.81 41.09
N ALA H 536 -11.39 43.48 41.03
CA ALA H 536 -10.25 42.75 41.58
C ALA H 536 -8.95 43.18 40.92
N THR H 537 -9.04 43.55 39.65
CA THR H 537 -7.88 43.83 38.80
C THR H 537 -6.95 44.86 39.43
N SER H 538 -5.64 44.64 39.23
CA SER H 538 -4.52 45.46 39.70
C SER H 538 -4.90 46.90 39.98
N GLY H 539 -5.32 47.60 38.96
CA GLY H 539 -5.60 49.00 39.13
C GLY H 539 -7.04 49.33 38.85
N ILE H 540 -7.80 49.54 39.91
CA ILE H 540 -9.18 49.97 39.82
C ILE H 540 -9.42 51.11 40.81
N GLY H 541 -9.94 52.22 40.31
CA GLY H 541 -10.32 53.29 41.21
C GLY H 541 -11.83 53.33 41.21
N ILE H 542 -12.47 52.95 42.31
CA ILE H 542 -13.93 52.82 42.35
C ILE H 542 -14.54 54.02 43.06
N GLY H 543 -15.48 54.68 42.38
CA GLY H 543 -16.42 55.57 43.01
C GLY H 543 -17.78 54.90 42.90
N PHE H 544 -18.46 54.68 44.01
CA PHE H 544 -19.77 54.05 43.92
C PHE H 544 -20.79 54.88 44.67
N ILE H 545 -21.96 55.05 44.05
CA ILE H 545 -23.14 55.44 44.81
C ILE H 545 -24.05 54.23 44.73
N THR H 546 -24.66 53.88 45.85
CA THR H 546 -25.66 52.83 45.84
C THR H 546 -26.94 53.25 46.53
N ASP H 547 -26.81 54.08 47.56
CA ASP H 547 -27.94 54.38 48.42
C ASP H 547 -29.03 55.14 47.67
N ASN H 548 -28.67 56.25 47.03
CA ASN H 548 -29.64 56.98 46.22
C ASN H 548 -29.93 56.23 44.93
N ILE H 549 -28.86 55.85 44.24
CA ILE H 549 -28.89 55.14 42.97
C ILE H 549 -27.55 54.42 42.96
N ILE H 550 -27.47 53.34 42.20
CA ILE H 550 -26.18 52.68 42.03
C ILE H 550 -25.61 53.18 40.71
N LEU H 551 -24.60 54.04 40.85
CA LEU H 551 -23.90 54.67 39.74
C LEU H 551 -22.42 54.49 40.06
N ASP H 552 -21.75 53.64 39.29
CA ASP H 552 -20.37 53.27 39.52
C ASP H 552 -19.45 53.91 38.47
N LEU H 553 -18.43 54.61 38.94
CA LEU H 553 -17.49 55.35 38.09
C LEU H 553 -16.06 55.00 38.50
N GLN H 554 -15.38 54.23 37.68
CA GLN H 554 -14.06 53.70 38.00
C GLN H 554 -13.04 54.05 36.93
N LEU H 555 -11.83 54.36 37.39
CA LEU H 555 -10.72 54.58 36.46
C LEU H 555 -9.79 53.42 36.78
N SER H 556 -9.61 52.51 35.83
CA SER H 556 -8.87 51.30 36.09
C SER H 556 -7.61 51.29 35.22
N ALA H 557 -6.45 51.42 35.88
CA ALA H 557 -5.18 51.63 35.22
C ALA H 557 -4.11 50.66 35.70
N MET H 558 -3.28 50.19 34.77
CA MET H 558 -2.20 49.25 35.05
C MET H 558 -0.89 49.76 34.48
N GLU H 559 0.15 49.73 35.30
CA GLU H 559 1.51 50.01 34.86
C GLU H 559 2.36 48.83 35.29
N LYS H 560 3.03 48.20 34.34
CA LYS H 560 3.83 47.03 34.60
C LYS H 560 5.24 47.35 34.12
N THR H 561 6.24 47.06 34.94
CA THR H 561 7.62 47.24 34.50
C THR H 561 8.44 45.99 34.77
N GLY H 562 9.05 45.46 33.72
CA GLY H 562 9.94 44.31 33.86
C GLY H 562 11.28 44.48 33.17
N ASN H 563 12.38 44.30 33.89
CA ASN H 563 13.70 44.34 33.27
C ASN H 563 14.45 43.05 33.53
N GLY H 564 14.87 42.40 32.45
CA GLY H 564 15.67 41.22 32.61
C GLY H 564 16.99 41.40 31.90
N GLU H 565 18.09 41.23 32.61
CA GLU H 565 19.41 41.31 32.02
C GLU H 565 20.17 40.04 32.32
N ILE H 566 20.67 39.40 31.28
CA ILE H 566 21.48 38.19 31.43
C ILE H 566 22.82 38.41 30.77
N VAL H 567 23.89 38.20 31.54
CA VAL H 567 25.25 38.38 31.06
C VAL H 567 26.00 37.07 31.25
N SER H 568 26.32 36.40 30.17
CA SER H 568 27.00 35.11 30.22
C SER H 568 28.31 35.15 29.44
N GLN H 569 29.39 34.68 30.05
CA GLN H 569 30.68 34.64 29.35
C GLN H 569 31.32 33.26 29.40
N PRO H 570 31.40 32.59 28.28
CA PRO H 570 32.16 31.34 28.13
C PRO H 570 33.57 31.51 27.58
N LYS H 571 34.53 30.84 28.22
CA LYS H 571 35.93 30.89 27.84
C LYS H 571 36.35 29.53 27.31
N VAL H 572 36.95 29.50 26.12
CA VAL H 572 37.36 28.26 25.44
C VAL H 572 38.85 28.26 25.11
N VAL H 573 39.54 27.17 25.39
CA VAL H 573 40.95 27.02 25.01
C VAL H 573 41.02 26.20 23.72
N THR H 574 41.58 26.79 22.67
CA THR H 574 41.61 26.21 21.33
C THR H 574 42.99 26.15 20.73
N SER H 575 43.27 25.11 19.96
CA SER H 575 44.51 25.13 19.20
C SER H 575 44.44 26.25 18.15
N ASP H 576 45.58 26.56 17.55
CA ASP H 576 45.66 27.66 16.59
C ASP H 576 45.20 27.17 15.23
N LYS H 577 44.26 27.89 14.61
CA LYS H 577 43.71 27.54 13.29
C LYS H 577 42.83 26.31 13.39
N GLU H 578 42.48 25.90 14.61
CA GLU H 578 41.66 24.73 14.85
C GLU H 578 40.39 25.22 15.52
N THR H 579 39.34 24.42 15.42
CA THR H 579 38.10 24.73 16.11
C THR H 579 38.02 24.07 17.48
N ALA H 580 37.49 24.84 18.41
CA ALA H 580 37.12 24.35 19.73
C ALA H 580 35.77 24.96 20.06
N LYS H 581 35.02 24.26 20.91
CA LYS H 581 33.63 24.63 21.09
C LYS H 581 33.24 24.46 22.54
N ILE H 582 32.61 25.49 23.10
CA ILE H 582 32.00 25.39 24.41
C ILE H 582 30.52 25.47 24.15
N LEU H 583 29.76 24.53 24.73
CA LEU H 583 28.33 24.50 24.54
C LEU H 583 27.66 24.20 25.86
N LYS H 584 26.83 25.13 26.32
CA LYS H 584 26.18 25.10 27.62
C LYS H 584 24.67 25.13 27.40
N GLY H 585 24.06 24.00 27.16
CA GLY H 585 22.66 23.98 26.83
C GLY H 585 21.92 22.68 27.00
N SER H 586 20.91 22.51 26.16
CA SER H 586 19.97 21.39 26.25
C SER H 586 19.43 21.17 24.84
N GLU H 587 19.10 19.93 24.49
CA GLU H 587 18.92 19.64 23.07
C GLU H 587 17.44 19.46 22.71
N VAL H 588 16.88 20.55 22.21
CA VAL H 588 15.50 20.62 21.75
C VAL H 588 15.30 19.76 20.50
N PRO H 589 14.55 18.68 20.67
CA PRO H 589 14.28 17.73 19.60
C PRO H 589 12.97 18.05 18.88
N TYR H 590 12.71 17.27 17.84
CA TYR H 590 11.40 17.19 17.21
C TYR H 590 11.26 15.73 16.85
N GLN H 591 10.24 15.07 17.38
CA GLN H 591 10.01 13.64 17.16
C GLN H 591 8.83 13.52 16.20
N GLU H 592 9.14 13.42 14.92
CA GLU H 592 8.13 13.08 13.91
C GLU H 592 8.30 11.62 13.56
N ALA H 593 7.45 10.76 14.10
CA ALA H 593 7.62 9.32 13.89
C ALA H 593 6.64 8.81 12.85
N SER H 594 7.04 8.85 11.59
CA SER H 594 6.15 8.82 10.45
C SER H 594 6.37 7.42 9.91
N SER H 595 5.42 6.54 10.26
CA SER H 595 5.53 5.09 10.12
C SER H 595 6.23 4.64 8.85
N SER H 596 5.76 5.13 7.71
CA SER H 596 6.26 4.61 6.43
C SER H 596 7.61 5.22 6.07
N GLY H 597 8.61 4.81 6.87
CA GLY H 597 9.99 5.02 6.54
C GLY H 597 10.66 6.29 7.00
N ALA H 598 9.95 7.25 7.59
CA ALA H 598 10.68 8.41 8.11
C ALA H 598 10.53 8.51 9.62
N THR H 599 11.65 8.46 10.34
CA THR H 599 11.64 8.61 11.79
C THR H 599 12.49 9.82 12.13
N SER H 600 11.87 10.99 12.06
CA SER H 600 12.58 12.25 12.24
C SER H 600 12.70 12.42 13.75
N THR H 601 13.60 11.62 14.33
CA THR H 601 13.90 11.77 15.75
C THR H 601 14.95 12.86 15.89
N SER H 602 14.57 14.03 15.40
CA SER H 602 15.46 15.14 15.29
C SER H 602 15.74 15.71 16.67
N PHE H 603 16.92 16.28 16.83
CA PHE H 603 17.23 17.06 18.01
C PHE H 603 18.34 18.03 17.65
N LYS H 604 18.50 19.04 18.48
CA LYS H 604 19.43 20.13 18.25
C LYS H 604 19.57 20.82 19.59
N GLU H 605 20.79 21.08 20.01
CA GLU H 605 20.98 21.66 21.33
C GLU H 605 20.96 23.18 21.28
N ALA H 606 19.98 23.74 21.98
CA ALA H 606 19.81 25.16 22.20
C ALA H 606 20.72 25.37 23.40
N ALA H 607 21.96 25.68 23.08
CA ALA H 607 23.04 25.83 24.03
C ALA H 607 23.76 27.12 23.74
N LEU H 608 24.27 27.75 24.79
CA LEU H 608 25.18 28.82 24.47
C LEU H 608 26.38 28.12 23.84
N SER H 609 27.06 28.80 22.93
CA SER H 609 28.23 28.15 22.39
C SER H 609 29.15 29.14 21.71
N LEU H 610 30.41 28.73 21.72
CA LEU H 610 31.46 29.40 20.96
C LEU H 610 32.15 28.30 20.19
N GLU H 611 32.17 28.42 18.88
CA GLU H 611 32.94 27.52 18.02
C GLU H 611 33.96 28.38 17.32
N VAL H 612 35.21 28.26 17.74
CA VAL H 612 36.27 29.18 17.35
C VAL H 612 37.36 28.46 16.56
N THR H 613 37.83 29.12 15.50
CA THR H 613 38.98 28.71 14.72
C THR H 613 39.90 29.92 14.65
N PRO H 614 40.73 30.11 15.67
CA PRO H 614 41.65 31.26 15.73
C PRO H 614 42.91 31.07 14.88
N GLN H 615 43.29 32.12 14.15
CA GLN H 615 44.59 32.16 13.47
C GLN H 615 45.43 33.23 14.15
N ILE H 616 46.60 32.84 14.66
CA ILE H 616 47.42 33.70 15.49
C ILE H 616 48.45 34.43 14.64
N THR H 617 48.41 35.75 14.69
CA THR H 617 49.35 36.59 13.99
C THR H 617 50.30 37.25 15.00
N PRO H 618 51.51 37.66 14.55
CA PRO H 618 52.60 37.89 15.51
C PRO H 618 52.31 38.85 16.62
N ASP H 619 51.59 39.92 16.35
CA ASP H 619 51.45 40.91 17.40
C ASP H 619 50.33 40.45 18.31
N ASN H 620 50.40 39.20 18.76
CA ASN H 620 49.44 38.71 19.73
C ASN H 620 48.05 39.06 19.22
N ARG H 621 47.77 38.68 17.98
CA ARG H 621 46.45 38.93 17.45
C ARG H 621 45.94 37.64 16.86
N ILE H 622 44.62 37.60 16.68
CA ILE H 622 43.96 36.49 16.04
C ILE H 622 42.91 36.95 15.05
N ILE H 623 42.93 36.39 13.85
CA ILE H 623 41.80 36.44 12.96
C ILE H 623 41.08 35.11 13.20
N VAL H 624 39.89 35.14 13.73
CA VAL H 624 39.23 33.91 14.13
C VAL H 624 37.89 33.81 13.41
N GLU H 625 37.59 32.61 12.92
CA GLU H 625 36.25 32.32 12.46
C GLU H 625 35.50 31.79 13.68
N VAL H 626 34.55 32.56 14.17
CA VAL H 626 33.82 32.24 15.38
C VAL H 626 32.33 32.20 15.11
N LYS H 627 31.73 31.09 15.48
CA LYS H 627 30.30 30.95 15.64
C LYS H 627 29.96 31.22 17.10
N VAL H 628 29.19 32.28 17.35
CA VAL H 628 28.78 32.65 18.69
C VAL H 628 27.28 32.55 18.69
N THR H 629 26.75 31.49 19.31
CA THR H 629 25.32 31.27 19.27
C THR H 629 24.69 31.12 20.64
N LYS H 630 23.57 31.79 20.83
CA LYS H 630 22.73 31.56 21.99
C LYS H 630 21.38 31.12 21.46
N ASP H 631 20.89 30.02 21.96
CA ASP H 631 19.59 29.54 21.52
C ASP H 631 18.85 28.99 22.73
N ALA H 632 17.56 28.77 22.56
CA ALA H 632 16.89 28.42 23.79
C ALA H 632 15.59 27.69 23.53
N PRO H 633 15.31 26.66 24.35
CA PRO H 633 14.11 25.84 24.17
C PRO H 633 12.84 26.64 24.02
N ASP H 634 12.00 26.17 23.13
CA ASP H 634 10.81 26.87 22.70
C ASP H 634 9.59 26.49 23.54
N TYR H 635 8.76 27.50 23.83
CA TYR H 635 7.49 27.20 24.46
C TYR H 635 6.67 26.22 23.64
N GLN H 636 6.48 26.49 22.35
CA GLN H 636 5.64 25.61 21.54
C GLN H 636 6.25 24.22 21.46
N ASN H 637 7.59 24.13 21.51
CA ASN H 637 8.26 22.84 21.57
C ASN H 637 7.94 22.14 22.89
N MET H 638 8.09 22.88 23.99
CA MET H 638 7.69 22.32 25.28
C MET H 638 6.19 22.08 25.28
N LEU H 639 5.48 22.84 24.45
CA LEU H 639 4.05 22.69 24.23
C LEU H 639 3.75 21.53 23.31
N ASN H 640 4.77 21.01 22.63
CA ASN H 640 4.60 20.00 21.60
C ASN H 640 3.64 20.48 20.52
N GLY H 641 3.73 21.78 20.21
CA GLY H 641 2.96 22.38 19.15
C GLY H 641 3.89 22.63 17.99
N VAL H 642 3.75 23.77 17.30
CA VAL H 642 4.69 24.16 16.26
C VAL H 642 5.75 25.02 16.94
N PRO H 643 6.98 24.51 17.08
CA PRO H 643 8.00 25.14 17.97
C PRO H 643 8.86 26.25 17.40
N PRO H 644 8.63 27.53 17.77
CA PRO H 644 9.62 28.55 17.42
C PRO H 644 10.70 28.68 18.49
N ILE H 645 11.79 27.93 18.34
CA ILE H 645 12.93 28.02 19.24
C ILE H 645 13.66 29.35 19.08
N ASN H 646 14.24 29.83 20.19
CA ASN H 646 14.90 31.13 20.14
C ASN H 646 16.30 30.98 19.58
N LYS H 647 16.71 31.93 18.74
CA LYS H 647 18.05 31.90 18.19
C LYS H 647 18.59 33.32 18.08
N ASN H 648 19.69 33.59 18.76
CA ASN H 648 20.54 34.77 18.57
C ASN H 648 21.93 34.28 18.20
N GLU H 649 22.28 34.30 16.92
CA GLU H 649 23.56 33.72 16.54
C GLU H 649 24.29 34.62 15.56
N VAL H 650 25.58 34.84 15.83
CA VAL H 650 26.46 35.54 14.90
C VAL H 650 27.54 34.58 14.44
N ASN H 651 27.73 34.51 13.13
CA ASN H 651 28.76 33.66 12.54
C ASN H 651 29.67 34.52 11.69
N ALA H 652 30.94 34.59 12.05
CA ALA H 652 31.80 35.54 11.33
C ALA H 652 33.25 35.33 11.71
N LYS H 653 34.13 35.78 10.83
CA LYS H 653 35.57 35.76 11.07
C LYS H 653 36.03 37.20 11.23
N ILE H 654 36.67 37.51 12.38
CA ILE H 654 37.13 38.86 12.66
C ILE H 654 38.52 38.82 13.27
N LEU H 655 39.24 39.92 13.15
CA LEU H 655 40.59 40.07 13.69
C LEU H 655 40.62 41.00 14.89
N VAL H 656 41.22 40.54 15.99
CA VAL H 656 41.43 41.35 17.19
C VAL H 656 42.79 40.99 17.76
N ASN H 657 43.43 41.93 18.46
CA ASN H 657 44.60 41.40 19.14
C ASN H 657 44.18 40.58 20.33
N ASP H 658 45.14 39.79 20.81
CA ASP H 658 44.89 38.92 21.94
C ASP H 658 44.49 39.72 23.17
N GLY H 659 45.14 40.83 23.41
CA GLY H 659 44.81 41.58 24.60
C GLY H 659 43.51 42.33 24.52
N GLU H 660 42.71 42.11 23.48
CA GLU H 660 41.73 43.07 23.02
C GLU H 660 40.34 42.48 22.92
N THR H 661 39.37 43.27 23.34
CA THR H 661 37.97 42.89 23.32
C THR H 661 37.26 43.79 22.32
N ILE H 662 36.46 43.18 21.46
CA ILE H 662 35.64 43.97 20.55
C ILE H 662 34.22 43.46 20.69
N VAL H 663 33.29 44.25 20.19
CA VAL H 663 31.90 43.84 20.17
C VAL H 663 31.70 43.17 18.82
N ILE H 664 31.55 41.85 18.85
CA ILE H 664 31.35 41.12 17.61
C ILE H 664 30.09 41.64 16.95
N GLY H 665 29.09 41.92 17.78
CA GLY H 665 27.85 42.49 17.29
C GLY H 665 26.95 42.79 18.45
N GLY H 666 25.81 43.37 18.10
CA GLY H 666 24.82 43.68 19.10
C GLY H 666 23.68 44.43 18.45
N VAL H 667 22.57 44.47 19.17
CA VAL H 667 21.36 45.08 18.65
C VAL H 667 20.54 45.68 19.77
N PHE H 668 20.06 46.90 19.54
CA PHE H 668 19.09 47.53 20.40
C PHE H 668 17.71 47.52 19.73
N SER H 669 16.71 47.02 20.46
CA SER H 669 15.32 47.01 20.01
C SER H 669 14.50 48.04 20.78
N ASN H 670 14.07 49.11 20.11
CA ASN H 670 13.29 50.18 20.72
C ASN H 670 11.83 50.07 20.32
N GLU H 671 10.99 49.67 21.26
CA GLU H 671 9.56 49.51 21.04
C GLU H 671 8.76 50.68 21.60
N GLN H 672 8.00 51.35 20.74
CA GLN H 672 7.10 52.41 21.18
C GLN H 672 5.71 52.05 20.68
N SER H 673 4.81 51.70 21.59
CA SER H 673 3.46 51.28 21.25
C SER H 673 2.43 52.16 21.94
N LYS H 674 1.49 52.67 21.17
CA LYS H 674 0.41 53.47 21.70
C LYS H 674 -0.92 52.98 21.16
N SER H 675 -1.91 52.88 22.04
CA SER H 675 -3.24 52.42 21.73
C SER H 675 -4.19 53.32 22.50
N VAL H 676 -5.06 54.05 21.81
CA VAL H 676 -6.02 54.91 22.49
C VAL H 676 -7.40 54.57 21.98
N GLU H 677 -8.30 54.34 22.92
CA GLU H 677 -9.69 53.99 22.66
C GLU H 677 -10.60 55.02 23.31
N LYS H 678 -11.45 55.65 22.51
CA LYS H 678 -12.18 56.76 23.07
C LYS H 678 -13.55 56.91 22.43
N VAL H 679 -14.58 56.93 23.25
CA VAL H 679 -15.83 57.48 22.75
C VAL H 679 -15.53 58.89 22.27
N PRO H 680 -15.83 59.19 21.01
CA PRO H 680 -15.44 60.49 20.45
C PRO H 680 -16.10 61.64 21.16
N PHE H 681 -17.40 61.56 21.39
CA PHE H 681 -18.13 62.69 21.97
C PHE H 681 -17.67 62.96 23.40
N LEU H 682 -17.63 61.93 24.23
CA LEU H 682 -17.16 62.15 25.60
C LEU H 682 -15.67 62.40 25.61
N GLY H 683 -14.92 61.73 24.73
CA GLY H 683 -13.49 61.98 24.66
C GLY H 683 -13.22 63.45 24.38
N GLU H 684 -14.10 64.06 23.58
CA GLU H 684 -13.98 65.48 23.25
C GLU H 684 -14.04 66.33 24.51
N LEU H 685 -14.87 65.93 25.47
CA LEU H 685 -15.04 66.72 26.67
C LEU H 685 -13.69 66.88 27.36
N PRO H 686 -13.30 68.10 27.72
CA PRO H 686 -11.98 68.29 28.34
C PRO H 686 -11.85 67.61 29.68
N TYR H 687 -12.89 67.67 30.51
CA TYR H 687 -12.81 67.14 31.85
C TYR H 687 -13.15 65.67 31.91
N LEU H 688 -13.82 65.16 30.88
CA LEU H 688 -14.28 63.79 30.84
C LEU H 688 -13.59 62.97 29.78
N GLY H 689 -12.85 63.58 28.86
CA GLY H 689 -12.19 62.79 27.84
C GLY H 689 -11.17 61.86 28.46
N ARG H 690 -10.39 62.35 29.42
CA ARG H 690 -9.47 61.48 30.13
C ARG H 690 -10.24 60.34 30.77
N LEU H 691 -11.45 60.64 31.22
CA LEU H 691 -12.38 59.70 31.82
C LEU H 691 -13.11 58.90 30.76
N PHE H 692 -12.88 59.20 29.48
CA PHE H 692 -13.49 58.45 28.39
C PHE H 692 -12.51 58.22 27.25
N ARG H 693 -11.22 58.41 27.48
CA ARG H 693 -10.15 58.07 26.55
C ARG H 693 -9.24 57.09 27.28
N ARG H 694 -9.12 55.90 26.72
CA ARG H 694 -8.34 54.81 27.27
C ARG H 694 -7.00 54.70 26.56
N ASP H 695 -5.93 55.05 27.27
CA ASP H 695 -4.61 55.06 26.68
C ASP H 695 -3.81 53.89 27.23
N THR H 696 -3.25 53.12 26.32
CA THR H 696 -2.29 52.07 26.64
C THR H 696 -1.03 52.36 25.84
N VAL H 697 0.05 52.63 26.54
CA VAL H 697 1.35 52.87 25.92
C VAL H 697 2.33 51.89 26.53
N THR H 698 3.00 51.14 25.68
CA THR H 698 4.01 50.21 26.13
C THR H 698 5.30 50.41 25.36
N ASP H 699 6.39 50.56 26.09
CA ASP H 699 7.73 50.62 25.54
C ASP H 699 8.50 49.47 26.17
N ARG H 700 8.88 48.48 25.37
CA ARG H 700 9.70 47.40 25.87
C ARG H 700 10.92 47.40 24.99
N LYS H 701 12.08 47.65 25.56
CA LYS H 701 13.30 47.71 24.77
C LYS H 701 14.39 46.85 25.35
N ASN H 702 14.80 45.85 24.58
CA ASN H 702 15.87 44.94 24.94
C ASN H 702 17.03 45.10 23.96
N GLU H 703 18.22 45.24 24.49
CA GLU H 703 19.42 45.34 23.69
C GLU H 703 20.31 44.16 24.06
N LEU H 704 20.87 43.54 23.04
CA LEU H 704 21.79 42.43 23.22
C LEU H 704 23.11 42.77 22.55
N LEU H 705 24.22 42.52 23.25
CA LEU H 705 25.56 42.78 22.74
C LEU H 705 26.50 41.64 23.06
N VAL H 706 27.37 41.28 22.13
CA VAL H 706 28.38 40.25 22.32
C VAL H 706 29.77 40.85 22.25
N PHE H 707 30.55 40.71 23.33
CA PHE H 707 31.96 41.04 23.29
C PHE H 707 32.76 39.78 22.94
N LEU H 708 34.08 39.96 22.74
CA LEU H 708 35.03 38.86 22.67
C LEU H 708 36.44 39.36 22.93
N THR H 709 37.22 38.56 23.66
CA THR H 709 38.65 38.75 23.85
C THR H 709 39.42 37.43 23.77
N PRO H 710 40.40 37.30 22.87
CA PRO H 710 41.15 36.04 22.83
C PRO H 710 42.49 36.18 23.55
N ARG H 711 42.81 35.34 24.50
CA ARG H 711 44.08 35.39 25.19
C ARG H 711 44.90 34.23 24.73
N ILE H 712 45.94 34.50 23.95
CA ILE H 712 46.71 33.41 23.36
C ILE H 712 47.31 32.55 24.46
N MET H 713 47.07 31.25 24.36
CA MET H 713 47.61 30.26 25.28
C MET H 713 48.97 29.79 24.79
N ASN H 714 49.37 30.22 23.58
CA ASN H 714 50.76 30.01 23.16
C ASN H 714 51.70 30.66 24.14
N ASN H 715 51.28 31.76 24.80
CA ASN H 715 52.16 32.40 25.75
C ASN H 715 52.58 31.37 26.77
N GLN H 716 51.70 30.41 27.00
CA GLN H 716 51.90 29.26 27.85
C GLN H 716 52.19 28.02 27.03
N ALA H 717 51.59 27.93 25.82
CA ALA H 717 51.74 26.75 24.97
C ALA H 717 53.12 26.72 24.32
N ILE H 718 53.73 27.88 24.07
CA ILE H 718 55.08 27.87 23.54
C ILE H 718 56.01 27.44 24.67
N ALA H 719 55.73 27.92 25.89
CA ALA H 719 56.44 27.52 27.09
C ALA H 719 56.00 26.13 27.52
N ILE H 720 54.89 25.66 26.96
CA ILE H 720 54.49 24.26 27.02
C ILE H 720 54.71 23.57 25.69
N LEU I 385 71.07 30.30 -6.78
CA LEU I 385 69.86 30.42 -5.99
C LEU I 385 70.19 30.76 -4.53
N ARG I 386 69.30 31.54 -3.94
CA ARG I 386 69.43 32.05 -2.59
C ARG I 386 68.20 31.60 -1.80
N ARG I 387 68.44 31.14 -0.58
CA ARG I 387 67.37 30.72 0.31
C ARG I 387 66.92 31.87 1.19
N GLU I 388 65.64 32.19 1.17
CA GLU I 388 65.13 33.18 2.09
C GLU I 388 63.90 32.65 2.81
N LEU I 389 63.82 32.88 4.12
CA LEU I 389 62.67 32.50 4.94
C LEU I 389 61.86 33.73 5.30
N ILE I 390 60.58 33.72 4.93
CA ILE I 390 59.64 34.77 5.32
C ILE I 390 58.46 34.13 6.02
N GLN I 391 58.10 34.62 7.21
CA GLN I 391 56.91 34.11 7.87
C GLN I 391 55.80 35.14 7.70
N VAL I 392 54.68 34.73 7.13
CA VAL I 392 53.53 35.61 6.96
C VAL I 392 52.31 35.11 7.72
N ASN I 393 52.00 35.77 8.84
CA ASN I 393 50.77 35.46 9.55
C ASN I 393 49.57 36.05 8.81
N TYR I 394 49.72 37.28 8.29
CA TYR I 394 48.67 38.02 7.60
C TYR I 394 48.62 37.77 6.11
N ALA I 395 49.62 37.12 5.51
CA ALA I 395 49.62 36.89 4.08
C ALA I 395 49.30 35.42 3.86
N LYS I 396 48.33 35.15 3.00
CA LYS I 396 48.00 33.79 2.66
C LYS I 396 49.15 33.12 1.94
N ALA I 397 49.42 31.85 2.27
CA ALA I 397 50.51 31.13 1.64
C ALA I 397 50.26 30.95 0.15
N ALA I 398 49.00 30.67 -0.23
CA ALA I 398 48.64 30.53 -1.63
C ALA I 398 48.94 31.81 -2.39
N ASP I 399 48.67 32.96 -1.78
CA ASP I 399 48.94 34.22 -2.46
C ASP I 399 50.42 34.36 -2.76
N ILE I 400 51.27 34.02 -1.79
CA ILE I 400 52.71 34.10 -1.98
C ILE I 400 53.14 33.14 -3.08
N ALA I 401 52.52 31.97 -3.11
CA ALA I 401 52.83 31.01 -4.16
C ALA I 401 52.47 31.58 -5.52
N LYS I 402 51.33 32.27 -5.61
CA LYS I 402 50.93 32.91 -6.86
C LYS I 402 51.92 33.98 -7.26
N LEU I 403 52.44 34.71 -6.28
CA LEU I 403 53.44 35.72 -6.56
C LEU I 403 54.66 35.10 -7.19
N PHE I 404 55.13 33.98 -6.62
CA PHE I 404 56.27 33.30 -7.20
C PHE I 404 55.95 32.71 -8.56
N GLN I 405 54.74 32.19 -8.75
CA GLN I 405 54.36 31.64 -10.05
C GLN I 405 54.38 32.70 -11.12
N SER I 406 53.86 33.88 -10.81
CA SER I 406 53.95 34.98 -11.77
C SER I 406 55.41 35.35 -11.98
N VAL I 407 56.20 35.30 -10.91
CA VAL I 407 57.62 35.61 -11.03
C VAL I 407 58.27 34.64 -12.02
N THR I 408 57.89 33.38 -11.96
CA THR I 408 58.36 32.40 -12.95
C THR I 408 57.88 32.77 -14.34
N SER I 409 56.65 33.28 -14.44
CA SER I 409 56.14 33.74 -15.74
C SER I 409 57.04 34.83 -16.28
N ASP I 410 57.59 35.67 -15.40
CA ASP I 410 58.54 36.67 -15.85
C ASP I 410 59.70 36.03 -16.58
N GLY I 411 60.24 34.95 -16.03
CA GLY I 411 61.41 34.29 -16.59
C GLY I 411 61.20 32.81 -16.86
N GLY I 421 64.72 27.77 -8.29
CA GLY I 421 63.27 27.63 -8.32
C GLY I 421 62.81 26.53 -7.39
N SER I 422 63.20 26.65 -6.13
CA SER I 422 62.83 25.73 -5.07
C SER I 422 61.94 26.45 -4.09
N ILE I 423 60.78 25.86 -3.79
CA ILE I 423 59.81 26.44 -2.88
C ILE I 423 59.51 25.51 -1.71
N THR I 424 59.50 26.06 -0.50
CA THR I 424 59.14 25.33 0.71
C THR I 424 58.03 26.12 1.37
N VAL I 425 56.93 25.46 1.73
CA VAL I 425 55.79 26.12 2.35
C VAL I 425 55.61 25.53 3.74
N ASP I 426 55.53 26.41 4.75
CA ASP I 426 55.32 26.02 6.14
C ASP I 426 53.90 26.41 6.55
N ASP I 427 53.04 25.41 6.72
CA ASP I 427 51.66 25.67 7.10
C ASP I 427 51.55 26.20 8.53
N ARG I 428 52.32 25.64 9.47
CA ARG I 428 52.16 25.98 10.88
C ARG I 428 52.45 27.45 11.14
N THR I 429 53.58 27.94 10.63
CA THR I 429 53.94 29.33 10.77
C THR I 429 53.49 30.14 9.58
N ASN I 430 52.97 29.46 8.54
CA ASN I 430 52.62 30.10 7.29
C ASN I 430 53.84 30.80 6.72
N SER I 431 55.00 30.14 6.82
CA SER I 431 56.27 30.73 6.44
C SER I 431 56.79 30.01 5.23
N ILE I 432 57.14 30.78 4.21
CA ILE I 432 57.61 30.23 2.95
C ILE I 432 59.10 30.52 2.88
N ILE I 433 59.88 29.45 2.73
CA ILE I 433 61.31 29.58 2.50
C ILE I 433 61.56 29.19 1.06
N ALA I 434 62.14 30.09 0.28
CA ALA I 434 62.34 29.81 -1.13
C ALA I 434 63.81 29.94 -1.45
N TYR I 435 64.37 28.89 -2.03
CA TYR I 435 65.74 28.91 -2.51
C TYR I 435 65.66 28.99 -4.03
N GLN I 436 65.92 30.17 -4.55
CA GLN I 436 65.71 30.49 -5.97
C GLN I 436 66.51 31.76 -6.28
N PRO I 437 66.57 32.24 -7.53
CA PRO I 437 67.45 33.39 -7.81
C PRO I 437 67.09 34.58 -6.95
N GLN I 438 68.12 35.35 -6.61
CA GLN I 438 67.96 36.46 -5.68
C GLN I 438 66.93 37.47 -6.18
N GLU I 439 66.96 37.77 -7.47
CA GLU I 439 66.06 38.80 -7.98
C GLU I 439 64.62 38.36 -7.84
N ARG I 440 64.34 37.12 -8.22
CA ARG I 440 63.00 36.58 -8.08
C ARG I 440 62.61 36.54 -6.61
N LEU I 441 63.56 36.18 -5.76
CA LEU I 441 63.32 36.08 -4.33
C LEU I 441 62.93 37.43 -3.75
N ASP I 442 63.64 38.47 -4.15
CA ASP I 442 63.36 39.82 -3.67
C ASP I 442 62.01 40.31 -4.17
N GLU I 443 61.70 40.07 -5.44
CA GLU I 443 60.43 40.50 -5.98
C GLU I 443 59.30 39.83 -5.22
N LEU I 444 59.45 38.54 -4.98
CA LEU I 444 58.41 37.82 -4.28
C LEU I 444 58.27 38.34 -2.87
N ARG I 445 59.39 38.68 -2.23
CA ARG I 445 59.37 39.24 -0.89
C ARG I 445 58.60 40.56 -0.83
N ARG I 446 58.82 41.44 -1.81
CA ARG I 446 58.10 42.71 -1.83
C ARG I 446 56.61 42.46 -1.95
N ILE I 447 56.23 41.56 -2.86
CA ILE I 447 54.81 41.26 -2.98
C ILE I 447 54.32 40.63 -1.68
N VAL I 448 55.16 39.82 -1.05
CA VAL I 448 54.79 39.17 0.22
C VAL I 448 54.44 40.23 1.23
N SER I 449 55.24 41.30 1.25
CA SER I 449 55.00 42.39 2.17
C SER I 449 53.62 42.98 1.92
N GLN I 450 53.28 43.17 0.64
CA GLN I 450 51.94 43.67 0.33
C GLN I 450 50.87 42.72 0.85
N LEU I 451 51.07 41.42 0.62
CA LEU I 451 50.09 40.40 1.00
C LEU I 451 49.90 40.31 2.51
N ASP I 452 50.95 40.54 3.29
CA ASP I 452 50.86 40.33 4.74
C ASP I 452 50.08 41.50 5.33
N ILE I 453 48.80 41.51 4.98
CA ILE I 453 47.84 42.52 5.41
C ILE I 453 46.70 41.90 6.21
N PRO I 454 46.32 42.53 7.33
CA PRO I 454 45.24 42.01 8.18
C PRO I 454 43.91 42.03 7.46
N VAL I 455 43.14 40.95 7.63
CA VAL I 455 41.78 40.93 7.09
C VAL I 455 41.00 42.09 7.67
N ARG I 456 40.29 42.82 6.81
CA ARG I 456 39.60 44.04 7.18
C ARG I 456 38.17 43.80 7.66
N GLN I 457 37.94 44.05 8.93
CA GLN I 457 36.61 44.01 9.54
C GLN I 457 35.90 45.36 9.42
N VAL I 458 34.58 45.34 9.21
CA VAL I 458 33.75 46.53 9.27
C VAL I 458 32.53 46.23 10.13
N MET I 459 32.19 47.18 11.00
CA MET I 459 31.00 47.12 11.84
C MET I 459 29.84 47.79 11.09
N ILE I 460 28.83 47.02 10.77
CA ILE I 460 27.70 47.49 9.99
C ILE I 460 26.53 47.70 10.94
N GLU I 461 25.98 48.90 10.96
CA GLU I 461 24.86 49.22 11.84
C GLU I 461 23.76 49.71 10.91
N ALA I 462 22.77 48.87 10.67
CA ALA I 462 21.61 49.24 9.89
C ALA I 462 20.43 49.24 10.82
N ARG I 463 19.73 50.36 10.89
CA ARG I 463 18.65 50.49 11.85
C ARG I 463 17.29 50.58 11.19
N ILE I 464 16.33 49.91 11.77
CA ILE I 464 14.97 49.89 11.26
C ILE I 464 14.12 50.77 12.15
N VAL I 465 13.42 51.73 11.54
CA VAL I 465 12.53 52.63 12.24
C VAL I 465 11.14 52.42 11.65
N GLU I 466 10.20 51.98 12.48
CA GLU I 466 8.81 51.83 12.07
C GLU I 466 7.89 52.69 12.91
N ALA I 467 7.10 53.54 12.26
CA ALA I 467 6.10 54.32 12.98
C ALA I 467 4.73 54.08 12.36
N ASN I 468 3.76 53.69 13.18
CA ASN I 468 2.39 53.49 12.73
C ASN I 468 1.45 54.35 13.55
N VAL I 469 0.69 55.21 12.88
CA VAL I 469 -0.30 56.03 13.54
C VAL I 469 -1.67 55.67 12.99
N GLY I 470 -2.56 55.29 13.88
CA GLY I 470 -3.90 54.91 13.49
C GLY I 470 -5.11 55.55 14.13
N TYR I 471 -6.01 56.08 13.30
CA TYR I 471 -7.29 56.63 13.70
C TYR I 471 -8.48 55.93 13.05
N ASP I 472 -9.36 55.36 13.86
CA ASP I 472 -10.57 54.74 13.31
C ASP I 472 -11.78 55.27 14.06
N LYS I 473 -12.76 55.81 13.32
CA LYS I 473 -14.02 56.23 13.93
C LYS I 473 -15.20 55.60 13.24
N SER I 474 -16.14 55.06 14.02
CA SER I 474 -17.37 54.48 13.49
C SER I 474 -18.52 55.07 14.28
N LEU I 475 -19.55 55.55 13.58
CA LEU I 475 -20.72 56.12 14.25
C LEU I 475 -21.97 55.40 13.81
N GLY I 476 -22.67 54.79 14.75
CA GLY I 476 -24.02 54.24 14.63
C GLY I 476 -25.09 55.14 15.21
N VAL I 477 -25.96 55.71 14.38
CA VAL I 477 -26.96 56.66 14.84
C VAL I 477 -28.34 56.02 14.78
N ARG I 478 -29.06 56.05 15.90
CA ARG I 478 -30.12 55.08 16.21
C ARG I 478 -31.32 55.78 16.81
N TRP I 479 -32.47 55.65 16.14
CA TRP I 479 -33.74 56.23 16.57
C TRP I 479 -34.83 55.16 16.66
N GLY I 480 -35.04 54.57 17.84
CA GLY I 480 -36.08 53.58 17.90
C GLY I 480 -37.24 53.87 18.85
N GLY I 481 -38.44 53.94 18.28
CA GLY I 481 -39.69 54.05 19.00
C GLY I 481 -40.63 52.98 18.49
N ALA I 482 -41.12 52.08 19.34
CA ALA I 482 -42.10 51.11 18.88
C ALA I 482 -43.55 51.55 19.04
N TYR I 483 -43.82 52.66 19.73
CA TYR I 483 -45.20 53.05 19.94
C TYR I 483 -45.85 53.37 18.61
N HIS I 484 -45.15 54.14 17.77
CA HIS I 484 -45.65 54.51 16.46
C HIS I 484 -44.93 53.70 15.39
N LYS I 485 -44.31 52.60 15.80
CA LYS I 485 -43.56 51.72 14.92
C LYS I 485 -42.55 52.46 14.04
N GLY I 486 -41.89 53.46 14.62
CA GLY I 486 -40.86 54.14 13.89
C GLY I 486 -39.46 53.89 14.42
N ASN I 487 -38.65 53.14 13.67
CA ASN I 487 -37.34 52.77 14.18
C ASN I 487 -36.33 52.60 13.05
N TRP I 488 -35.35 53.47 13.04
CA TRP I 488 -34.21 53.43 12.11
C TRP I 488 -32.94 53.10 12.88
N SER I 489 -32.21 52.10 12.40
CA SER I 489 -31.04 51.59 13.09
C SER I 489 -29.74 52.25 12.71
N GLY I 490 -28.89 52.46 13.70
CA GLY I 490 -27.56 52.98 13.45
C GLY I 490 -26.76 51.88 12.82
N TYR I 491 -25.50 52.17 12.55
CA TYR I 491 -24.67 51.15 11.95
C TYR I 491 -23.30 51.08 12.59
N GLY I 492 -22.59 52.21 12.65
CA GLY I 492 -21.25 52.20 13.22
C GLY I 492 -21.26 51.47 14.55
N LYS I 493 -22.20 51.82 15.41
CA LYS I 493 -22.53 51.05 16.60
C LYS I 493 -24.04 50.81 16.59
N ASP I 494 -24.47 49.95 15.67
CA ASP I 494 -25.87 49.77 15.26
C ASP I 494 -26.84 49.77 16.42
N GLY I 495 -27.92 50.53 16.28
CA GLY I 495 -28.99 50.54 17.27
C GLY I 495 -30.35 50.81 16.69
N ASN I 496 -31.37 50.04 17.08
CA ASN I 496 -32.71 50.26 16.54
C ASN I 496 -33.68 49.84 17.64
N ILE I 497 -34.14 50.83 18.40
CA ILE I 497 -34.77 50.54 19.67
C ILE I 497 -36.09 49.81 19.49
N GLY I 498 -36.69 49.81 18.30
CA GLY I 498 -37.92 49.06 18.11
C GLY I 498 -37.73 47.56 18.24
N ILE I 499 -36.64 47.03 17.66
CA ILE I 499 -36.39 45.59 17.73
C ILE I 499 -36.30 45.12 19.17
N LYS I 500 -35.63 45.89 20.03
CA LYS I 500 -35.57 45.49 21.43
C LYS I 500 -36.70 46.12 22.23
N ASP I 501 -37.56 46.90 21.58
CA ASP I 501 -38.88 47.18 22.11
C ASP I 501 -39.75 45.95 22.00
N GLU I 502 -39.38 45.03 21.10
CA GLU I 502 -40.04 43.74 21.07
C GLU I 502 -39.60 42.92 22.28
N ASP I 503 -38.32 43.00 22.60
CA ASP I 503 -37.75 42.45 23.81
C ASP I 503 -38.41 43.06 25.04
N PRO I 527 -35.70 48.96 30.30
CA PRO I 527 -34.82 50.08 29.99
C PRO I 527 -33.57 50.14 30.86
N PHE I 528 -33.70 50.00 32.19
CA PHE I 528 -32.51 50.08 33.03
C PHE I 528 -31.57 48.91 32.77
N VAL I 529 -32.10 47.73 32.47
CA VAL I 529 -31.25 46.56 32.27
C VAL I 529 -30.88 46.40 30.79
N ASP I 530 -31.86 46.44 29.89
CA ASP I 530 -31.59 46.19 28.48
C ASP I 530 -30.71 47.27 27.87
N LEU I 531 -31.03 48.54 28.15
CA LEU I 531 -30.21 49.62 27.62
C LEU I 531 -28.83 49.62 28.26
N GLY I 532 -28.72 49.38 29.56
CA GLY I 532 -27.39 49.35 30.18
C GLY I 532 -26.42 48.47 29.42
N ALA I 533 -26.81 47.22 29.18
CA ALA I 533 -25.96 46.30 28.43
C ALA I 533 -25.84 46.75 26.99
N LYS I 534 -26.98 47.06 26.35
CA LYS I 534 -26.96 47.46 24.96
C LYS I 534 -25.96 48.59 24.77
N ASP I 535 -25.97 49.55 25.69
CA ASP I 535 -25.21 50.79 25.62
C ASP I 535 -23.87 50.63 26.31
N ALA I 536 -23.49 49.41 26.66
CA ALA I 536 -22.21 49.20 27.33
C ALA I 536 -21.07 49.74 26.47
N THR I 537 -21.22 49.66 25.16
CA THR I 537 -20.17 49.95 24.19
C THR I 537 -19.57 51.33 24.42
N SER I 538 -18.25 51.42 24.20
CA SER I 538 -17.40 52.60 24.32
C SER I 538 -18.15 53.91 24.19
N GLY I 539 -18.73 54.13 23.02
CA GLY I 539 -19.39 55.38 22.77
C GLY I 539 -20.85 55.22 22.51
N ILE I 540 -21.67 55.54 23.51
CA ILE I 540 -23.11 55.54 23.38
C ILE I 540 -23.66 56.82 23.99
N GLY I 541 -24.45 57.55 23.22
CA GLY I 541 -25.13 58.70 23.78
C GLY I 541 -26.59 58.34 23.87
N ILE I 542 -27.13 58.17 25.06
CA ILE I 542 -28.49 57.68 25.25
C ILE I 542 -29.42 58.83 25.60
N GLY I 543 -30.50 58.97 24.83
CA GLY I 543 -31.65 59.74 25.20
C GLY I 543 -32.77 58.73 25.40
N PHE I 544 -33.39 58.70 26.57
CA PHE I 544 -34.47 57.76 26.78
C PHE I 544 -35.70 58.48 27.29
N ILE I 545 -36.85 58.14 26.75
CA ILE I 545 -38.11 58.41 27.42
C ILE I 545 -38.66 57.04 27.77
N THR I 546 -39.17 56.91 28.99
CA THR I 546 -39.85 55.68 29.36
C THR I 546 -41.20 55.94 29.98
N ASP I 547 -41.31 57.06 30.70
CA ASP I 547 -42.51 57.30 31.50
C ASP I 547 -43.75 57.48 30.64
N ASN I 548 -43.69 58.38 29.66
CA ASN I 548 -44.81 58.54 28.74
C ASN I 548 -44.86 57.38 27.77
N ILE I 549 -43.72 57.11 27.14
CA ILE I 549 -43.53 56.05 26.16
C ILE I 549 -42.05 55.74 26.28
N ILE I 550 -41.66 54.54 25.88
CA ILE I 550 -40.24 54.23 25.82
C ILE I 550 -39.80 54.43 24.38
N LEU I 551 -39.06 55.52 24.19
CA LEU I 551 -38.54 55.94 22.89
C LEU I 551 -37.08 56.26 23.15
N ASP I 552 -36.20 55.42 22.61
CA ASP I 552 -34.76 55.52 22.87
C ASP I 552 -34.03 56.01 21.62
N LEU I 553 -33.25 57.07 21.77
CA LEU I 553 -32.53 57.73 20.68
C LEU I 553 -31.08 57.91 21.08
N GLN I 554 -30.20 57.13 20.48
CA GLN I 554 -28.78 57.10 20.86
C GLN I 554 -27.88 57.36 19.67
N LEU I 555 -26.81 58.10 19.91
CA LEU I 555 -25.78 58.31 18.90
C LEU I 555 -24.57 57.59 19.49
N SER I 556 -24.14 56.52 18.85
CA SER I 556 -23.10 55.67 19.41
C SER I 556 -21.87 55.73 18.52
N ALA I 557 -20.80 56.35 19.02
CA ALA I 557 -19.61 56.68 18.24
C ALA I 557 -18.34 56.22 18.92
N MET I 558 -17.40 55.73 18.13
CA MET I 558 -16.11 55.24 18.61
C MET I 558 -14.98 55.87 17.82
N GLU I 559 -13.98 56.37 18.52
CA GLU I 559 -12.74 56.85 17.94
C GLU I 559 -11.61 56.12 18.65
N LYS I 560 -10.79 55.45 17.89
CA LYS I 560 -9.69 54.66 18.43
C LYS I 560 -8.41 55.16 17.78
N THR I 561 -7.39 55.43 18.59
CA THR I 561 -6.10 55.81 18.02
C THR I 561 -4.98 54.97 18.60
N GLY I 562 -4.23 54.33 17.73
CA GLY I 562 -3.07 53.56 18.14
C GLY I 562 -1.81 53.84 17.35
N ASN I 563 -0.71 54.19 18.00
CA ASN I 563 0.56 54.39 17.31
C ASN I 563 1.63 53.48 17.90
N GLY I 564 2.22 52.67 17.04
CA GLY I 564 3.31 51.84 17.50
C GLY I 564 4.54 52.14 16.67
N GLU I 565 5.63 52.50 17.32
CA GLU I 565 6.89 52.74 16.65
C GLU I 565 7.96 51.86 17.27
N ILE I 566 8.65 51.08 16.45
CA ILE I 566 9.74 50.25 16.90
C ILE I 566 10.99 50.59 16.12
N VAL I 567 12.06 50.91 16.83
CA VAL I 567 13.32 51.30 16.24
C VAL I 567 14.40 50.36 16.76
N SER I 568 14.91 49.49 15.91
CA SER I 568 15.91 48.51 16.30
C SER I 568 17.18 48.65 15.47
N GLN I 569 18.34 48.69 16.12
CA GLN I 569 19.59 48.77 15.37
C GLN I 569 20.59 47.71 15.80
N PRO I 570 20.86 46.76 14.92
CA PRO I 570 21.93 45.77 15.12
C PRO I 570 23.26 46.12 14.45
N LYS I 571 24.35 45.96 15.19
CA LYS I 571 25.69 46.26 14.72
C LYS I 571 26.49 44.97 14.60
N VAL I 572 27.08 44.73 13.43
CA VAL I 572 27.82 43.49 13.13
C VAL I 572 29.25 43.78 12.72
N VAL I 573 30.22 43.05 13.28
CA VAL I 573 31.62 43.17 12.86
C VAL I 573 31.93 42.04 11.88
N THR I 574 32.34 42.40 10.66
CA THR I 574 32.54 41.47 9.57
C THR I 574 33.90 41.59 8.91
N SER I 575 34.46 40.47 8.48
CA SER I 575 35.67 40.57 7.67
C SER I 575 35.31 41.26 6.34
N ASP I 576 36.34 41.66 5.59
CA ASP I 576 36.13 42.39 4.35
C ASP I 576 35.85 41.39 3.23
N LYS I 577 34.76 41.61 2.48
CA LYS I 577 34.35 40.73 1.38
C LYS I 577 33.83 39.41 1.92
N GLU I 578 33.58 39.32 3.21
CA GLU I 578 33.11 38.11 3.85
C GLU I 578 31.74 38.43 4.43
N THR I 579 30.95 37.39 4.64
CA THR I 579 29.67 37.56 5.29
C THR I 579 29.73 37.37 6.80
N ALA I 580 29.00 38.22 7.49
CA ALA I 580 28.75 38.09 8.91
C ALA I 580 27.29 38.38 9.13
N LYS I 581 26.74 37.82 10.20
CA LYS I 581 25.30 37.84 10.36
C LYS I 581 24.94 38.03 11.81
N ILE I 582 24.05 38.99 12.07
CA ILE I 582 23.47 39.14 13.40
C ILE I 582 22.01 38.74 13.23
N LEU I 583 21.55 37.87 14.11
CA LEU I 583 20.17 37.40 14.04
C LEU I 583 19.59 37.36 15.43
N LYS I 584 18.53 38.13 15.64
CA LYS I 584 17.89 38.33 16.93
C LYS I 584 16.43 37.90 16.81
N GLY I 585 16.16 36.63 16.97
CA GLY I 585 14.81 36.14 16.76
C GLY I 585 14.46 34.82 17.36
N SER I 586 13.53 34.12 16.68
CA SER I 586 12.94 32.89 17.18
C SER I 586 12.51 32.11 15.95
N GLU I 587 12.52 30.78 16.01
CA GLU I 587 12.46 30.03 14.77
C GLU I 587 11.10 29.35 14.56
N VAL I 588 10.27 30.05 13.80
CA VAL I 588 8.92 29.62 13.44
C VAL I 588 8.99 28.39 12.54
N PRO I 589 8.56 27.26 13.06
CA PRO I 589 8.57 25.99 12.36
C PRO I 589 7.23 25.70 11.68
N TYR I 590 7.21 24.61 10.93
CA TYR I 590 5.99 24.00 10.45
C TYR I 590 6.25 22.50 10.56
N GLN I 591 5.44 21.80 11.33
CA GLN I 591 5.62 20.37 11.57
C GLN I 591 4.54 19.65 10.77
N GLU I 592 4.87 19.24 9.56
CA GLU I 592 4.01 18.36 8.78
C GLU I 592 4.59 16.95 8.87
N ALA I 593 4.00 16.11 9.71
CA ALA I 593 4.55 14.77 9.94
C ALA I 593 3.75 13.73 9.17
N SER I 594 4.16 13.49 7.93
CA SER I 594 3.32 12.87 6.92
C SER I 594 3.94 11.47 6.82
N SER I 595 3.26 10.54 7.47
CA SER I 595 3.75 9.19 7.77
C SER I 595 4.56 8.58 6.65
N SER I 596 4.01 8.54 5.46
CA SER I 596 4.64 7.80 4.37
C SER I 596 5.78 8.60 3.75
N GLY I 597 6.84 8.74 4.55
CA GLY I 597 8.12 9.19 4.10
C GLY I 597 8.42 10.67 4.11
N ALA I 598 7.47 11.55 4.43
CA ALA I 598 7.85 12.96 4.51
C ALA I 598 7.64 13.48 5.92
N THR I 599 8.72 13.95 6.55
CA THR I 599 8.64 14.54 7.87
C THR I 599 9.12 15.97 7.78
N SER I 600 8.20 16.86 7.40
CA SER I 600 8.55 18.25 7.14
C SER I 600 8.59 18.91 8.51
N THR I 601 9.66 18.59 9.25
CA THR I 601 9.90 19.25 10.53
C THR I 601 10.60 20.56 10.27
N SER I 602 9.94 21.37 9.47
CA SER I 602 10.49 22.60 8.96
C SER I 602 10.58 23.61 10.08
N PHE I 603 11.57 24.49 9.98
CA PHE I 603 11.62 25.65 10.84
C PHE I 603 12.43 26.72 10.12
N LYS I 604 12.29 27.95 10.61
CA LYS I 604 12.89 29.12 9.99
C LYS I 604 12.82 30.19 11.05
N GLU I 605 13.92 30.89 11.29
CA GLU I 605 13.92 31.88 12.34
C GLU I 605 13.49 33.25 11.85
N ALA I 606 12.38 33.71 12.40
CA ALA I 606 11.83 35.04 12.20
C ALA I 606 12.63 35.84 13.21
N ALA I 607 13.75 36.35 12.72
CA ALA I 607 14.73 37.06 13.51
C ALA I 607 15.07 38.35 12.80
N LEU I 608 15.38 39.38 13.57
CA LEU I 608 15.98 40.50 12.88
C LEU I 608 17.33 39.98 12.41
N SER I 609 17.81 40.49 11.29
CA SER I 609 19.12 40.04 10.90
C SER I 609 19.75 40.97 9.89
N LEU I 610 21.08 40.94 9.92
CA LEU I 610 21.92 41.59 8.94
C LEU I 610 22.90 40.52 8.49
N GLU I 611 22.90 40.24 7.20
CA GLU I 611 23.89 39.35 6.61
C GLU I 611 24.66 40.19 5.61
N VAL I 612 25.90 40.53 5.96
CA VAL I 612 26.67 41.52 5.24
C VAL I 612 27.92 40.92 4.64
N THR I 613 28.22 41.31 3.40
CA THR I 613 29.46 41.00 2.70
C THR I 613 30.01 42.33 2.20
N PRO I 614 30.74 43.04 3.06
CA PRO I 614 31.31 44.34 2.70
C PRO I 614 32.58 44.24 1.88
N GLN I 615 32.69 45.07 0.84
CA GLN I 615 33.93 45.24 0.09
C GLN I 615 34.44 46.65 0.35
N ILE I 616 35.66 46.75 0.87
CA ILE I 616 36.21 48.01 1.34
C ILE I 616 37.02 48.69 0.25
N THR I 617 36.62 49.90 -0.11
CA THR I 617 37.30 50.71 -1.09
C THR I 617 38.02 51.87 -0.40
N PRO I 618 39.09 52.42 -1.04
CA PRO I 618 40.06 53.21 -0.27
C PRO I 618 39.49 54.35 0.54
N ASP I 619 38.52 55.07 -0.01
CA ASP I 619 38.10 56.26 0.70
C ASP I 619 37.12 55.83 1.79
N ASN I 620 37.52 54.84 2.58
CA ASN I 620 36.71 54.44 3.71
C ASN I 620 35.29 54.23 3.23
N ARG I 621 35.15 53.43 2.18
CA ARG I 621 33.82 53.15 1.69
C ARG I 621 33.68 51.66 1.55
N ILE I 622 32.43 51.22 1.49
CA ILE I 622 32.11 49.82 1.25
C ILE I 622 30.98 49.66 0.25
N ILE I 623 31.19 48.77 -0.71
CA ILE I 623 30.09 48.25 -1.51
C ILE I 623 29.77 46.93 -0.82
N VAL I 624 28.60 46.81 -0.25
CA VAL I 624 28.28 45.62 0.55
C VAL I 624 27.05 44.96 -0.01
N GLU I 625 27.09 43.64 -0.09
CA GLU I 625 25.88 42.88 -0.35
C GLU I 625 25.29 42.58 1.01
N VAL I 626 24.15 43.19 1.32
CA VAL I 626 23.52 43.07 2.61
C VAL I 626 22.09 42.56 2.46
N LYS I 627 21.83 41.50 3.20
CA LYS I 627 20.48 41.04 3.49
C LYS I 627 20.04 41.66 4.82
N VAL I 628 19.02 42.50 4.78
CA VAL I 628 18.50 43.14 5.97
C VAL I 628 17.08 42.66 6.12
N THR I 629 16.84 41.75 7.05
CA THR I 629 15.53 41.15 7.19
C THR I 629 14.94 41.28 8.57
N LYS I 630 13.67 41.65 8.63
CA LYS I 630 12.91 41.60 9.86
C LYS I 630 11.74 40.67 9.58
N ASP I 631 11.56 39.67 10.42
CA ASP I 631 10.44 38.77 10.24
C ASP I 631 9.87 38.45 11.60
N ALA I 632 8.68 37.86 11.60
CA ALA I 632 8.11 37.73 12.91
C ALA I 632 7.06 36.64 12.98
N PRO I 633 7.05 35.89 14.09
CA PRO I 633 6.13 34.76 14.26
C PRO I 633 4.69 35.12 13.96
N ASP I 634 4.02 34.19 13.31
CA ASP I 634 2.70 34.39 12.77
C ASP I 634 1.62 33.98 13.76
N TYR I 635 0.54 34.77 13.80
CA TYR I 635 -0.62 34.36 14.57
C TYR I 635 -1.12 32.99 14.14
N GLN I 636 -1.36 32.79 12.84
CA GLN I 636 -1.91 31.52 12.40
C GLN I 636 -0.94 30.38 12.71
N ASN I 637 0.36 30.67 12.68
CA ASN I 637 1.36 29.68 13.09
C ASN I 637 1.22 29.37 14.57
N MET I 638 1.14 30.42 15.38
CA MET I 638 0.89 30.21 16.81
C MET I 638 -0.49 29.60 16.99
N LEU I 639 -1.37 29.85 16.01
CA LEU I 639 -2.70 29.26 15.95
C LEU I 639 -2.66 27.83 15.44
N ASN I 640 -1.52 27.42 14.88
CA ASN I 640 -1.39 26.12 14.23
C ASN I 640 -2.43 25.99 13.11
N GLY I 641 -2.69 27.09 12.42
CA GLY I 641 -3.58 27.12 11.28
C GLY I 641 -2.73 27.23 10.04
N VAL I 642 -3.16 28.01 9.06
CA VAL I 642 -2.35 28.30 7.88
C VAL I 642 -1.57 29.57 8.20
N PRO I 643 -0.25 29.48 8.40
CA PRO I 643 0.55 30.59 8.99
C PRO I 643 1.09 31.65 8.04
N PRO I 644 0.52 32.88 8.03
CA PRO I 644 1.19 33.97 7.31
C PRO I 644 2.17 34.71 8.21
N ILE I 645 3.43 34.25 8.23
CA ILE I 645 4.49 34.92 8.99
C ILE I 645 4.83 36.28 8.39
N ASN I 646 5.25 37.22 9.25
CA ASN I 646 5.52 38.56 8.77
C ASN I 646 6.92 38.61 8.18
N LYS I 647 7.08 39.33 7.07
CA LYS I 647 8.38 39.49 6.45
C LYS I 647 8.51 40.89 5.88
N ASN I 648 9.49 41.64 6.37
CA ASN I 648 10.00 42.87 5.78
C ASN I 648 11.47 42.68 5.48
N GLU I 649 11.82 42.39 4.23
CA GLU I 649 13.22 42.08 3.95
C GLU I 649 13.70 42.80 2.70
N VAL I 650 14.87 43.42 2.80
CA VAL I 650 15.54 44.00 1.66
C VAL I 650 16.85 43.27 1.43
N ASN I 651 17.08 42.84 0.20
CA ASN I 651 18.31 42.15 -0.17
C ASN I 651 18.96 42.92 -1.31
N ALA I 652 20.17 43.43 -1.07
CA ALA I 652 20.74 44.30 -2.10
C ALA I 652 22.20 44.60 -1.78
N LYS I 653 22.94 44.98 -2.82
CA LYS I 653 24.32 45.41 -2.67
C LYS I 653 24.38 46.90 -2.98
N ILE I 654 24.88 47.69 -2.03
CA ILE I 654 24.94 49.15 -2.21
C ILE I 654 26.30 49.66 -1.71
N LEU I 655 26.69 50.83 -2.21
CA LEU I 655 27.94 51.47 -1.84
C LEU I 655 27.68 52.71 -0.98
N VAL I 656 28.37 52.79 0.16
CA VAL I 656 28.33 53.95 1.04
C VAL I 656 29.73 54.16 1.61
N ASN I 657 30.08 55.41 1.95
CA ASN I 657 31.33 55.44 2.67
C ASN I 657 31.14 54.96 4.08
N ASP I 658 32.26 54.64 4.71
CA ASP I 658 32.25 54.12 6.06
C ASP I 658 31.61 55.12 7.02
N GLY I 659 31.93 56.39 6.86
CA GLY I 659 31.39 57.35 7.79
C GLY I 659 29.93 57.68 7.57
N GLU I 660 29.25 56.94 6.72
CA GLU I 660 28.05 57.42 6.04
C GLU I 660 26.88 56.48 6.22
N THR I 661 25.72 57.08 6.45
CA THR I 661 24.48 56.36 6.64
C THR I 661 23.57 56.68 5.46
N ILE I 662 22.97 55.65 4.89
CA ILE I 662 22.00 55.86 3.84
C ILE I 662 20.76 55.08 4.24
N VAL I 663 19.66 55.40 3.56
CA VAL I 663 18.44 54.66 3.78
C VAL I 663 18.45 53.57 2.71
N ILE I 664 18.66 52.33 3.15
CA ILE I 664 18.69 51.22 2.21
C ILE I 664 17.35 51.16 1.52
N GLY I 665 16.29 51.41 2.27
CA GLY I 665 14.97 51.46 1.72
C GLY I 665 13.98 51.86 2.79
N GLY I 666 12.74 51.98 2.37
CA GLY I 666 11.68 52.30 3.29
C GLY I 666 10.39 52.49 2.52
N VAL I 667 9.30 52.46 3.27
CA VAL I 667 7.98 52.54 2.67
C VAL I 667 7.00 53.22 3.61
N PHE I 668 6.22 54.13 3.05
CA PHE I 668 5.09 54.73 3.74
C PHE I 668 3.79 54.15 3.22
N SER I 669 2.96 53.65 4.12
CA SER I 669 1.62 53.13 3.80
C SER I 669 0.55 54.09 4.26
N ASN I 670 -0.15 54.74 3.32
CA ASN I 670 -1.21 55.71 3.64
C ASN I 670 -2.57 55.11 3.39
N GLU I 671 -3.30 54.80 4.46
CA GLU I 671 -4.62 54.22 4.40
C GLU I 671 -5.72 55.26 4.62
N GLN I 672 -6.61 55.40 3.66
CA GLN I 672 -7.78 56.27 3.83
C GLN I 672 -9.01 55.41 3.55
N SER I 673 -9.79 55.14 4.59
CA SER I 673 -10.97 54.29 4.48
C SER I 673 -12.20 55.05 4.94
N LYS I 674 -13.24 55.02 4.12
CA LYS I 674 -14.51 55.64 4.46
C LYS I 674 -15.64 54.68 4.18
N SER I 675 -16.58 54.59 5.11
CA SER I 675 -17.74 53.72 5.05
C SER I 675 -18.91 54.53 5.57
N VAL I 676 -19.92 54.76 4.76
CA VAL I 676 -21.09 55.50 5.21
C VAL I 676 -22.33 54.67 4.92
N GLU I 677 -23.15 54.51 5.94
CA GLU I 677 -24.38 53.75 5.89
C GLU I 677 -25.55 54.64 6.26
N LYS I 678 -26.52 54.76 5.37
CA LYS I 678 -27.55 55.75 5.62
C LYS I 678 -28.88 55.32 5.04
N VAL I 679 -29.89 55.32 5.89
CA VAL I 679 -31.24 55.35 5.33
C VAL I 679 -31.32 56.57 4.43
N PRO I 680 -31.67 56.37 3.15
CA PRO I 680 -31.64 57.48 2.21
C PRO I 680 -32.60 58.59 2.58
N PHE I 681 -33.84 58.23 2.91
CA PHE I 681 -34.86 59.25 3.17
C PHE I 681 -34.51 60.07 4.41
N LEU I 682 -34.21 59.40 5.51
CA LEU I 682 -33.84 60.15 6.72
C LEU I 682 -32.47 60.77 6.56
N GLY I 683 -31.55 60.09 5.87
CA GLY I 683 -30.25 60.67 5.63
C GLY I 683 -30.38 61.99 4.91
N GLU I 684 -31.37 62.08 4.01
CA GLU I 684 -31.64 63.29 3.26
C GLU I 684 -31.95 64.44 4.20
N LEU I 685 -32.65 64.16 5.29
CA LEU I 685 -33.05 65.21 6.20
C LEU I 685 -31.81 65.93 6.72
N PRO I 686 -31.78 67.26 6.67
CA PRO I 686 -30.57 67.97 7.11
C PRO I 686 -30.28 67.80 8.58
N TYR I 687 -31.31 67.84 9.42
CA TYR I 687 -31.11 67.80 10.86
C TYR I 687 -31.04 66.38 11.37
N LEU I 688 -31.54 65.42 10.59
CA LEU I 688 -31.61 64.03 11.01
C LEU I 688 -30.70 63.13 10.19
N GLY I 689 -30.14 63.61 9.09
CA GLY I 689 -29.26 62.74 8.32
C GLY I 689 -28.05 62.34 9.12
N ARG I 690 -27.45 63.30 9.83
CA ARG I 690 -26.34 62.96 10.70
C ARG I 690 -26.78 61.93 11.71
N LEU I 691 -28.04 62.02 12.14
CA LEU I 691 -28.68 61.10 13.05
C LEU I 691 -29.16 59.85 12.34
N PHE I 692 -28.99 59.79 11.00
CA PHE I 692 -29.36 58.61 10.24
C PHE I 692 -28.33 58.29 9.15
N ARG I 693 -27.14 58.88 9.24
CA ARG I 693 -26.00 58.56 8.39
C ARG I 693 -24.88 58.13 9.31
N ARG I 694 -24.42 56.90 9.13
CA ARG I 694 -23.39 56.28 9.94
C ARG I 694 -22.06 56.32 9.21
N ASP I 695 -21.14 57.13 9.70
CA ASP I 695 -19.86 57.32 9.04
C ASP I 695 -18.78 56.62 9.87
N THR I 696 -18.01 55.78 9.20
CA THR I 696 -16.81 55.17 9.75
C THR I 696 -15.66 55.52 8.83
N VAL I 697 -14.71 56.27 9.34
CA VAL I 697 -13.51 56.64 8.59
C VAL I 697 -12.31 56.20 9.39
N THR I 698 -11.45 55.42 8.76
CA THR I 698 -10.24 54.98 9.40
C THR I 698 -9.04 55.27 8.52
N ASP I 699 -8.04 55.91 9.10
CA ASP I 699 -6.76 56.14 8.47
C ASP I 699 -5.71 55.50 9.36
N ARG I 700 -5.07 54.44 8.88
CA ARG I 700 -4.00 53.83 9.63
C ARG I 700 -2.81 53.88 8.69
N LYS I 701 -1.76 54.58 9.10
CA LYS I 701 -0.60 54.71 8.24
C LYS I 701 0.68 54.40 8.98
N ASN I 702 1.36 53.36 8.53
CA ASN I 702 2.63 52.92 9.06
C ASN I 702 3.70 53.07 8.00
N GLU I 703 4.81 53.67 8.39
CA GLU I 703 5.96 53.83 7.52
C GLU I 703 7.13 53.10 8.17
N LEU I 704 7.86 52.36 7.35
CA LEU I 704 9.04 51.64 7.79
C LEU I 704 10.24 52.09 6.96
N LEU I 705 11.35 52.38 7.63
CA LEU I 705 12.57 52.81 6.96
C LEU I 705 13.78 52.11 7.57
N VAL I 706 14.74 51.74 6.71
CA VAL I 706 15.98 51.12 7.15
C VAL I 706 17.16 52.01 6.80
N PHE I 707 17.93 52.42 7.81
CA PHE I 707 19.20 53.07 7.58
C PHE I 707 20.32 52.04 7.58
N LEU I 708 21.54 52.48 7.25
CA LEU I 708 22.76 51.70 7.45
C LEU I 708 23.97 52.61 7.44
N THR I 709 24.93 52.31 8.34
CA THR I 709 26.26 52.92 8.35
C THR I 709 27.35 51.89 8.62
N PRO I 710 28.34 51.75 7.75
CA PRO I 710 29.40 50.78 8.04
C PRO I 710 30.64 51.48 8.59
N ARG I 711 31.16 51.10 9.73
CA ARG I 711 32.36 51.71 10.29
C ARG I 711 33.48 50.70 10.14
N ILE I 712 34.42 50.99 9.24
CA ILE I 712 35.47 50.01 8.96
C ILE I 712 36.25 49.72 10.22
N MET I 713 36.37 48.44 10.55
CA MET I 713 37.14 47.96 11.68
C MET I 713 38.59 47.74 11.27
N ASN I 714 38.88 47.86 9.96
CA ASN I 714 40.28 47.91 9.53
C ASN I 714 41.00 49.05 10.20
N ASN I 715 40.28 50.14 10.52
CA ASN I 715 40.94 51.26 11.17
C ASN I 715 41.60 50.75 12.43
N GLN I 716 41.01 49.71 12.99
CA GLN I 716 41.50 48.98 14.14
C GLN I 716 42.13 47.66 13.70
N ALA I 717 41.61 47.05 12.63
CA ALA I 717 42.09 45.75 12.17
C ALA I 717 43.43 45.89 11.46
N ILE I 718 43.70 47.03 10.84
CA ILE I 718 45.02 47.21 10.25
C ILE I 718 46.01 47.41 11.39
N ALA I 719 45.59 48.15 12.41
CA ALA I 719 46.35 48.35 13.63
C ALA I 719 46.31 47.10 14.49
N ILE I 720 45.39 46.19 14.17
CA ILE I 720 45.36 44.84 14.68
C ILE I 720 45.78 43.85 13.62
N LEU J 385 60.29 44.24 -20.42
CA LEU J 385 59.08 44.28 -19.61
C LEU J 385 59.27 45.12 -18.35
N ARG J 386 58.20 45.78 -17.96
CA ARG J 386 58.16 46.69 -16.83
C ARG J 386 57.10 46.18 -15.87
N ARG J 387 57.43 46.19 -14.58
CA ARG J 387 56.49 45.80 -13.54
C ARG J 387 55.74 47.01 -13.01
N GLU J 388 54.41 46.95 -13.03
CA GLU J 388 53.64 48.02 -12.42
C GLU J 388 52.59 47.41 -11.49
N LEU J 389 52.43 48.00 -10.31
CA LEU J 389 51.42 47.60 -9.33
C LEU J 389 50.29 48.62 -9.31
N ILE J 390 49.07 48.18 -9.57
CA ILE J 390 47.88 49.01 -9.45
C ILE J 390 46.90 48.32 -8.51
N GLN J 391 46.40 49.04 -7.51
CA GLN J 391 45.38 48.45 -6.65
C GLN J 391 44.04 49.07 -7.04
N VAL J 392 43.08 48.23 -7.40
CA VAL J 392 41.73 48.68 -7.74
C VAL J 392 40.68 48.14 -6.78
N ASN J 393 40.19 48.99 -5.90
CA ASN J 393 39.07 48.60 -5.04
C ASN J 393 37.77 48.61 -5.85
N TYR J 394 37.60 49.61 -6.72
CA TYR J 394 36.40 49.81 -7.53
C TYR J 394 36.45 49.12 -8.88
N ALA J 395 37.59 48.61 -9.30
CA ALA J 395 37.68 47.97 -10.61
C ALA J 395 37.77 46.47 -10.35
N LYS J 396 36.92 45.72 -11.04
CA LYS J 396 36.97 44.27 -10.93
C LYS J 396 38.27 43.74 -11.52
N ALA J 397 38.86 42.74 -10.84
CA ALA J 397 40.12 42.19 -11.30
C ALA J 397 39.95 41.50 -12.65
N ALA J 398 38.83 40.80 -12.84
CA ALA J 398 38.54 40.16 -14.11
C ALA J 398 38.50 41.18 -15.24
N ASP J 399 37.91 42.35 -14.97
CA ASP J 399 37.85 43.37 -16.01
C ASP J 399 39.24 43.80 -16.44
N ILE J 400 40.14 44.00 -15.46
CA ILE J 400 41.50 44.39 -15.76
C ILE J 400 42.19 43.29 -16.55
N ALA J 401 41.91 42.04 -16.20
CA ALA J 401 42.49 40.93 -16.94
C ALA J 401 42.01 40.95 -18.39
N LYS J 402 40.73 41.26 -18.60
CA LYS J 402 40.20 41.36 -19.94
C LYS J 402 40.87 42.48 -20.71
N LEU J 403 41.15 43.58 -20.02
CA LEU J 403 41.85 44.68 -20.65
C LEU J 403 43.21 44.24 -21.14
N PHE J 404 43.94 43.50 -20.31
CA PHE J 404 45.24 43.01 -20.74
C PHE J 404 45.12 41.97 -21.84
N GLN J 405 44.09 41.13 -21.79
CA GLN J 405 43.90 40.13 -22.83
C GLN J 405 43.65 40.79 -24.18
N SER J 406 42.83 41.83 -24.20
CA SER J 406 42.64 42.57 -25.44
C SER J 406 43.94 43.23 -25.85
N VAL J 407 44.70 43.71 -24.85
CA VAL J 407 45.99 44.32 -25.15
C VAL J 407 46.88 43.32 -25.86
N THR J 408 46.85 42.06 -25.40
CA THR J 408 47.59 41.00 -26.08
C THR J 408 47.05 40.79 -27.48
N SER J 409 45.73 40.90 -27.66
CA SER J 409 45.15 40.80 -28.99
C SER J 409 45.73 41.88 -29.90
N ASP J 410 46.01 43.06 -29.34
CA ASP J 410 46.67 44.09 -30.12
C ASP J 410 47.98 43.58 -30.71
N GLY J 411 48.78 42.89 -29.89
CA GLY J 411 50.09 42.43 -30.32
C GLY J 411 50.28 40.93 -30.12
N GLY J 421 54.87 39.81 -20.70
CA GLY J 421 53.53 39.29 -20.58
C GLY J 421 53.35 38.44 -19.34
N SER J 422 53.68 39.05 -18.20
CA SER J 422 53.55 38.42 -16.90
C SER J 422 52.48 39.13 -16.11
N ILE J 423 51.52 38.39 -15.58
CA ILE J 423 50.41 38.95 -14.82
C ILE J 423 50.36 38.37 -13.42
N THR J 424 50.18 39.23 -12.42
CA THR J 424 50.00 38.83 -11.04
C THR J 424 48.71 39.47 -10.56
N VAL J 425 47.83 38.68 -9.95
CA VAL J 425 46.54 39.17 -9.49
C VAL J 425 46.50 39.01 -7.97
N ASP J 426 46.17 40.10 -7.27
CA ASP J 426 46.04 40.09 -5.81
C ASP J 426 44.57 40.22 -5.45
N ASP J 427 44.01 39.12 -4.93
CA ASP J 427 42.60 39.11 -4.55
C ASP J 427 42.33 40.00 -3.34
N ARG J 428 43.21 39.97 -2.34
CA ARG J 428 42.93 40.67 -1.07
C ARG J 428 42.82 42.18 -1.28
N THR J 429 43.77 42.76 -1.99
CA THR J 429 43.74 44.18 -2.28
C THR J 429 43.11 44.44 -3.63
N ASN J 430 42.82 43.37 -4.38
CA ASN J 430 42.33 43.49 -5.75
C ASN J 430 43.34 44.28 -6.57
N SER J 431 44.62 44.02 -6.36
CA SER J 431 45.70 44.77 -6.97
C SER J 431 46.41 43.87 -7.95
N ILE J 432 46.57 44.36 -9.17
CA ILE J 432 47.17 43.60 -10.24
C ILE J 432 48.54 44.23 -10.49
N ILE J 433 49.58 43.42 -10.37
CA ILE J 433 50.93 43.84 -10.73
C ILE J 433 51.29 43.11 -12.00
N ALA J 434 51.63 43.84 -13.04
CA ALA J 434 51.92 43.22 -14.32
C ALA J 434 53.30 43.63 -14.74
N TYR J 435 54.14 42.64 -15.03
CA TYR J 435 55.46 42.86 -15.58
C TYR J 435 55.39 42.46 -17.05
N GLN J 436 55.33 43.46 -17.92
CA GLN J 436 55.07 43.27 -19.34
C GLN J 436 55.50 44.54 -20.07
N PRO J 437 55.45 44.62 -21.41
CA PRO J 437 55.99 45.82 -22.07
C PRO J 437 55.31 47.08 -21.58
N GLN J 438 56.10 48.16 -21.55
CA GLN J 438 55.62 49.41 -20.97
C GLN J 438 54.38 49.92 -21.68
N GLU J 439 54.34 49.82 -23.00
CA GLU J 439 53.22 50.37 -23.74
C GLU J 439 51.93 49.64 -23.38
N ARG J 440 52.02 48.30 -23.35
CA ARG J 440 50.86 47.50 -22.98
C ARG J 440 50.47 47.81 -21.55
N LEU J 441 51.47 47.98 -20.69
CA LEU J 441 51.24 48.26 -19.28
C LEU J 441 50.48 49.57 -19.10
N ASP J 442 50.90 50.60 -19.84
CA ASP J 442 50.25 51.91 -19.76
C ASP J 442 48.83 51.85 -20.28
N GLU J 443 48.63 51.15 -21.41
CA GLU J 443 47.30 51.07 -21.97
C GLU J 443 46.37 50.39 -20.97
N LEU J 444 46.85 49.31 -20.36
CA LEU J 444 46.04 48.58 -19.42
C LEU J 444 45.74 49.46 -18.22
N ARG J 445 46.72 50.25 -17.79
CA ARG J 445 46.52 51.17 -16.68
C ARG J 445 45.43 52.20 -16.95
N ARG J 446 45.42 52.76 -18.15
CA ARG J 446 44.38 53.73 -18.50
C ARG J 446 43.01 53.08 -18.44
N ILE J 447 42.91 51.88 -19.03
CA ILE J 447 41.63 51.20 -18.96
C ILE J 447 41.29 50.88 -17.51
N VAL J 448 42.31 50.55 -16.72
CA VAL J 448 42.11 50.24 -15.30
C VAL J 448 41.48 51.43 -14.63
N SER J 449 41.95 52.63 -14.98
CA SER J 449 41.42 53.84 -14.40
C SER J 449 39.94 53.95 -14.73
N GLN J 450 39.58 53.64 -15.98
CA GLN J 450 38.17 53.67 -16.33
C GLN J 450 37.38 52.66 -15.49
N LEU J 451 37.92 51.46 -15.33
CA LEU J 451 37.25 50.38 -14.61
C LEU J 451 37.05 50.70 -13.13
N ASP J 452 37.98 51.42 -12.52
CA ASP J 452 37.94 51.65 -11.08
C ASP J 452 36.87 52.69 -10.80
N ILE J 453 35.63 52.26 -11.05
CA ILE J 453 34.43 53.06 -10.88
C ILE J 453 33.48 52.45 -9.86
N PRO J 454 32.93 53.26 -8.96
CA PRO J 454 32.03 52.77 -7.93
C PRO J 454 30.74 52.21 -8.53
N VAL J 455 30.28 51.07 -8.00
CA VAL J 455 28.99 50.54 -8.42
C VAL J 455 27.91 51.58 -8.16
N ARG J 456 27.06 51.79 -9.15
CA ARG J 456 26.05 52.85 -9.12
C ARG J 456 24.73 52.40 -8.49
N GLN J 457 24.41 52.95 -7.33
CA GLN J 457 23.14 52.75 -6.66
C GLN J 457 22.11 53.77 -7.12
N VAL J 458 20.85 53.35 -7.23
CA VAL J 458 19.72 54.23 -7.47
C VAL J 458 18.61 53.90 -6.47
N MET J 459 18.01 54.95 -5.91
CA MET J 459 16.86 54.84 -5.02
C MET J 459 15.59 54.92 -5.85
N ILE J 460 14.81 53.85 -5.86
CA ILE J 460 13.62 53.76 -6.67
C ILE J 460 12.43 53.93 -5.75
N GLU J 461 11.56 54.89 -6.06
CA GLU J 461 10.39 55.15 -5.23
C GLU J 461 9.22 55.05 -6.19
N ALA J 462 8.49 53.95 -6.10
CA ALA J 462 7.29 53.75 -6.89
C ALA J 462 6.13 53.71 -5.91
N ARG J 463 5.16 54.58 -6.14
CA ARG J 463 4.07 54.71 -5.19
C ARG J 463 2.75 54.25 -5.77
N ILE J 464 1.99 53.55 -4.95
CA ILE J 464 0.69 53.02 -5.35
C ILE J 464 -0.38 53.87 -4.70
N VAL J 465 -1.29 54.38 -5.51
CA VAL J 465 -2.41 55.18 -5.05
C VAL J 465 -3.69 54.47 -5.46
N GLU J 466 -4.49 54.07 -4.48
CA GLU J 466 -5.77 53.44 -4.74
C GLU J 466 -6.91 54.24 -4.13
N ALA J 467 -7.89 54.62 -4.95
CA ALA J 467 -9.07 55.30 -4.44
C ALA J 467 -10.31 54.52 -4.86
N ASN J 468 -11.16 54.16 -3.91
CA ASN J 468 -12.42 53.48 -4.19
C ASN J 468 -13.56 54.27 -3.60
N VAL J 469 -14.51 54.66 -4.44
CA VAL J 469 -15.70 55.37 -3.99
C VAL J 469 -16.91 54.51 -4.31
N GLY J 470 -17.69 54.19 -3.29
CA GLY J 470 -18.86 53.37 -3.46
C GLY J 470 -20.21 53.84 -2.96
N TYR J 471 -21.20 53.84 -3.85
CA TYR J 471 -22.60 54.14 -3.56
C TYR J 471 -23.53 52.99 -3.88
N ASP J 472 -24.26 52.48 -2.89
CA ASP J 472 -25.24 51.43 -3.15
C ASP J 472 -26.57 51.83 -2.53
N LYS J 473 -27.64 51.85 -3.31
CA LYS J 473 -28.98 52.08 -2.78
C LYS J 473 -29.94 50.98 -3.18
N SER J 474 -30.70 50.48 -2.20
CA SER J 474 -31.73 49.48 -2.47
C SER J 474 -33.01 49.96 -1.82
N LEU J 475 -34.12 49.91 -2.55
CA LEU J 475 -35.40 50.34 -2.00
C LEU J 475 -36.41 49.22 -2.14
N GLY J 476 -36.94 48.76 -1.00
CA GLY J 476 -38.08 47.87 -0.88
C GLY J 476 -39.37 48.59 -0.52
N VAL J 477 -40.35 48.63 -1.42
CA VAL J 477 -41.57 49.38 -1.19
C VAL J 477 -42.73 48.41 -0.97
N ARG J 478 -43.45 48.60 0.14
CA ARG J 478 -44.22 47.52 0.78
C ARG J 478 -45.57 48.03 1.23
N TRP J 479 -46.63 47.41 0.70
CA TRP J 479 -48.02 47.73 1.02
C TRP J 479 -48.78 46.49 1.49
N GLY J 480 -48.85 46.26 2.80
CA GLY J 480 -49.59 45.09 3.23
C GLY J 480 -50.79 45.35 4.12
N GLY J 481 -51.96 44.93 3.63
CA GLY J 481 -53.21 44.92 4.37
C GLY J 481 -53.81 43.53 4.25
N ALA J 482 -54.06 42.86 5.37
CA ALA J 482 -54.73 41.56 5.27
C ALA J 482 -56.25 41.63 5.39
N TYR J 483 -56.82 42.78 5.74
CA TYR J 483 -58.27 42.84 5.91
C TYR J 483 -58.95 42.58 4.59
N HIS J 484 -58.47 43.21 3.53
CA HIS J 484 -59.02 43.02 2.19
C HIS J 484 -58.10 42.15 1.36
N LYS J 485 -57.21 41.42 2.04
CA LYS J 485 -56.23 40.55 1.41
C LYS J 485 -55.45 41.23 0.30
N GLY J 486 -55.10 42.48 0.52
CA GLY J 486 -54.26 43.16 -0.45
C GLY J 486 -52.86 43.45 0.03
N ASN J 487 -51.86 42.75 -0.51
CA ASN J 487 -50.51 42.91 -0.01
C ASN J 487 -49.48 42.66 -1.10
N TRP J 488 -48.76 43.73 -1.43
CA TRP J 488 -47.65 43.71 -2.37
C TRP J 488 -46.34 43.97 -1.62
N SER J 489 -45.37 43.09 -1.83
CA SER J 489 -44.12 43.13 -1.10
C SER J 489 -43.03 43.97 -1.75
N GLY J 490 -42.29 44.69 -0.91
CA GLY J 490 -41.15 45.43 -1.39
C GLY J 490 -40.07 44.44 -1.73
N TYR J 491 -38.93 44.95 -2.16
CA TYR J 491 -37.83 44.05 -2.49
C TYR J 491 -36.50 44.54 -1.94
N GLY J 492 -36.13 45.78 -2.25
CA GLY J 492 -34.84 46.28 -1.80
C GLY J 492 -34.68 46.02 -0.32
N LYS J 493 -35.70 46.36 0.47
CA LYS J 493 -35.83 45.92 1.85
C LYS J 493 -37.22 45.30 2.01
N ASP J 494 -37.39 44.12 1.42
CA ASP J 494 -38.68 43.48 1.16
C ASP J 494 -39.64 43.57 2.34
N GLY J 495 -40.88 43.95 2.05
CA GLY J 495 -41.92 43.97 3.05
C GLY J 495 -43.30 43.68 2.52
N ASN J 496 -44.09 42.83 3.18
CA ASN J 496 -45.43 42.52 2.68
C ASN J 496 -46.27 42.23 3.92
N ILE J 497 -46.99 43.23 4.38
CA ILE J 497 -47.53 43.18 5.72
C ILE J 497 -48.61 42.11 5.85
N GLY J 498 -49.16 41.61 4.75
CA GLY J 498 -50.15 40.54 4.87
C GLY J 498 -49.56 39.25 5.43
N ILE J 499 -48.36 38.88 4.97
CA ILE J 499 -47.74 37.63 5.43
C ILE J 499 -47.55 37.67 6.94
N LYS J 500 -47.14 38.81 7.49
CA LYS J 500 -46.97 38.89 8.94
C LYS J 500 -48.25 39.40 9.59
N ASP J 501 -49.28 39.68 8.79
CA ASP J 501 -50.63 39.77 9.30
C ASP J 501 -51.14 38.38 9.62
N GLU J 502 -50.52 37.37 9.01
CA GLU J 502 -50.82 35.99 9.40
C GLU J 502 -50.19 35.72 10.76
N ASP J 503 -48.98 36.23 10.96
CA ASP J 503 -48.30 36.23 12.25
C ASP J 503 -49.13 36.99 13.28
N PRO J 527 -48.19 44.69 16.38
CA PRO J 527 -47.64 45.86 15.69
C PRO J 527 -46.46 46.51 16.43
N PHE J 528 -46.58 46.75 17.74
CA PHE J 528 -45.47 47.39 18.45
C PHE J 528 -44.24 46.47 18.49
N VAL J 529 -44.44 45.16 18.58
CA VAL J 529 -43.28 44.25 18.67
C VAL J 529 -42.87 43.76 17.29
N ASP J 530 -43.81 43.26 16.48
CA ASP J 530 -43.46 42.67 15.19
C ASP J 530 -42.89 43.72 14.25
N LEU J 531 -43.55 44.87 14.14
CA LEU J 531 -43.04 45.93 13.28
C LEU J 531 -41.72 46.48 13.79
N GLY J 532 -41.57 46.68 15.10
CA GLY J 532 -40.30 47.19 15.61
C GLY J 532 -39.11 46.41 15.08
N ALA J 533 -39.15 45.08 15.24
CA ALA J 533 -38.07 44.23 14.75
C ALA J 533 -38.05 44.24 13.23
N LYS J 534 -39.20 44.04 12.61
CA LYS J 534 -39.27 43.98 11.15
C LYS J 534 -38.61 45.23 10.59
N ASP J 535 -38.90 46.38 11.17
CA ASP J 535 -38.50 47.69 10.70
C ASP J 535 -37.18 48.11 11.32
N ALA J 536 -36.49 47.19 11.98
CA ALA J 536 -35.22 47.54 12.60
C ALA J 536 -34.25 48.08 11.56
N THR J 537 -34.35 47.56 10.33
CA THR J 537 -33.40 47.82 9.26
C THR J 537 -33.18 49.32 9.02
N SER J 538 -31.93 49.66 8.70
CA SER J 538 -31.44 51.01 8.42
C SER J 538 -32.51 51.97 7.96
N GLY J 539 -33.10 51.66 6.81
CA GLY J 539 -34.07 52.57 6.25
C GLY J 539 -35.44 51.96 6.14
N ILE J 540 -36.33 52.35 7.05
CA ILE J 540 -37.71 51.92 7.03
C ILE J 540 -38.59 53.15 7.27
N GLY J 541 -39.54 53.38 6.36
CA GLY J 541 -40.51 54.42 6.61
C GLY J 541 -41.83 53.73 6.89
N ILE J 542 -42.32 53.80 8.12
CA ILE J 542 -43.50 53.06 8.53
C ILE J 542 -44.71 53.98 8.58
N GLY J 543 -45.77 53.59 7.87
CA GLY J 543 -47.10 54.11 8.09
C GLY J 543 -47.90 52.95 8.64
N PHE J 544 -48.51 53.11 9.80
CA PHE J 544 -49.31 52.02 10.35
C PHE J 544 -50.69 52.52 10.72
N ILE J 545 -51.70 51.74 10.36
CA ILE J 545 -52.99 51.87 11.01
C ILE J 545 -53.17 50.57 11.78
N THR J 546 -53.65 50.69 13.02
CA THR J 546 -53.97 49.49 13.77
C THR J 546 -55.37 49.57 14.37
N ASP J 547 -55.79 50.78 14.73
CA ASP J 547 -57.01 50.93 15.51
C ASP J 547 -58.23 50.51 14.71
N ASN J 548 -58.40 51.06 13.51
CA ASN J 548 -59.52 50.64 12.66
C ASN J 548 -59.23 49.26 12.07
N ILE J 549 -58.04 49.13 11.49
CA ILE J 549 -57.56 47.91 10.86
C ILE J 549 -56.05 48.04 10.97
N ILE J 550 -55.35 46.93 10.91
CA ILE J 550 -53.91 46.99 10.85
C ILE J 550 -53.52 46.86 9.39
N LEU J 551 -53.08 47.99 8.84
CA LEU J 551 -52.67 48.12 7.45
C LEU J 551 -51.35 48.88 7.49
N ASP J 552 -50.27 48.18 7.18
CA ASP J 552 -48.92 48.71 7.29
C ASP J 552 -48.32 48.98 5.91
N LEU J 553 -47.86 50.21 5.71
CA LEU J 553 -47.33 50.66 4.42
C LEU J 553 -45.98 51.35 4.65
N GLN J 554 -44.91 50.67 4.25
CA GLN J 554 -43.56 51.13 4.53
C GLN J 554 -42.72 51.23 3.27
N LEU J 555 -41.90 52.26 3.21
CA LEU J 555 -40.94 52.42 2.12
C LEU J 555 -39.60 52.25 2.81
N SER J 556 -38.89 51.18 2.49
CA SER J 556 -37.67 50.85 3.20
C SER J 556 -36.48 50.97 2.25
N ALA J 557 -35.64 51.95 2.48
CA ALA J 557 -34.56 52.33 1.56
C ALA J 557 -33.22 52.45 2.26
N MET J 558 -32.17 52.01 1.59
CA MET J 558 -30.80 52.04 2.11
C MET J 558 -29.88 52.67 1.09
N GLU J 559 -29.06 53.61 1.57
CA GLU J 559 -27.98 54.19 0.77
C GLU J 559 -26.72 54.04 1.59
N LYS J 560 -25.72 53.40 1.02
CA LYS J 560 -24.47 53.13 1.69
C LYS J 560 -23.36 53.72 0.84
N THR J 561 -22.45 54.48 1.46
CA THR J 561 -21.32 54.99 0.73
C THR J 561 -20.02 54.70 1.46
N GLY J 562 -19.10 54.03 0.77
CA GLY J 562 -17.79 53.75 1.31
C GLY J 562 -16.63 54.11 0.39
N ASN J 563 -15.68 54.91 0.84
CA ASN J 563 -14.50 55.21 0.04
C ASN J 563 -13.24 54.84 0.79
N GLY J 564 -12.43 53.99 0.18
CA GLY J 564 -11.16 53.66 0.79
C GLY J 564 -10.05 53.99 -0.17
N GLU J 565 -9.11 54.81 0.28
CA GLU J 565 -7.94 55.16 -0.51
C GLU J 565 -6.69 54.81 0.27
N ILE J 566 -5.81 54.03 -0.34
CA ILE J 566 -4.54 53.68 0.28
C ILE J 566 -3.41 54.10 -0.66
N VAL J 567 -2.49 54.88 -0.14
CA VAL J 567 -1.35 55.38 -0.91
C VAL J 567 -0.07 54.96 -0.20
N SER J 568 0.67 54.04 -0.78
CA SER J 568 1.89 53.52 -0.20
C SER J 568 3.08 53.72 -1.10
N GLN J 569 4.17 54.26 -0.58
CA GLN J 569 5.38 54.43 -1.40
C GLN J 569 6.61 53.85 -0.74
N PRO J 570 7.15 52.79 -1.30
CA PRO J 570 8.43 52.22 -0.91
C PRO J 570 9.63 52.69 -1.72
N LYS J 571 10.71 53.05 -1.04
CA LYS J 571 11.94 53.54 -1.67
C LYS J 571 13.05 52.51 -1.46
N VAL J 572 13.71 52.10 -2.53
CA VAL J 572 14.75 51.07 -2.50
C VAL J 572 16.06 51.59 -3.07
N VAL J 573 17.18 51.32 -2.40
CA VAL J 573 18.51 51.67 -2.92
C VAL J 573 19.13 50.43 -3.53
N THR J 574 19.44 50.51 -4.83
CA THR J 574 19.90 49.36 -5.61
C THR J 574 21.20 49.63 -6.36
N SER J 575 22.04 48.62 -6.48
CA SER J 575 23.19 48.79 -7.36
C SER J 575 22.69 48.92 -8.81
N ASP J 576 23.57 49.33 -9.70
CA ASP J 576 23.20 49.58 -11.09
C ASP J 576 23.22 48.25 -11.84
N LYS J 577 22.13 47.94 -12.56
CA LYS J 577 21.98 46.70 -13.32
C LYS J 577 21.83 45.51 -12.39
N GLU J 578 21.60 45.76 -11.11
CA GLU J 578 21.45 44.72 -10.11
C GLU J 578 20.04 44.82 -9.57
N THR J 579 19.55 43.73 -9.00
CA THR J 579 18.25 43.74 -8.36
C THR J 579 18.36 44.05 -6.86
N ALA J 580 17.40 44.84 -6.41
CA ALA J 580 17.18 45.09 -4.99
C ALA J 580 15.68 45.04 -4.78
N LYS J 581 15.28 44.70 -3.56
CA LYS J 581 13.89 44.40 -3.32
C LYS J 581 13.46 44.91 -1.96
N ILE J 582 12.35 45.64 -1.94
CA ILE J 582 11.72 46.02 -0.68
C ILE J 582 10.44 45.22 -0.64
N LEU J 583 10.20 44.57 0.49
CA LEU J 583 9.00 43.76 0.65
C LEU J 583 8.42 43.99 2.03
N LYS J 584 7.20 44.48 2.06
CA LYS J 584 6.50 44.90 3.29
C LYS J 584 5.21 44.08 3.39
N GLY J 585 5.30 42.89 3.94
CA GLY J 585 4.13 42.02 3.97
C GLY J 585 4.13 40.91 4.95
N SER J 586 3.45 39.83 4.57
CA SER J 586 3.20 38.67 5.44
C SER J 586 3.01 37.48 4.53
N GLU J 587 3.37 36.29 4.98
CA GLU J 587 3.54 35.20 4.02
C GLU J 587 2.41 34.18 4.11
N VAL J 588 1.44 34.37 3.24
CA VAL J 588 0.27 33.50 3.10
C VAL J 588 0.68 32.12 2.61
N PRO J 589 0.56 31.14 3.46
CA PRO J 589 0.92 29.76 3.16
C PRO J 589 -0.28 28.95 2.68
N TYR J 590 0.01 27.71 2.30
CA TYR J 590 -1.00 26.69 2.10
C TYR J 590 -0.35 25.42 2.63
N GLN J 591 -0.96 24.80 3.63
CA GLN J 591 -0.40 23.61 4.26
C GLN J 591 -1.24 22.42 3.79
N GLU J 592 -0.79 21.77 2.73
CA GLU J 592 -1.36 20.50 2.30
C GLU J 592 -0.43 19.39 2.78
N ALA J 593 -0.79 18.71 3.86
CA ALA J 593 0.09 17.70 4.43
C ALA J 593 -0.39 16.30 4.05
N SER J 594 0.09 15.81 2.92
CA SER J 594 -0.52 14.72 2.19
C SER J 594 0.44 13.58 2.46
N SER J 595 0.03 12.73 3.42
CA SER J 595 0.85 11.72 4.06
C SER J 595 1.82 11.03 3.13
N SER J 596 1.32 10.48 2.02
CA SER J 596 2.14 9.65 1.17
C SER J 596 3.05 10.50 0.27
N GLY J 597 4.01 11.14 0.93
CA GLY J 597 5.13 11.75 0.27
C GLY J 597 5.01 13.19 -0.17
N ALA J 598 3.86 13.84 -0.07
CA ALA J 598 3.85 15.25 -0.43
C ALA J 598 3.48 16.11 0.78
N THR J 599 4.39 17.00 1.16
CA THR J 599 4.13 17.93 2.26
C THR J 599 4.21 19.34 1.71
N SER J 600 3.11 19.80 1.16
CA SER J 600 3.07 21.08 0.48
C SER J 600 2.90 22.12 1.59
N THR J 601 4.01 22.33 2.31
CA THR J 601 4.03 23.37 3.32
C THR J 601 4.37 24.69 2.64
N SER J 602 3.52 25.01 1.68
CA SER J 602 3.74 26.13 0.80
C SER J 602 3.53 27.42 1.56
N PHE J 603 4.24 28.45 1.15
CA PHE J 603 3.97 29.79 1.63
C PHE J 603 4.48 30.76 0.58
N LYS J 604 4.00 32.00 0.68
CA LYS J 604 4.28 33.04 -0.29
C LYS J 604 3.91 34.33 0.40
N GLU J 605 4.79 35.33 0.35
CA GLU J 605 4.50 36.56 1.07
C GLU J 605 3.72 37.55 0.22
N ALA J 606 2.52 37.85 0.68
CA ALA J 606 1.64 38.87 0.14
C ALA J 606 2.17 40.12 0.82
N ALA J 607 3.12 40.72 0.13
CA ALA J 607 3.86 41.87 0.59
C ALA J 607 3.85 42.93 -0.48
N LEU J 608 3.86 44.18 -0.07
CA LEU J 608 4.16 45.15 -1.10
C LEU J 608 5.60 44.89 -1.48
N SER J 609 5.94 45.14 -2.73
CA SER J 609 7.34 44.96 -3.05
C SER J 609 7.72 45.68 -4.33
N LEU J 610 8.99 46.00 -4.38
CA LEU J 610 9.65 46.52 -5.56
C LEU J 610 10.89 45.66 -5.73
N GLU J 611 11.00 45.01 -6.89
CA GLU J 611 12.20 44.27 -7.24
C GLU J 611 12.73 44.95 -8.50
N VAL J 612 13.82 45.69 -8.34
CA VAL J 612 14.31 46.59 -9.38
C VAL J 612 15.69 46.18 -9.85
N THR J 613 15.89 46.24 -11.17
CA THR J 613 17.18 46.06 -11.82
C THR J 613 17.36 47.28 -12.72
N PRO J 614 17.87 48.38 -12.16
CA PRO J 614 18.07 49.61 -12.93
C PRO J 614 19.33 49.61 -13.76
N GLN J 615 19.24 50.08 -15.01
CA GLN J 615 20.39 50.33 -15.85
C GLN J 615 20.51 51.84 -16.05
N ILE J 616 21.64 52.41 -15.67
CA ILE J 616 21.82 53.85 -15.62
C ILE J 616 22.44 54.35 -16.92
N THR J 617 21.74 55.25 -17.58
CA THR J 617 22.20 55.87 -18.81
C THR J 617 22.57 57.33 -18.53
N PRO J 618 23.45 57.92 -19.37
CA PRO J 618 24.17 59.13 -18.94
C PRO J 618 23.30 60.28 -18.48
N ASP J 619 22.18 60.51 -19.14
CA ASP J 619 21.44 61.71 -18.79
C ASP J 619 20.61 61.38 -17.57
N ASN J 620 21.24 60.82 -16.53
CA ASN J 620 20.54 60.59 -15.29
C ASN J 620 19.24 59.88 -15.60
N ARG J 621 19.34 58.79 -16.35
CA ARG J 621 18.14 58.04 -16.65
C ARG J 621 18.41 56.59 -16.33
N ILE J 622 17.33 55.85 -16.20
CA ILE J 622 17.39 54.41 -15.97
C ILE J 622 16.37 53.67 -16.81
N ILE J 623 16.82 52.62 -17.48
CA ILE J 623 15.92 51.62 -18.02
C ILE J 623 15.95 50.52 -16.95
N VAL J 624 14.85 50.27 -16.29
CA VAL J 624 14.84 49.35 -15.16
C VAL J 624 13.84 48.26 -15.42
N GLU J 625 14.24 47.03 -15.12
CA GLU J 625 13.28 45.93 -15.05
C GLU J 625 12.77 45.92 -13.62
N VAL J 626 11.50 46.27 -13.44
CA VAL J 626 10.90 46.39 -12.13
C VAL J 626 9.67 45.51 -12.03
N LYS J 627 9.67 44.68 -11.00
CA LYS J 627 8.51 44.00 -10.49
C LYS J 627 7.90 44.86 -9.39
N VAL J 628 6.68 45.34 -9.61
CA VAL J 628 5.99 46.17 -8.62
C VAL J 628 4.76 45.38 -8.25
N THR J 629 4.75 44.77 -7.07
CA THR J 629 3.65 43.92 -6.68
C THR J 629 3.02 44.31 -5.37
N LYS J 630 1.69 44.33 -5.33
CA LYS J 630 0.96 44.45 -4.10
C LYS J 630 0.08 43.21 -4.01
N ASP J 631 0.15 42.51 -2.91
CA ASP J 631 -0.68 41.33 -2.74
C ASP J 631 -1.16 41.31 -1.31
N ALA J 632 -2.14 40.45 -1.07
CA ALA J 632 -2.68 40.58 0.27
C ALA J 632 -3.40 39.33 0.73
N PRO J 633 -3.22 38.96 2.00
CA PRO J 633 -3.82 37.75 2.55
C PRO J 633 -5.29 37.61 2.25
N ASP J 634 -5.68 36.39 1.95
CA ASP J 634 -6.99 36.06 1.46
C ASP J 634 -7.94 35.70 2.60
N TYR J 635 -9.19 36.15 2.47
CA TYR J 635 -10.22 35.71 3.40
C TYR J 635 -10.32 34.19 3.43
N GLN J 636 -10.48 33.56 2.27
CA GLN J 636 -10.67 32.11 2.26
C GLN J 636 -9.43 31.41 2.82
N ASN J 637 -8.25 32.01 2.63
CA ASN J 637 -7.03 31.49 3.24
C ASN J 637 -7.11 31.61 4.75
N MET J 638 -7.49 32.80 5.23
CA MET J 638 -7.69 32.97 6.67
C MET J 638 -8.85 32.10 7.10
N LEU J 639 -9.75 31.80 6.17
CA LEU J 639 -10.88 30.91 6.36
C LEU J 639 -10.45 29.45 6.29
N ASN J 640 -9.24 29.20 5.81
CA ASN J 640 -8.75 27.85 5.56
C ASN J 640 -9.69 27.12 4.60
N GLY J 641 -10.22 27.86 3.63
CA GLY J 641 -11.07 27.31 2.60
C GLY J 641 -10.26 27.26 1.32
N VAL J 642 -10.87 27.56 0.19
CA VAL J 642 -10.14 27.69 -1.07
C VAL J 642 -9.73 29.15 -1.20
N PRO J 643 -8.45 29.47 -1.07
CA PRO J 643 -7.99 30.88 -0.87
C PRO J 643 -7.74 31.71 -2.13
N PRO J 644 -8.62 32.68 -2.46
CA PRO J 644 -8.24 33.64 -3.51
C PRO J 644 -7.51 34.84 -2.93
N ILE J 645 -6.18 34.76 -2.87
CA ILE J 645 -5.35 35.87 -2.42
C ILE J 645 -5.38 37.03 -3.41
N ASN J 646 -5.24 38.25 -2.89
CA ASN J 646 -5.33 39.41 -3.77
C ASN J 646 -3.98 39.65 -4.42
N LYS J 647 -4.01 40.01 -5.72
CA LYS J 647 -2.77 40.32 -6.43
C LYS J 647 -3.02 41.46 -7.40
N ASN J 648 -2.29 42.56 -7.21
CA ASN J 648 -2.13 43.63 -8.17
C ASN J 648 -0.64 43.75 -8.50
N GLU J 649 -0.20 43.20 -9.63
CA GLU J 649 1.23 43.20 -9.89
C GLU J 649 1.51 43.60 -11.32
N VAL J 650 2.47 44.50 -11.48
CA VAL J 650 2.99 44.88 -12.80
C VAL J 650 4.46 44.47 -12.88
N ASN J 651 4.81 43.77 -13.94
CA ASN J 651 6.18 43.35 -14.17
C ASN J 651 6.62 43.89 -15.52
N ALA J 652 7.65 44.73 -15.53
CA ALA J 652 7.99 45.37 -16.80
C ALA J 652 9.29 46.13 -16.69
N LYS J 653 9.92 46.35 -17.83
CA LYS J 653 11.14 47.15 -17.91
C LYS J 653 10.79 48.44 -18.65
N ILE J 654 11.05 49.59 -18.02
CA ILE J 654 10.73 50.88 -18.60
C ILE J 654 11.89 51.85 -18.37
N LEU J 655 11.96 52.87 -19.22
CA LEU J 655 12.98 53.91 -19.13
C LEU J 655 12.40 55.23 -18.67
N VAL J 656 13.01 55.83 -17.65
CA VAL J 656 12.65 57.17 -17.15
C VAL J 656 13.93 57.88 -16.76
N ASN J 657 13.92 59.21 -16.83
CA ASN J 657 15.12 59.79 -16.23
C ASN J 657 15.03 59.72 -14.72
N ASP J 658 16.19 59.91 -14.11
CA ASP J 658 16.28 59.84 -12.67
C ASP J 658 15.39 60.88 -12.01
N GLY J 659 15.36 62.09 -12.55
CA GLY J 659 14.57 63.10 -11.91
C GLY J 659 13.08 62.95 -12.12
N GLU J 660 12.63 61.83 -12.68
CA GLU J 660 11.36 61.77 -13.39
C GLU J 660 10.49 60.65 -12.86
N THR J 661 9.21 60.96 -12.75
CA THR J 661 8.20 60.05 -12.27
C THR J 661 7.25 59.75 -13.42
N ILE J 662 6.97 58.47 -13.63
CA ILE J 662 5.99 58.10 -14.63
C ILE J 662 5.00 57.18 -13.95
N VAL J 663 3.87 56.98 -14.60
CA VAL J 663 2.89 56.04 -14.11
C VAL J 663 3.21 54.73 -14.80
N ILE J 664 3.73 53.78 -14.03
CA ILE J 664 4.07 52.49 -14.60
C ILE J 664 2.81 51.87 -15.16
N GLY J 665 1.72 52.05 -14.45
CA GLY J 665 0.43 51.58 -14.89
C GLY J 665 -0.63 52.02 -13.93
N GLY J 666 -1.87 51.67 -14.28
CA GLY J 666 -2.99 51.97 -13.43
C GLY J 666 -4.26 51.59 -14.14
N VAL J 667 -5.32 51.49 -13.35
CA VAL J 667 -6.60 51.04 -13.86
C VAL J 667 -7.74 51.69 -13.10
N PHE J 668 -8.73 52.15 -13.85
CA PHE J 668 -9.99 52.62 -13.29
C PHE J 668 -11.08 51.59 -13.54
N SER J 669 -11.77 51.19 -12.48
CA SER J 669 -12.90 50.27 -12.54
C SER J 669 -14.21 51.01 -12.32
N ASN J 670 -15.04 51.14 -13.35
CA ASN J 670 -16.31 51.85 -13.27
C ASN J 670 -17.48 50.86 -13.24
N GLU J 671 -18.10 50.72 -12.08
CA GLU J 671 -19.23 49.82 -11.88
C GLU J 671 -20.55 50.56 -11.90
N GLN J 672 -21.44 50.16 -12.81
CA GLN J 672 -22.80 50.70 -12.82
C GLN J 672 -23.74 49.51 -12.76
N SER J 673 -24.45 49.37 -11.63
CA SER J 673 -25.35 48.26 -11.42
C SER J 673 -26.76 48.76 -11.11
N LYS J 674 -27.74 48.22 -11.82
CA LYS J 674 -29.12 48.56 -11.60
C LYS J 674 -29.95 47.29 -11.51
N SER J 675 -30.85 47.26 -10.54
CA SER J 675 -31.74 46.13 -10.27
C SER J 675 -33.09 46.74 -9.93
N VAL J 676 -34.11 46.43 -10.71
CA VAL J 676 -35.44 46.94 -10.42
C VAL J 676 -36.41 45.78 -10.37
N GLU J 677 -37.17 45.72 -9.29
CA GLU J 677 -38.16 44.68 -9.04
C GLU J 677 -39.53 45.31 -8.88
N LYS J 678 -40.47 44.89 -9.69
CA LYS J 678 -41.74 45.61 -9.69
C LYS J 678 -42.90 44.70 -10.01
N VAL J 679 -43.89 44.70 -9.14
CA VAL J 679 -45.17 44.20 -9.59
C VAL J 679 -45.58 45.02 -10.81
N PRO J 680 -45.83 44.37 -11.94
CA PRO J 680 -46.08 45.11 -13.17
C PRO J 680 -47.31 45.98 -13.08
N PHE J 681 -48.42 45.43 -12.58
CA PHE J 681 -49.67 46.18 -12.57
C PHE J 681 -49.58 47.39 -11.65
N LEU J 682 -49.13 47.19 -10.41
CA LEU J 682 -48.99 48.33 -9.52
C LEU J 682 -47.84 49.23 -9.95
N GLY J 683 -46.76 48.63 -10.46
CA GLY J 683 -45.65 49.43 -10.95
C GLY J 683 -46.13 50.39 -12.02
N GLU J 684 -47.09 49.93 -12.83
CA GLU J 684 -47.67 50.75 -13.88
C GLU J 684 -48.28 52.02 -13.31
N LEU J 685 -48.91 51.90 -12.14
CA LEU J 685 -49.59 53.03 -11.56
C LEU J 685 -48.59 54.17 -11.36
N PRO J 686 -48.92 55.38 -11.80
CA PRO J 686 -47.95 56.48 -11.66
C PRO J 686 -47.66 56.85 -10.22
N TYR J 687 -48.67 56.87 -9.38
CA TYR J 687 -48.49 57.32 -8.01
C TYR J 687 -48.05 56.19 -7.10
N LEU J 688 -48.25 54.94 -7.53
CA LEU J 688 -47.96 53.78 -6.72
C LEU J 688 -46.83 52.94 -7.29
N GLY J 689 -46.40 53.19 -8.52
CA GLY J 689 -45.32 52.38 -9.06
C GLY J 689 -44.04 52.59 -8.26
N ARG J 690 -43.74 53.83 -7.89
CA ARG J 690 -42.59 54.07 -7.04
C ARG J 690 -42.76 53.31 -5.74
N LEU J 691 -43.99 53.19 -5.29
CA LEU J 691 -44.39 52.46 -4.10
C LEU J 691 -44.50 50.98 -4.38
N PHE J 692 -44.30 50.56 -5.64
CA PHE J 692 -44.33 49.15 -5.99
C PHE J 692 -43.23 48.81 -7.01
N ARG J 693 -42.24 49.68 -7.17
CA ARG J 693 -41.05 49.43 -7.97
C ARG J 693 -39.87 49.60 -7.03
N ARG J 694 -39.10 48.54 -6.87
CA ARG J 694 -37.95 48.48 -5.99
C ARG J 694 -36.67 48.64 -6.78
N ASP J 695 -36.00 49.78 -6.61
CA ASP J 695 -34.81 50.09 -7.38
C ASP J 695 -33.60 49.97 -6.46
N THR J 696 -32.62 49.20 -6.90
CA THR J 696 -31.31 49.13 -6.27
C THR J 696 -30.29 49.47 -7.33
N VAL J 697 -29.57 50.56 -7.13
CA VAL J 697 -28.51 50.98 -8.03
C VAL J 697 -27.25 51.13 -7.21
N THR J 698 -26.20 50.45 -7.64
CA THR J 698 -24.92 50.56 -6.97
C THR J 698 -23.83 50.87 -7.98
N ASP J 699 -23.05 51.89 -7.68
CA ASP J 699 -21.86 52.25 -8.44
C ASP J 699 -20.70 52.21 -7.46
N ARG J 700 -19.79 51.26 -7.65
CA ARG J 700 -18.61 51.20 -6.82
C ARG J 700 -17.46 51.27 -7.81
N LYS J 701 -16.64 52.31 -7.70
CA LYS J 701 -15.55 52.48 -8.63
C LYS J 701 -14.24 52.75 -7.91
N ASN J 702 -13.30 51.83 -8.09
CA ASN J 702 -11.97 51.92 -7.52
C ASN J 702 -10.95 52.02 -8.65
N GLU J 703 -10.06 52.98 -8.53
CA GLU J 703 -8.98 53.16 -9.48
C GLU J 703 -7.67 52.99 -8.73
N LEU J 704 -6.75 52.26 -9.33
CA LEU J 704 -5.43 52.04 -8.79
C LEU J 704 -4.39 52.51 -9.78
N LEU J 705 -3.40 53.26 -9.30
CA LEU J 705 -2.33 53.78 -10.14
C LEU J 705 -0.98 53.63 -9.44
N VAL J 706 0.04 53.28 -10.20
CA VAL J 706 1.41 53.17 -9.69
C VAL J 706 2.32 54.20 -10.36
N PHE J 707 2.92 55.07 -9.57
CA PHE J 707 3.98 55.94 -10.07
C PHE J 707 5.33 55.28 -9.84
N LEU J 708 6.39 55.90 -10.36
CA LEU J 708 7.77 55.57 -10.01
C LEU J 708 8.70 56.72 -10.37
N THR J 709 9.69 56.96 -9.49
CA THR J 709 10.80 57.86 -9.74
C THR J 709 12.12 57.29 -9.25
N PRO J 710 13.13 57.15 -10.11
CA PRO J 710 14.41 56.63 -9.61
C PRO J 710 15.41 57.77 -9.38
N ARG J 711 15.99 57.89 -8.21
CA ARG J 711 16.97 58.93 -7.94
C ARG J 711 18.33 58.26 -7.85
N ILE J 712 19.16 58.49 -8.86
CA ILE J 712 20.44 57.79 -8.90
C ILE J 712 21.26 58.11 -7.66
N MET J 713 21.70 57.05 -6.99
CA MET J 713 22.56 57.17 -5.81
C MET J 713 24.02 57.21 -6.23
N ASN J 714 24.29 57.01 -7.53
CA ASN J 714 25.63 57.28 -8.05
C ASN J 714 26.01 58.72 -7.80
N ASN J 715 25.01 59.63 -7.77
CA ASN J 715 25.34 61.02 -7.52
C ASN J 715 26.10 61.10 -6.21
N GLN J 716 25.79 60.16 -5.33
CA GLN J 716 26.44 59.97 -4.05
C GLN J 716 27.41 58.80 -4.12
N ALA J 717 27.08 57.77 -4.93
CA ALA J 717 27.91 56.57 -5.02
C ALA J 717 29.18 56.83 -5.82
N ILE J 718 29.14 57.75 -6.77
CA ILE J 718 30.38 58.09 -7.47
C ILE J 718 31.26 58.88 -6.50
N ALA J 719 30.63 59.76 -5.71
CA ALA J 719 31.29 60.51 -4.67
C ALA J 719 31.57 59.61 -3.48
N ILE J 720 30.93 58.45 -3.45
CA ILE J 720 31.26 57.35 -2.55
C ILE J 720 31.96 56.22 -3.32
N LEU K 385 46.41 50.06 -36.84
CA LEU K 385 45.21 50.04 -36.00
C LEU K 385 45.15 51.24 -35.06
N ARG K 386 43.93 51.69 -34.82
CA ARG K 386 43.63 52.85 -34.02
C ARG K 386 42.74 52.41 -32.87
N ARG K 387 43.02 52.90 -31.67
CA ARG K 387 42.21 52.61 -30.51
C ARG K 387 41.15 53.68 -30.31
N GLU K 388 39.89 53.26 -30.23
CA GLU K 388 38.85 54.23 -29.91
C GLU K 388 37.98 53.69 -28.78
N LEU K 389 37.64 54.55 -27.82
CA LEU K 389 36.77 54.22 -26.71
C LEU K 389 35.40 54.86 -26.91
N ILE K 390 34.35 54.04 -26.94
CA ILE K 390 32.98 54.54 -27.00
C ILE K 390 32.21 53.94 -25.84
N GLN K 391 31.51 54.77 -25.06
CA GLN K 391 30.67 54.23 -24.00
C GLN K 391 29.23 54.32 -24.46
N VAL K 392 28.54 53.18 -24.48
CA VAL K 392 27.13 53.14 -24.85
C VAL K 392 26.25 52.66 -23.70
N ASN K 393 25.53 53.58 -23.09
CA ASN K 393 24.54 53.20 -22.09
C ASN K 393 23.30 52.62 -22.77
N TYR K 394 22.88 53.22 -23.89
CA TYR K 394 21.68 52.84 -24.63
C TYR K 394 21.95 51.81 -25.70
N ALA K 395 23.20 51.50 -26.04
CA ALA K 395 23.46 50.54 -27.10
C ALA K 395 23.95 49.27 -26.42
N LYS K 396 23.36 48.15 -26.78
CA LYS K 396 23.79 46.87 -26.24
C LYS K 396 25.21 46.55 -26.73
N ALA K 397 26.03 46.01 -25.82
CA ALA K 397 27.41 45.68 -26.18
C ALA K 397 27.44 44.60 -27.25
N ALA K 398 26.56 43.60 -27.13
CA ALA K 398 26.48 42.55 -28.14
C ALA K 398 26.18 43.13 -29.51
N ASP K 399 25.30 44.12 -29.58
CA ASP K 399 24.98 44.72 -30.87
C ASP K 399 26.21 45.34 -31.49
N ILE K 400 26.99 46.06 -30.68
CA ILE K 400 28.21 46.69 -31.17
C ILE K 400 29.19 45.62 -31.65
N ALA K 401 29.25 44.51 -30.92
CA ALA K 401 30.12 43.41 -31.33
C ALA K 401 29.67 42.88 -32.67
N LYS K 402 28.37 42.76 -32.88
CA LYS K 402 27.84 42.28 -34.17
C LYS K 402 28.20 43.26 -35.27
N LEU K 403 28.17 44.54 -34.96
CA LEU K 403 28.55 45.55 -35.95
C LEU K 403 29.98 45.35 -36.38
N PHE K 404 30.87 45.13 -35.41
CA PHE K 404 32.26 44.88 -35.75
C PHE K 404 32.45 43.56 -36.48
N GLN K 405 31.69 42.53 -36.10
CA GLN K 405 31.79 41.25 -36.79
C GLN K 405 31.40 41.37 -38.26
N SER K 406 30.32 42.10 -38.52
CA SER K 406 29.96 42.34 -39.91
C SER K 406 31.05 43.17 -40.59
N VAL K 407 31.63 44.11 -39.84
CA VAL K 407 32.70 44.92 -40.39
C VAL K 407 33.86 44.02 -40.82
N THR K 408 34.16 43.01 -40.02
CA THR K 408 35.17 42.02 -40.39
C THR K 408 34.73 41.25 -41.63
N SER K 409 33.43 40.95 -41.74
CA SER K 409 32.92 40.30 -42.93
C SER K 409 33.19 41.16 -44.16
N ASP K 410 33.15 42.48 -44.00
CA ASP K 410 33.51 43.37 -45.10
C ASP K 410 34.92 43.06 -45.60
N GLY K 411 35.86 42.89 -44.66
CA GLY K 411 37.25 42.68 -45.01
C GLY K 411 37.84 41.42 -44.40
N GLY K 421 42.40 44.51 -35.41
CA GLY K 421 41.25 43.71 -35.05
C GLY K 421 41.29 43.28 -33.61
N SER K 422 41.42 44.26 -32.73
CA SER K 422 41.44 44.05 -31.28
C SER K 422 40.20 44.68 -30.68
N ILE K 423 39.48 43.90 -29.88
CA ILE K 423 38.24 44.36 -29.26
C ILE K 423 38.32 44.23 -27.74
N THR K 424 37.89 45.29 -27.04
CA THR K 424 37.82 45.30 -25.58
C THR K 424 36.39 45.69 -25.24
N VAL K 425 35.74 44.93 -24.36
CA VAL K 425 34.36 45.18 -23.98
C VAL K 425 34.34 45.49 -22.49
N ASP K 426 33.72 46.61 -22.12
CA ASP K 426 33.57 47.02 -20.73
C ASP K 426 32.11 46.85 -20.33
N ASP K 427 31.86 45.86 -19.47
CA ASP K 427 30.50 45.60 -19.00
C ASP K 427 29.98 46.72 -18.10
N ARG K 428 30.81 47.23 -17.19
CA ARG K 428 30.34 48.19 -16.19
C ARG K 428 29.82 49.46 -16.83
N THR K 429 30.60 50.04 -17.74
CA THR K 429 30.19 51.23 -18.44
C THR K 429 29.53 50.89 -19.76
N ASN K 430 29.56 49.61 -20.13
CA ASN K 430 29.08 49.16 -21.43
C ASN K 430 29.84 49.91 -22.53
N SER K 431 31.15 50.06 -22.33
CA SER K 431 31.98 50.85 -23.22
C SER K 431 32.94 49.91 -23.93
N ILE K 432 32.97 50.03 -25.25
CA ILE K 432 33.79 49.17 -26.08
C ILE K 432 34.93 50.01 -26.59
N ILE K 433 36.14 49.59 -26.31
CA ILE K 433 37.34 50.22 -26.86
C ILE K 433 37.91 49.26 -27.88
N ALA K 434 38.05 49.70 -29.11
CA ALA K 434 38.52 48.81 -30.16
C ALA K 434 39.76 49.41 -30.79
N TYR K 435 40.83 48.64 -30.81
CA TYR K 435 42.06 49.02 -31.49
C TYR K 435 42.12 48.19 -32.77
N GLN K 436 41.80 48.81 -33.89
CA GLN K 436 41.63 48.13 -35.17
C GLN K 436 41.71 49.19 -36.27
N PRO K 437 41.66 48.84 -37.56
CA PRO K 437 41.88 49.87 -38.60
C PRO K 437 40.87 51.00 -38.46
N GLN K 438 41.33 52.20 -38.81
CA GLN K 438 40.53 53.40 -38.60
C GLN K 438 39.20 53.32 -39.34
N GLU K 439 39.21 52.81 -40.57
CA GLU K 439 37.98 52.80 -41.36
C GLU K 439 36.96 51.89 -40.71
N ARG K 440 37.39 50.70 -40.29
CA ARG K 440 36.49 49.79 -39.62
C ARG K 440 36.01 50.40 -38.32
N LEU K 441 36.91 51.09 -37.62
CA LEU K 441 36.58 51.71 -36.34
C LEU K 441 35.50 52.77 -36.52
N ASP K 442 35.63 53.58 -37.56
CA ASP K 442 34.66 54.64 -37.83
C ASP K 442 33.32 54.06 -38.22
N GLU K 443 33.33 53.02 -39.06
CA GLU K 443 32.08 52.41 -39.48
C GLU K 443 31.35 51.86 -38.27
N LEU K 444 32.11 51.18 -37.40
CA LEU K 444 31.50 50.59 -36.23
C LEU K 444 30.96 51.68 -35.34
N ARG K 445 31.67 52.80 -35.22
CA ARG K 445 31.21 53.93 -34.43
C ARG K 445 29.89 54.50 -34.93
N ARG K 446 29.76 54.64 -36.24
CA ARG K 446 28.49 55.14 -36.79
C ARG K 446 27.34 54.21 -36.45
N ILE K 447 27.59 52.92 -36.64
CA ILE K 447 26.54 51.97 -36.28
C ILE K 447 26.27 52.03 -34.78
N VAL K 448 27.34 52.24 -34.00
CA VAL K 448 27.20 52.34 -32.55
C VAL K 448 26.25 53.47 -32.22
N SER K 449 26.39 54.58 -32.94
CA SER K 449 25.53 55.72 -32.72
C SER K 449 24.09 55.33 -32.97
N GLN K 450 23.86 54.57 -34.04
CA GLN K 450 22.49 54.11 -34.29
C GLN K 450 21.98 53.25 -33.13
N LEU K 451 22.84 52.34 -32.65
CA LEU K 451 22.47 51.40 -31.60
C LEU K 451 22.16 52.10 -30.28
N ASP K 452 22.87 53.19 -29.97
CA ASP K 452 22.73 53.82 -28.66
C ASP K 452 21.41 54.58 -28.64
N ILE K 453 20.34 53.78 -28.67
CA ILE K 453 18.96 54.25 -28.67
C ILE K 453 18.20 53.76 -27.44
N PRO K 454 17.43 54.63 -26.80
CA PRO K 454 16.68 54.25 -25.61
C PRO K 454 15.61 53.23 -25.92
N VAL K 455 15.46 52.23 -25.04
CA VAL K 455 14.38 51.27 -25.19
C VAL K 455 13.05 52.02 -25.19
N ARG K 456 12.18 51.69 -26.14
CA ARG K 456 10.93 52.40 -26.36
C ARG K 456 9.77 51.83 -25.53
N GLN K 457 9.29 52.61 -24.58
CA GLN K 457 8.11 52.30 -23.79
C GLN K 457 6.84 52.82 -24.46
N VAL K 458 5.76 52.06 -24.36
CA VAL K 458 4.43 52.50 -24.77
C VAL K 458 3.43 52.21 -23.65
N MET K 459 2.56 53.18 -23.39
CA MET K 459 1.48 53.05 -22.43
C MET K 459 0.24 52.53 -23.16
N ILE K 460 -0.21 51.35 -22.80
CA ILE K 460 -1.33 50.71 -23.46
C ILE K 460 -2.54 50.83 -22.55
N GLU K 461 -3.62 51.39 -23.08
CA GLU K 461 -4.84 51.57 -22.30
C GLU K 461 -5.92 50.87 -23.09
N ALA K 462 -6.32 49.69 -22.63
CA ALA K 462 -7.41 48.95 -23.24
C ALA K 462 -8.53 48.92 -22.23
N ARG K 463 -9.70 49.39 -22.63
CA ARG K 463 -10.80 49.51 -21.69
C ARG K 463 -11.94 48.56 -22.01
N ILE K 464 -12.49 47.98 -20.97
CA ILE K 464 -13.58 47.04 -21.10
C ILE K 464 -14.86 47.73 -20.67
N VAL K 465 -15.87 47.71 -21.55
CA VAL K 465 -17.17 48.28 -21.27
C VAL K 465 -18.18 47.16 -21.35
N GLU K 466 -18.87 46.90 -20.24
CA GLU K 466 -19.94 45.90 -20.22
C GLU K 466 -21.25 46.51 -19.80
N ALA K 467 -22.28 46.35 -20.62
CA ALA K 467 -23.62 46.81 -20.26
C ALA K 467 -24.58 45.66 -20.35
N ASN K 468 -25.33 45.40 -19.28
CA ASN K 468 -26.34 44.35 -19.25
C ASN K 468 -27.67 44.96 -18.85
N VAL K 469 -28.68 44.80 -19.70
CA VAL K 469 -30.03 45.27 -19.41
C VAL K 469 -30.95 44.07 -19.38
N GLY K 470 -31.64 43.89 -18.26
CA GLY K 470 -32.53 42.78 -18.10
C GLY K 470 -33.96 43.00 -17.67
N TYR K 471 -34.91 42.47 -18.45
CA TYR K 471 -36.33 42.47 -18.15
C TYR K 471 -36.92 41.07 -18.07
N ASP K 472 -37.49 40.71 -16.93
CA ASP K 472 -38.15 39.41 -16.78
C ASP K 472 -39.55 39.63 -16.22
N LYS K 473 -40.57 39.11 -16.90
CA LYS K 473 -41.92 39.14 -16.37
C LYS K 473 -42.55 37.76 -16.36
N SER K 474 -43.16 37.40 -15.23
CA SER K 474 -43.87 36.13 -15.11
C SER K 474 -45.25 36.43 -14.54
N LEU K 475 -46.29 35.88 -15.14
CA LEU K 475 -47.65 36.10 -14.68
C LEU K 475 -48.31 34.76 -14.40
N GLY K 476 -48.72 34.54 -13.14
CA GLY K 476 -49.58 33.48 -12.68
C GLY K 476 -51.01 33.90 -12.47
N VAL K 477 -51.95 33.41 -13.26
CA VAL K 477 -53.34 33.84 -13.19
C VAL K 477 -54.19 32.71 -12.62
N ARG K 478 -54.96 33.04 -11.56
CA ARG K 478 -55.41 32.05 -10.59
C ARG K 478 -56.87 32.30 -10.23
N TRP K 479 -57.70 31.29 -10.47
CA TRP K 479 -59.14 31.31 -10.16
C TRP K 479 -59.54 30.13 -9.29
N GLY K 480 -59.56 30.30 -7.97
CA GLY K 480 -59.96 29.17 -7.16
C GLY K 480 -61.21 29.36 -6.31
N GLY K 481 -62.21 28.52 -6.57
CA GLY K 481 -63.42 28.41 -5.78
C GLY K 481 -63.63 26.95 -5.43
N ALA K 482 -63.70 26.60 -4.15
CA ALA K 482 -64.00 25.21 -3.81
C ALA K 482 -65.48 24.91 -3.61
N TYR K 483 -66.34 25.92 -3.59
CA TYR K 483 -67.75 25.65 -3.34
C TYR K 483 -68.33 24.82 -4.48
N HIS K 484 -68.01 25.19 -5.71
CA HIS K 484 -68.46 24.47 -6.88
C HIS K 484 -67.33 23.66 -7.48
N LYS K 485 -66.28 23.44 -6.68
CA LYS K 485 -65.10 22.70 -7.07
C LYS K 485 -64.52 23.19 -8.39
N GLY K 486 -64.51 24.50 -8.60
CA GLY K 486 -63.88 25.04 -9.77
C GLY K 486 -62.62 25.83 -9.49
N ASN K 487 -61.46 25.27 -9.86
CA ASN K 487 -60.21 25.93 -9.51
C ASN K 487 -59.13 25.65 -10.56
N TRP K 488 -58.72 26.71 -11.24
CA TRP K 488 -57.63 26.70 -12.20
C TRP K 488 -56.46 27.50 -11.66
N SER K 489 -55.28 26.89 -11.66
CA SER K 489 -54.10 27.49 -11.06
C SER K 489 -53.26 28.34 -12.01
N GLY K 490 -52.75 29.45 -11.47
CA GLY K 490 -51.86 30.27 -12.22
C GLY K 490 -50.54 29.55 -12.33
N TYR K 491 -49.57 30.19 -12.96
CA TYR K 491 -48.28 29.56 -13.07
C TYR K 491 -47.14 30.52 -12.79
N GLY K 492 -47.10 31.66 -13.49
CA GLY K 492 -46.01 32.59 -13.30
C GLY K 492 -45.81 32.86 -11.82
N LYS K 493 -46.90 33.14 -11.11
CA LYS K 493 -46.92 33.13 -9.66
C LYS K 493 -48.10 32.25 -9.22
N ASP K 494 -47.93 30.94 -9.42
CA ASP K 494 -48.99 29.93 -9.38
C ASP K 494 -49.96 30.12 -8.22
N GLY K 495 -51.26 30.05 -8.53
CA GLY K 495 -52.28 30.11 -7.51
C GLY K 495 -53.53 29.31 -7.84
N ASN K 496 -54.05 28.53 -6.90
CA ASN K 496 -55.25 27.74 -7.19
C ASN K 496 -56.00 27.64 -5.86
N ILE K 497 -56.98 28.51 -5.69
CA ILE K 497 -57.51 28.73 -4.36
C ILE K 497 -58.26 27.51 -3.83
N GLY K 498 -58.64 26.57 -4.69
CA GLY K 498 -59.30 25.37 -4.18
C GLY K 498 -58.39 24.51 -3.32
N ILE K 499 -57.13 24.35 -3.72
CA ILE K 499 -56.21 23.52 -2.95
C ILE K 499 -56.06 24.06 -1.53
N LYS K 500 -55.97 25.38 -1.38
CA LYS K 500 -55.87 25.94 -0.04
C LYS K 500 -57.25 26.28 0.51
N ASP K 501 -58.30 26.02 -0.26
CA ASP K 501 -59.63 25.89 0.30
C ASP K 501 -59.76 24.58 1.04
N GLU K 502 -58.87 23.63 0.73
CA GLU K 502 -58.78 22.43 1.54
C GLU K 502 -58.13 22.77 2.86
N ASP K 503 -57.10 23.61 2.82
CA ASP K 503 -56.48 24.19 4.00
C ASP K 503 -57.51 24.98 4.81
N PRO K 527 -58.74 33.22 5.38
CA PRO K 527 -58.52 34.22 4.33
C PRO K 527 -57.58 35.35 4.76
N PHE K 528 -57.77 35.94 5.94
CA PHE K 528 -56.88 37.03 6.35
C PHE K 528 -55.46 36.53 6.57
N VAL K 529 -55.29 35.32 7.07
CA VAL K 529 -53.94 34.81 7.36
C VAL K 529 -53.38 34.05 6.17
N ASP K 530 -54.14 33.09 5.61
CA ASP K 530 -53.62 32.25 4.54
C ASP K 530 -53.34 33.07 3.28
N LEU K 531 -54.30 33.92 2.88
CA LEU K 531 -54.07 34.75 1.70
C LEU K 531 -52.95 35.76 1.93
N GLY K 532 -52.88 36.39 3.11
CA GLY K 532 -51.81 37.34 3.36
C GLY K 532 -50.44 36.78 3.01
N ALA K 533 -50.12 35.62 3.57
CA ALA K 533 -48.85 34.97 3.28
C ALA K 533 -48.81 34.52 1.83
N LYS K 534 -49.86 33.82 1.38
CA LYS K 534 -49.88 33.32 0.01
C LYS K 534 -49.57 34.45 -0.95
N ASP K 535 -50.17 35.61 -0.72
CA ASP K 535 -50.13 36.77 -1.59
C ASP K 535 -48.99 37.69 -1.21
N ALA K 536 -48.08 37.23 -0.35
CA ALA K 536 -46.97 38.08 0.04
C ALA K 536 -46.15 38.50 -1.17
N THR K 537 -46.09 37.63 -2.18
CA THR K 537 -45.24 37.78 -3.34
C THR K 537 -45.43 39.13 -4.03
N SER K 538 -44.31 39.68 -4.52
CA SER K 538 -44.20 40.96 -5.23
C SER K 538 -45.48 41.41 -5.89
N GLY K 539 -45.96 40.62 -6.84
CA GLY K 539 -47.12 41.03 -7.58
C GLY K 539 -48.27 40.08 -7.41
N ILE K 540 -49.23 40.47 -6.60
CA ILE K 540 -50.46 39.72 -6.40
C ILE K 540 -51.65 40.67 -6.48
N GLY K 541 -52.61 40.36 -7.34
CA GLY K 541 -53.82 41.13 -7.37
C GLY K 541 -54.90 40.25 -6.80
N ILE K 542 -55.42 40.55 -5.61
CA ILE K 542 -56.36 39.69 -4.92
C ILE K 542 -57.78 40.22 -5.07
N GLY K 543 -58.68 39.37 -5.56
CA GLY K 543 -60.10 39.56 -5.41
C GLY K 543 -60.57 38.46 -4.50
N PHE K 544 -61.22 38.80 -3.39
CA PHE K 544 -61.70 37.77 -2.48
C PHE K 544 -63.18 37.97 -2.20
N ILE K 545 -63.93 36.89 -2.23
CA ILE K 545 -65.21 36.86 -1.56
C ILE K 545 -65.05 35.87 -0.43
N THR K 546 -65.56 36.23 0.74
CA THR K 546 -65.57 35.28 1.84
C THR K 546 -66.93 35.17 2.49
N ASP K 547 -67.67 36.27 2.50
CA ASP K 547 -68.91 36.34 3.27
C ASP K 547 -69.95 35.37 2.72
N ASN K 548 -70.26 35.47 1.43
CA ASN K 548 -71.18 34.53 0.81
C ASN K 548 -70.53 33.17 0.66
N ILE K 549 -69.34 33.17 0.06
CA ILE K 549 -68.54 31.99 -0.22
C ILE K 549 -67.13 32.54 -0.25
N ILE K 550 -66.14 31.69 -0.02
CA ILE K 550 -64.77 32.12 -0.19
C ILE K 550 -64.33 31.65 -1.57
N LEU K 551 -64.21 32.62 -2.47
CA LEU K 551 -63.83 32.43 -3.85
C LEU K 551 -62.77 33.48 -4.11
N ASP K 552 -61.53 33.03 -4.28
CA ASP K 552 -60.37 33.91 -4.42
C ASP K 552 -59.86 33.89 -5.86
N LEU K 553 -59.74 35.06 -6.46
CA LEU K 553 -59.33 35.22 -7.86
C LEU K 553 -58.22 36.27 -7.93
N GLN K 554 -57.00 35.82 -8.18
CA GLN K 554 -55.82 36.68 -8.14
C GLN K 554 -55.03 36.61 -9.44
N LEU K 555 -54.51 37.75 -9.86
CA LEU K 555 -53.62 37.80 -11.00
C LEU K 555 -52.29 38.22 -10.39
N SER K 556 -51.31 37.33 -10.42
CA SER K 556 -50.06 37.58 -9.72
C SER K 556 -48.93 37.69 -10.74
N ALA K 557 -48.39 38.89 -10.88
CA ALA K 557 -47.45 39.23 -11.94
C ALA K 557 -46.21 39.91 -11.40
N MET K 558 -45.05 39.58 -11.98
CA MET K 558 -43.75 40.12 -11.59
C MET K 558 -43.02 40.64 -12.81
N GLU K 559 -42.49 41.86 -12.70
CA GLU K 559 -41.60 42.43 -13.70
C GLU K 559 -40.36 42.87 -12.95
N LYS K 560 -39.21 42.37 -13.38
CA LYS K 560 -37.95 42.66 -12.74
C LYS K 560 -37.03 43.24 -13.80
N THR K 561 -36.38 44.35 -13.50
CA THR K 561 -35.41 44.91 -14.43
C THR K 561 -34.08 45.20 -13.74
N GLY K 562 -33.01 44.62 -14.25
CA GLY K 562 -31.68 44.88 -13.74
C GLY K 562 -30.66 45.22 -14.80
N ASN K 563 -29.96 46.35 -14.68
CA ASN K 563 -28.89 46.69 -15.61
C ASN K 563 -27.60 46.91 -14.86
N GLY K 564 -26.58 46.16 -15.25
CA GLY K 564 -25.28 46.37 -14.66
C GLY K 564 -24.28 46.68 -15.74
N GLU K 565 -23.60 47.81 -15.62
CA GLU K 565 -22.56 48.19 -16.56
C GLU K 565 -21.27 48.46 -15.80
N ILE K 566 -20.20 47.78 -16.20
CA ILE K 566 -18.90 47.98 -15.60
C ILE K 566 -17.91 48.37 -16.68
N VAL K 567 -17.24 49.50 -16.49
CA VAL K 567 -16.28 50.01 -17.45
C VAL K 567 -14.94 50.19 -16.73
N SER K 568 -13.97 49.36 -17.07
CA SER K 568 -12.66 49.38 -16.43
C SER K 568 -11.56 49.60 -17.44
N GLN K 569 -10.65 50.55 -17.17
CA GLN K 569 -9.54 50.77 -18.09
C GLN K 569 -8.19 50.76 -17.37
N PRO K 570 -7.39 49.76 -17.63
CA PRO K 570 -6.00 49.70 -17.16
C PRO K 570 -4.96 50.19 -18.17
N LYS K 571 -4.03 51.01 -17.71
CA LYS K 571 -2.97 51.59 -18.52
C LYS K 571 -1.63 51.02 -18.08
N VAL K 572 -0.86 50.48 -19.04
CA VAL K 572 0.42 49.82 -18.77
C VAL K 572 1.56 50.47 -19.55
N VAL K 573 2.69 50.73 -18.90
CA VAL K 573 3.87 51.24 -19.60
C VAL K 573 4.82 50.08 -19.85
N THR K 574 5.13 49.82 -21.12
CA THR K 574 5.89 48.66 -21.56
C THR K 574 7.08 49.02 -22.44
N SER K 575 8.17 48.28 -22.31
CA SER K 575 9.24 48.46 -23.27
C SER K 575 8.75 48.01 -24.66
N ASP K 576 9.50 48.35 -25.69
CA ASP K 576 9.11 48.04 -27.06
C ASP K 576 9.50 46.60 -27.37
N LYS K 577 8.55 45.82 -27.89
CA LYS K 577 8.76 44.41 -28.23
C LYS K 577 8.91 43.56 -26.98
N GLU K 578 8.60 44.12 -25.82
CA GLU K 578 8.72 43.45 -24.54
C GLU K 578 7.33 43.34 -23.97
N THR K 579 7.14 42.37 -23.07
CA THR K 579 5.89 42.26 -22.37
C THR K 579 5.87 43.01 -21.05
N ALA K 580 4.73 43.62 -20.78
CA ALA K 580 4.43 44.23 -19.49
C ALA K 580 2.99 43.86 -19.18
N LYS K 581 2.68 43.81 -17.89
CA LYS K 581 1.42 43.24 -17.47
C LYS K 581 0.85 44.02 -16.31
N ILE K 582 -0.42 44.40 -16.43
CA ILE K 582 -1.16 44.97 -15.32
C ILE K 582 -2.18 43.92 -14.94
N LEU K 583 -2.25 43.60 -13.65
CA LEU K 583 -3.18 42.59 -13.19
C LEU K 583 -3.82 43.07 -11.89
N LYS K 584 -5.14 43.22 -11.93
CA LYS K 584 -5.94 43.79 -10.84
C LYS K 584 -6.96 42.74 -10.41
N GLY K 585 -6.57 41.84 -9.54
CA GLY K 585 -7.46 40.75 -9.17
C GLY K 585 -7.16 40.02 -7.90
N SER K 586 -7.52 38.75 -7.89
CA SER K 586 -7.47 37.90 -6.70
C SER K 586 -7.31 36.47 -7.20
N GLU K 587 -6.64 35.62 -6.43
CA GLU K 587 -6.16 34.37 -7.03
C GLU K 587 -6.98 33.17 -6.55
N VAL K 588 -7.95 32.80 -7.39
CA VAL K 588 -8.84 31.67 -7.17
C VAL K 588 -8.07 30.37 -7.26
N PRO K 589 -7.93 29.70 -6.14
CA PRO K 589 -7.20 28.44 -6.03
C PRO K 589 -8.13 27.23 -6.17
N TYR K 590 -7.51 26.07 -6.18
CA TYR K 590 -8.19 24.80 -5.99
C TYR K 590 -7.23 23.97 -5.15
N GLN K 591 -7.67 23.56 -3.97
CA GLN K 591 -6.82 22.80 -3.04
C GLN K 591 -7.29 21.36 -3.09
N GLU K 592 -6.66 20.55 -3.92
CA GLU K 592 -6.87 19.10 -3.92
C GLU K 592 -5.68 18.48 -3.20
N ALA K 593 -5.87 18.10 -1.94
CA ALA K 593 -4.75 17.59 -1.15
C ALA K 593 -4.82 16.06 -1.05
N SER K 594 -4.20 15.40 -2.02
CA SER K 594 -4.49 14.01 -2.34
C SER K 594 -3.25 13.30 -1.80
N SER K 595 -3.44 12.71 -0.61
CA SER K 595 -2.38 12.21 0.25
C SER K 595 -1.24 11.54 -0.49
N SER K 596 -1.57 10.58 -1.35
CA SER K 596 -0.53 9.77 -1.97
C SER K 596 0.13 10.50 -3.14
N GLY K 597 0.86 11.55 -2.77
CA GLY K 597 1.80 12.19 -3.66
C GLY K 597 1.30 13.34 -4.50
N ALA K 598 0.01 13.66 -4.53
CA ALA K 598 -0.38 14.85 -5.29
C ALA K 598 -0.98 15.90 -4.37
N THR K 599 -0.36 17.08 -4.34
CA THR K 599 -0.88 18.19 -3.55
C THR K 599 -1.18 19.34 -4.50
N SER K 600 -2.36 19.29 -5.10
CA SER K 600 -2.73 20.25 -6.13
C SER K 600 -3.18 21.49 -5.36
N THR K 601 -2.20 22.20 -4.82
CA THR K 601 -2.47 23.47 -4.16
C THR K 601 -2.50 24.55 -5.24
N SER K 602 -3.39 24.33 -6.19
CA SER K 602 -3.46 25.14 -7.38
C SER K 602 -4.03 26.50 -7.02
N PHE K 603 -3.61 27.50 -7.78
CA PHE K 603 -4.24 28.80 -7.71
C PHE K 603 -4.00 29.50 -9.04
N LYS K 604 -4.80 30.54 -9.28
CA LYS K 604 -4.79 31.27 -10.53
C LYS K 604 -5.52 32.57 -10.24
N GLU K 605 -4.95 33.69 -10.64
CA GLU K 605 -5.57 34.95 -10.31
C GLU K 605 -6.57 35.39 -11.37
N ALA K 606 -7.82 35.49 -10.93
CA ALA K 606 -8.92 36.03 -11.70
C ALA K 606 -8.76 37.52 -11.46
N ALA K 607 -8.00 38.10 -12.37
CA ALA K 607 -7.61 39.50 -12.31
C ALA K 607 -7.89 40.13 -13.65
N LEU K 608 -8.23 41.41 -13.65
CA LEU K 608 -8.19 42.05 -14.93
C LEU K 608 -6.72 42.08 -15.32
N SER K 609 -6.45 42.02 -16.61
CA SER K 609 -5.04 42.12 -16.96
C SER K 609 -4.86 42.48 -18.41
N LEU K 610 -3.71 43.11 -18.64
CA LEU K 610 -3.19 43.39 -19.96
C LEU K 610 -1.77 42.87 -19.95
N GLU K 611 -1.46 41.95 -20.86
CA GLU K 611 -0.11 41.48 -21.06
C GLU K 611 0.24 41.85 -22.49
N VAL K 612 1.09 42.86 -22.64
CA VAL K 612 1.33 43.50 -23.92
C VAL K 612 2.79 43.34 -24.35
N THR K 613 2.97 43.05 -25.63
CA THR K 613 4.28 43.02 -26.28
C THR K 613 4.15 43.90 -27.52
N PRO K 614 4.31 45.21 -27.35
CA PRO K 614 4.19 46.16 -28.47
C PRO K 614 5.42 46.23 -29.35
N GLN K 615 5.22 46.25 -30.67
CA GLN K 615 6.29 46.53 -31.63
C GLN K 615 5.98 47.88 -32.27
N ILE K 616 6.91 48.81 -32.16
CA ILE K 616 6.70 50.19 -32.56
C ILE K 616 7.18 50.42 -33.98
N THR K 617 6.27 50.85 -34.84
CA THR K 617 6.57 51.16 -36.22
C THR K 617 6.53 52.67 -36.43
N PRO K 618 7.23 53.19 -37.46
CA PRO K 618 7.58 54.63 -37.45
C PRO K 618 6.42 55.57 -37.31
N ASP K 619 5.30 55.30 -37.94
CA ASP K 619 4.25 56.30 -37.90
C ASP K 619 3.52 56.17 -36.59
N ASN K 620 4.25 56.14 -35.49
CA ASN K 620 3.62 56.12 -34.18
C ASN K 620 2.58 55.03 -34.17
N ARG K 621 2.98 53.84 -34.57
CA ARG K 621 2.04 52.74 -34.55
C ARG K 621 2.68 51.58 -33.82
N ILE K 622 1.84 50.67 -33.39
CA ILE K 622 2.29 49.43 -32.76
C ILE K 622 1.52 48.23 -33.27
N ILE K 623 2.25 47.18 -33.63
CA ILE K 623 1.66 45.86 -33.77
C ILE K 623 1.97 45.20 -32.43
N VAL K 624 0.96 44.88 -31.64
CA VAL K 624 1.19 44.39 -30.30
C VAL K 624 0.54 43.03 -30.15
N GLU K 625 1.25 42.11 -29.51
CA GLU K 625 0.62 40.88 -29.06
C GLU K 625 0.11 41.18 -27.66
N VAL K 626 -1.21 41.22 -27.51
CA VAL K 626 -1.84 41.57 -26.26
C VAL K 626 -2.79 40.47 -25.82
N LYS K 627 -2.58 40.04 -24.58
CA LYS K 627 -3.53 39.26 -23.81
C LYS K 627 -4.36 40.22 -22.98
N VAL K 628 -5.66 40.28 -23.24
CA VAL K 628 -6.56 41.15 -22.52
C VAL K 628 -7.56 40.22 -21.85
N THR K 629 -7.40 40.03 -20.54
CA THR K 629 -8.24 39.07 -19.84
C THR K 629 -8.97 39.67 -18.66
N LYS K 630 -10.26 39.35 -18.55
CA LYS K 630 -11.03 39.64 -17.35
C LYS K 630 -11.54 38.32 -16.85
N ASP K 631 -11.29 38.03 -15.58
CA ASP K 631 -11.77 36.78 -15.02
C ASP K 631 -12.26 37.07 -13.62
N ALA K 632 -12.98 36.11 -13.06
CA ALA K 632 -13.56 36.50 -11.79
C ALA K 632 -13.91 35.31 -10.94
N PRO K 633 -13.66 35.40 -9.63
CA PRO K 633 -13.92 34.31 -8.70
C PRO K 633 -15.29 33.70 -8.84
N ASP K 634 -15.33 32.38 -8.73
CA ASP K 634 -16.51 31.59 -9.01
C ASP K 634 -17.33 31.36 -7.76
N TYR K 635 -18.65 31.41 -7.93
CA TYR K 635 -19.54 31.02 -6.84
C TYR K 635 -19.23 29.61 -6.35
N GLN K 636 -19.19 28.63 -7.26
CA GLN K 636 -18.97 27.26 -6.81
C GLN K 636 -17.60 27.13 -6.15
N ASN K 637 -16.63 27.93 -6.60
CA ASN K 637 -15.32 27.95 -5.93
C ASN K 637 -15.46 28.51 -4.53
N MET K 638 -16.15 29.65 -4.40
CA MET K 638 -16.42 30.18 -3.08
C MET K 638 -17.31 29.22 -2.33
N LEU K 639 -18.08 28.42 -3.07
CA LEU K 639 -18.93 27.37 -2.54
C LEU K 639 -18.11 26.13 -2.19
N ASN K 640 -16.87 26.07 -2.66
CA ASN K 640 -16.02 24.88 -2.53
C ASN K 640 -16.72 23.68 -3.15
N GLY K 641 -17.41 23.92 -4.26
CA GLY K 641 -18.06 22.87 -5.02
C GLY K 641 -17.25 22.64 -6.27
N VAL K 642 -17.90 22.41 -7.41
CA VAL K 642 -17.21 22.32 -8.68
C VAL K 642 -17.21 23.74 -9.28
N PRO K 643 -16.06 24.41 -9.33
CA PRO K 643 -16.00 25.88 -9.61
C PRO K 643 -15.97 26.31 -11.06
N PRO K 644 -17.08 26.86 -11.61
CA PRO K 644 -16.95 27.51 -12.92
C PRO K 644 -16.59 28.99 -12.79
N ILE K 645 -15.28 29.29 -12.79
CA ILE K 645 -14.79 30.66 -12.75
C ILE K 645 -15.12 31.40 -14.04
N ASN K 646 -15.32 32.73 -13.93
CA ASN K 646 -15.71 33.49 -15.11
C ASN K 646 -14.47 33.86 -15.89
N LYS K 647 -14.57 33.79 -17.22
CA LYS K 647 -13.46 34.17 -18.08
C LYS K 647 -13.98 34.86 -19.32
N ASN K 648 -13.58 36.11 -19.53
CA ASN K 648 -13.70 36.84 -20.78
C ASN K 648 -12.30 37.23 -21.23
N GLU K 649 -11.71 36.51 -22.17
CA GLU K 649 -10.32 36.79 -22.51
C GLU K 649 -10.13 36.80 -24.01
N VAL K 650 -9.45 37.82 -24.50
CA VAL K 650 -9.04 37.89 -25.90
C VAL K 650 -7.52 37.88 -25.95
N ASN K 651 -6.97 37.01 -26.78
CA ASN K 651 -5.52 36.91 -26.97
C ASN K 651 -5.23 37.11 -28.44
N ALA K 652 -4.46 38.15 -28.77
CA ALA K 652 -4.30 38.44 -30.20
C ALA K 652 -3.24 39.51 -30.40
N LYS K 653 -2.68 39.52 -31.60
CA LYS K 653 -1.72 40.55 -32.00
C LYS K 653 -2.39 41.41 -33.06
N ILE K 654 -2.46 42.72 -32.83
CA ILE K 654 -3.12 43.64 -33.76
C ILE K 654 -2.27 44.90 -33.91
N LEU K 655 -2.47 45.59 -35.03
CA LEU K 655 -1.76 46.84 -35.32
C LEU K 655 -2.69 48.04 -35.23
N VAL K 656 -2.28 49.07 -34.47
CA VAL K 656 -3.00 50.33 -34.38
C VAL K 656 -1.97 51.45 -34.32
N ASN K 657 -2.34 52.64 -34.78
CA ASN K 657 -1.36 53.67 -34.48
C ASN K 657 -1.44 54.05 -33.01
N ASP K 658 -0.40 54.71 -32.56
CA ASP K 658 -0.30 55.12 -31.17
C ASP K 658 -1.46 56.04 -30.80
N GLY K 659 -1.80 56.96 -31.68
CA GLY K 659 -2.86 57.88 -31.32
C GLY K 659 -4.24 57.29 -31.38
N GLU K 660 -4.36 55.97 -31.54
CA GLU K 660 -5.55 55.37 -32.10
C GLU K 660 -6.10 54.28 -31.21
N THR K 661 -7.42 54.27 -31.12
CA THR K 661 -8.15 53.30 -30.31
C THR K 661 -8.96 52.43 -31.26
N ILE K 662 -8.88 51.12 -31.04
CA ILE K 662 -9.71 50.20 -31.83
C ILE K 662 -10.41 49.31 -30.83
N VAL K 663 -11.44 48.63 -31.32
CA VAL K 663 -12.14 47.67 -30.50
C VAL K 663 -11.47 46.34 -30.77
N ILE K 664 -10.72 45.85 -29.80
CA ILE K 664 -10.03 44.59 -29.98
C ILE K 664 -11.06 43.52 -30.24
N GLY K 665 -12.18 43.62 -29.53
CA GLY K 665 -13.28 42.71 -29.74
C GLY K 665 -14.44 43.12 -28.88
N GLY K 666 -15.52 42.38 -29.03
CA GLY K 666 -16.70 42.61 -28.24
C GLY K 666 -17.81 41.71 -28.70
N VAL K 667 -18.82 41.58 -27.84
CA VAL K 667 -19.92 40.68 -28.12
C VAL K 667 -21.20 41.20 -27.51
N PHE K 668 -22.27 41.14 -28.29
CA PHE K 668 -23.62 41.40 -27.81
C PHE K 668 -24.38 40.10 -27.67
N SER K 669 -24.95 39.88 -26.50
CA SER K 669 -25.80 38.71 -26.21
C SER K 669 -27.26 39.13 -26.12
N ASN K 670 -28.08 38.70 -27.09
CA ASN K 670 -29.49 39.04 -27.14
C ASN K 670 -30.35 37.84 -26.74
N GLU K 671 -30.93 37.90 -25.55
CA GLU K 671 -31.77 36.85 -25.01
C GLU K 671 -33.25 37.16 -25.16
N GLN K 672 -33.98 36.29 -25.84
CA GLN K 672 -35.43 36.42 -25.93
C GLN K 672 -36.02 35.10 -25.45
N SER K 673 -36.68 35.14 -24.29
CA SER K 673 -37.25 33.95 -23.68
C SER K 673 -38.74 34.13 -23.46
N LYS K 674 -39.53 33.16 -23.90
CA LYS K 674 -40.96 33.17 -23.70
C LYS K 674 -41.41 31.82 -23.17
N SER K 675 -42.29 31.85 -22.18
CA SER K 675 -42.83 30.67 -21.53
C SER K 675 -44.30 30.97 -21.29
N VAL K 676 -45.20 30.19 -21.87
CA VAL K 676 -46.62 30.39 -21.65
C VAL K 676 -47.23 29.08 -21.19
N GLU K 677 -47.98 29.16 -20.10
CA GLU K 677 -48.65 28.04 -19.48
C GLU K 677 -50.14 28.30 -19.43
N LYS K 678 -50.91 27.41 -20.01
CA LYS K 678 -52.32 27.75 -20.14
C LYS K 678 -53.19 26.50 -20.10
N VAL K 679 -54.16 26.50 -19.20
CA VAL K 679 -55.26 25.56 -19.39
C VAL K 679 -55.85 25.84 -20.76
N PRO K 680 -55.89 24.82 -21.62
CA PRO K 680 -56.31 25.07 -23.01
C PRO K 680 -57.73 25.57 -23.10
N PHE K 681 -58.66 24.92 -22.38
CA PHE K 681 -60.07 25.29 -22.51
C PHE K 681 -60.33 26.70 -22.01
N LEU K 682 -59.85 27.02 -20.81
CA LEU K 682 -60.05 28.37 -20.30
C LEU K 682 -59.17 29.35 -21.06
N GLY K 683 -57.97 28.93 -21.44
CA GLY K 683 -57.11 29.81 -22.21
C GLY K 683 -57.81 30.23 -23.49
N GLU K 684 -58.60 29.32 -24.05
CA GLU K 684 -59.35 29.59 -25.27
C GLU K 684 -60.30 30.76 -25.06
N LEU K 685 -60.88 30.84 -23.87
CA LEU K 685 -61.86 31.88 -23.61
C LEU K 685 -61.22 33.24 -23.82
N PRO K 686 -61.85 34.13 -24.59
CA PRO K 686 -61.22 35.44 -24.87
C PRO K 686 -61.06 36.28 -23.63
N TYR K 687 -62.06 36.29 -22.75
CA TYR K 687 -62.03 37.17 -21.59
C TYR K 687 -61.31 36.54 -20.43
N LEU K 688 -61.17 35.22 -20.44
CA LEU K 688 -60.59 34.48 -19.35
C LEU K 688 -59.26 33.84 -19.71
N GLY K 689 -58.89 33.80 -20.99
CA GLY K 689 -57.62 33.19 -21.33
C GLY K 689 -56.46 33.94 -20.71
N ARG K 690 -56.52 35.27 -20.77
CA ARG K 690 -55.50 36.07 -20.10
C ARG K 690 -55.47 35.72 -18.62
N LEU K 691 -56.64 35.43 -18.08
CA LEU K 691 -56.83 35.03 -16.70
C LEU K 691 -56.54 33.55 -16.51
N PHE K 692 -56.21 32.85 -17.60
CA PHE K 692 -55.84 31.43 -17.51
C PHE K 692 -54.69 31.09 -18.44
N ARG K 693 -53.96 32.09 -18.93
CA ARG K 693 -52.74 31.94 -19.70
C ARG K 693 -51.66 32.70 -18.94
N ARG K 694 -50.63 31.98 -18.51
CA ARG K 694 -49.53 32.50 -17.74
C ARG K 694 -48.32 32.74 -18.63
N ASP K 695 -47.99 34.00 -18.85
CA ASP K 695 -46.91 34.36 -19.75
C ASP K 695 -45.73 34.86 -18.92
N THR K 696 -44.57 34.28 -19.18
CA THR K 696 -43.32 34.76 -18.65
C THR K 696 -42.40 35.01 -19.83
N VAL K 697 -42.01 36.26 -20.01
CA VAL K 697 -41.08 36.65 -21.06
C VAL K 697 -39.92 37.37 -20.42
N THR K 698 -38.73 36.89 -20.69
CA THR K 698 -37.54 37.53 -20.18
C THR K 698 -36.56 37.80 -21.30
N ASP K 699 -36.08 39.03 -21.38
CA ASP K 699 -35.03 39.44 -22.28
C ASP K 699 -33.92 39.99 -21.42
N ARG K 700 -32.79 39.31 -21.38
CA ARG K 700 -31.64 39.83 -20.66
C ARG K 700 -30.53 39.89 -21.69
N LYS K 701 -30.03 41.08 -21.95
CA LYS K 701 -29.01 41.25 -22.96
C LYS K 701 -27.83 42.06 -22.45
N ASN K 702 -26.68 41.41 -22.41
CA ASN K 702 -25.44 42.02 -21.99
C ASN K 702 -24.46 42.03 -23.15
N GLU K 703 -23.86 43.18 -23.39
CA GLU K 703 -22.87 43.34 -24.43
C GLU K 703 -21.57 43.76 -23.75
N LEU K 704 -20.47 43.14 -24.17
CA LEU K 704 -19.15 43.46 -23.67
C LEU K 704 -18.26 43.86 -24.83
N LEU K 705 -17.52 44.96 -24.66
CA LEU K 705 -16.62 45.45 -25.69
C LEU K 705 -15.29 45.89 -25.07
N VAL K 706 -14.19 45.61 -25.77
CA VAL K 706 -12.86 46.02 -25.33
C VAL K 706 -12.26 46.99 -26.33
N PHE K 707 -11.93 48.20 -25.89
CA PHE K 707 -11.14 49.12 -26.69
C PHE K 707 -9.65 48.94 -26.37
N LEU K 708 -8.80 49.62 -27.12
CA LEU K 708 -7.38 49.78 -26.78
C LEU K 708 -6.79 50.97 -27.53
N THR K 709 -5.93 51.72 -26.84
CA THR K 709 -5.10 52.77 -27.43
C THR K 709 -3.68 52.74 -26.87
N PRO K 710 -2.66 52.62 -27.71
CA PRO K 710 -1.29 52.63 -27.19
C PRO K 710 -0.65 54.00 -27.36
N ARG K 711 -0.14 54.63 -26.33
CA ARG K 711 0.52 55.92 -26.44
C ARG K 711 2.01 55.68 -26.26
N ILE K 712 2.77 55.82 -27.34
CA ILE K 712 4.17 55.49 -27.25
C ILE K 712 4.86 56.39 -26.23
N MET K 713 5.57 55.75 -25.30
CA MET K 713 6.34 56.44 -24.28
C MET K 713 7.74 56.73 -24.79
N ASN K 714 8.08 56.22 -25.98
CA ASN K 714 9.30 56.66 -26.64
C ASN K 714 9.26 58.16 -26.87
N ASN K 715 8.07 58.73 -27.05
CA ASN K 715 7.99 60.18 -27.25
C ASN K 715 8.68 60.84 -26.07
N GLN K 716 8.62 60.18 -24.93
CA GLN K 716 9.28 60.57 -23.71
C GLN K 716 10.53 59.72 -23.48
N ALA K 717 10.52 58.46 -23.92
CA ALA K 717 11.64 57.54 -23.70
C ALA K 717 12.79 57.87 -24.62
N ILE K 718 12.53 58.43 -25.81
CA ILE K 718 13.63 58.84 -26.66
C ILE K 718 14.25 60.08 -26.04
N ALA K 719 13.40 60.96 -25.52
CA ALA K 719 13.82 62.15 -24.79
C ALA K 719 14.31 61.76 -23.40
N ILE K 720 14.00 60.54 -22.98
CA ILE K 720 14.60 59.90 -21.83
C ILE K 720 15.59 58.82 -22.25
N LEU L 385 31.87 46.66 -53.11
CA LEU L 385 30.72 46.57 -52.22
C LEU L 385 30.32 47.94 -51.68
N ARG L 386 29.02 48.11 -51.50
CA ARG L 386 28.40 49.34 -51.06
C ARG L 386 27.63 49.04 -49.78
N ARG L 387 27.75 49.93 -48.80
CA ARG L 387 27.03 49.81 -47.55
C ARG L 387 25.71 50.56 -47.61
N GLU L 388 24.61 49.88 -47.34
CA GLU L 388 23.35 50.59 -47.25
C GLU L 388 22.63 50.21 -45.96
N LEU L 389 22.06 51.20 -45.27
CA LEU L 389 21.28 51.00 -44.06
C LEU L 389 19.80 51.17 -44.35
N ILE L 390 19.01 50.15 -44.08
CA ILE L 390 17.56 50.22 -44.18
C ILE L 390 16.95 49.82 -42.85
N GLN L 391 16.05 50.63 -42.31
CA GLN L 391 15.36 50.24 -41.09
C GLN L 391 13.96 49.80 -41.46
N VAL L 392 13.60 48.57 -41.10
CA VAL L 392 12.26 48.06 -41.36
C VAL L 392 11.52 47.73 -40.06
N ASN L 393 10.56 48.58 -39.69
CA ASN L 393 9.70 48.26 -38.57
C ASN L 393 8.68 47.20 -38.96
N TYR L 394 8.13 47.31 -40.17
CA TYR L 394 7.09 46.41 -40.69
C TYR L 394 7.65 45.21 -41.43
N ALA L 395 8.94 45.16 -41.75
CA ALA L 395 9.47 44.03 -42.48
C ALA L 395 10.27 43.20 -41.48
N LYS L 396 10.01 41.91 -41.46
CA LYS L 396 10.76 41.02 -40.60
C LYS L 396 12.22 40.94 -41.05
N ALA L 397 13.13 40.94 -40.09
CA ALA L 397 14.56 40.89 -40.42
C ALA L 397 14.91 39.58 -41.12
N ALA L 398 14.33 38.47 -40.66
CA ALA L 398 14.55 37.18 -41.30
C ALA L 398 14.13 37.22 -42.76
N ASP L 399 13.01 37.88 -43.07
CA ASP L 399 12.57 37.95 -44.45
C ASP L 399 13.60 38.66 -45.29
N ILE L 400 14.14 39.76 -44.80
CA ILE L 400 15.15 40.50 -45.53
C ILE L 400 16.39 39.64 -45.73
N ALA L 401 16.74 38.87 -44.71
CA ALA L 401 17.88 37.97 -44.83
C ALA L 401 17.62 36.94 -45.92
N LYS L 402 16.39 36.43 -46.00
CA LYS L 402 16.04 35.47 -47.05
C LYS L 402 16.15 36.11 -48.41
N LEU L 403 15.76 37.39 -48.51
CA LEU L 403 15.88 38.11 -49.76
C LEU L 403 17.32 38.17 -50.20
N PHE L 404 18.22 38.50 -49.27
CA PHE L 404 19.64 38.53 -49.62
C PHE L 404 20.17 37.14 -49.94
N GLN L 405 19.72 36.12 -49.22
CA GLN L 405 20.17 34.77 -49.50
C GLN L 405 19.78 34.33 -50.90
N SER L 406 18.56 34.63 -51.31
CA SER L 406 18.18 34.34 -52.68
C SER L 406 19.01 35.17 -53.64
N VAL L 407 19.30 36.42 -53.25
CA VAL L 407 20.13 37.27 -54.07
C VAL L 407 21.49 36.62 -54.30
N THR L 408 22.04 36.02 -53.25
CA THR L 408 23.28 35.27 -53.38
C THR L 408 23.09 34.08 -54.30
N SER L 409 21.92 33.43 -54.23
CA SER L 409 21.62 32.32 -55.14
C SER L 409 21.69 32.81 -56.58
N ASP L 410 21.28 34.07 -56.82
CA ASP L 410 21.41 34.63 -58.15
C ASP L 410 22.86 34.58 -58.63
N GLY L 411 23.79 34.95 -57.76
CA GLY L 411 25.20 35.02 -58.12
C GLY L 411 26.09 34.20 -57.19
N GLY L 421 29.49 40.95 -49.83
CA GLY L 421 28.59 40.03 -49.18
C GLY L 421 28.71 40.07 -47.68
N SER L 422 28.56 41.27 -47.13
CA SER L 422 28.61 41.53 -45.71
C SER L 422 27.23 41.95 -45.23
N ILE L 423 26.73 41.29 -44.20
CA ILE L 423 25.41 41.59 -43.66
C ILE L 423 25.49 41.95 -42.18
N THR L 424 24.78 43.01 -41.80
CA THR L 424 24.68 43.45 -40.42
C THR L 424 23.19 43.53 -40.10
N VAL L 425 22.77 42.93 -39.00
CA VAL L 425 21.35 42.92 -38.63
C VAL L 425 21.22 43.64 -37.30
N ASP L 426 20.32 44.62 -37.23
CA ASP L 426 20.03 45.38 -36.03
C ASP L 426 18.67 44.97 -35.49
N ASP L 427 18.67 44.25 -34.36
CA ASP L 427 17.44 43.80 -33.76
C ASP L 427 16.60 44.96 -33.20
N ARG L 428 17.26 45.93 -32.53
CA ARG L 428 16.53 46.98 -31.83
C ARG L 428 15.69 47.82 -32.78
N THR L 429 16.30 48.26 -33.87
CA THR L 429 15.60 49.05 -34.87
C THR L 429 15.08 48.17 -35.99
N ASN L 430 15.46 46.88 -35.96
CA ASN L 430 15.15 45.96 -37.04
C ASN L 430 15.70 46.50 -38.35
N SER L 431 16.91 47.04 -38.28
CA SER L 431 17.53 47.72 -39.42
C SER L 431 18.70 46.90 -39.89
N ILE L 432 18.73 46.61 -41.17
CA ILE L 432 19.76 45.78 -41.76
C ILE L 432 20.65 46.71 -42.58
N ILE L 433 21.94 46.71 -42.26
CA ILE L 433 22.92 47.44 -43.05
C ILE L 433 23.74 46.40 -43.78
N ALA L 434 23.78 46.48 -45.09
CA ALA L 434 24.49 45.46 -45.85
C ALA L 434 25.53 46.15 -46.72
N TYR L 435 26.78 45.71 -46.58
CA TYR L 435 27.86 46.18 -47.42
C TYR L 435 28.17 45.04 -48.40
N GLN L 436 27.72 45.19 -49.63
CA GLN L 436 27.76 44.14 -50.63
C GLN L 436 27.57 44.80 -51.99
N PRO L 437 27.65 44.07 -53.12
CA PRO L 437 27.59 44.76 -54.42
C PRO L 437 26.32 45.57 -54.57
N GLN L 438 26.44 46.68 -55.29
CA GLN L 438 25.34 47.64 -55.39
C GLN L 438 24.11 46.99 -55.99
N GLU L 439 24.27 46.16 -57.01
CA GLU L 439 23.11 45.58 -57.67
C GLU L 439 22.35 44.68 -56.72
N ARG L 440 23.08 43.83 -55.99
CA ARG L 440 22.46 42.96 -55.02
C ARG L 440 21.79 43.79 -53.95
N LEU L 441 22.47 44.87 -53.54
CA LEU L 441 21.96 45.74 -52.49
C LEU L 441 20.65 46.37 -52.89
N ASP L 442 20.57 46.84 -54.13
CA ASP L 442 19.35 47.46 -54.65
C ASP L 442 18.21 46.46 -54.75
N GLU L 443 18.52 45.26 -55.26
CA GLU L 443 17.49 44.25 -55.39
C GLU L 443 16.92 43.91 -54.02
N LEU L 444 17.81 43.76 -53.05
CA LEU L 444 17.37 43.42 -51.72
C LEU L 444 16.53 44.55 -51.15
N ARG L 445 16.92 45.79 -51.42
CA ARG L 445 16.15 46.94 -50.97
C ARG L 445 14.74 46.96 -51.53
N ARG L 446 14.59 46.67 -52.82
CA ARG L 446 13.26 46.63 -53.40
C ARG L 446 12.40 45.57 -52.73
N ILE L 447 12.98 44.40 -52.54
CA ILE L 447 12.23 43.36 -51.85
C ILE L 447 11.92 43.81 -50.43
N VAL L 448 12.87 44.51 -49.81
CA VAL L 448 12.68 45.01 -48.45
C VAL L 448 11.46 45.89 -48.40
N SER L 449 11.31 46.73 -49.43
CA SER L 449 10.17 47.62 -49.50
C SER L 449 8.90 46.80 -49.54
N GLN L 450 8.88 45.72 -50.31
CA GLN L 450 7.70 44.87 -50.33
C GLN L 450 7.43 44.30 -48.94
N LEU L 451 8.48 43.83 -48.27
CA LEU L 451 8.36 43.20 -46.95
C LEU L 451 7.86 44.15 -45.89
N ASP L 452 8.23 45.43 -45.96
CA ASP L 452 7.92 46.38 -44.90
C ASP L 452 6.43 46.73 -45.01
N ILE L 453 5.62 45.70 -44.74
CA ILE L 453 4.16 45.78 -44.79
C ILE L 453 3.54 45.49 -43.42
N PRO L 454 2.56 46.30 -43.01
CA PRO L 454 1.91 46.11 -41.71
C PRO L 454 1.16 44.79 -41.64
N VAL L 455 1.28 44.10 -40.50
CA VAL L 455 0.49 42.89 -40.30
C VAL L 455 -0.99 43.24 -40.42
N ARG L 456 -1.71 42.40 -41.18
CA ARG L 456 -3.12 42.67 -41.51
C ARG L 456 -4.08 42.10 -40.48
N GLN L 457 -4.77 42.98 -39.78
CA GLN L 457 -5.84 42.62 -38.86
C GLN L 457 -7.19 42.56 -39.57
N VAL L 458 -8.04 41.61 -39.17
CA VAL L 458 -9.42 41.54 -39.61
C VAL L 458 -10.33 41.35 -38.40
N MET L 459 -11.43 42.10 -38.38
CA MET L 459 -12.46 41.98 -37.36
C MET L 459 -13.50 40.98 -37.81
N ILE L 460 -13.62 39.88 -37.09
CA ILE L 460 -14.51 38.78 -37.45
C ILE L 460 -15.73 38.86 -36.55
N GLU L 461 -16.91 38.93 -37.14
CA GLU L 461 -18.14 39.01 -36.37
C GLU L 461 -18.98 37.84 -36.85
N ALA L 462 -19.06 36.81 -36.05
CA ALA L 462 -19.89 35.65 -36.34
C ALA L 462 -20.98 35.64 -35.29
N ARG L 463 -22.23 35.64 -35.73
CA ARG L 463 -23.34 35.75 -34.81
C ARG L 463 -24.17 34.48 -34.75
N ILE L 464 -24.57 34.11 -33.55
CA ILE L 464 -25.37 32.92 -33.32
C ILE L 464 -26.79 33.36 -33.04
N VAL L 465 -27.73 32.81 -33.79
CA VAL L 465 -29.15 33.08 -33.63
C VAL L 465 -29.83 31.76 -33.30
N GLU L 466 -30.43 31.67 -32.13
CA GLU L 466 -31.19 30.49 -31.74
C GLU L 466 -32.63 30.83 -31.44
N ALA L 467 -33.56 30.18 -32.10
CA ALA L 467 -34.98 30.36 -31.81
C ALA L 467 -35.60 29.01 -31.49
N ASN L 468 -36.26 28.90 -30.35
CA ASN L 468 -36.96 27.69 -29.94
C ASN L 468 -38.41 28.01 -29.65
N VAL L 469 -39.33 27.35 -30.36
CA VAL L 469 -40.75 27.52 -30.13
C VAL L 469 -41.32 26.18 -29.68
N GLY L 470 -41.95 26.17 -28.52
CA GLY L 470 -42.52 24.97 -27.97
C GLY L 470 -43.97 24.93 -27.54
N TYR L 471 -44.72 23.96 -28.07
CA TYR L 471 -46.10 23.67 -27.69
C TYR L 471 -46.28 22.26 -27.15
N ASP L 472 -46.76 22.14 -25.92
CA ASP L 472 -47.05 20.82 -25.36
C ASP L 472 -48.46 20.81 -24.79
N LYS L 473 -49.30 19.87 -25.23
CA LYS L 473 -50.61 19.70 -24.64
C LYS L 473 -50.84 18.28 -24.18
N SER L 474 -51.36 18.12 -22.96
CA SER L 474 -51.70 16.81 -22.42
C SER L 474 -53.12 16.91 -21.88
N LEU L 475 -53.96 15.93 -22.23
CA LEU L 475 -55.33 15.92 -21.75
C LEU L 475 -55.62 14.61 -21.06
N GLY L 476 -55.98 14.69 -19.76
CA GLY L 476 -56.53 13.62 -18.95
C GLY L 476 -58.04 13.71 -18.78
N VAL L 477 -58.78 12.76 -19.33
CA VAL L 477 -60.25 12.82 -19.31
C VAL L 477 -60.77 11.73 -18.37
N ARG L 478 -61.61 12.15 -17.41
CA ARG L 478 -61.80 11.43 -16.16
C ARG L 478 -63.28 11.38 -15.79
N TRP L 479 -63.81 10.16 -15.67
CA TRP L 479 -65.20 9.90 -15.29
C TRP L 479 -65.28 8.97 -14.09
N GLY L 480 -65.37 9.52 -12.87
CA GLY L 480 -65.46 8.62 -11.74
C GLY L 480 -66.73 8.73 -10.91
N GLY L 481 -67.46 7.62 -10.84
CA GLY L 481 -68.61 7.45 -9.98
C GLY L 481 -68.43 6.15 -9.19
N ALA L 482 -68.44 6.20 -7.86
CA ALA L 482 -68.35 4.96 -7.11
C ALA L 482 -69.69 4.36 -6.75
N TYR L 483 -70.80 5.07 -6.97
CA TYR L 483 -72.09 4.52 -6.55
C TYR L 483 -72.40 3.26 -7.36
N HIS L 484 -72.17 3.32 -8.66
CA HIS L 484 -72.40 2.17 -9.53
C HIS L 484 -71.07 1.55 -9.94
N LYS L 485 -70.02 1.87 -9.17
CA LYS L 485 -68.67 1.39 -9.41
C LYS L 485 -68.21 1.58 -10.85
N GLY L 486 -68.57 2.72 -11.43
CA GLY L 486 -68.08 3.03 -12.75
C GLY L 486 -67.08 4.16 -12.80
N ASN L 487 -65.82 3.85 -13.06
CA ASN L 487 -64.79 4.89 -13.02
C ASN L 487 -63.66 4.59 -13.99
N TRP L 488 -63.53 5.46 -14.98
CA TRP L 488 -62.46 5.44 -15.96
C TRP L 488 -61.56 6.66 -15.77
N SER L 489 -60.26 6.40 -15.67
CA SER L 489 -59.29 7.44 -15.35
C SER L 489 -58.71 8.15 -16.55
N GLY L 490 -58.52 9.46 -16.40
CA GLY L 490 -57.87 10.23 -17.42
C GLY L 490 -56.40 9.88 -17.39
N TYR L 491 -55.63 10.53 -18.25
CA TYR L 491 -54.21 10.25 -18.25
C TYR L 491 -53.38 11.51 -18.34
N GLY L 492 -53.65 12.35 -19.35
CA GLY L 492 -52.84 13.56 -19.51
C GLY L 492 -52.74 14.30 -18.20
N LYS L 493 -53.88 14.49 -17.52
CA LYS L 493 -53.93 14.92 -16.14
C LYS L 493 -54.84 13.93 -15.39
N ASP L 494 -54.31 12.72 -15.20
CA ASP L 494 -55.07 11.52 -14.79
C ASP L 494 -56.08 11.80 -13.69
N GLY L 495 -57.30 11.30 -13.87
CA GLY L 495 -58.32 11.39 -12.86
C GLY L 495 -59.30 10.24 -12.85
N ASN L 496 -59.62 9.67 -11.69
CA ASN L 496 -60.55 8.54 -11.65
C ASN L 496 -61.27 8.65 -10.31
N ILE L 497 -62.45 9.26 -10.33
CA ILE L 497 -63.04 9.72 -9.10
C ILE L 497 -63.44 8.56 -8.19
N GLY L 498 -63.53 7.34 -8.71
CA GLY L 498 -63.86 6.22 -7.83
C GLY L 498 -62.78 5.93 -6.80
N ILE L 499 -61.50 5.99 -7.22
CA ILE L 499 -60.40 5.71 -6.29
C ILE L 499 -60.44 6.67 -5.12
N LYS L 500 -60.71 7.95 -5.37
CA LYS L 500 -60.79 8.89 -4.27
C LYS L 500 -62.21 9.01 -3.74
N ASP L 501 -63.14 8.26 -4.34
CA ASP L 501 -64.40 7.97 -3.69
C ASP L 501 -64.19 6.97 -2.59
N GLU L 502 -63.07 6.23 -2.66
CA GLU L 502 -62.67 5.38 -1.54
C GLU L 502 -62.16 6.27 -0.41
N ASP L 503 -61.40 7.31 -0.77
CA ASP L 503 -60.98 8.35 0.14
C ASP L 503 -62.19 9.05 0.74
N PRO L 527 -65.61 16.46 -1.07
CA PRO L 527 -65.65 17.12 -2.38
C PRO L 527 -65.05 18.53 -2.37
N PHE L 528 -65.42 19.38 -1.40
CA PHE L 528 -64.87 20.73 -1.40
C PHE L 528 -63.37 20.72 -1.13
N VAL L 529 -62.88 19.80 -0.30
CA VAL L 529 -61.45 19.77 0.03
C VAL L 529 -60.69 18.85 -0.91
N ASP L 530 -61.15 17.62 -1.12
CA ASP L 530 -60.41 16.65 -1.93
C ASP L 530 -60.33 17.10 -3.38
N LEU L 531 -61.47 17.50 -3.95
CA LEU L 531 -61.45 17.97 -5.33
C LEU L 531 -60.67 19.26 -5.48
N GLY L 532 -60.79 20.20 -4.55
CA GLY L 532 -60.02 21.44 -4.67
C GLY L 532 -58.54 21.18 -4.93
N ALA L 533 -57.93 20.35 -4.07
CA ALA L 533 -56.52 20.02 -4.23
C ALA L 533 -56.32 19.17 -5.49
N LYS L 534 -57.15 18.13 -5.64
CA LYS L 534 -57.01 17.24 -6.79
C LYS L 534 -56.99 18.08 -8.06
N ASP L 535 -57.90 19.05 -8.15
CA ASP L 535 -58.16 19.85 -9.33
C ASP L 535 -57.30 21.10 -9.31
N ALA L 536 -56.32 21.19 -8.41
CA ALA L 536 -55.48 22.38 -8.36
C ALA L 536 -54.80 22.61 -9.69
N THR L 537 -54.48 21.52 -10.40
CA THR L 537 -53.68 21.53 -11.61
C THR L 537 -54.21 22.51 -12.65
N SER L 538 -53.28 23.16 -13.36
CA SER L 538 -53.51 24.14 -14.42
C SER L 538 -54.84 24.02 -15.10
N GLY L 539 -55.07 22.88 -15.75
CA GLY L 539 -56.29 22.73 -16.49
C GLY L 539 -57.14 21.61 -15.98
N ILE L 540 -58.19 21.97 -15.25
CA ILE L 540 -59.18 21.01 -14.76
C ILE L 540 -60.57 21.55 -15.06
N GLY L 541 -61.39 20.75 -15.71
CA GLY L 541 -62.77 21.13 -15.88
C GLY L 541 -63.58 20.21 -15.01
N ILE L 542 -64.18 20.72 -13.94
CA ILE L 542 -64.87 19.88 -12.96
C ILE L 542 -66.38 19.96 -13.18
N GLY L 543 -67.01 18.80 -13.33
CA GLY L 543 -68.43 18.64 -13.15
C GLY L 543 -68.61 17.79 -11.91
N PHE L 544 -69.34 18.27 -10.93
CA PHE L 544 -69.55 17.46 -9.73
C PHE L 544 -71.02 17.35 -9.42
N ILE L 545 -71.46 16.15 -9.07
CA ILE L 545 -72.70 16.00 -8.35
C ILE L 545 -72.29 15.48 -6.99
N THR L 546 -72.91 16.02 -5.95
CA THR L 546 -72.67 15.49 -4.61
C THR L 546 -73.97 15.22 -3.87
N ASP L 547 -74.98 16.04 -4.15
CA ASP L 547 -76.20 16.01 -3.35
C ASP L 547 -76.94 14.69 -3.52
N ASN L 548 -77.23 14.31 -4.76
CA ASN L 548 -77.86 13.01 -5.01
C ASN L 548 -76.86 11.89 -4.80
N ILE L 549 -75.71 12.02 -5.45
CA ILE L 549 -74.61 11.07 -5.41
C ILE L 549 -73.40 11.93 -5.70
N ILE L 550 -72.23 11.48 -5.29
CA ILE L 550 -71.01 12.19 -5.66
C ILE L 550 -70.44 11.44 -6.86
N LEU L 551 -70.58 12.09 -8.01
CA LEU L 551 -70.13 11.60 -9.31
C LEU L 551 -69.38 12.76 -9.94
N ASP L 552 -68.07 12.63 -10.04
CA ASP L 552 -67.19 13.69 -10.52
C ASP L 552 -66.65 13.37 -11.91
N LEU L 553 -66.85 14.30 -12.84
CA LEU L 553 -66.47 14.13 -14.24
C LEU L 553 -65.68 15.36 -14.70
N GLN L 554 -64.38 15.19 -14.88
CA GLN L 554 -63.49 16.30 -15.17
C GLN L 554 -62.67 16.04 -16.44
N LEU L 555 -62.48 17.09 -17.21
CA LEU L 555 -61.62 17.04 -18.38
C LEU L 555 -60.46 17.95 -18.00
N SER L 556 -59.27 17.39 -17.83
CA SER L 556 -58.15 18.14 -17.31
C SER L 556 -57.07 18.24 -18.40
N ALA L 557 -56.87 19.44 -18.92
CA ALA L 557 -56.04 19.68 -20.09
C ALA L 557 -55.03 20.79 -19.86
N MET L 558 -53.82 20.61 -20.39
CA MET L 558 -52.73 21.57 -20.26
C MET L 558 -52.14 21.87 -21.62
N GLU L 559 -51.96 23.16 -21.91
CA GLU L 559 -51.23 23.61 -23.09
C GLU L 559 -50.17 24.57 -22.60
N LYS L 560 -48.93 24.28 -22.93
CA LYS L 560 -47.80 25.07 -22.49
C LYS L 560 -47.05 25.52 -23.72
N THR L 561 -46.73 26.80 -23.82
CA THR L 561 -45.93 27.28 -24.93
C THR L 561 -44.74 28.10 -24.44
N GLY L 562 -43.55 27.70 -24.83
CA GLY L 562 -42.35 28.43 -24.50
C GLY L 562 -41.43 28.70 -25.68
N ASN L 563 -41.08 29.95 -25.94
CA ASN L 563 -40.12 30.26 -27.00
C ASN L 563 -38.93 31.03 -26.44
N GLY L 564 -37.75 30.50 -26.64
CA GLY L 564 -36.56 31.21 -26.23
C GLY L 564 -35.67 31.43 -27.43
N GLU L 565 -35.32 32.68 -27.69
CA GLU L 565 -34.40 33.01 -28.77
C GLU L 565 -33.25 33.81 -28.20
N ILE L 566 -32.04 33.36 -28.45
CA ILE L 566 -30.84 34.07 -28.02
C ILE L 566 -29.97 34.36 -29.23
N VAL L 567 -29.63 35.62 -29.43
CA VAL L 567 -28.82 36.05 -30.56
C VAL L 567 -27.60 36.79 -30.01
N SER L 568 -26.44 36.17 -30.16
CA SER L 568 -25.20 36.73 -29.62
C SER L 568 -24.17 36.92 -30.73
N GLN L 569 -23.57 38.10 -30.81
CA GLN L 569 -22.53 38.33 -31.83
C GLN L 569 -21.25 38.89 -31.23
N PRO L 570 -20.19 38.10 -31.23
CA PRO L 570 -18.85 38.56 -30.86
C PRO L 570 -17.97 38.97 -32.03
N LYS L 571 -17.30 40.11 -31.89
CA LYS L 571 -16.42 40.66 -32.91
C LYS L 571 -14.98 40.62 -32.41
N VAL L 572 -14.08 40.05 -33.20
CA VAL L 572 -12.67 39.86 -32.83
C VAL L 572 -11.74 40.51 -33.85
N VAL L 573 -10.73 41.25 -33.38
CA VAL L 573 -9.71 41.82 -34.27
C VAL L 573 -8.48 40.91 -34.22
N THR L 574 -8.10 40.38 -35.39
CA THR L 574 -7.04 39.38 -35.50
C THR L 574 -5.98 39.76 -36.53
N SER L 575 -4.74 39.41 -36.26
CA SER L 575 -3.74 39.56 -37.30
C SER L 575 -4.06 38.60 -38.45
N ASP L 576 -3.40 38.79 -39.59
CA ASP L 576 -3.67 37.99 -40.77
C ASP L 576 -2.91 36.68 -40.67
N LYS L 577 -3.61 35.55 -40.87
CA LYS L 577 -3.02 34.21 -40.79
C LYS L 577 -2.66 33.86 -39.35
N GLU L 578 -3.14 34.65 -38.40
CA GLU L 578 -2.86 34.44 -36.99
C GLU L 578 -4.18 34.15 -36.31
N THR L 579 -4.12 33.49 -35.16
CA THR L 579 -5.31 33.26 -34.38
C THR L 579 -5.55 34.35 -33.34
N ALA L 580 -6.82 34.70 -33.20
CA ALA L 580 -7.30 35.56 -32.13
C ALA L 580 -8.58 34.94 -31.62
N LYS L 581 -8.89 35.21 -30.36
CA LYS L 581 -9.96 34.48 -29.71
C LYS L 581 -10.75 35.40 -28.80
N ILE L 582 -12.06 35.38 -28.95
CA ILE L 582 -12.95 36.05 -28.01
C ILE L 582 -13.66 34.93 -27.27
N LEU L 583 -13.66 35.01 -25.95
CA LEU L 583 -14.30 33.98 -25.14
C LEU L 583 -15.06 34.65 -24.01
N LYS L 584 -16.37 34.43 -24.00
CA LYS L 584 -17.32 35.06 -23.08
C LYS L 584 -18.03 33.96 -22.29
N GLY L 585 -17.42 33.50 -21.22
CA GLY L 585 -17.99 32.39 -20.49
C GLY L 585 -17.54 32.18 -19.09
N SER L 586 -17.54 30.92 -18.68
CA SER L 586 -17.29 30.52 -17.29
C SER L 586 -16.74 29.10 -17.35
N GLU L 587 -15.87 28.73 -16.42
CA GLU L 587 -15.07 27.53 -16.65
C GLU L 587 -15.53 26.36 -15.78
N VAL L 588 -16.36 25.52 -16.40
CA VAL L 588 -16.92 24.31 -15.81
C VAL L 588 -15.82 23.29 -15.56
N PRO L 589 -15.53 23.05 -14.29
CA PRO L 589 -14.49 22.12 -13.87
C PRO L 589 -15.05 20.74 -13.58
N TYR L 590 -14.13 19.83 -13.28
CA TYR L 590 -14.47 18.55 -12.68
C TYR L 590 -13.34 18.29 -11.70
N GLN L 591 -13.66 18.16 -10.43
CA GLN L 591 -12.66 17.96 -9.38
C GLN L 591 -12.73 16.50 -8.95
N GLU L 592 -11.88 15.67 -9.56
CA GLU L 592 -11.69 14.30 -9.11
C GLU L 592 -10.39 14.26 -8.31
N ALA L 593 -10.49 14.24 -6.99
CA ALA L 593 -9.29 14.30 -6.16
C ALA L 593 -8.95 12.93 -5.61
N SER L 594 -8.16 12.17 -6.38
CA SER L 594 -8.06 10.73 -6.25
C SER L 594 -6.68 10.57 -5.60
N SER L 595 -6.73 10.35 -4.29
CA SER L 595 -5.60 10.42 -3.39
C SER L 595 -4.30 9.88 -3.97
N SER L 596 -4.33 8.65 -4.47
CA SER L 596 -3.11 8.00 -4.88
C SER L 596 -2.66 8.48 -6.27
N GLY L 597 -2.23 9.74 -6.28
CA GLY L 597 -1.50 10.31 -7.38
C GLY L 597 -2.26 10.98 -8.48
N ALA L 598 -3.59 10.94 -8.52
CA ALA L 598 -4.27 11.69 -9.57
C ALA L 598 -5.15 12.76 -8.98
N THR L 599 -4.88 14.02 -9.33
CA THR L 599 -5.68 15.14 -8.88
C THR L 599 -6.26 15.82 -10.10
N SER L 600 -7.38 15.30 -10.59
CA SER L 600 -7.98 15.76 -11.82
C SER L 600 -8.76 17.01 -11.43
N THR L 601 -8.01 18.09 -11.18
CA THR L 601 -8.63 19.38 -10.92
C THR L 601 -8.92 20.04 -12.27
N SER L 602 -9.71 19.31 -13.05
CA SER L 602 -9.98 19.67 -14.41
C SER L 602 -10.90 20.88 -14.44
N PHE L 603 -10.75 21.68 -15.49
CA PHE L 603 -11.71 22.73 -15.77
C PHE L 603 -11.64 23.03 -17.25
N LYS L 604 -12.68 23.69 -17.74
CA LYS L 604 -12.85 23.98 -19.15
C LYS L 604 -13.90 25.07 -19.21
N GLU L 605 -13.65 26.12 -19.96
CA GLU L 605 -14.59 27.23 -19.98
C GLU L 605 -15.66 27.04 -21.06
N ALA L 606 -16.89 26.94 -20.59
CA ALA L 606 -18.08 26.90 -21.40
C ALA L 606 -18.34 28.39 -21.63
N ALA L 607 -17.75 28.86 -22.71
CA ALA L 607 -17.75 30.24 -23.10
C ALA L 607 -18.15 30.35 -24.55
N LEU L 608 -18.83 31.43 -24.90
CA LEU L 608 -18.95 31.64 -26.32
C LEU L 608 -17.54 31.94 -26.79
N SER L 609 -17.22 31.56 -28.02
CA SER L 609 -15.89 31.92 -28.47
C SER L 609 -15.78 31.86 -29.98
N LEU L 610 -14.84 32.66 -30.45
CA LEU L 610 -14.40 32.65 -31.83
C LEU L 610 -12.89 32.56 -31.76
N GLU L 611 -12.34 31.52 -32.37
CA GLU L 611 -10.89 31.38 -32.52
C GLU L 611 -10.63 31.38 -34.01
N VAL L 612 -10.09 32.49 -34.51
CA VAL L 612 -10.00 32.74 -35.93
C VAL L 612 -8.55 32.85 -36.39
N THR L 613 -8.27 32.24 -37.53
CA THR L 613 -6.99 32.36 -38.23
C THR L 613 -7.34 32.75 -39.66
N PRO L 614 -7.53 34.05 -39.90
CA PRO L 614 -7.88 34.55 -41.24
C PRO L 614 -6.68 34.67 -42.18
N GLN L 615 -6.87 34.24 -43.42
CA GLN L 615 -5.90 34.49 -44.49
C GLN L 615 -6.54 35.44 -45.49
N ILE L 616 -5.90 36.59 -45.71
CA ILE L 616 -6.47 37.66 -46.50
C ILE L 616 -6.05 37.56 -47.95
N THR L 617 -7.02 37.46 -48.84
CA THR L 617 -6.79 37.41 -50.26
C THR L 617 -7.24 38.72 -50.90
N PRO L 618 -6.68 39.07 -52.09
CA PRO L 618 -6.73 40.48 -52.54
C PRO L 618 -8.11 41.09 -52.60
N ASP L 619 -9.10 40.34 -53.03
CA ASP L 619 -10.37 41.01 -53.25
C ASP L 619 -11.08 41.09 -51.90
N ASN L 620 -10.37 41.59 -50.89
CA ASN L 620 -10.99 41.80 -49.60
C ASN L 620 -11.72 40.53 -49.20
N ARG L 621 -11.00 39.42 -49.24
CA ARG L 621 -11.61 38.18 -48.84
C ARG L 621 -10.70 37.50 -47.86
N ILE L 622 -11.26 36.57 -47.12
CA ILE L 622 -10.52 35.75 -46.18
C ILE L 622 -10.91 34.30 -46.25
N ILE L 623 -9.93 33.42 -46.33
CA ILE L 623 -10.14 32.01 -46.03
C ILE L 623 -9.68 31.89 -44.58
N VAL L 624 -10.58 31.57 -43.68
CA VAL L 624 -10.25 31.59 -42.26
C VAL L 624 -10.53 30.22 -41.67
N GLU L 625 -9.61 29.76 -40.84
CA GLU L 625 -9.89 28.60 -40.00
C GLU L 625 -10.49 29.16 -38.72
N VAL L 626 -11.76 28.90 -38.52
CA VAL L 626 -12.49 29.44 -37.38
C VAL L 626 -13.12 28.31 -36.56
N LYS L 627 -12.82 28.35 -35.28
CA LYS L 627 -13.54 27.61 -34.27
C LYS L 627 -14.61 28.53 -33.70
N VAL L 628 -15.88 28.17 -33.88
CA VAL L 628 -17.00 28.95 -33.39
C VAL L 628 -17.72 28.04 -32.41
N THR L 629 -17.54 28.29 -31.13
CA THR L 629 -18.11 27.41 -30.12
C THR L 629 -18.99 28.13 -29.12
N LYS L 630 -20.14 27.53 -28.83
CA LYS L 630 -20.98 27.97 -27.74
C LYS L 630 -21.12 26.77 -26.82
N ASP L 631 -20.83 26.95 -25.55
CA ASP L 631 -20.97 25.85 -24.61
C ASP L 631 -21.54 26.40 -23.33
N ALA L 632 -21.98 25.50 -22.47
CA ALA L 632 -22.66 26.10 -21.34
C ALA L 632 -22.71 25.17 -20.14
N PRO L 633 -22.53 25.73 -18.94
CA PRO L 633 -22.49 24.93 -17.72
C PRO L 633 -23.64 23.97 -17.58
N ASP L 634 -23.33 22.80 -17.08
CA ASP L 634 -24.23 21.68 -17.04
C ASP L 634 -25.01 21.63 -15.72
N TYR L 635 -26.29 21.27 -15.82
CA TYR L 635 -27.05 21.01 -14.60
C TYR L 635 -26.38 19.95 -13.74
N GLN L 636 -26.06 18.79 -14.31
CA GLN L 636 -25.48 17.73 -13.50
C GLN L 636 -24.14 18.16 -12.92
N ASN L 637 -23.41 19.01 -13.65
CA ASN L 637 -22.18 19.58 -13.11
C ASN L 637 -22.48 20.48 -11.92
N MET L 638 -23.46 21.38 -12.10
CA MET L 638 -23.89 22.20 -10.98
C MET L 638 -24.50 21.31 -9.92
N LEU L 639 -25.01 20.16 -10.34
CA LEU L 639 -25.56 19.13 -9.46
C LEU L 639 -24.44 18.31 -8.82
N ASN L 640 -23.21 18.44 -9.33
CA ASN L 640 -22.09 17.62 -8.91
C ASN L 640 -22.42 16.14 -9.10
N GLY L 641 -23.14 15.84 -10.17
CA GLY L 641 -23.46 14.48 -10.55
C GLY L 641 -22.60 14.11 -11.72
N VAL L 642 -23.13 13.38 -12.70
CA VAL L 642 -22.43 13.10 -13.94
C VAL L 642 -22.80 14.21 -14.92
N PRO L 643 -21.87 15.11 -15.25
CA PRO L 643 -22.21 16.38 -15.94
C PRO L 643 -22.27 16.35 -17.47
N PRO L 644 -23.47 16.40 -18.08
CA PRO L 644 -23.50 16.64 -19.53
C PRO L 644 -23.55 18.12 -19.86
N ILE L 645 -22.37 18.73 -20.04
CA ILE L 645 -22.27 20.13 -20.44
C ILE L 645 -22.76 20.34 -21.87
N ASN L 646 -23.32 21.53 -22.14
CA ASN L 646 -23.88 21.77 -23.47
C ASN L 646 -22.77 22.20 -24.41
N LYS L 647 -22.82 21.71 -25.65
CA LYS L 647 -21.83 22.08 -26.64
C LYS L 647 -22.50 22.20 -28.00
N ASN L 648 -22.45 23.39 -28.59
CA ASN L 648 -22.74 23.65 -29.99
C ASN L 648 -21.49 24.25 -30.62
N GLU L 649 -20.70 23.44 -31.34
CA GLU L 649 -19.44 23.97 -31.84
C GLU L 649 -19.23 23.57 -33.29
N VAL L 650 -18.85 24.54 -34.11
CA VAL L 650 -18.44 24.29 -35.49
C VAL L 650 -16.97 24.66 -35.63
N ASN L 651 -16.18 23.76 -36.19
CA ASN L 651 -14.78 23.99 -36.44
C ASN L 651 -14.51 23.80 -37.92
N ALA L 652 -14.05 24.85 -38.60
CA ALA L 652 -13.94 24.73 -40.04
C ALA L 652 -13.21 25.92 -40.63
N LYS L 653 -12.65 25.73 -41.81
CA LYS L 653 -12.00 26.79 -42.56
C LYS L 653 -12.86 27.08 -43.79
N ILE L 654 -13.28 28.34 -43.94
CA ILE L 654 -14.13 28.73 -45.05
C ILE L 654 -13.66 30.06 -45.62
N LEU L 655 -14.02 30.31 -46.88
CA LEU L 655 -13.67 31.54 -47.58
C LEU L 655 -14.89 32.42 -47.79
N VAL L 656 -14.78 33.70 -47.41
CA VAL L 656 -15.82 34.70 -47.64
C VAL L 656 -15.13 36.01 -47.98
N ASN L 657 -15.79 36.87 -48.76
CA ASN L 657 -15.14 38.16 -48.84
C ASN L 657 -15.35 38.92 -47.54
N ASP L 658 -14.52 39.95 -47.38
CA ASP L 658 -14.57 40.76 -46.18
C ASP L 658 -15.93 41.42 -46.02
N GLY L 659 -16.50 41.90 -47.11
CA GLY L 659 -17.76 42.58 -46.98
C GLY L 659 -18.94 41.66 -46.76
N GLU L 660 -18.71 40.37 -46.53
CA GLU L 660 -19.68 39.33 -46.80
C GLU L 660 -19.93 38.46 -45.59
N THR L 661 -21.19 38.13 -45.41
CA THR L 661 -21.65 37.30 -44.31
C THR L 661 -22.17 36.00 -44.90
N ILE L 662 -21.76 34.89 -44.32
CA ILE L 662 -22.29 33.60 -44.74
C ILE L 662 -22.75 32.90 -43.47
N VAL L 663 -23.55 31.87 -43.67
CA VAL L 663 -23.98 31.04 -42.56
C VAL L 663 -22.97 29.91 -42.48
N ILE L 664 -22.13 29.96 -41.46
CA ILE L 664 -21.12 28.93 -41.29
C ILE L 664 -21.83 27.60 -41.16
N GLY L 665 -22.94 27.61 -40.44
CA GLY L 665 -23.75 26.43 -40.29
C GLY L 665 -24.99 26.76 -39.52
N GLY L 666 -25.84 25.75 -39.38
CA GLY L 666 -27.05 25.90 -38.62
C GLY L 666 -27.86 24.64 -38.72
N VAL L 667 -28.81 24.52 -37.81
CA VAL L 667 -29.62 23.32 -37.72
C VAL L 667 -31.02 23.65 -37.21
N PHE L 668 -32.01 23.08 -37.87
CA PHE L 668 -33.38 23.11 -37.40
C PHE L 668 -33.77 21.75 -36.83
N SER L 669 -34.28 21.75 -35.61
CA SER L 669 -34.79 20.55 -34.93
C SER L 669 -36.31 20.58 -34.88
N ASN L 670 -36.96 19.68 -35.63
CA ASN L 670 -38.42 19.60 -35.68
C ASN L 670 -38.92 18.40 -34.88
N GLU L 671 -39.53 18.67 -33.73
CA GLU L 671 -40.06 17.65 -32.85
C GLU L 671 -41.56 17.49 -32.99
N GLN L 672 -42.02 16.30 -33.34
CA GLN L 672 -43.46 16.01 -33.37
C GLN L 672 -43.68 14.80 -32.48
N SER L 673 -44.34 15.00 -31.35
CA SER L 673 -44.58 13.95 -30.37
C SER L 673 -46.07 13.79 -30.12
N LYS L 674 -46.56 12.56 -30.20
CA LYS L 674 -47.94 12.26 -29.91
C LYS L 674 -48.03 11.06 -28.99
N SER L 675 -48.89 11.17 -27.99
CA SER L 675 -49.12 10.14 -26.99
C SER L 675 -50.62 10.10 -26.75
N VAL L 676 -51.25 8.97 -27.01
CA VAL L 676 -52.68 8.84 -26.78
C VAL L 676 -52.93 7.63 -25.92
N GLU L 677 -53.69 7.84 -24.85
CA GLU L 677 -54.03 6.82 -23.88
C GLU L 677 -55.54 6.69 -23.82
N LYS L 678 -56.05 5.49 -24.05
CA LYS L 678 -57.49 5.39 -24.18
C LYS L 678 -57.99 4.04 -23.72
N VAL L 679 -58.94 4.06 -22.80
CA VAL L 679 -59.74 2.86 -22.63
C VAL L 679 -60.36 2.53 -23.99
N PRO L 680 -60.11 1.34 -24.50
CA PRO L 680 -60.56 1.02 -25.87
C PRO L 680 -62.06 1.08 -26.01
N PHE L 681 -62.79 0.47 -25.08
CA PHE L 681 -64.24 0.39 -25.22
C PHE L 681 -64.88 1.77 -25.14
N LEU L 682 -64.53 2.54 -24.11
CA LEU L 682 -65.10 3.89 -24.02
C LEU L 682 -64.51 4.79 -25.09
N GLY L 683 -63.22 4.61 -25.40
CA GLY L 683 -62.62 5.40 -26.46
C GLY L 683 -63.38 5.22 -27.76
N GLU L 684 -63.89 4.00 -27.98
CA GLU L 684 -64.66 3.68 -29.17
C GLU L 684 -65.89 4.57 -29.25
N LEU L 685 -66.50 4.86 -28.11
CA LEU L 685 -67.73 5.63 -28.10
C LEU L 685 -67.47 6.98 -28.75
N PRO L 686 -68.30 7.40 -29.71
CA PRO L 686 -68.05 8.67 -30.39
C PRO L 686 -68.14 9.88 -29.48
N TYR L 687 -69.12 9.89 -28.57
CA TYR L 687 -69.35 11.05 -27.73
C TYR L 687 -68.51 11.01 -26.48
N LEU L 688 -68.01 9.83 -26.12
CA LEU L 688 -67.28 9.64 -24.89
C LEU L 688 -65.81 9.29 -25.13
N GLY L 689 -65.43 8.97 -26.36
CA GLY L 689 -64.04 8.63 -26.59
C GLY L 689 -63.14 9.82 -26.30
N ARG L 690 -63.55 11.00 -26.74
CA ARG L 690 -62.78 12.20 -26.42
C ARG L 690 -62.69 12.34 -24.90
N LEU L 691 -63.76 11.94 -24.22
CA LEU L 691 -63.86 11.93 -22.77
C LEU L 691 -63.17 10.71 -22.17
N PHE L 692 -62.64 9.81 -23.02
CA PHE L 692 -61.92 8.65 -22.54
C PHE L 692 -60.69 8.36 -23.41
N ARG L 693 -60.27 9.32 -24.22
CA ARG L 693 -59.02 9.26 -24.98
C ARG L 693 -58.21 10.47 -24.56
N ARG L 694 -57.04 10.20 -24.00
CA ARG L 694 -56.12 11.21 -23.48
C ARG L 694 -55.01 11.48 -24.48
N ASP L 695 -55.03 12.65 -25.09
CA ASP L 695 -54.07 13.00 -26.13
C ASP L 695 -53.09 14.01 -25.57
N THR L 696 -51.81 13.71 -25.71
CA THR L 696 -50.73 14.62 -25.42
C THR L 696 -49.89 14.74 -26.68
N VAL L 697 -49.85 15.94 -27.26
CA VAL L 697 -49.05 16.22 -28.43
C VAL L 697 -48.14 17.37 -28.10
N THR L 698 -46.85 17.17 -28.30
CA THR L 698 -45.89 18.22 -28.08
C THR L 698 -44.99 18.38 -29.28
N ASP L 699 -44.87 19.61 -29.75
CA ASP L 699 -43.94 19.99 -30.82
C ASP L 699 -43.04 21.05 -30.23
N ARG L 700 -41.76 20.74 -30.06
CA ARG L 700 -40.82 21.73 -29.60
C ARG L 700 -39.75 21.76 -30.67
N LYS L 701 -39.59 22.91 -31.31
CA LYS L 701 -38.62 23.01 -32.39
C LYS L 701 -37.72 24.22 -32.22
N ASN L 702 -36.43 23.95 -32.06
CA ASN L 702 -35.41 24.96 -31.92
C ASN L 702 -34.45 24.87 -33.10
N GLU L 703 -34.18 26.00 -33.71
CA GLU L 703 -33.24 26.09 -34.80
C GLU L 703 -32.13 27.02 -34.36
N LEU L 704 -30.90 26.62 -34.65
CA LEU L 704 -29.71 27.41 -34.35
C LEU L 704 -28.94 27.67 -35.64
N LEU L 705 -28.53 28.92 -35.85
CA LEU L 705 -27.77 29.30 -37.03
C LEU L 705 -26.62 30.23 -36.66
N VAL L 706 -25.48 30.05 -37.30
CA VAL L 706 -24.32 30.90 -37.10
C VAL L 706 -23.98 31.64 -38.38
N PHE L 707 -23.99 32.98 -38.34
CA PHE L 707 -23.46 33.78 -39.43
C PHE L 707 -22.00 34.11 -39.16
N LEU L 708 -21.34 34.73 -40.14
CA LEU L 708 -20.04 35.35 -39.96
C LEU L 708 -19.77 36.36 -41.06
N THR L 709 -19.15 37.50 -40.68
CA THR L 709 -18.62 38.49 -41.60
C THR L 709 -17.26 39.00 -41.16
N PRO L 710 -16.22 38.92 -41.99
CA PRO L 710 -14.92 39.44 -41.58
C PRO L 710 -14.67 40.81 -42.20
N ARG L 711 -14.37 41.82 -41.43
CA ARG L 711 -14.08 43.15 -41.97
C ARG L 711 -12.59 43.38 -41.81
N ILE L 712 -11.87 43.37 -42.93
CA ILE L 712 -10.43 43.48 -42.84
C ILE L 712 -10.02 44.77 -42.18
N MET L 713 -9.20 44.67 -41.15
CA MET L 713 -8.66 45.80 -40.43
C MET L 713 -7.38 46.28 -41.09
N ASN L 714 -6.89 45.53 -42.10
CA ASN L 714 -5.82 46.07 -42.94
C ASN L 714 -6.25 47.36 -43.59
N ASN L 715 -7.55 47.52 -43.86
CA ASN L 715 -8.01 48.76 -44.47
C ASN L 715 -7.56 49.91 -43.59
N GLN L 716 -7.45 49.63 -42.31
CA GLN L 716 -6.94 50.53 -41.30
C GLN L 716 -5.52 50.15 -40.92
N ALA L 717 -5.18 48.85 -40.96
CA ALA L 717 -3.86 48.38 -40.55
C ALA L 717 -2.81 48.70 -41.60
N ILE L 718 -3.21 48.77 -42.88
CA ILE L 718 -2.23 49.19 -43.88
C ILE L 718 -1.98 50.68 -43.70
N ALA L 719 -3.05 51.42 -43.40
CA ALA L 719 -2.98 52.84 -43.09
C ALA L 719 -2.43 53.04 -41.69
N ILE L 720 -2.41 51.96 -40.90
CA ILE L 720 -1.68 51.88 -39.65
C ILE L 720 -0.43 51.02 -39.81
N LEU M 385 19.06 34.71 -66.71
CA LEU M 385 17.96 34.61 -65.77
C LEU M 385 17.19 35.92 -65.64
N ARG M 386 15.89 35.77 -65.44
CA ARG M 386 14.95 36.87 -65.35
C ARG M 386 14.26 36.80 -64.00
N ARG M 387 14.12 37.94 -63.35
CA ARG M 387 13.42 38.03 -62.07
C ARG M 387 11.95 38.35 -62.28
N GLU M 388 11.07 37.52 -61.73
CA GLU M 388 9.66 37.86 -61.78
C GLU M 388 9.06 37.73 -60.39
N LEU M 389 8.22 38.69 -60.02
CA LEU M 389 7.49 38.68 -58.75
C LEU M 389 6.04 38.35 -58.98
N ILE M 390 5.55 37.29 -58.36
CA ILE M 390 4.13 36.94 -58.39
C ILE M 390 3.63 36.82 -56.96
N GLN M 391 2.53 37.49 -56.64
CA GLN M 391 1.94 37.34 -55.30
C GLN M 391 0.72 36.45 -55.44
N VAL M 392 0.70 35.34 -54.70
CA VAL M 392 -0.44 34.44 -54.69
C VAL M 392 -1.09 34.35 -53.32
N ASN M 393 -2.25 34.97 -53.17
CA ASN M 393 -3.03 34.81 -51.94
C ASN M 393 -3.71 33.45 -51.92
N TYR M 394 -4.24 33.03 -53.08
CA TYR M 394 -4.98 31.77 -53.23
C TYR M 394 -4.11 30.59 -53.61
N ALA M 395 -2.84 30.79 -53.97
CA ALA M 395 -2.00 29.67 -54.36
C ALA M 395 -1.03 29.44 -53.22
N LYS M 396 -0.93 28.19 -52.79
CA LYS M 396 0.02 27.84 -51.74
C LYS M 396 1.44 28.02 -52.25
N ALA M 397 2.30 28.56 -51.39
CA ALA M 397 3.70 28.79 -51.78
C ALA M 397 4.40 27.48 -52.07
N ALA M 398 4.13 26.45 -51.26
CA ALA M 398 4.71 25.13 -51.50
C ALA M 398 4.33 24.59 -52.86
N ASP M 399 3.09 24.82 -53.28
CA ASP M 399 2.67 24.33 -54.58
C ASP M 399 3.48 24.98 -55.68
N ILE M 400 3.70 26.30 -55.58
CA ILE M 400 4.49 27.01 -56.56
C ILE M 400 5.91 26.49 -56.58
N ALA M 401 6.44 26.19 -55.39
CA ALA M 401 7.78 25.63 -55.30
C ALA M 401 7.83 24.29 -56.01
N LYS M 402 6.79 23.47 -55.85
CA LYS M 402 6.73 22.19 -56.53
C LYS M 402 6.70 22.38 -58.04
N LEU M 403 5.97 23.40 -58.48
CA LEU M 403 5.92 23.70 -59.90
C LEU M 403 7.30 24.01 -60.44
N PHE M 404 8.06 24.83 -59.70
CA PHE M 404 9.42 25.13 -60.14
C PHE M 404 10.33 23.91 -60.06
N GLN M 405 10.15 23.08 -59.03
CA GLN M 405 10.95 21.87 -58.91
C GLN M 405 10.74 20.93 -60.09
N SER M 406 9.49 20.76 -60.49
CA SER M 406 9.22 19.97 -61.68
C SER M 406 9.81 20.66 -62.91
N VAL M 407 9.75 21.98 -62.92
CA VAL M 407 10.33 22.73 -64.03
C VAL M 407 11.82 22.43 -64.12
N THR M 408 12.50 22.34 -62.98
CA THR M 408 13.90 21.95 -62.96
C THR M 408 14.05 20.52 -63.46
N SER M 409 13.11 19.64 -63.12
CA SER M 409 13.14 18.28 -63.64
C SER M 409 13.09 18.29 -65.15
N ASP M 410 12.37 19.26 -65.74
CA ASP M 410 12.37 19.40 -67.19
C ASP M 410 13.79 19.58 -67.71
N GLY M 411 14.57 20.44 -67.05
CA GLY M 411 15.91 20.76 -67.50
C GLY M 411 16.97 20.54 -66.44
N GLY M 421 18.25 29.88 -61.72
CA GLY M 421 17.62 29.00 -60.75
C GLY M 421 17.69 29.54 -59.35
N SER M 422 17.20 30.76 -59.19
CA SER M 422 17.15 31.46 -57.90
C SER M 422 15.71 31.63 -57.50
N ILE M 423 15.37 31.21 -56.28
CA ILE M 423 14.02 31.29 -55.77
C ILE M 423 13.97 32.11 -54.49
N THR M 424 12.98 33.01 -54.40
CA THR M 424 12.73 33.81 -53.21
C THR M 424 11.28 33.59 -52.84
N VAL M 425 11.01 33.27 -51.58
CA VAL M 425 9.65 32.99 -51.13
C VAL M 425 9.29 34.04 -50.08
N ASP M 426 8.16 34.71 -50.26
CA ASP M 426 7.64 35.70 -49.32
C ASP M 426 6.43 35.12 -48.60
N ASP M 427 6.62 34.83 -47.32
CA ASP M 427 5.53 34.27 -46.52
C ASP M 427 4.41 35.28 -46.29
N ARG M 428 4.76 36.54 -45.99
CA ARG M 428 3.75 37.53 -45.59
C ARG M 428 2.74 37.78 -46.70
N THR M 429 3.23 38.02 -47.91
CA THR M 429 2.37 38.24 -49.05
C THR M 429 2.14 36.95 -49.82
N ASN M 430 2.84 35.88 -49.42
CA ASN M 430 2.82 34.62 -50.15
C ASN M 430 3.23 34.86 -51.60
N SER M 431 4.24 35.70 -51.77
CA SER M 431 4.67 36.11 -53.10
C SER M 431 6.04 35.54 -53.37
N ILE M 432 6.17 34.88 -54.51
CA ILE M 432 7.40 34.22 -54.88
C ILE M 432 8.02 35.05 -56.00
N ILE M 433 9.25 35.49 -55.78
CA ILE M 433 10.01 36.18 -56.81
C ILE M 433 11.11 35.21 -57.24
N ALA M 434 11.15 34.88 -58.51
CA ALA M 434 12.12 33.91 -58.98
C ALA M 434 12.96 34.55 -60.08
N TYR M 435 14.27 34.52 -59.89
CA TYR M 435 15.21 34.97 -60.90
C TYR M 435 15.84 33.71 -61.50
N GLN M 436 15.39 33.36 -62.69
CA GLN M 436 15.74 32.09 -63.33
C GLN M 436 15.41 32.21 -64.82
N PRO M 437 15.70 31.23 -65.67
CA PRO M 437 15.49 31.43 -67.11
C PRO M 437 14.04 31.79 -67.42
N GLN M 438 13.87 32.62 -68.45
CA GLN M 438 12.56 33.16 -68.76
C GLN M 438 11.56 32.06 -69.05
N GLU M 439 11.97 31.03 -69.78
CA GLU M 439 11.03 29.99 -70.16
C GLU M 439 10.52 29.27 -68.93
N ARG M 440 11.43 28.91 -68.04
CA ARG M 440 11.05 28.25 -66.80
C ARG M 440 10.17 29.17 -65.98
N LEU M 441 10.51 30.45 -65.97
CA LEU M 441 9.76 31.44 -65.21
C LEU M 441 8.33 31.54 -65.70
N ASP M 442 8.15 31.57 -67.01
CA ASP M 442 6.82 31.66 -67.61
C ASP M 442 6.01 30.41 -67.34
N GLU M 443 6.64 29.24 -67.47
CA GLU M 443 5.93 28.00 -67.22
C GLU M 443 5.44 27.96 -65.79
N LEU M 444 6.31 28.36 -64.87
CA LEU M 444 5.95 28.35 -63.47
C LEU M 444 4.82 29.32 -63.22
N ARG M 445 4.87 30.48 -63.88
CA ARG M 445 3.81 31.47 -63.75
C ARG M 445 2.46 30.94 -64.20
N ARG M 446 2.42 30.23 -65.32
CA ARG M 446 1.16 29.66 -65.79
C ARG M 446 0.61 28.69 -64.77
N ILE M 447 1.48 27.81 -64.26
CA ILE M 447 1.02 26.88 -63.25
C ILE M 447 0.58 27.65 -62.01
N VAL M 448 1.28 28.74 -61.69
CA VAL M 448 0.95 29.57 -60.55
C VAL M 448 -0.47 30.07 -60.69
N SER M 449 -0.82 30.48 -61.91
CA SER M 449 -2.16 30.97 -62.18
C SER M 449 -3.17 29.87 -61.87
N GLN M 450 -2.86 28.64 -62.28
CA GLN M 450 -3.77 27.54 -61.96
C GLN M 450 -3.91 27.38 -60.45
N LEU M 451 -2.78 27.44 -59.74
CA LEU M 451 -2.75 27.23 -58.30
C LEU M 451 -3.52 28.31 -57.53
N ASP M 452 -3.50 29.54 -58.02
CA ASP M 452 -4.09 30.64 -57.28
C ASP M 452 -5.61 30.54 -57.40
N ILE M 453 -6.12 29.48 -56.78
CA ILE M 453 -7.55 29.15 -56.74
C ILE M 453 -8.09 29.15 -55.32
N PRO M 454 -9.26 29.74 -55.12
CA PRO M 454 -9.86 29.80 -53.79
C PRO M 454 -10.23 28.42 -53.26
N VAL M 455 -9.95 28.18 -51.97
CA VAL M 455 -10.39 26.93 -51.36
C VAL M 455 -11.90 26.82 -51.50
N ARG M 456 -12.36 25.64 -51.91
CA ARG M 456 -13.77 25.40 -52.21
C ARG M 456 -14.57 24.94 -51.01
N GLN M 457 -15.48 25.78 -50.56
CA GLN M 457 -16.44 25.46 -49.51
C GLN M 457 -17.70 24.82 -50.08
N VAL M 458 -18.26 23.85 -49.35
CA VAL M 458 -19.57 23.29 -49.66
C VAL M 458 -20.41 23.25 -48.40
N MET M 459 -21.68 23.65 -48.53
CA MET M 459 -22.66 23.59 -47.46
C MET M 459 -23.37 22.24 -47.52
N ILE M 460 -23.21 21.43 -46.49
CA ILE M 460 -23.76 20.09 -46.45
C ILE M 460 -24.97 20.12 -45.54
N GLU M 461 -26.12 19.68 -46.04
CA GLU M 461 -27.34 19.67 -45.26
C GLU M 461 -27.82 18.24 -45.31
N ALA M 462 -27.64 17.51 -44.21
CA ALA M 462 -28.12 16.15 -44.09
C ALA M 462 -29.19 16.17 -43.01
N ARG M 463 -30.37 15.71 -43.35
CA ARG M 463 -31.49 15.80 -42.43
C ARG M 463 -31.95 14.44 -41.95
N ILE M 464 -32.26 14.37 -40.68
CA ILE M 464 -32.70 13.14 -40.04
C ILE M 464 -34.20 13.24 -39.82
N VAL M 465 -34.94 12.26 -40.31
CA VAL M 465 -36.38 12.19 -40.13
C VAL M 465 -36.68 10.91 -39.38
N GLU M 466 -37.26 11.02 -38.19
CA GLU M 466 -37.68 9.87 -37.42
C GLU M 466 -39.17 9.90 -37.14
N ALA M 467 -39.87 8.84 -37.51
CA ALA M 467 -41.29 8.71 -37.21
C ALA M 467 -41.53 7.42 -36.45
N ASN M 468 -42.16 7.50 -35.28
CA ASN M 468 -42.51 6.34 -34.49
C ASN M 468 -44.00 6.34 -34.21
N VAL M 469 -44.68 5.28 -34.63
CA VAL M 469 -46.11 5.11 -34.36
C VAL M 469 -46.30 3.89 -33.50
N GLY M 470 -46.93 4.08 -32.35
CA GLY M 470 -47.17 2.99 -31.43
C GLY M 470 -48.56 2.71 -30.92
N TYR M 471 -49.00 1.46 -31.07
CA TYR M 471 -50.25 0.95 -30.54
C TYR M 471 -50.06 -0.22 -29.58
N ASP M 472 -50.51 -0.09 -28.34
CA ASP M 472 -50.45 -1.19 -27.39
C ASP M 472 -51.82 -1.39 -26.76
N LYS M 473 -52.35 -2.61 -26.84
CA LYS M 473 -53.59 -2.93 -26.14
C LYS M 473 -53.43 -4.15 -25.25
N SER M 474 -53.92 -4.05 -24.02
CA SER M 474 -53.90 -5.17 -23.09
C SER M 474 -55.30 -5.29 -22.50
N LEU M 475 -55.84 -6.51 -22.48
CA LEU M 475 -57.17 -6.73 -21.94
C LEU M 475 -57.10 -7.80 -20.86
N GLY M 476 -57.50 -7.43 -19.64
CA GLY M 476 -57.75 -8.29 -18.51
C GLY M 476 -59.22 -8.56 -18.26
N VAL M 477 -59.68 -9.80 -18.46
CA VAL M 477 -61.09 -10.12 -18.37
C VAL M 477 -61.33 -10.96 -17.10
N ARG M 478 -62.27 -10.50 -16.26
CA ARG M 478 -62.28 -10.82 -14.84
C ARG M 478 -63.70 -11.14 -14.38
N TRP M 479 -63.88 -12.36 -13.86
CA TRP M 479 -65.16 -12.85 -13.33
C TRP M 479 -65.02 -13.35 -11.90
N GLY M 480 -65.28 -12.49 -10.91
CA GLY M 480 -65.15 -12.99 -9.56
C GLY M 480 -66.41 -12.96 -8.72
N GLY M 481 -66.82 -14.15 -8.27
CA GLY M 481 -67.90 -14.35 -7.32
C GLY M 481 -67.39 -15.24 -6.20
N ALA M 482 -67.42 -14.79 -4.95
CA ALA M 482 -67.02 -15.66 -3.86
C ALA M 482 -68.16 -16.46 -3.24
N TYR M 483 -69.42 -16.16 -3.59
CA TYR M 483 -70.52 -16.88 -2.95
C TYR M 483 -70.45 -18.35 -3.31
N HIS M 484 -70.22 -18.66 -4.59
CA HIS M 484 -70.11 -20.03 -5.05
C HIS M 484 -68.65 -20.37 -5.33
N LYS M 485 -67.75 -19.56 -4.77
CA LYS M 485 -66.31 -19.73 -4.94
C LYS M 485 -65.90 -19.87 -6.39
N GLY M 486 -66.53 -19.10 -7.27
CA GLY M 486 -66.11 -19.10 -8.64
C GLY M 486 -65.46 -17.81 -9.10
N ASN M 487 -64.15 -17.85 -9.34
CA ASN M 487 -63.45 -16.62 -9.68
C ASN M 487 -62.26 -16.90 -10.59
N TRP M 488 -62.36 -16.36 -11.80
CA TRP M 488 -61.30 -16.40 -12.80
C TRP M 488 -60.77 -14.99 -13.03
N SER M 489 -59.44 -14.85 -12.95
CA SER M 489 -58.81 -13.54 -13.02
C SER M 489 -58.41 -13.12 -14.42
N GLY M 490 -58.60 -11.83 -14.68
CA GLY M 490 -58.15 -11.26 -15.94
C GLY M 490 -56.65 -11.19 -15.89
N TYR M 491 -56.06 -10.66 -16.95
CA TYR M 491 -54.62 -10.53 -16.97
C TYR M 491 -54.17 -9.18 -17.50
N GLY M 492 -54.62 -8.81 -18.69
CA GLY M 492 -54.18 -7.54 -19.25
C GLY M 492 -54.31 -6.43 -18.23
N LYS M 493 -55.48 -6.35 -17.59
CA LYS M 493 -55.67 -5.54 -16.39
C LYS M 493 -56.28 -6.46 -15.33
N ASP M 494 -55.46 -7.37 -14.81
CA ASP M 494 -55.87 -8.53 -14.01
C ASP M 494 -56.94 -8.20 -12.98
N GLY M 495 -57.97 -9.04 -12.93
CA GLY M 495 -59.00 -8.90 -11.91
C GLY M 495 -59.63 -10.23 -11.50
N ASN M 496 -59.81 -10.47 -10.21
CA ASN M 496 -60.40 -11.73 -9.76
C ASN M 496 -61.15 -11.41 -8.48
N ILE M 497 -62.44 -11.18 -8.61
CA ILE M 497 -63.16 -10.53 -7.54
C ILE M 497 -63.26 -11.41 -6.30
N GLY M 498 -62.99 -12.71 -6.40
CA GLY M 498 -63.03 -13.54 -5.21
C GLY M 498 -61.93 -13.20 -4.22
N ILE M 499 -60.71 -12.94 -4.72
CA ILE M 499 -59.60 -12.62 -3.83
C ILE M 499 -59.91 -11.38 -3.00
N LYS M 500 -60.52 -10.37 -3.60
CA LYS M 500 -60.88 -9.18 -2.84
C LYS M 500 -62.29 -9.29 -2.29
N ASP M 501 -62.97 -10.41 -2.56
CA ASP M 501 -64.12 -10.81 -1.77
C ASP M 501 -63.65 -11.33 -0.43
N GLU M 502 -62.38 -11.72 -0.36
CA GLU M 502 -61.80 -12.04 0.94
C GLU M 502 -61.57 -10.75 1.71
N ASP M 503 -61.11 -9.72 1.01
CA ASP M 503 -61.01 -8.37 1.53
C ASP M 503 -62.38 -7.86 1.97
N PRO M 527 -67.64 -2.57 -1.78
CA PRO M 527 -67.83 -2.38 -3.23
C PRO M 527 -67.64 -0.93 -3.68
N PHE M 528 -68.24 0.04 -2.99
CA PHE M 528 -68.09 1.43 -3.44
C PHE M 528 -66.64 1.89 -3.27
N VAL M 529 -65.94 1.44 -2.23
CA VAL M 529 -64.56 1.90 -2.01
C VAL M 529 -63.56 0.98 -2.68
N ASP M 530 -63.67 -0.34 -2.47
CA ASP M 530 -62.67 -1.27 -2.99
C ASP M 530 -62.70 -1.30 -4.51
N LEU M 531 -63.89 -1.40 -5.10
CA LEU M 531 -63.96 -1.40 -6.56
C LEU M 531 -63.55 -0.06 -7.15
N GLY M 532 -63.95 1.05 -6.54
CA GLY M 532 -63.53 2.36 -7.07
C GLY M 532 -62.04 2.43 -7.33
N ALA M 533 -61.24 2.10 -6.32
CA ALA M 533 -59.79 2.11 -6.45
C ALA M 533 -59.36 1.00 -7.40
N LYS M 534 -59.85 -0.22 -7.18
CA LYS M 534 -59.45 -1.34 -8.01
C LYS M 534 -59.64 -0.98 -9.47
N ASP M 535 -60.77 -0.34 -9.79
CA ASP M 535 -61.21 -0.04 -11.14
C ASP M 535 -60.73 1.33 -11.57
N ALA M 536 -59.84 1.94 -10.80
CA ALA M 536 -59.35 3.27 -11.16
C ALA M 536 -58.72 3.25 -12.56
N THR M 537 -58.11 2.12 -12.90
CA THR M 537 -57.31 1.96 -14.12
C THR M 537 -58.07 2.39 -15.36
N SER M 538 -57.33 3.01 -16.30
CA SER M 538 -57.79 3.53 -17.59
C SER M 538 -59.04 2.84 -18.10
N GLY M 539 -58.93 1.56 -18.36
CA GLY M 539 -60.04 0.86 -18.94
C GLY M 539 -60.57 -0.23 -18.06
N ILE M 540 -61.70 0.03 -17.41
CA ILE M 540 -62.39 -0.94 -16.60
C ILE M 540 -63.87 -0.91 -16.94
N GLY M 541 -64.44 -2.06 -17.28
CA GLY M 541 -65.87 -2.13 -17.47
C GLY M 541 -66.42 -2.92 -16.30
N ILE M 542 -67.15 -2.29 -15.40
CA ILE M 542 -67.61 -2.92 -14.17
C ILE M 542 -69.07 -3.31 -14.30
N GLY M 543 -69.36 -4.59 -14.05
CA GLY M 543 -70.69 -5.06 -13.75
C GLY M 543 -70.65 -5.50 -12.30
N PHE M 544 -71.51 -4.95 -11.46
CA PHE M 544 -71.51 -5.36 -10.07
C PHE M 544 -72.91 -5.76 -9.64
N ILE M 545 -73.01 -6.87 -8.93
CA ILE M 545 -74.19 -7.12 -8.11
C ILE M 545 -73.68 -7.07 -6.68
N THR M 546 -74.44 -6.41 -5.81
CA THR M 546 -74.10 -6.41 -4.40
C THR M 546 -75.29 -6.78 -3.53
N ASP M 547 -76.48 -6.37 -3.98
CA ASP M 547 -77.66 -6.49 -3.13
C ASP M 547 -78.01 -7.94 -2.84
N ASN M 548 -78.16 -8.75 -3.89
CA ASN M 548 -78.41 -10.17 -3.69
C ASN M 548 -77.15 -10.88 -3.22
N ILE M 549 -76.06 -10.64 -3.94
CA ILE M 549 -74.74 -11.21 -3.69
C ILE M 549 -73.80 -10.20 -4.31
N ILE M 550 -72.57 -10.17 -3.85
CA ILE M 550 -71.58 -9.33 -4.50
C ILE M 550 -70.80 -10.22 -5.46
N LEU M 551 -71.09 -10.01 -6.74
CA LEU M 551 -70.49 -10.75 -7.85
C LEU M 551 -70.07 -9.68 -8.85
N ASP M 552 -68.77 -9.50 -8.99
CA ASP M 552 -68.21 -8.44 -9.82
C ASP M 552 -67.57 -9.02 -11.08
N LEU M 553 -68.00 -8.51 -12.23
CA LEU M 553 -67.56 -9.00 -13.54
C LEU M 553 -67.12 -7.81 -14.40
N GLN M 554 -65.82 -7.68 -14.60
CA GLN M 554 -65.25 -6.53 -15.27
C GLN M 554 -64.37 -6.92 -16.45
N LEU M 555 -64.46 -6.15 -17.52
CA LEU M 555 -63.58 -6.34 -18.67
C LEU M 555 -62.73 -5.08 -18.66
N SER M 556 -61.44 -5.22 -18.40
CA SER M 556 -60.58 -4.07 -18.22
C SER M 556 -59.54 -4.04 -19.35
N ALA M 557 -59.67 -3.06 -20.23
CA ALA M 557 -58.90 -2.98 -21.46
C ALA M 557 -58.25 -1.62 -21.65
N MET M 558 -57.01 -1.63 -22.17
CA MET M 558 -56.23 -0.43 -22.41
C MET M 558 -55.71 -0.42 -23.84
N GLU M 559 -55.88 0.70 -24.51
CA GLU M 559 -55.28 0.96 -25.81
C GLU M 559 -54.53 2.26 -25.71
N LYS M 560 -53.24 2.22 -26.01
CA LYS M 560 -52.40 3.38 -25.90
C LYS M 560 -51.77 3.61 -27.27
N THR M 561 -51.80 4.84 -27.76
CA THR M 561 -51.14 5.14 -29.02
C THR M 561 -50.23 6.36 -28.87
N GLY M 562 -48.96 6.19 -29.21
CA GLY M 562 -48.01 7.28 -29.19
C GLY M 562 -47.18 7.40 -30.45
N ASN M 563 -47.16 8.56 -31.10
CA ASN M 563 -46.31 8.76 -32.27
C ASN M 563 -45.40 9.95 -32.04
N GLY M 564 -44.10 9.71 -32.15
CA GLY M 564 -43.17 10.80 -32.05
C GLY M 564 -42.34 10.87 -33.31
N GLU M 565 -42.33 12.03 -33.97
CA GLU M 565 -41.52 12.24 -35.15
C GLU M 565 -40.64 13.46 -34.94
N ILE M 566 -39.34 13.28 -35.11
CA ILE M 566 -38.40 14.38 -35.00
C ILE M 566 -37.61 14.50 -36.29
N VAL M 567 -37.63 15.68 -36.88
CA VAL M 567 -36.94 15.95 -38.13
C VAL M 567 -35.98 17.10 -37.93
N SER M 568 -34.68 16.81 -37.94
CA SER M 568 -33.65 17.81 -37.69
C SER M 568 -32.70 17.92 -38.87
N GLN M 569 -32.43 19.13 -39.35
CA GLN M 569 -31.47 19.29 -40.44
C GLN M 569 -30.41 20.32 -40.12
N PRO M 570 -29.18 19.89 -39.95
CA PRO M 570 -28.03 20.77 -39.83
C PRO M 570 -27.26 21.03 -41.12
N LYS M 571 -26.93 22.29 -41.38
CA LYS M 571 -26.21 22.71 -42.57
C LYS M 571 -24.83 23.21 -42.17
N VAL M 572 -23.78 22.67 -42.82
CA VAL M 572 -22.39 22.99 -42.50
C VAL M 572 -21.65 23.51 -43.72
N VAL M 573 -20.89 24.60 -43.57
CA VAL M 573 -20.04 25.10 -44.65
C VAL M 573 -18.61 24.63 -44.41
N THR M 574 -18.07 23.88 -45.38
CA THR M 574 -16.77 23.22 -45.26
C THR M 574 -15.84 23.52 -46.41
N SER M 575 -14.55 23.61 -46.13
CA SER M 575 -13.61 23.70 -47.22
C SER M 575 -13.64 22.38 -48.01
N ASP M 576 -13.03 22.37 -49.19
CA ASP M 576 -13.05 21.20 -50.06
C ASP M 576 -11.96 20.24 -49.62
N LYS M 577 -12.33 18.97 -49.42
CA LYS M 577 -11.39 17.93 -48.97
C LYS M 577 -10.98 18.14 -47.52
N GLU M 578 -11.67 19.02 -46.82
CA GLU M 578 -11.38 19.35 -45.43
C GLU M 578 -12.59 18.94 -44.62
N THR M 579 -12.38 18.72 -43.34
CA THR M 579 -13.48 18.44 -42.44
C THR M 579 -14.02 19.69 -41.77
N ALA M 580 -15.34 19.71 -41.65
CA ALA M 580 -16.06 20.70 -40.87
C ALA M 580 -17.14 19.95 -40.13
N LYS M 581 -17.55 20.51 -38.99
CA LYS M 581 -18.39 19.76 -38.08
C LYS M 581 -19.41 20.67 -37.44
N ILE M 582 -20.67 20.25 -37.49
CA ILE M 582 -21.72 20.92 -36.74
C ILE M 582 -22.12 19.94 -35.65
N LEU M 583 -22.17 20.43 -34.41
CA LEU M 583 -22.52 19.58 -33.30
C LEU M 583 -23.47 20.33 -32.38
N LYS M 584 -24.66 19.78 -32.21
CA LYS M 584 -25.76 20.40 -31.47
C LYS M 584 -26.16 19.46 -30.34
N GLY M 585 -25.47 19.52 -29.23
CA GLY M 585 -25.74 18.58 -28.16
C GLY M 585 -25.28 18.95 -26.79
N SER M 586 -24.94 17.92 -26.01
CA SER M 586 -24.61 18.04 -24.59
C SER M 586 -23.70 16.88 -24.25
N GLU M 587 -22.79 17.06 -23.31
CA GLU M 587 -21.69 16.11 -23.21
C GLU M 587 -21.84 15.18 -22.01
N VAL M 588 -22.40 14.00 -22.28
CA VAL M 588 -22.62 12.94 -21.32
C VAL M 588 -21.29 12.37 -20.84
N PRO M 589 -20.97 12.63 -19.59
CA PRO M 589 -19.73 12.18 -18.97
C PRO M 589 -19.89 10.85 -18.24
N TYR M 590 -18.77 10.36 -17.73
CA TYR M 590 -18.75 9.28 -16.76
C TYR M 590 -17.61 9.66 -15.82
N GLN M 591 -17.92 9.83 -14.55
CA GLN M 591 -16.93 10.26 -13.56
C GLN M 591 -16.60 9.03 -12.71
N GLU M 592 -15.56 8.32 -13.08
CA GLU M 592 -15.01 7.25 -12.25
C GLU M 592 -13.76 7.80 -11.57
N ALA M 593 -13.88 8.18 -10.29
CA ALA M 593 -12.76 8.81 -9.60
C ALA M 593 -12.06 7.80 -8.68
N SER M 594 -11.09 7.10 -9.23
CA SER M 594 -10.60 5.84 -8.67
C SER M 594 -9.25 6.26 -8.11
N SER M 595 -9.26 6.45 -6.78
CA SER M 595 -8.20 7.10 -6.02
C SER M 595 -6.81 6.77 -6.50
N SER M 596 -6.49 5.48 -6.61
CA SER M 596 -5.12 5.07 -6.87
C SER M 596 -4.79 5.21 -8.37
N GLY M 597 -4.72 6.47 -8.78
CA GLY M 597 -4.14 6.85 -10.05
C GLY M 597 -5.05 6.91 -11.26
N ALA M 598 -6.31 6.50 -11.18
CA ALA M 598 -7.15 6.68 -12.37
C ALA M 598 -8.30 7.63 -12.08
N THR M 599 -8.37 8.73 -12.82
CA THR M 599 -9.46 9.69 -12.67
C THR M 599 -10.17 9.78 -14.01
N SER M 600 -11.09 8.84 -14.23
CA SER M 600 -11.77 8.73 -15.50
C SER M 600 -12.88 9.79 -15.47
N THR M 601 -12.45 11.04 -15.61
CA THR M 601 -13.40 12.14 -15.71
C THR M 601 -13.83 12.24 -17.17
N SER M 602 -14.37 11.13 -17.64
CA SER M 602 -14.71 10.97 -19.03
C SER M 602 -15.91 11.82 -19.37
N PHE M 603 -15.97 12.26 -20.62
CA PHE M 603 -17.17 12.88 -21.14
C PHE M 603 -17.16 12.71 -22.65
N LYS M 604 -18.33 12.90 -23.24
CA LYS M 604 -18.54 12.68 -24.67
C LYS M 604 -19.84 13.38 -24.98
N GLU M 605 -19.87 14.18 -26.03
CA GLU M 605 -21.08 14.92 -26.32
C GLU M 605 -22.03 14.14 -27.22
N ALA M 606 -23.20 13.87 -26.67
CA ALA M 606 -24.32 13.27 -27.35
C ALA M 606 -24.96 14.48 -28.00
N ALA M 607 -24.50 14.73 -29.21
CA ALA M 607 -24.87 15.89 -30.00
C ALA M 607 -25.26 15.41 -31.39
N LEU M 608 -26.19 16.12 -31.99
CA LEU M 608 -26.33 15.84 -33.41
C LEU M 608 -25.04 16.34 -34.03
N SER M 609 -24.61 15.70 -35.11
CA SER M 609 -23.42 16.24 -35.73
C SER M 609 -23.26 15.74 -37.15
N LEU M 610 -22.57 16.58 -37.91
CA LEU M 610 -22.11 16.26 -39.24
C LEU M 610 -20.63 16.59 -39.25
N GLU M 611 -19.81 15.60 -39.55
CA GLU M 611 -18.38 15.81 -39.74
C GLU M 611 -18.09 15.42 -41.18
N VAL M 612 -17.87 16.42 -42.02
CA VAL M 612 -17.81 16.23 -43.46
C VAL M 612 -16.44 16.58 -44.01
N THR M 613 -15.97 15.74 -44.94
CA THR M 613 -14.76 15.97 -45.72
C THR M 613 -15.18 15.80 -47.18
N PRO M 614 -15.70 16.86 -47.78
CA PRO M 614 -16.15 16.81 -49.19
C PRO M 614 -15.02 16.94 -50.19
N GLN M 615 -15.05 16.11 -51.24
CA GLN M 615 -14.16 16.26 -52.39
C GLN M 615 -15.02 16.66 -53.59
N ILE M 616 -14.70 17.80 -54.19
CA ILE M 616 -15.53 18.39 -55.22
C ILE M 616 -15.07 17.96 -56.60
N THR M 617 -15.95 17.34 -57.35
CA THR M 617 -15.69 16.90 -58.70
C THR M 617 -16.46 17.79 -59.68
N PRO M 618 -16.00 17.89 -60.95
CA PRO M 618 -16.41 19.02 -61.80
C PRO M 618 -17.90 19.19 -61.95
N ASP M 619 -18.65 18.12 -62.09
CA ASP M 619 -20.05 18.31 -62.40
C ASP M 619 -20.77 18.62 -61.10
N ASN M 620 -20.25 19.59 -60.33
CA ASN M 620 -20.94 20.01 -59.13
C ASN M 620 -21.30 18.79 -58.32
N ARG M 621 -20.30 17.95 -58.07
CA ARG M 621 -20.57 16.77 -57.27
C ARG M 621 -19.52 16.71 -56.20
N ILE M 622 -19.83 15.93 -55.17
CA ILE M 622 -18.91 15.67 -54.08
C ILE M 622 -18.89 14.21 -53.68
N ILE M 623 -17.70 13.65 -53.55
CA ILE M 623 -17.52 12.40 -52.83
C ILE M 623 -17.09 12.86 -51.44
N VAL M 624 -17.90 12.61 -50.43
CA VAL M 624 -17.61 13.16 -49.11
C VAL M 624 -17.51 12.01 -48.12
N GLU M 625 -16.52 12.09 -47.25
CA GLU M 625 -16.49 11.22 -46.07
C GLU M 625 -17.25 11.97 -44.99
N VAL M 626 -18.41 11.46 -44.63
CA VAL M 626 -19.28 12.11 -43.67
C VAL M 626 -19.59 11.17 -42.51
N LYS M 627 -19.35 11.67 -41.32
CA LYS M 627 -19.87 11.13 -40.08
C LYS M 627 -21.16 11.86 -39.76
N VAL M 628 -22.27 11.13 -39.74
CA VAL M 628 -23.57 11.71 -39.44
C VAL M 628 -24.04 10.99 -38.18
N THR M 629 -23.97 11.67 -37.04
CA THR M 629 -24.30 11.02 -35.78
C THR M 629 -25.36 11.75 -35.00
N LYS M 630 -26.30 10.99 -34.47
CA LYS M 630 -27.26 11.50 -33.51
C LYS M 630 -27.09 10.66 -32.26
N ASP M 631 -26.89 11.29 -31.13
CA ASP M 631 -26.74 10.55 -29.90
C ASP M 631 -27.47 11.30 -28.80
N ALA M 632 -27.67 10.63 -27.68
CA ALA M 632 -28.52 11.33 -26.75
C ALA M 632 -28.33 10.84 -25.33
N PRO M 633 -28.32 11.77 -24.37
CA PRO M 633 -28.10 11.44 -22.96
C PRO M 633 -28.96 10.30 -22.46
N ASP M 634 -28.34 9.46 -21.65
CA ASP M 634 -28.91 8.21 -21.21
C ASP M 634 -29.66 8.37 -19.91
N TYR M 635 -30.80 7.67 -19.79
CA TYR M 635 -31.48 7.61 -18.52
C TYR M 635 -30.58 7.09 -17.43
N GLN M 636 -29.94 5.94 -17.63
CA GLN M 636 -29.12 5.36 -16.57
C GLN M 636 -27.96 6.30 -16.24
N ASN M 637 -27.46 7.05 -17.24
CA ASN M 637 -26.44 8.06 -16.98
C ASN M 637 -27.00 9.17 -16.11
N MET M 638 -28.18 9.68 -16.48
CA MET M 638 -28.84 10.66 -15.64
C MET M 638 -29.21 10.01 -14.32
N LEU M 639 -29.39 8.69 -14.33
CA LEU M 639 -29.64 7.88 -13.16
C LEU M 639 -28.37 7.63 -12.37
N ASN M 640 -27.21 7.92 -12.97
CA ASN M 640 -25.92 7.59 -12.39
C ASN M 640 -25.83 6.09 -12.10
N GLY M 641 -26.41 5.30 -13.00
CA GLY M 641 -26.35 3.86 -12.92
C GLY M 641 -25.39 3.38 -13.98
N VAL M 642 -25.69 2.27 -14.64
CA VAL M 642 -24.91 1.81 -15.79
C VAL M 642 -25.55 2.43 -17.03
N PRO M 643 -24.89 3.39 -17.67
CA PRO M 643 -25.54 4.25 -18.70
C PRO M 643 -25.56 3.74 -20.13
N PRO M 644 -26.72 3.28 -20.66
CA PRO M 644 -26.78 3.03 -22.11
C PRO M 644 -27.22 4.28 -22.87
N ILE M 645 -26.26 5.08 -23.30
CA ILE M 645 -26.53 6.27 -24.11
C ILE M 645 -27.03 5.89 -25.50
N ASN M 646 -27.88 6.74 -26.08
CA ASN M 646 -28.45 6.40 -27.37
C ASN M 646 -27.48 6.79 -28.47
N LYS M 647 -27.37 5.94 -29.49
CA LYS M 647 -26.50 6.25 -30.62
C LYS M 647 -27.15 5.75 -31.90
N ASN M 648 -27.40 6.67 -32.83
CA ASN M 648 -27.73 6.40 -34.23
C ASN M 648 -26.67 7.07 -35.09
N GLU M 649 -25.69 6.33 -35.58
CA GLU M 649 -24.61 6.98 -36.30
C GLU M 649 -24.26 6.23 -37.57
N VAL M 650 -24.14 6.97 -38.66
CA VAL M 650 -23.64 6.42 -39.92
C VAL M 650 -22.33 7.10 -40.27
N ASN M 651 -21.33 6.31 -40.58
CA ASN M 651 -20.02 6.83 -40.97
C ASN M 651 -19.68 6.26 -42.34
N ALA M 652 -19.51 7.13 -43.33
CA ALA M 652 -19.34 6.60 -44.67
C ALA M 652 -18.95 7.70 -45.64
N LYS M 653 -18.32 7.30 -46.74
CA LYS M 653 -17.98 8.22 -47.82
C LYS M 653 -18.85 7.88 -49.02
N ILE M 654 -19.60 8.87 -49.52
CA ILE M 654 -20.51 8.65 -50.64
C ILE M 654 -20.40 9.82 -51.62
N LEU M 655 -20.78 9.55 -52.87
CA LEU M 655 -20.76 10.55 -53.92
C LEU M 655 -22.18 10.97 -54.31
N VAL M 656 -22.43 12.29 -54.34
CA VAL M 656 -23.69 12.85 -54.81
C VAL M 656 -23.38 14.13 -55.57
N ASN M 657 -24.24 14.50 -56.52
CA ASN M 657 -23.95 15.83 -57.03
C ASN M 657 -24.39 16.87 -56.02
N ASP M 658 -23.88 18.07 -56.24
CA ASP M 658 -24.17 19.17 -55.34
C ASP M 658 -25.67 19.46 -55.30
N GLY M 659 -26.32 19.42 -56.45
CA GLY M 659 -27.73 19.74 -56.44
C GLY M 659 -28.61 18.66 -55.88
N GLU M 660 -28.03 17.62 -55.29
CA GLU M 660 -28.68 16.33 -55.17
C GLU M 660 -28.71 15.84 -53.74
N THR M 661 -29.85 15.26 -53.38
CA THR M 661 -30.08 14.72 -52.06
C THR M 661 -30.22 13.22 -52.18
N ILE M 662 -29.52 12.48 -51.32
CA ILE M 662 -29.68 11.04 -51.29
C ILE M 662 -29.97 10.67 -49.85
N VAL M 663 -30.44 9.45 -49.68
CA VAL M 663 -30.65 8.93 -48.34
C VAL M 663 -29.39 8.20 -47.99
N ILE M 664 -28.61 8.77 -47.07
CA ILE M 664 -27.36 8.14 -46.67
C ILE M 664 -27.68 6.79 -46.10
N GLY M 665 -28.77 6.73 -45.35
CA GLY M 665 -29.24 5.48 -44.80
C GLY M 665 -30.55 5.69 -44.08
N GLY M 666 -31.08 4.59 -43.59
CA GLY M 666 -32.30 4.64 -42.83
C GLY M 666 -32.74 3.24 -42.48
N VAL M 667 -33.64 3.17 -41.51
CA VAL M 667 -34.10 1.88 -41.03
C VAL M 667 -35.54 1.97 -40.55
N PHE M 668 -36.32 0.98 -40.94
CA PHE M 668 -37.67 0.79 -40.42
C PHE M 668 -37.68 -0.37 -39.44
N SER M 669 -38.20 -0.13 -38.24
CA SER M 669 -38.37 -1.15 -37.20
C SER M 669 -39.85 -1.52 -37.06
N ASN M 670 -40.21 -2.74 -37.46
CA ASN M 670 -41.60 -3.21 -37.40
C ASN M 670 -41.77 -4.19 -36.24
N GLU M 671 -42.44 -3.76 -35.19
CA GLU M 671 -42.70 -4.57 -34.01
C GLU M 671 -44.10 -5.13 -33.99
N GLN M 672 -44.21 -6.46 -33.93
CA GLN M 672 -45.51 -7.11 -33.77
C GLN M 672 -45.42 -8.00 -32.55
N SER M 673 -46.14 -7.63 -31.49
CA SER M 673 -46.10 -8.36 -30.23
C SER M 673 -47.50 -8.82 -29.85
N LYS M 674 -47.63 -10.09 -29.52
CA LYS M 674 -48.89 -10.65 -29.07
C LYS M 674 -48.66 -11.48 -27.82
N SER M 675 -49.55 -11.30 -26.85
CA SER M 675 -49.50 -11.99 -25.57
C SER M 675 -50.94 -12.35 -25.23
N VAL M 676 -51.23 -13.63 -25.10
CA VAL M 676 -52.58 -14.05 -24.75
C VAL M 676 -52.51 -14.96 -23.54
N GLU M 677 -53.32 -14.64 -22.54
CA GLU M 677 -53.41 -15.36 -21.29
C GLU M 677 -54.82 -15.86 -21.08
N LYS M 678 -54.98 -17.16 -20.92
CA LYS M 678 -56.33 -17.68 -20.92
C LYS M 678 -56.45 -18.91 -20.03
N VAL M 679 -57.39 -18.85 -19.09
CA VAL M 679 -57.84 -20.11 -18.53
C VAL M 679 -58.31 -20.99 -19.68
N PRO M 680 -57.74 -22.18 -19.82
CA PRO M 680 -58.06 -23.00 -20.99
C PRO M 680 -59.52 -23.38 -21.04
N PHE M 681 -60.07 -23.85 -19.93
CA PHE M 681 -61.44 -24.35 -19.95
C PHE M 681 -62.43 -23.24 -20.25
N LEU M 682 -62.33 -22.12 -19.53
CA LEU M 682 -63.24 -21.01 -19.82
C LEU M 682 -62.90 -20.37 -21.15
N GLY M 683 -61.60 -20.29 -21.47
CA GLY M 683 -61.21 -19.73 -22.76
C GLY M 683 -61.87 -20.51 -23.88
N GLU M 684 -62.02 -21.82 -23.69
CA GLU M 684 -62.66 -22.68 -24.68
C GLU M 684 -64.08 -22.23 -24.94
N LEU M 685 -64.77 -21.77 -23.91
CA LEU M 685 -66.16 -21.38 -24.06
C LEU M 685 -66.26 -20.28 -25.10
N PRO M 686 -67.16 -20.42 -26.07
CA PRO M 686 -67.24 -19.40 -27.14
C PRO M 686 -67.68 -18.04 -26.62
N TYR M 687 -68.64 -18.02 -25.71
CA TYR M 687 -69.20 -16.76 -25.25
C TYR M 687 -68.41 -16.18 -24.09
N LEU M 688 -67.62 -17.02 -23.43
CA LEU M 688 -66.88 -16.62 -22.24
C LEU M 688 -65.38 -16.62 -22.46
N GLY M 689 -64.89 -17.19 -23.56
CA GLY M 689 -63.46 -17.20 -23.76
C GLY M 689 -62.92 -15.79 -23.90
N ARG M 690 -63.63 -14.95 -24.66
CA ARG M 690 -63.22 -13.55 -24.76
C ARG M 690 -63.21 -12.94 -23.37
N LEU M 691 -64.13 -13.38 -22.53
CA LEU M 691 -64.26 -12.96 -21.15
C LEU M 691 -63.28 -13.70 -20.26
N PHE M 692 -62.52 -14.65 -20.82
CA PHE M 692 -61.51 -15.37 -20.07
C PHE M 692 -60.23 -15.58 -20.87
N ARG M 693 -60.07 -14.83 -21.96
CA ARG M 693 -58.83 -14.79 -22.75
C ARG M 693 -58.39 -13.34 -22.77
N ARG M 694 -57.20 -13.10 -22.24
CA ARG M 694 -56.61 -11.79 -22.10
C ARG M 694 -55.59 -11.55 -23.21
N ASP M 695 -55.91 -10.68 -24.14
CA ASP M 695 -55.07 -10.43 -25.29
C ASP M 695 -54.41 -9.07 -25.13
N THR M 696 -53.09 -9.05 -25.25
CA THR M 696 -52.31 -7.84 -25.34
C THR M 696 -51.51 -7.90 -26.63
N VAL M 697 -51.78 -6.98 -27.53
CA VAL M 697 -51.06 -6.88 -28.79
C VAL M 697 -50.50 -5.47 -28.89
N THR M 698 -49.20 -5.38 -29.09
CA THR M 698 -48.57 -4.09 -29.26
C THR M 698 -47.72 -4.09 -30.52
N ASP M 699 -47.93 -3.07 -31.35
CA ASP M 699 -47.12 -2.82 -32.52
C ASP M 699 -46.55 -1.42 -32.35
N ARG M 700 -45.24 -1.32 -32.18
CA ARG M 700 -44.61 -0.03 -32.10
C ARG M 700 -43.56 -0.04 -33.20
N LYS M 701 -43.71 0.85 -34.16
CA LYS M 701 -42.79 0.87 -35.29
C LYS M 701 -42.25 2.27 -35.54
N ASN M 702 -40.94 2.40 -35.40
CA ASN M 702 -40.23 3.64 -35.64
C ASN M 702 -39.27 3.45 -36.79
N GLU M 703 -39.30 4.37 -37.73
CA GLU M 703 -38.39 4.37 -38.86
C GLU M 703 -37.58 5.64 -38.79
N LEU M 704 -36.28 5.51 -39.03
CA LEU M 704 -35.37 6.64 -39.06
C LEU M 704 -34.67 6.67 -40.41
N LEU M 705 -34.60 7.86 -41.02
CA LEU M 705 -33.96 8.04 -42.31
C LEU M 705 -33.12 9.31 -42.31
N VAL M 706 -31.95 9.25 -42.94
CA VAL M 706 -31.06 10.41 -43.08
C VAL M 706 -30.91 10.78 -44.55
N PHE M 707 -31.29 12.01 -44.91
CA PHE M 707 -30.97 12.54 -46.23
C PHE M 707 -29.66 13.30 -46.17
N LEU M 708 -29.18 13.75 -47.33
CA LEU M 708 -28.09 14.71 -47.43
C LEU M 708 -28.09 15.37 -48.80
N THR M 709 -27.80 16.68 -48.82
CA THR M 709 -27.55 17.44 -50.04
C THR M 709 -26.39 18.41 -49.86
N PRO M 710 -25.35 18.34 -50.69
CA PRO M 710 -24.26 19.30 -50.54
C PRO M 710 -24.37 20.42 -51.55
N ARG M 711 -24.37 21.67 -51.16
CA ARG M 711 -24.44 22.79 -52.10
C ARG M 711 -23.07 23.44 -52.11
N ILE M 712 -22.35 23.27 -53.22
CA ILE M 712 -20.99 23.78 -53.26
C ILE M 712 -20.98 25.28 -53.05
N MET M 713 -20.16 25.72 -52.09
CA MET M 713 -19.97 27.13 -51.79
C MET M 713 -18.86 27.69 -52.65
N ASN M 714 -18.16 26.83 -53.40
CA ASN M 714 -17.27 27.33 -54.44
C ASN M 714 -18.01 28.21 -55.42
N ASN M 715 -19.31 27.93 -55.63
CA ASN M 715 -20.07 28.75 -56.57
C ASN M 715 -19.96 30.19 -56.12
N GLN M 716 -19.82 30.36 -54.81
CA GLN M 716 -19.60 31.63 -54.16
C GLN M 716 -18.13 31.78 -53.78
N ALA M 717 -17.45 30.67 -53.44
CA ALA M 717 -16.06 30.70 -52.99
C ALA M 717 -15.11 30.96 -54.15
N ILE M 718 -15.49 30.53 -55.36
CA ILE M 718 -14.64 30.86 -56.51
C ILE M 718 -14.81 32.34 -56.80
N ALA M 719 -16.06 32.82 -56.68
CA ALA M 719 -16.37 34.23 -56.81
C ALA M 719 -15.92 34.99 -55.58
N ILE M 720 -15.62 34.26 -54.51
CA ILE M 720 -14.93 34.77 -53.34
C ILE M 720 -13.48 34.27 -53.30
N LEU N 385 10.21 16.16 -75.18
CA LEU N 385 9.16 16.06 -74.18
C LEU N 385 8.06 17.08 -74.40
N ARG N 386 6.84 16.67 -74.08
CA ARG N 386 5.64 17.46 -74.27
C ARG N 386 4.97 17.63 -72.91
N ARG N 387 4.51 18.84 -72.63
CA ARG N 387 3.80 19.12 -71.39
C ARG N 387 2.30 18.97 -71.58
N GLU N 388 1.66 18.15 -70.77
CA GLU N 388 0.22 18.07 -70.81
C GLU N 388 -0.36 18.21 -69.42
N LEU N 389 -1.42 19.00 -69.29
CA LEU N 389 -2.15 19.19 -68.03
C LEU N 389 -3.46 18.42 -68.07
N ILE N 390 -3.66 17.52 -67.11
CA ILE N 390 -4.93 16.81 -66.94
C ILE N 390 -5.41 17.01 -65.52
N GLN N 391 -6.65 17.44 -65.33
CA GLN N 391 -7.19 17.55 -63.99
C GLN N 391 -8.12 16.37 -63.76
N VAL N 392 -7.86 15.58 -62.72
CA VAL N 392 -8.72 14.46 -62.37
C VAL N 392 -9.33 14.63 -60.99
N ASN N 393 -10.63 14.93 -60.97
CA ASN N 393 -11.35 14.97 -59.70
C ASN N 393 -11.64 13.55 -59.23
N TYR N 394 -12.01 12.66 -60.16
CA TYR N 394 -12.38 11.27 -59.88
C TYR N 394 -11.22 10.31 -59.94
N ALA N 395 -10.04 10.71 -60.43
CA ALA N 395 -8.93 9.79 -60.52
C ALA N 395 -7.95 10.19 -59.43
N LYS N 396 -7.52 9.20 -58.64
CA LYS N 396 -6.53 9.46 -57.61
C LYS N 396 -5.20 9.84 -58.24
N ALA N 397 -4.53 10.84 -57.64
CA ALA N 397 -3.25 11.28 -58.17
C ALA N 397 -2.20 10.18 -58.10
N ALA N 398 -2.21 9.42 -57.00
CA ALA N 398 -1.28 8.30 -56.87
C ALA N 398 -1.48 7.28 -57.98
N ASP N 399 -2.73 7.03 -58.36
CA ASP N 399 -2.98 6.07 -59.43
C ASP N 399 -2.35 6.55 -60.72
N ILE N 400 -2.51 7.83 -61.03
CA ILE N 400 -1.92 8.39 -62.24
C ILE N 400 -0.40 8.29 -62.19
N ALA N 401 0.16 8.51 -61.00
CA ALA N 401 1.60 8.39 -60.84
C ALA N 401 2.03 6.96 -61.12
N LYS N 402 1.25 5.99 -60.64
CA LYS N 402 1.56 4.58 -60.91
C LYS N 402 1.50 4.28 -62.38
N LEU N 403 0.53 4.90 -63.07
CA LEU N 403 0.42 4.71 -64.52
C LEU N 403 1.68 5.20 -65.21
N PHE N 404 2.17 6.37 -64.80
CA PHE N 404 3.40 6.87 -65.40
C PHE N 404 4.61 6.02 -65.01
N GLN N 405 4.64 5.52 -63.78
CA GLN N 405 5.75 4.68 -63.35
C GLN N 405 5.81 3.40 -64.18
N SER N 406 4.66 2.79 -64.42
CA SER N 406 4.64 1.62 -65.30
C SER N 406 5.05 2.04 -66.71
N VAL N 407 4.63 3.22 -67.12
CA VAL N 407 5.01 3.72 -68.44
C VAL N 407 6.53 3.81 -68.54
N THR N 408 7.17 4.27 -67.47
CA THR N 408 8.63 4.28 -67.42
C THR N 408 9.18 2.86 -67.47
N SER N 409 8.50 1.92 -66.82
CA SER N 409 8.91 0.52 -66.90
C SER N 409 8.89 0.05 -68.36
N ASP N 410 7.94 0.57 -69.15
CA ASP N 410 7.94 0.25 -70.57
C ASP N 410 9.26 0.62 -71.22
N GLY N 411 9.77 1.81 -70.90
CA GLY N 411 10.98 2.32 -71.52
C GLY N 411 12.04 2.73 -70.51
N GLY N 421 10.64 13.06 -68.92
CA GLY N 421 10.25 12.39 -67.69
C GLY N 421 10.15 13.33 -66.53
N SER N 422 9.35 14.37 -66.71
CA SER N 422 9.09 15.38 -65.70
C SER N 422 7.65 15.28 -65.27
N ILE N 423 7.42 15.20 -63.96
CA ILE N 423 6.08 15.07 -63.41
C ILE N 423 5.78 16.19 -62.43
N THR N 424 4.59 16.79 -62.55
CA THR N 424 4.11 17.82 -61.64
C THR N 424 2.77 17.34 -61.14
N VAL N 425 2.56 17.37 -59.82
CA VAL N 425 1.31 16.90 -59.22
C VAL N 425 0.68 18.08 -58.51
N ASP N 426 -0.60 18.33 -58.80
CA ASP N 426 -1.37 19.41 -58.18
C ASP N 426 -2.39 18.78 -57.24
N ASP N 427 -2.17 18.95 -55.95
CA ASP N 427 -3.08 18.40 -54.95
C ASP N 427 -4.43 19.11 -54.95
N ARG N 428 -4.44 20.44 -55.07
CA ARG N 428 -5.69 21.19 -54.93
C ARG N 428 -6.71 20.82 -55.99
N THR N 429 -6.28 20.78 -57.24
CA THR N 429 -7.15 20.42 -58.34
C THR N 429 -7.01 18.93 -58.66
N ASN N 430 -6.04 18.27 -58.01
CA ASN N 430 -5.71 16.89 -58.32
C ASN N 430 -5.35 16.77 -59.80
N SER N 431 -4.60 17.75 -60.29
CA SER N 431 -4.28 17.83 -61.70
C SER N 431 -2.80 17.58 -61.87
N ILE N 432 -2.47 16.67 -62.77
CA ILE N 432 -1.10 16.28 -63.00
C ILE N 432 -0.71 16.85 -64.36
N ILE N 433 0.35 17.64 -64.37
CA ILE N 433 0.92 18.16 -65.60
C ILE N 433 2.24 17.43 -65.80
N ALA N 434 2.40 16.75 -66.92
CA ALA N 434 3.61 15.97 -67.13
C ALA N 434 4.25 16.44 -68.41
N TYR N 435 5.52 16.81 -68.32
CA TYR N 435 6.32 17.17 -69.47
C TYR N 435 7.28 16.00 -69.71
N GLN N 436 6.97 15.18 -70.71
CA GLN N 436 7.66 13.92 -70.95
C GLN N 436 7.33 13.49 -72.38
N PRO N 437 7.90 12.40 -72.91
CA PRO N 437 7.67 12.09 -74.33
C PRO N 437 6.19 11.95 -74.64
N GLN N 438 5.82 12.34 -75.85
CA GLN N 438 4.41 12.39 -76.23
C GLN N 438 3.75 11.03 -76.11
N GLU N 439 4.44 9.97 -76.52
CA GLU N 439 3.82 8.66 -76.51
C GLU N 439 3.50 8.24 -75.09
N ARG N 440 4.47 8.43 -74.18
CA ARG N 440 4.25 8.10 -72.78
C ARG N 440 3.13 8.96 -72.23
N LEU N 441 3.12 10.23 -72.62
CA LEU N 441 2.13 11.17 -72.14
C LEU N 441 0.72 10.74 -72.55
N ASP N 442 0.57 10.30 -73.80
CA ASP N 442 -0.72 9.85 -74.30
C ASP N 442 -1.17 8.58 -73.61
N GLU N 443 -0.24 7.63 -73.43
CA GLU N 443 -0.59 6.40 -72.77
C GLU N 443 -1.09 6.67 -71.37
N LEU N 444 -0.37 7.55 -70.67
CA LEU N 444 -0.74 7.87 -69.31
C LEU N 444 -2.10 8.55 -69.29
N ARG N 445 -2.35 9.42 -70.27
CA ARG N 445 -3.64 10.08 -70.38
C ARG N 445 -4.79 9.10 -70.55
N ARG N 446 -4.61 8.10 -71.40
CA ARG N 446 -5.66 7.10 -71.60
C ARG N 446 -5.95 6.38 -70.29
N ILE N 447 -4.88 5.96 -69.60
CA ILE N 447 -5.09 5.30 -68.33
C ILE N 447 -5.74 6.28 -67.36
N VAL N 448 -5.37 7.55 -67.44
CA VAL N 448 -5.94 8.57 -66.56
C VAL N 448 -7.44 8.61 -66.76
N SER N 449 -7.86 8.50 -68.02
CA SER N 449 -9.28 8.52 -68.33
C SER N 449 -9.96 7.35 -67.64
N GLN N 450 -9.32 6.18 -67.68
CA GLN N 450 -9.90 5.04 -66.99
C GLN N 450 -10.02 5.32 -65.50
N LEU N 451 -8.96 5.89 -64.91
CA LEU N 451 -8.91 6.15 -63.47
C LEU N 451 -9.95 7.17 -63.02
N ASP N 452 -10.26 8.15 -63.86
CA ASP N 452 -11.14 9.24 -63.44
C ASP N 452 -12.57 8.70 -63.43
N ILE N 453 -12.79 7.79 -62.48
CA ILE N 453 -14.07 7.12 -62.27
C ILE N 453 -14.62 7.41 -60.87
N PRO N 454 -15.92 7.71 -60.78
CA PRO N 454 -16.53 8.01 -59.49
C PRO N 454 -16.52 6.81 -58.55
N VAL N 455 -16.21 7.07 -57.27
CA VAL N 455 -16.30 5.99 -56.28
C VAL N 455 -17.73 5.45 -56.28
N ARG N 456 -17.84 4.13 -56.28
CA ARG N 456 -19.12 3.45 -56.42
C ARG N 456 -19.80 3.18 -55.06
N GLN N 457 -20.92 3.85 -54.83
CA GLN N 457 -21.76 3.62 -53.66
C GLN N 457 -22.79 2.53 -53.93
N VAL N 458 -23.09 1.72 -52.92
CA VAL N 458 -24.18 0.76 -52.96
C VAL N 458 -25.01 0.90 -51.69
N MET N 459 -26.33 0.89 -51.84
CA MET N 459 -27.29 0.91 -50.74
C MET N 459 -27.61 -0.53 -50.35
N ILE N 460 -27.25 -0.92 -49.13
CA ILE N 460 -27.42 -2.27 -48.66
C ILE N 460 -28.60 -2.29 -47.71
N GLU N 461 -29.57 -3.14 -47.99
CA GLU N 461 -30.76 -3.23 -47.16
C GLU N 461 -30.83 -4.68 -46.75
N ALA N 462 -30.48 -4.96 -45.50
CA ALA N 462 -30.58 -6.30 -44.94
C ALA N 462 -31.63 -6.22 -43.85
N ARG N 463 -32.64 -7.07 -43.95
CA ARG N 463 -33.77 -6.99 -43.04
C ARG N 463 -33.84 -8.21 -42.14
N ILE N 464 -34.14 -7.96 -40.88
CA ILE N 464 -34.25 -9.01 -39.88
C ILE N 464 -35.72 -9.24 -39.60
N VAL N 465 -36.16 -10.48 -39.71
CA VAL N 465 -37.53 -10.87 -39.43
C VAL N 465 -37.49 -11.90 -38.31
N GLU N 466 -38.10 -11.58 -37.18
CA GLU N 466 -38.20 -12.51 -36.06
C GLU N 466 -39.65 -12.79 -35.72
N ALA N 467 -40.04 -14.06 -35.70
CA ALA N 467 -41.37 -14.44 -35.27
C ALA N 467 -41.26 -15.46 -34.15
N ASN N 468 -41.91 -15.19 -33.03
CA ASN N 468 -41.94 -16.11 -31.90
C ASN N 468 -43.39 -16.42 -31.54
N VAL N 469 -43.75 -17.69 -31.56
CA VAL N 469 -45.08 -18.13 -31.17
C VAL N 469 -44.95 -19.04 -29.97
N GLY N 470 -45.63 -18.68 -28.89
CA GLY N 470 -45.58 -19.45 -27.68
C GLY N 470 -46.85 -19.92 -27.01
N TYR N 471 -46.94 -21.22 -26.75
CA TYR N 471 -48.01 -21.86 -26.01
C TYR N 471 -47.52 -22.59 -24.76
N ASP N 472 -48.03 -22.20 -23.59
CA ASP N 472 -47.68 -22.90 -22.35
C ASP N 472 -48.96 -23.25 -21.60
N LYS N 473 -49.13 -24.52 -21.26
CA LYS N 473 -50.25 -24.93 -20.43
C LYS N 473 -49.80 -25.73 -19.23
N SER N 474 -50.31 -25.38 -18.05
CA SER N 474 -50.00 -26.12 -16.83
C SER N 474 -51.33 -26.42 -16.14
N LEU N 475 -51.52 -27.67 -15.72
CA LEU N 475 -52.74 -28.06 -15.05
C LEU N 475 -52.41 -28.68 -13.70
N GLY N 476 -52.92 -28.06 -12.63
CA GLY N 476 -52.95 -28.57 -11.27
C GLY N 476 -54.30 -29.14 -10.88
N VAL N 477 -54.39 -30.44 -10.65
CA VAL N 477 -55.67 -31.08 -10.37
C VAL N 477 -55.70 -31.52 -8.90
N ARG N 478 -56.74 -31.10 -8.18
CA ARG N 478 -56.69 -30.95 -6.72
C ARG N 478 -57.98 -31.48 -6.09
N TRP N 479 -57.83 -32.48 -5.23
CA TRP N 479 -58.93 -33.11 -4.49
C TRP N 479 -58.69 -33.07 -2.98
N GLY N 480 -59.19 -32.06 -2.29
CA GLY N 480 -58.96 -32.06 -0.86
C GLY N 480 -60.20 -32.11 0.01
N GLY N 481 -60.28 -33.17 0.83
CA GLY N 481 -61.28 -33.34 1.87
C GLY N 481 -60.57 -33.68 3.16
N ALA N 482 -60.76 -32.89 4.22
CA ALA N 482 -60.15 -33.25 5.49
C ALA N 482 -61.04 -34.08 6.40
N TYR N 483 -62.32 -34.25 6.06
CA TYR N 483 -63.20 -35.00 6.95
C TYR N 483 -62.72 -36.45 7.05
N HIS N 484 -62.40 -37.05 5.92
CA HIS N 484 -61.91 -38.42 5.87
C HIS N 484 -60.41 -38.42 5.62
N LYS N 485 -59.78 -37.28 5.85
CA LYS N 485 -58.34 -37.10 5.65
C LYS N 485 -57.88 -37.58 4.27
N GLY N 486 -58.68 -37.31 3.26
CA GLY N 486 -58.24 -37.62 1.91
C GLY N 486 -57.97 -36.42 1.05
N ASN N 487 -56.69 -36.17 0.75
CA ASN N 487 -56.34 -34.96 0.01
C ASN N 487 -55.10 -35.18 -0.85
N TRP N 488 -55.32 -35.10 -2.16
CA TRP N 488 -54.27 -35.17 -3.17
C TRP N 488 -54.14 -33.81 -3.85
N SER N 489 -52.90 -33.30 -3.90
CA SER N 489 -52.65 -31.97 -4.41
C SER N 489 -52.36 -31.90 -5.89
N GLY N 490 -52.88 -30.85 -6.52
CA GLY N 490 -52.58 -30.61 -7.91
C GLY N 490 -51.15 -30.12 -7.99
N TYR N 491 -50.71 -29.81 -9.20
CA TYR N 491 -49.36 -29.33 -9.34
C TYR N 491 -49.27 -28.13 -10.27
N GLY N 492 -49.80 -28.27 -11.50
CA GLY N 492 -49.70 -27.17 -12.45
C GLY N 492 -50.15 -25.88 -11.81
N LYS N 493 -51.30 -25.91 -11.14
CA LYS N 493 -51.73 -24.86 -10.23
C LYS N 493 -52.09 -25.53 -8.90
N ASP N 494 -51.06 -25.99 -8.18
CA ASP N 494 -51.16 -26.91 -7.05
C ASP N 494 -52.29 -26.57 -6.09
N GLY N 495 -53.06 -27.59 -5.73
CA GLY N 495 -54.11 -27.44 -4.74
C GLY N 495 -54.36 -28.67 -3.91
N ASN N 496 -54.49 -28.54 -2.59
CA ASN N 496 -54.74 -29.72 -1.75
C ASN N 496 -55.56 -29.23 -0.57
N ILE N 497 -56.87 -29.40 -0.67
CA ILE N 497 -57.76 -28.67 0.20
C ILE N 497 -57.64 -29.11 1.64
N GLY N 498 -57.03 -30.27 1.91
CA GLY N 498 -56.85 -30.67 3.31
C GLY N 498 -55.91 -29.77 4.08
N ILE N 499 -54.80 -29.36 3.44
CA ILE N 499 -53.83 -28.50 4.12
C ILE N 499 -54.48 -27.19 4.56
N LYS N 500 -55.34 -26.61 3.71
CA LYS N 500 -56.01 -25.39 4.11
C LYS N 500 -57.35 -25.69 4.75
N ASP N 501 -57.70 -26.98 4.87
CA ASP N 501 -58.71 -27.41 5.82
C ASP N 501 -58.15 -27.34 7.22
N GLU N 502 -56.82 -27.35 7.33
CA GLU N 502 -56.20 -27.08 8.63
C GLU N 502 -56.34 -25.60 8.96
N ASP N 503 -56.17 -24.75 7.94
CA ASP N 503 -56.44 -23.33 8.02
C ASP N 503 -57.91 -23.09 8.38
N PRO N 527 -64.34 -20.80 3.56
CA PRO N 527 -64.54 -21.12 2.15
C PRO N 527 -64.74 -19.89 1.26
N PHE N 528 -65.60 -18.95 1.66
CA PHE N 528 -65.81 -17.78 0.82
C PHE N 528 -64.55 -16.91 0.73
N VAL N 529 -63.79 -16.83 1.80
CA VAL N 529 -62.59 -15.97 1.79
C VAL N 529 -61.35 -16.76 1.37
N ASP N 530 -61.10 -17.93 1.98
CA ASP N 530 -59.88 -18.67 1.69
C ASP N 530 -59.86 -19.18 0.25
N LEU N 531 -60.97 -19.76 -0.20
CA LEU N 531 -61.02 -20.24 -1.57
C LEU N 531 -60.97 -19.08 -2.56
N GLY N 532 -61.67 -17.98 -2.30
CA GLY N 532 -61.62 -16.85 -3.23
C GLY N 532 -60.19 -16.47 -3.59
N ALA N 533 -59.37 -16.24 -2.58
CA ALA N 533 -57.96 -15.90 -2.81
C ALA N 533 -57.22 -17.07 -3.41
N LYS N 534 -57.38 -18.25 -2.80
CA LYS N 534 -56.68 -19.44 -3.28
C LYS N 534 -56.93 -19.61 -4.77
N ASP N 535 -58.18 -19.43 -5.18
CA ASP N 535 -58.66 -19.69 -6.52
C ASP N 535 -58.57 -18.43 -7.38
N ALA N 536 -57.88 -17.40 -6.89
CA ALA N 536 -57.76 -16.17 -7.67
C ALA N 536 -57.13 -16.45 -9.02
N THR N 537 -56.23 -17.43 -9.06
CA THR N 537 -55.40 -17.74 -10.22
C THR N 537 -56.22 -17.93 -11.49
N SER N 538 -55.66 -17.44 -12.61
CA SER N 538 -56.21 -17.50 -13.95
C SER N 538 -57.22 -18.61 -14.17
N GLY N 539 -56.76 -19.85 -14.03
CA GLY N 539 -57.63 -20.94 -14.30
C GLY N 539 -57.86 -21.81 -13.10
N ILE N 540 -59.03 -21.67 -12.48
CA ILE N 540 -59.45 -22.49 -11.37
C ILE N 540 -60.87 -22.96 -11.61
N GLY N 541 -61.09 -24.26 -11.54
CA GLY N 541 -62.45 -24.76 -11.61
C GLY N 541 -62.78 -25.27 -10.23
N ILE N 542 -63.68 -24.61 -9.50
CA ILE N 542 -63.97 -24.93 -8.12
C ILE N 542 -65.27 -25.72 -8.03
N GLY N 543 -65.21 -26.89 -7.39
CA GLY N 543 -66.37 -27.58 -6.86
C GLY N 543 -66.24 -27.52 -5.36
N PHE N 544 -67.23 -26.98 -4.67
CA PHE N 544 -67.15 -26.93 -3.21
C PHE N 544 -68.39 -27.53 -2.60
N ILE N 545 -68.20 -28.35 -1.58
CA ILE N 545 -69.27 -28.64 -0.64
C ILE N 545 -68.83 -28.01 0.66
N THR N 546 -69.75 -27.35 1.34
CA THR N 546 -69.45 -26.83 2.66
C THR N 546 -70.52 -27.21 3.68
N ASP N 547 -71.76 -27.29 3.21
CA ASP N 547 -72.89 -27.44 4.13
C ASP N 547 -72.83 -28.78 4.87
N ASN N 548 -72.73 -29.88 4.12
CA ASN N 548 -72.60 -31.18 4.76
C ASN N 548 -71.20 -31.34 5.34
N ILE N 549 -70.21 -31.06 4.50
CA ILE N 549 -68.79 -31.16 4.82
C ILE N 549 -68.15 -30.18 3.87
N ILE N 550 -66.98 -29.69 4.21
CA ILE N 550 -66.25 -28.85 3.27
C ILE N 550 -65.23 -29.76 2.58
N LEU N 551 -65.54 -30.03 1.32
CA LEU N 551 -64.74 -30.90 0.45
C LEU N 551 -64.62 -30.13 -0.85
N ASP N 552 -63.41 -29.65 -1.13
CA ASP N 552 -63.14 -28.79 -2.27
C ASP N 552 -62.35 -29.55 -3.34
N LEU N 553 -62.87 -29.55 -4.56
CA LEU N 553 -62.28 -30.27 -5.69
C LEU N 553 -62.18 -29.34 -6.89
N GLN N 554 -60.95 -28.94 -7.21
CA GLN N 554 -60.70 -27.93 -8.23
C GLN N 554 -59.73 -28.44 -9.30
N LEU N 555 -60.00 -28.08 -10.54
CA LEU N 555 -59.09 -28.37 -11.63
C LEU N 555 -58.61 -27.00 -12.06
N SER N 556 -57.33 -26.72 -11.86
CA SER N 556 -56.81 -25.38 -12.08
C SER N 556 -55.81 -25.42 -13.23
N ALA N 557 -56.18 -24.82 -14.36
CA ALA N 557 -55.44 -24.93 -15.61
C ALA N 557 -55.17 -23.57 -16.23
N MET N 558 -53.98 -23.42 -16.81
CA MET N 558 -53.54 -22.18 -17.45
C MET N 558 -53.01 -22.49 -18.85
N GLU N 559 -53.47 -21.70 -19.82
CA GLU N 559 -52.94 -21.73 -21.17
C GLU N 559 -52.58 -20.30 -21.52
N LYS N 560 -51.32 -20.09 -21.88
CA LYS N 560 -50.81 -18.77 -22.18
C LYS N 560 -50.25 -18.81 -23.59
N THR N 561 -50.61 -17.85 -24.44
CA THR N 561 -50.03 -17.79 -25.76
C THR N 561 -49.49 -16.39 -26.05
N GLY N 562 -48.22 -16.31 -26.39
CA GLY N 562 -47.60 -15.06 -26.78
C GLY N 562 -46.80 -15.13 -28.07
N ASN N 563 -47.09 -14.26 -29.04
CA ASN N 563 -46.30 -14.21 -30.26
C ASN N 563 -45.75 -12.81 -30.48
N GLY N 564 -44.44 -12.72 -30.59
CA GLY N 564 -43.84 -11.45 -30.88
C GLY N 564 -43.03 -11.55 -32.16
N GLU N 565 -43.33 -10.70 -33.12
CA GLU N 565 -42.59 -10.65 -34.37
C GLU N 565 -42.07 -9.24 -34.59
N ILE N 566 -40.77 -9.11 -34.79
CA ILE N 566 -40.16 -7.82 -35.08
C ILE N 566 -39.41 -7.92 -36.40
N VAL N 567 -39.74 -7.01 -37.31
CA VAL N 567 -39.13 -6.98 -38.63
C VAL N 567 -38.52 -5.60 -38.84
N SER N 568 -37.20 -5.53 -38.86
CA SER N 568 -36.48 -4.26 -39.00
C SER N 568 -35.56 -4.29 -40.20
N GLN N 569 -35.63 -3.25 -41.05
CA GLN N 569 -34.74 -3.19 -42.19
C GLN N 569 -33.99 -1.87 -42.27
N PRO N 570 -32.69 -1.89 -42.06
CA PRO N 570 -31.82 -0.74 -42.28
C PRO N 570 -31.13 -0.69 -43.64
N LYS N 571 -31.16 0.46 -44.29
CA LYS N 571 -30.55 0.67 -45.60
C LYS N 571 -29.36 1.62 -45.47
N VAL N 572 -28.21 1.20 -45.98
CA VAL N 572 -26.95 1.95 -45.87
C VAL N 572 -26.35 2.25 -47.24
N VAL N 573 -25.92 3.49 -47.47
CA VAL N 573 -25.23 3.85 -48.71
C VAL N 573 -23.73 3.86 -48.44
N THR N 574 -22.99 3.02 -49.16
CA THR N 574 -21.57 2.80 -48.94
C THR N 574 -20.72 2.97 -50.19
N SER N 575 -19.51 3.48 -50.03
CA SER N 575 -18.61 3.47 -51.16
C SER N 575 -18.26 2.01 -51.51
N ASP N 576 -17.65 1.81 -52.68
CA ASP N 576 -17.33 0.46 -53.14
C ASP N 576 -16.04 0.00 -52.50
N LYS N 577 -16.05 -1.19 -51.90
CA LYS N 577 -14.88 -1.76 -51.23
C LYS N 577 -14.56 -1.01 -49.94
N GLU N 578 -15.49 -0.17 -49.49
CA GLU N 578 -15.31 0.63 -48.29
C GLU N 578 -16.39 0.19 -47.31
N THR N 579 -16.15 0.44 -46.04
CA THR N 579 -17.15 0.17 -45.03
C THR N 579 -18.03 1.38 -44.73
N ALA N 580 -19.31 1.09 -44.55
CA ALA N 580 -20.27 2.04 -44.06
C ALA N 580 -21.13 1.30 -43.04
N LYS N 581 -21.68 2.05 -42.10
CA LYS N 581 -22.31 1.42 -40.95
C LYS N 581 -23.56 2.18 -40.55
N ILE N 582 -24.65 1.46 -40.39
CA ILE N 582 -25.86 2.02 -39.81
C ILE N 582 -25.99 1.35 -38.46
N LEU N 583 -26.20 2.17 -37.43
CA LEU N 583 -26.33 1.64 -36.07
C LEU N 583 -27.46 2.36 -35.37
N LYS N 584 -28.47 1.59 -34.97
CA LYS N 584 -29.71 2.09 -34.37
C LYS N 584 -29.85 1.47 -33.00
N GLY N 585 -29.23 2.06 -31.99
CA GLY N 585 -29.25 1.45 -30.68
C GLY N 585 -28.94 2.34 -29.51
N SER N 586 -28.35 1.73 -28.48
CA SER N 586 -28.10 2.37 -27.21
C SER N 586 -26.92 1.66 -26.59
N GLU N 587 -26.10 2.34 -25.80
CA GLU N 587 -24.78 1.80 -25.50
C GLU N 587 -24.69 1.28 -24.06
N VAL N 588 -24.90 -0.03 -23.93
CA VAL N 588 -24.85 -0.76 -22.68
C VAL N 588 -23.41 -0.78 -22.13
N PRO N 589 -23.21 -0.08 -21.05
CA PRO N 589 -21.91 0.03 -20.41
C PRO N 589 -21.72 -1.00 -19.30
N TYR N 590 -20.52 -1.00 -18.75
CA TYR N 590 -20.22 -1.68 -17.50
C TYR N 590 -19.24 -0.75 -16.79
N GLN N 591 -19.61 -0.27 -15.61
CA GLN N 591 -18.79 0.68 -14.86
C GLN N 591 -18.17 -0.09 -13.70
N GLU N 592 -16.95 -0.59 -13.92
CA GLU N 592 -16.15 -1.15 -12.84
C GLU N 592 -15.13 -0.11 -12.44
N ALA N 593 -15.36 0.58 -11.33
CA ALA N 593 -14.47 1.67 -10.94
C ALA N 593 -13.54 1.22 -9.81
N SER N 594 -12.40 0.67 -10.18
CA SER N 594 -11.60 -0.18 -9.31
C SER N 594 -10.43 0.73 -8.98
N SER N 595 -10.52 1.30 -7.78
CA SER N 595 -9.69 2.41 -7.32
C SER N 595 -8.24 2.33 -7.77
N SER N 596 -7.60 1.20 -7.50
CA SER N 596 -6.15 1.11 -7.73
C SER N 596 -5.84 0.86 -9.21
N GLY N 597 -6.12 1.91 -10.00
CA GLY N 597 -5.64 2.02 -11.35
C GLY N 597 -6.50 1.46 -12.46
N ALA N 598 -7.60 0.77 -12.18
CA ALA N 598 -8.43 0.35 -13.31
C ALA N 598 -9.80 1.01 -13.23
N THR N 599 -10.16 1.77 -14.26
CA THR N 599 -11.47 2.40 -14.34
C THR N 599 -12.15 1.88 -15.59
N SER N 600 -12.79 0.72 -15.46
CA SER N 600 -13.39 0.04 -16.60
C SER N 600 -14.73 0.73 -16.81
N THR N 601 -14.66 1.94 -17.35
CA THR N 601 -15.87 2.66 -17.72
C THR N 601 -16.28 2.20 -19.11
N SER N 602 -16.50 0.89 -19.18
CA SER N 602 -16.74 0.22 -20.44
C SER N 602 -18.12 0.59 -20.94
N PHE N 603 -18.28 0.59 -22.24
CA PHE N 603 -19.59 0.68 -22.85
C PHE N 603 -19.51 0.06 -24.23
N LYS N 604 -20.67 -0.26 -24.77
CA LYS N 604 -20.79 -0.96 -26.06
C LYS N 604 -22.22 -0.75 -26.48
N GLU N 605 -22.45 -0.36 -27.71
CA GLU N 605 -23.81 -0.09 -28.14
C GLU N 605 -24.50 -1.32 -28.70
N ALA N 606 -25.55 -1.72 -28.01
CA ALA N 606 -26.47 -2.78 -28.40
C ALA N 606 -27.40 -2.04 -29.35
N ALA N 607 -27.00 -2.06 -30.60
CA ALA N 607 -27.64 -1.35 -31.67
C ALA N 607 -27.87 -2.30 -32.83
N LEU N 608 -28.95 -2.09 -33.56
CA LEU N 608 -28.98 -2.82 -34.81
C LEU N 608 -27.86 -2.21 -35.64
N SER N 609 -27.26 -3.02 -36.49
CA SER N 609 -26.24 -2.41 -37.33
C SER N 609 -25.93 -3.25 -38.53
N LEU N 610 -25.47 -2.53 -39.56
CA LEU N 610 -24.92 -3.11 -40.76
C LEU N 610 -23.58 -2.43 -40.96
N GLU N 611 -22.52 -3.20 -41.00
CA GLU N 611 -21.20 -2.69 -41.34
C GLU N 611 -20.80 -3.42 -42.62
N VAL N 612 -20.82 -2.71 -43.73
CA VAL N 612 -20.70 -3.31 -45.05
C VAL N 612 -19.46 -2.80 -45.77
N THR N 613 -18.76 -3.73 -46.42
CA THR N 613 -17.65 -3.44 -47.32
C THR N 613 -17.98 -4.15 -48.63
N PRO N 614 -18.76 -3.51 -49.49
CA PRO N 614 -19.15 -4.10 -50.78
C PRO N 614 -18.08 -4.00 -51.85
N GLN N 615 -17.87 -5.09 -52.59
CA GLN N 615 -17.02 -5.07 -53.79
C GLN N 615 -17.94 -5.31 -54.99
N ILE N 616 -17.92 -4.36 -55.93
CA ILE N 616 -18.87 -4.35 -57.04
C ILE N 616 -18.28 -5.05 -58.25
N THR N 617 -18.95 -6.08 -58.72
CA THR N 617 -18.55 -6.82 -59.89
C THR N 617 -19.51 -6.52 -61.04
N PRO N 618 -19.07 -6.70 -62.30
CA PRO N 618 -19.76 -6.04 -63.42
C PRO N 618 -21.23 -6.31 -63.53
N ASP N 619 -21.67 -7.54 -63.28
CA ASP N 619 -23.06 -7.82 -63.54
C ASP N 619 -23.86 -7.34 -62.35
N ASN N 620 -23.64 -6.09 -61.95
CA ASN N 620 -24.44 -5.51 -60.89
C ASN N 620 -24.46 -6.47 -59.72
N ARG N 621 -23.29 -6.90 -59.31
CA ARG N 621 -23.23 -7.80 -58.17
C ARG N 621 -22.23 -7.25 -57.19
N ILE N 622 -22.34 -7.72 -55.96
CA ILE N 622 -21.40 -7.38 -54.91
C ILE N 622 -21.00 -8.59 -54.09
N ILE N 623 -19.70 -8.74 -53.87
CA ILE N 623 -19.21 -9.61 -52.83
C ILE N 623 -18.94 -8.66 -51.68
N VAL N 624 -19.67 -8.78 -50.58
CA VAL N 624 -19.56 -7.80 -49.50
C VAL N 624 -19.18 -8.52 -48.23
N GLU N 625 -18.26 -7.92 -47.48
CA GLU N 625 -18.02 -8.35 -46.12
C GLU N 625 -18.97 -7.52 -45.26
N VAL N 626 -19.96 -8.18 -44.68
CA VAL N 626 -20.99 -7.53 -43.91
C VAL N 626 -21.05 -8.12 -42.50
N LYS N 627 -20.98 -7.22 -41.53
CA LYS N 627 -21.35 -7.47 -40.16
C LYS N 627 -22.80 -7.05 -39.98
N VAL N 628 -23.67 -8.00 -39.68
CA VAL N 628 -25.09 -7.72 -39.48
C VAL N 628 -25.37 -8.11 -38.04
N THR N 629 -25.50 -7.13 -37.16
CA THR N 629 -25.66 -7.42 -35.75
C THR N 629 -26.91 -6.79 -35.14
N LYS N 630 -27.62 -7.57 -34.36
CA LYS N 630 -28.69 -7.06 -33.53
C LYS N 630 -28.32 -7.41 -32.10
N ASP N 631 -28.32 -6.42 -31.23
CA ASP N 631 -28.01 -6.68 -29.84
C ASP N 631 -28.93 -5.85 -28.99
N ALA N 632 -28.96 -6.17 -27.70
CA ALA N 632 -29.98 -5.46 -26.97
C ALA N 632 -29.70 -5.42 -25.48
N PRO N 633 -29.97 -4.28 -24.85
CA PRO N 633 -29.68 -4.08 -23.43
C PRO N 633 -30.21 -5.21 -22.55
N ASP N 634 -29.40 -5.56 -21.57
CA ASP N 634 -29.62 -6.71 -20.73
C ASP N 634 -30.41 -6.36 -19.48
N TYR N 635 -31.32 -7.26 -19.11
CA TYR N 635 -31.99 -7.11 -17.83
C TYR N 635 -30.99 -7.01 -16.68
N GLN N 636 -30.06 -7.96 -16.58
CA GLN N 636 -29.13 -7.94 -15.45
C GLN N 636 -28.28 -6.69 -15.49
N ASN N 637 -27.99 -6.17 -16.70
CA ASN N 637 -27.29 -4.90 -16.83
C ASN N 637 -28.15 -3.77 -16.29
N MET N 638 -29.41 -3.73 -16.72
CA MET N 638 -30.33 -2.74 -16.18
C MET N 638 -30.53 -3.02 -14.70
N LEU N 639 -30.35 -4.29 -14.30
CA LEU N 639 -30.39 -4.73 -12.92
C LEU N 639 -29.11 -4.38 -12.18
N ASN N 640 -28.07 -4.00 -12.92
CA ASN N 640 -26.74 -3.77 -12.36
C ASN N 640 -26.26 -5.02 -11.63
N GLY N 641 -26.58 -6.18 -12.20
CA GLY N 641 -26.14 -7.46 -11.70
C GLY N 641 -25.07 -7.97 -12.63
N VAL N 642 -25.04 -9.27 -12.91
CA VAL N 642 -24.14 -9.83 -13.91
C VAL N 642 -24.89 -9.82 -15.24
N PRO N 643 -24.51 -8.96 -16.18
CA PRO N 643 -25.35 -8.67 -17.38
C PRO N 643 -25.20 -9.58 -18.58
N PRO N 644 -26.18 -10.47 -18.87
CA PRO N 644 -26.15 -11.16 -20.17
C PRO N 644 -26.90 -10.37 -21.24
N ILE N 645 -26.18 -9.51 -21.95
CA ILE N 645 -26.76 -8.75 -23.07
C ILE N 645 -27.10 -9.66 -24.23
N ASN N 646 -28.13 -9.29 -24.99
CA ASN N 646 -28.57 -10.14 -26.09
C ASN N 646 -27.73 -9.87 -27.30
N LYS N 647 -27.37 -10.93 -28.03
CA LYS N 647 -26.60 -10.77 -29.25
C LYS N 647 -27.06 -11.79 -30.28
N ASN N 648 -27.54 -11.30 -31.42
CA ASN N 648 -27.75 -12.07 -32.64
C ASN N 648 -26.90 -11.44 -33.74
N GLU N 649 -25.74 -12.01 -34.05
CA GLU N 649 -24.87 -11.34 -35.00
C GLU N 649 -24.30 -12.33 -36.00
N VAL N 650 -24.36 -11.97 -37.27
CA VAL N 650 -23.71 -12.72 -38.34
C VAL N 650 -22.63 -11.86 -38.96
N ASN N 651 -21.43 -12.41 -39.09
CA ASN N 651 -20.32 -11.73 -39.70
C ASN N 651 -19.81 -12.57 -40.85
N ALA N 652 -19.86 -12.03 -42.07
CA ALA N 652 -19.53 -12.89 -43.20
C ALA N 652 -19.43 -12.07 -44.48
N LYS N 653 -18.71 -12.62 -45.45
CA LYS N 653 -18.60 -12.01 -46.77
C LYS N 653 -19.33 -12.92 -47.75
N ILE N 654 -20.31 -12.37 -48.48
CA ILE N 654 -21.10 -13.16 -49.42
C ILE N 654 -21.30 -12.38 -50.70
N LEU N 655 -21.56 -13.09 -51.79
CA LEU N 655 -21.80 -12.50 -53.10
C LEU N 655 -23.27 -12.61 -53.50
N VAL N 656 -23.86 -11.49 -53.91
CA VAL N 656 -25.23 -11.44 -54.44
C VAL N 656 -25.25 -10.43 -55.57
N ASN N 657 -26.16 -10.61 -56.53
CA ASN N 657 -26.24 -9.48 -57.44
C ASN N 657 -26.96 -8.34 -56.76
N ASP N 658 -26.80 -7.16 -57.36
CA ASP N 658 -27.39 -5.96 -56.82
C ASP N 658 -28.91 -6.08 -56.77
N GLY N 659 -29.50 -6.64 -57.80
CA GLY N 659 -30.95 -6.71 -57.80
C GLY N 659 -31.52 -7.76 -56.89
N GLU N 660 -30.68 -8.37 -56.04
CA GLU N 660 -30.96 -9.69 -55.49
C GLU N 660 -30.89 -9.70 -53.98
N THR N 661 -31.82 -10.43 -53.39
CA THR N 661 -31.93 -10.58 -51.95
C THR N 661 -31.65 -12.03 -51.61
N ILE N 662 -30.81 -12.25 -50.62
CA ILE N 662 -30.57 -13.60 -50.15
C ILE N 662 -30.77 -13.57 -48.65
N VAL N 663 -30.89 -14.75 -48.08
CA VAL N 663 -30.99 -14.87 -46.64
C VAL N 663 -29.56 -15.10 -46.16
N ILE N 664 -28.99 -14.09 -45.52
CA ILE N 664 -27.63 -14.21 -45.03
C ILE N 664 -27.59 -15.35 -44.05
N GLY N 665 -28.63 -15.47 -43.26
CA GLY N 665 -28.74 -16.57 -42.32
C GLY N 665 -30.08 -16.49 -41.62
N GLY N 666 -30.30 -17.49 -40.78
CA GLY N 666 -31.50 -17.52 -39.99
C GLY N 666 -31.55 -18.82 -39.21
N VAL N 667 -32.42 -18.83 -38.21
CA VAL N 667 -32.52 -19.98 -37.33
C VAL N 667 -33.94 -20.12 -36.81
N PHE N 668 -34.42 -21.36 -36.83
CA PHE N 668 -35.67 -21.73 -36.18
C PHE N 668 -35.39 -22.49 -34.90
N SER N 669 -35.98 -22.04 -33.80
CA SER N 669 -35.89 -22.69 -32.50
C SER N 669 -37.20 -23.37 -32.16
N ASN N 670 -37.22 -24.70 -32.14
CA ASN N 670 -38.43 -25.49 -31.84
C ASN N 670 -38.35 -26.08 -30.43
N GLU N 671 -39.14 -25.53 -29.53
CA GLU N 671 -39.18 -25.97 -28.14
C GLU N 671 -40.38 -26.86 -27.87
N GLN N 672 -40.13 -28.08 -27.40
CA GLN N 672 -41.20 -28.96 -26.96
C GLN N 672 -40.90 -29.38 -25.54
N SER N 673 -41.70 -28.91 -24.60
CA SER N 673 -41.49 -29.18 -23.18
C SER N 673 -42.72 -29.84 -22.58
N LYS N 674 -42.51 -30.95 -21.88
CA LYS N 674 -43.58 -31.65 -21.19
C LYS N 674 -43.15 -31.96 -19.77
N SER N 675 -44.08 -31.73 -18.84
CA SER N 675 -43.87 -31.95 -17.42
C SER N 675 -45.16 -32.56 -16.90
N VAL N 676 -45.10 -33.77 -16.37
CA VAL N 676 -46.30 -34.40 -15.82
C VAL N 676 -46.00 -34.83 -14.40
N GLU N 677 -46.88 -34.45 -13.49
CA GLU N 677 -46.79 -34.75 -12.07
C GLU N 677 -48.03 -35.51 -11.64
N LYS N 678 -47.82 -36.70 -11.08
CA LYS N 678 -48.98 -37.52 -10.83
C LYS N 678 -48.79 -38.40 -9.62
N VAL N 679 -49.72 -38.32 -8.68
CA VAL N 679 -49.82 -39.40 -7.72
C VAL N 679 -50.01 -40.68 -8.53
N PRO N 680 -49.14 -41.66 -8.34
CA PRO N 680 -49.20 -42.86 -9.19
C PRO N 680 -50.49 -43.62 -9.02
N PHE N 681 -50.93 -43.85 -7.79
CA PHE N 681 -52.11 -44.68 -7.56
C PHE N 681 -53.36 -44.01 -8.12
N LEU N 682 -53.59 -42.74 -7.78
CA LEU N 682 -54.75 -42.05 -8.32
C LEU N 682 -54.57 -41.78 -9.80
N GLY N 683 -53.34 -41.47 -10.22
CA GLY N 683 -53.10 -41.26 -11.63
C GLY N 683 -53.49 -42.48 -12.44
N GLU N 684 -53.29 -43.66 -11.85
CA GLU N 684 -53.64 -44.92 -12.48
C GLU N 684 -55.13 -44.96 -12.78
N LEU N 685 -55.94 -44.41 -11.88
CA LEU N 685 -57.38 -44.47 -12.05
C LEU N 685 -57.76 -43.81 -13.37
N PRO N 686 -58.56 -44.47 -14.20
CA PRO N 686 -58.90 -43.89 -15.50
C PRO N 686 -59.70 -42.61 -15.40
N TYR N 687 -60.66 -42.55 -14.47
CA TYR N 687 -61.54 -41.41 -14.38
C TYR N 687 -60.95 -40.32 -13.50
N LEU N 688 -59.98 -40.66 -12.67
CA LEU N 688 -59.40 -39.74 -11.73
C LEU N 688 -57.95 -39.42 -12.03
N GLY N 689 -57.30 -40.16 -12.93
CA GLY N 689 -55.92 -39.84 -13.22
C GLY N 689 -55.78 -38.46 -13.81
N ARG N 690 -56.68 -38.11 -14.73
CA ARG N 690 -56.66 -36.76 -15.27
C ARG N 690 -56.84 -35.76 -14.15
N LEU N 691 -57.63 -36.15 -13.15
CA LEU N 691 -57.90 -35.38 -11.95
C LEU N 691 -56.77 -35.52 -10.94
N PHE N 692 -55.77 -36.36 -11.24
CA PHE N 692 -54.62 -36.52 -10.37
C PHE N 692 -53.31 -36.62 -11.16
N ARG N 693 -53.33 -36.23 -12.44
CA ARG N 693 -52.15 -36.11 -13.28
C ARG N 693 -52.11 -34.67 -13.76
N ARG N 694 -51.04 -33.98 -13.41
CA ARG N 694 -50.83 -32.58 -13.72
C ARG N 694 -49.89 -32.44 -14.90
N ASP N 695 -50.43 -32.01 -16.04
CA ASP N 695 -49.65 -31.92 -17.27
C ASP N 695 -49.39 -30.44 -17.56
N THR N 696 -48.13 -30.12 -17.77
CA THR N 696 -47.70 -28.82 -18.27
C THR N 696 -46.89 -29.07 -19.53
N VAL N 697 -47.38 -28.58 -20.65
CA VAL N 697 -46.69 -28.68 -21.92
C VAL N 697 -46.54 -27.29 -22.48
N THR N 698 -45.31 -26.92 -22.79
CA THR N 698 -45.05 -25.63 -23.37
C THR N 698 -44.21 -25.79 -24.64
N ASP N 699 -44.67 -25.18 -25.71
CA ASP N 699 -43.94 -25.09 -26.96
C ASP N 699 -43.77 -23.61 -27.26
N ARG N 700 -42.54 -23.12 -27.21
CA ARG N 700 -42.28 -21.73 -27.58
C ARG N 700 -41.26 -21.82 -28.68
N LYS N 701 -41.62 -21.33 -29.86
CA LYS N 701 -40.72 -21.42 -30.98
C LYS N 701 -40.57 -20.09 -31.69
N ASN N 702 -39.36 -19.57 -31.69
CA ASN N 702 -39.00 -18.32 -32.33
C ASN N 702 -38.00 -18.60 -33.43
N GLU N 703 -38.27 -18.05 -34.60
CA GLU N 703 -37.37 -18.17 -35.73
C GLU N 703 -36.94 -16.76 -36.11
N LEU N 704 -35.64 -16.62 -36.38
CA LEU N 704 -35.08 -15.35 -36.81
C LEU N 704 -34.38 -15.55 -38.15
N LEU N 705 -34.63 -14.64 -39.09
CA LEU N 705 -34.03 -14.70 -40.42
C LEU N 705 -33.57 -13.31 -40.86
N VAL N 706 -32.42 -13.26 -41.52
CA VAL N 706 -31.88 -12.01 -42.05
C VAL N 706 -31.81 -12.09 -43.58
N PHE N 707 -32.49 -11.18 -44.27
CA PHE N 707 -32.31 -11.01 -45.70
C PHE N 707 -31.25 -9.94 -45.95
N LEU N 708 -30.89 -9.78 -47.23
CA LEU N 708 -30.10 -8.63 -47.69
C LEU N 708 -30.24 -8.46 -49.19
N THR N 709 -30.33 -7.19 -49.62
CA THR N 709 -30.28 -6.80 -51.02
C THR N 709 -29.42 -5.55 -51.22
N PRO N 710 -28.39 -5.59 -52.06
CA PRO N 710 -27.59 -4.39 -52.28
C PRO N 710 -27.99 -3.70 -53.58
N ARG N 711 -28.34 -2.43 -53.57
CA ARG N 711 -28.69 -1.72 -54.79
C ARG N 711 -27.55 -0.77 -55.10
N ILE N 712 -26.80 -1.07 -56.16
CA ILE N 712 -25.62 -0.26 -56.43
C ILE N 712 -26.02 1.18 -56.68
N MET N 713 -25.37 2.08 -55.96
CA MET N 713 -25.57 3.52 -56.11
C MET N 713 -24.64 4.06 -57.17
N ASN N 714 -23.72 3.23 -57.68
CA ASN N 714 -22.98 3.61 -58.88
C ASN N 714 -23.92 3.89 -60.03
N ASN N 715 -25.08 3.24 -60.06
CA ASN N 715 -26.02 3.49 -61.14
C ASN N 715 -26.32 4.98 -61.14
N GLN N 716 -26.25 5.58 -59.98
CA GLN N 716 -26.38 7.00 -59.75
C GLN N 716 -25.02 7.64 -59.53
N ALA N 717 -24.08 6.91 -58.92
CA ALA N 717 -22.76 7.45 -58.60
C ALA N 717 -21.91 7.58 -59.84
N ILE N 718 -22.11 6.71 -60.84
CA ILE N 718 -21.37 6.87 -62.08
C ILE N 718 -21.93 8.09 -62.80
N ALA N 719 -23.25 8.25 -62.74
CA ALA N 719 -23.94 9.41 -63.28
C ALA N 719 -23.74 10.60 -62.36
N ILE N 720 -23.27 10.34 -61.13
CA ILE N 720 -22.76 11.35 -60.23
C ILE N 720 -21.25 11.28 -60.13
N LEU O 385 6.88 -5.81 -77.01
CA LEU O 385 5.87 -5.88 -75.97
C LEU O 385 4.55 -5.29 -76.42
N ARG O 386 3.48 -5.89 -75.91
CA ARG O 386 2.11 -5.56 -76.25
C ARG O 386 1.39 -5.17 -74.97
N ARG O 387 0.62 -4.09 -75.04
CA ARG O 387 -0.17 -3.64 -73.90
C ARG O 387 -1.57 -4.24 -73.93
N GLU O 388 -1.97 -4.90 -72.88
CA GLU O 388 -3.35 -5.38 -72.80
C GLU O 388 -3.97 -4.97 -71.47
N LEU O 389 -5.22 -4.50 -71.52
CA LEU O 389 -5.98 -4.13 -70.33
C LEU O 389 -7.04 -5.18 -70.05
N ILE O 390 -6.99 -5.77 -68.85
CA ILE O 390 -8.03 -6.70 -68.40
C ILE O 390 -8.57 -6.19 -67.07
N GLN O 391 -9.89 -6.08 -66.95
CA GLN O 391 -10.47 -5.71 -65.67
C GLN O 391 -11.05 -6.96 -65.03
N VAL O 392 -10.60 -7.29 -63.82
CA VAL O 392 -11.12 -8.43 -63.09
C VAL O 392 -11.80 -8.02 -61.79
N ASN O 393 -13.13 -8.07 -61.78
CA ASN O 393 -13.85 -7.84 -60.53
C ASN O 393 -13.76 -9.08 -59.64
N TYR O 394 -13.85 -10.27 -60.22
CA TYR O 394 -13.83 -11.55 -59.52
C TYR O 394 -12.45 -12.14 -59.35
N ALA O 395 -11.43 -11.61 -60.02
CA ALA O 395 -10.09 -12.18 -59.90
C ALA O 395 -9.28 -11.22 -59.05
N LYS O 396 -8.62 -11.76 -58.04
CA LYS O 396 -7.77 -10.95 -57.19
C LYS O 396 -6.57 -10.44 -58.00
N ALA O 397 -6.21 -9.17 -57.77
CA ALA O 397 -5.10 -8.58 -58.50
C ALA O 397 -3.79 -9.29 -58.16
N ALA O 398 -3.60 -9.64 -56.88
CA ALA O 398 -2.41 -10.37 -56.47
C ALA O 398 -2.30 -11.70 -57.21
N ASP O 399 -3.43 -12.39 -57.42
CA ASP O 399 -3.38 -13.65 -58.12
C ASP O 399 -2.88 -13.45 -59.54
N ILE O 400 -3.37 -12.41 -60.21
CA ILE O 400 -2.93 -12.12 -61.57
C ILE O 400 -1.45 -11.80 -61.58
N ALA O 401 -1.00 -11.07 -60.57
CA ALA O 401 0.41 -10.76 -60.47
C ALA O 401 1.23 -12.03 -60.32
N LYS O 402 0.73 -12.98 -59.54
CA LYS O 402 1.42 -14.26 -59.37
C LYS O 402 1.47 -15.01 -60.69
N LEU O 403 0.40 -14.92 -61.47
CA LEU O 403 0.37 -15.56 -62.77
C LEU O 403 1.46 -14.99 -63.66
N PHE O 404 1.60 -13.67 -63.67
CA PHE O 404 2.67 -13.07 -64.46
C PHE O 404 4.04 -13.40 -63.91
N GLN O 405 4.19 -13.47 -62.59
CA GLN O 405 5.47 -13.82 -62.00
C GLN O 405 5.90 -15.23 -62.41
N SER O 406 4.97 -16.17 -62.38
CA SER O 406 5.29 -17.49 -62.85
C SER O 406 5.60 -17.45 -64.35
N VAL O 407 4.87 -16.60 -65.08
CA VAL O 407 5.13 -16.46 -66.50
C VAL O 407 6.58 -16.01 -66.72
N THR O 408 7.05 -15.09 -65.89
CA THR O 408 8.44 -14.67 -65.94
C THR O 408 9.36 -15.84 -65.60
N SER O 409 8.95 -16.68 -64.64
CA SER O 409 9.73 -17.88 -64.33
C SER O 409 9.87 -18.76 -65.56
N ASP O 410 8.84 -18.79 -66.41
CA ASP O 410 8.94 -19.52 -67.66
C ASP O 410 10.13 -19.02 -68.47
N GLY O 411 10.28 -17.70 -68.57
CA GLY O 411 11.32 -17.11 -69.40
C GLY O 411 12.20 -16.14 -68.63
N GLY O 421 8.00 -6.58 -70.16
CA GLY O 421 7.79 -6.93 -68.76
C GLY O 421 7.42 -5.72 -67.93
N SER O 422 6.36 -5.04 -68.37
CA SER O 422 5.82 -3.88 -67.70
C SER O 422 4.44 -4.22 -67.16
N ILE O 423 4.23 -3.96 -65.88
CA ILE O 423 2.96 -4.27 -65.23
C ILE O 423 2.34 -3.01 -64.61
N THR O 424 1.04 -2.83 -64.84
CA THR O 424 0.28 -1.74 -64.25
C THR O 424 -0.90 -2.37 -63.54
N VAL O 425 -1.13 -1.99 -62.28
CA VAL O 425 -2.21 -2.56 -61.49
C VAL O 425 -3.17 -1.43 -61.13
N ASP O 426 -4.45 -1.63 -61.41
CA ASP O 426 -5.51 -0.67 -61.09
C ASP O 426 -6.34 -1.22 -59.93
N ASP O 427 -6.20 -0.60 -58.77
CA ASP O 427 -6.94 -1.04 -57.59
C ASP O 427 -8.43 -0.76 -57.72
N ARG O 428 -8.80 0.41 -58.25
CA ARG O 428 -10.21 0.82 -58.25
C ARG O 428 -11.07 -0.12 -59.09
N THR O 429 -10.62 -0.42 -60.30
CA THR O 429 -11.33 -1.34 -61.17
C THR O 429 -10.78 -2.74 -61.03
N ASN O 430 -9.69 -2.89 -60.27
CA ASN O 430 -8.99 -4.17 -60.17
C ASN O 430 -8.58 -4.64 -61.56
N SER O 431 -8.10 -3.70 -62.38
CA SER O 431 -7.79 -3.96 -63.76
C SER O 431 -6.30 -3.85 -63.95
N ILE O 432 -5.72 -4.88 -64.55
CA ILE O 432 -4.28 -4.95 -64.75
C ILE O 432 -4.04 -4.74 -66.23
N ILE O 433 -3.24 -3.74 -66.55
CA ILE O 433 -2.80 -3.50 -67.91
C ILE O 433 -1.32 -3.86 -67.97
N ALA O 434 -0.97 -4.79 -68.83
CA ALA O 434 0.41 -5.24 -68.88
C ALA O 434 0.94 -5.04 -70.29
N TYR O 435 2.05 -4.33 -70.39
CA TYR O 435 2.74 -4.16 -71.65
C TYR O 435 3.99 -5.05 -71.58
N GLN O 436 3.93 -6.18 -72.26
CA GLN O 436 4.94 -7.23 -72.15
C GLN O 436 4.79 -8.14 -73.36
N PRO O 437 5.64 -9.16 -73.58
CA PRO O 437 5.53 -9.94 -74.81
C PRO O 437 4.15 -10.56 -74.96
N GLN O 438 3.71 -10.67 -76.21
CA GLN O 438 2.35 -11.11 -76.50
C GLN O 438 2.09 -12.49 -75.92
N GLU O 439 3.05 -13.41 -76.03
CA GLU O 439 2.81 -14.77 -75.59
C GLU O 439 2.59 -14.80 -74.09
N ARG O 440 3.45 -14.09 -73.35
CA ARG O 440 3.30 -14.01 -71.92
C ARG O 440 1.98 -13.35 -71.56
N LEU O 441 1.63 -12.32 -72.33
CA LEU O 441 0.40 -11.58 -72.10
C LEU O 441 -0.82 -12.47 -72.25
N ASP O 442 -0.82 -13.29 -73.30
CA ASP O 442 -1.92 -14.21 -73.56
C ASP O 442 -2.02 -15.27 -72.49
N GLU O 443 -0.88 -15.82 -72.08
CA GLU O 443 -0.90 -16.86 -71.05
C GLU O 443 -1.47 -16.29 -69.78
N LEU O 444 -1.04 -15.09 -69.43
CA LEU O 444 -1.51 -14.47 -68.22
C LEU O 444 -3.00 -14.20 -68.31
N ARG O 445 -3.46 -13.79 -69.48
CA ARG O 445 -4.88 -13.56 -69.72
C ARG O 445 -5.72 -14.81 -69.51
N ARG O 446 -5.24 -15.95 -70.02
CA ARG O 446 -5.98 -17.19 -69.83
C ARG O 446 -6.09 -17.53 -68.35
N ILE O 447 -4.97 -17.41 -67.65
CA ILE O 447 -5.02 -17.67 -66.22
C ILE O 447 -5.93 -16.66 -65.54
N VAL O 448 -5.92 -15.42 -66.02
CA VAL O 448 -6.77 -14.37 -65.47
C VAL O 448 -8.21 -14.80 -65.58
N SER O 449 -8.56 -15.39 -66.72
CA SER O 449 -9.92 -15.85 -66.92
C SER O 449 -10.27 -16.89 -65.87
N GLN O 450 -9.34 -17.80 -65.60
CA GLN O 450 -9.60 -18.79 -64.55
C GLN O 450 -9.82 -18.09 -63.20
N LEU O 451 -8.97 -17.12 -62.89
CA LEU O 451 -9.02 -16.41 -61.61
C LEU O 451 -10.31 -15.62 -61.42
N ASP O 452 -10.87 -15.08 -62.49
CA ASP O 452 -12.01 -14.18 -62.37
C ASP O 452 -13.24 -15.05 -62.11
N ILE O 453 -13.22 -15.64 -60.90
CA ILE O 453 -14.27 -16.53 -60.42
C ILE O 453 -14.91 -15.98 -59.14
N PRO O 454 -16.24 -16.02 -59.06
CA PRO O 454 -16.95 -15.50 -57.88
C PRO O 454 -16.63 -16.31 -56.64
N VAL O 455 -16.43 -15.60 -55.51
CA VAL O 455 -16.25 -16.30 -54.24
C VAL O 455 -17.46 -17.17 -53.98
N ARG O 456 -17.21 -18.41 -53.58
CA ARG O 456 -18.25 -19.42 -53.41
C ARG O 456 -18.86 -19.42 -52.00
N GLN O 457 -20.12 -19.04 -51.91
CA GLN O 457 -20.90 -19.11 -50.68
C GLN O 457 -21.58 -20.46 -50.54
N VAL O 458 -21.67 -20.96 -49.31
CA VAL O 458 -22.46 -22.14 -48.98
C VAL O 458 -23.33 -21.84 -47.76
N MET O 459 -24.58 -22.26 -47.82
CA MET O 459 -25.53 -22.16 -46.72
C MET O 459 -25.45 -23.43 -45.88
N ILE O 460 -25.03 -23.30 -44.64
CA ILE O 460 -24.83 -24.44 -43.76
C ILE O 460 -25.99 -24.49 -42.78
N GLU O 461 -26.68 -25.60 -42.73
CA GLU O 461 -27.81 -25.75 -41.83
C GLU O 461 -27.50 -26.97 -40.98
N ALA O 462 -27.11 -26.74 -39.74
CA ALA O 462 -26.85 -27.81 -38.80
C ALA O 462 -27.91 -27.68 -37.71
N ARG O 463 -28.64 -28.75 -37.50
CA ARG O 463 -29.77 -28.70 -36.57
C ARG O 463 -29.53 -29.56 -35.34
N ILE O 464 -29.91 -29.02 -34.20
CA ILE O 464 -29.75 -29.69 -32.92
C ILE O 464 -31.11 -30.21 -32.49
N VAL O 465 -31.19 -31.50 -32.20
CA VAL O 465 -32.40 -32.13 -31.72
C VAL O 465 -32.10 -32.71 -30.34
N GLU O 466 -32.80 -32.23 -29.32
CA GLU O 466 -32.67 -32.76 -27.98
C GLU O 466 -33.99 -33.30 -27.47
N ALA O 467 -34.02 -34.55 -27.04
CA ALA O 467 -35.21 -35.12 -26.44
C ALA O 467 -34.84 -35.67 -25.06
N ASN O 468 -35.58 -35.25 -24.04
CA ASN O 468 -35.38 -35.76 -22.69
C ASN O 468 -36.68 -36.31 -22.15
N VAL O 469 -36.69 -37.58 -21.77
CA VAL O 469 -37.85 -38.21 -21.17
C VAL O 469 -37.50 -38.63 -19.76
N GLY O 470 -38.28 -38.15 -18.80
CA GLY O 470 -38.05 -38.46 -17.42
C GLY O 470 -39.16 -39.03 -16.55
N TYR O 471 -38.89 -40.16 -15.91
CA TYR O 471 -39.77 -40.79 -14.94
C TYR O 471 -39.13 -40.95 -13.57
N ASP O 472 -39.74 -40.36 -12.54
CA ASP O 472 -39.23 -40.52 -11.18
C ASP O 472 -40.38 -40.95 -10.27
N LYS O 473 -40.21 -42.05 -9.56
CA LYS O 473 -41.20 -42.47 -8.57
C LYS O 473 -40.56 -42.70 -7.21
N SER O 474 -41.17 -42.17 -6.16
CA SER O 474 -40.71 -42.37 -4.80
C SER O 474 -41.91 -42.79 -3.97
N LEU O 475 -41.76 -43.84 -3.18
CA LEU O 475 -42.85 -44.32 -2.34
C LEU O 475 -42.39 -44.38 -0.89
N GLY O 476 -43.06 -43.62 -0.03
CA GLY O 476 -42.99 -43.67 1.42
C GLY O 476 -44.14 -44.42 2.06
N VAL O 477 -43.89 -45.58 2.67
CA VAL O 477 -44.94 -46.42 3.23
C VAL O 477 -44.87 -46.36 4.75
N ARG O 478 -46.01 -46.03 5.39
CA ARG O 478 -46.03 -45.44 6.71
C ARG O 478 -47.14 -46.07 7.55
N TRP O 479 -46.75 -46.67 8.67
CA TRP O 479 -47.65 -47.31 9.63
C TRP O 479 -47.45 -46.75 11.03
N GLY O 480 -48.23 -45.74 11.43
CA GLY O 480 -48.04 -45.24 12.78
C GLY O 480 -49.23 -45.35 13.71
N GLY O 481 -49.04 -46.08 14.81
CA GLY O 481 -49.97 -46.19 15.90
C GLY O 481 -49.23 -45.89 17.19
N ALA O 482 -49.64 -44.90 17.97
CA ALA O 482 -48.98 -44.67 19.25
C ALA O 482 -49.64 -45.39 20.42
N TYR O 483 -50.81 -46.00 20.23
CA TYR O 483 -51.47 -46.64 21.37
C TYR O 483 -50.62 -47.79 21.87
N HIS O 484 -50.13 -48.61 20.96
CA HIS O 484 -49.27 -49.74 21.30
C HIS O 484 -47.83 -49.44 20.96
N LYS O 485 -47.53 -48.15 20.79
CA LYS O 485 -46.20 -47.65 20.45
C LYS O 485 -45.60 -48.39 19.25
N GLY O 486 -46.42 -48.68 18.26
CA GLY O 486 -45.89 -49.27 17.05
C GLY O 486 -45.92 -48.36 15.84
N ASN O 487 -44.75 -47.89 15.40
CA ASN O 487 -44.75 -46.92 14.31
C ASN O 487 -43.47 -47.06 13.48
N TRP O 488 -43.67 -47.45 12.22
CA TRP O 488 -42.63 -47.54 11.21
C TRP O 488 -42.86 -46.48 10.15
N SER O 489 -41.81 -45.71 9.86
CA SER O 489 -41.91 -44.57 8.97
C SER O 489 -41.61 -44.89 7.51
N GLY O 490 -42.39 -44.26 6.63
CA GLY O 490 -42.14 -44.40 5.21
C GLY O 490 -40.90 -43.60 4.90
N TYR O 491 -40.54 -43.58 3.62
CA TYR O 491 -39.37 -42.81 3.25
C TYR O 491 -39.59 -41.99 2.00
N GLY O 492 -40.03 -42.63 0.92
CA GLY O 492 -40.22 -41.90 -0.34
C GLY O 492 -41.02 -40.64 -0.08
N LYS O 493 -42.13 -40.78 0.64
CA LYS O 493 -42.85 -39.65 1.21
C LYS O 493 -43.04 -39.94 2.70
N ASP O 494 -41.94 -39.85 3.45
CA ASP O 494 -41.80 -40.38 4.81
C ASP O 494 -43.01 -40.08 5.70
N GLY O 495 -43.48 -41.10 6.40
CA GLY O 495 -44.56 -40.93 7.37
C GLY O 495 -44.47 -41.86 8.55
N ASN O 496 -44.66 -41.38 9.76
CA ASN O 496 -44.59 -42.25 10.94
C ASN O 496 -45.54 -41.66 11.96
N ILE O 497 -46.75 -42.20 12.01
CA ILE O 497 -47.83 -41.50 12.67
C ILE O 497 -47.62 -41.42 14.17
N GLY O 498 -46.73 -42.23 14.74
CA GLY O 498 -46.48 -42.12 16.18
C GLY O 498 -45.83 -40.80 16.56
N ILE O 499 -44.86 -40.33 15.77
CA ILE O 499 -44.18 -39.08 16.09
C ILE O 499 -45.17 -37.92 16.15
N LYS O 500 -46.13 -37.88 15.22
CA LYS O 500 -47.13 -36.82 15.27
C LYS O 500 -48.35 -37.26 16.07
N ASP O 501 -48.33 -38.49 16.59
CA ASP O 501 -49.21 -38.86 17.69
C ASP O 501 -48.71 -38.22 18.98
N GLU O 502 -47.43 -37.83 18.99
CA GLU O 502 -46.94 -37.02 20.10
C GLU O 502 -47.49 -35.61 19.97
N ASP O 503 -47.53 -35.10 18.74
CA ASP O 503 -48.19 -33.85 18.41
C ASP O 503 -49.67 -33.92 18.77
N PRO O 527 -56.37 -35.03 13.91
CA PRO O 527 -56.45 -35.81 12.68
C PRO O 527 -56.96 -35.02 11.47
N PHE O 528 -58.06 -34.26 11.63
CA PHE O 528 -58.57 -33.51 10.48
C PHE O 528 -57.59 -32.41 10.06
N VAL O 529 -56.89 -31.79 11.01
CA VAL O 529 -55.98 -30.70 10.66
C VAL O 529 -54.56 -31.22 10.40
N ASP O 530 -54.02 -32.03 11.33
CA ASP O 530 -52.63 -32.47 11.20
C ASP O 530 -52.44 -33.37 9.99
N LEU O 531 -53.34 -34.34 9.81
CA LEU O 531 -53.24 -35.21 8.64
C LEU O 531 -53.49 -34.46 7.35
N GLY O 532 -54.46 -33.55 7.32
CA GLY O 532 -54.70 -32.79 6.08
C GLY O 532 -53.43 -32.18 5.52
N ALA O 533 -52.70 -31.44 6.37
CA ALA O 533 -51.45 -30.82 5.95
C ALA O 533 -50.41 -31.89 5.69
N LYS O 534 -50.24 -32.82 6.64
CA LYS O 534 -49.23 -33.86 6.50
C LYS O 534 -49.40 -34.54 5.15
N ASP O 535 -50.65 -34.83 4.78
CA ASP O 535 -51.00 -35.61 3.61
C ASP O 535 -51.24 -34.70 2.42
N ALA O 536 -50.88 -33.43 2.52
CA ALA O 536 -51.08 -32.52 1.40
C ALA O 536 -50.36 -33.03 0.17
N THR O 537 -49.23 -33.70 0.37
CA THR O 537 -48.32 -34.11 -0.70
C THR O 537 -49.04 -34.89 -1.79
N SER O 538 -48.60 -34.66 -3.04
CA SER O 538 -49.10 -35.27 -4.28
C SER O 538 -49.76 -36.61 -4.07
N GLY O 539 -48.98 -37.57 -3.59
CA GLY O 539 -49.51 -38.90 -3.46
C GLY O 539 -49.52 -39.38 -2.03
N ILE O 540 -50.69 -39.37 -1.43
CA ILE O 540 -50.90 -39.89 -0.09
C ILE O 540 -52.14 -40.77 -0.07
N GLY O 541 -51.99 -41.99 0.39
CA GLY O 541 -53.15 -42.83 0.57
C GLY O 541 -53.37 -42.96 2.06
N ILE O 542 -54.43 -42.37 2.60
CA ILE O 542 -54.65 -42.31 4.04
C ILE O 542 -55.69 -43.34 4.45
N GLY O 543 -55.31 -44.20 5.41
CA GLY O 543 -56.26 -44.97 6.19
C GLY O 543 -56.19 -44.42 7.59
N PHE O 544 -57.30 -43.98 8.16
CA PHE O 544 -57.26 -43.47 9.52
C PHE O 544 -58.31 -44.16 10.36
N ILE O 545 -57.92 -44.53 11.57
CA ILE O 545 -58.89 -44.80 12.61
C ILE O 545 -58.67 -43.69 13.64
N THR O 546 -59.75 -43.13 14.14
CA THR O 546 -59.64 -42.17 15.21
C THR O 546 -60.57 -42.49 16.37
N ASP O 547 -61.74 -43.03 16.04
CA ASP O 547 -62.79 -43.19 17.02
C ASP O 547 -62.40 -44.17 18.12
N ASN O 548 -61.99 -45.38 17.75
CA ASN O 548 -61.51 -46.33 18.74
C ASN O 548 -60.14 -45.93 19.24
N ILE O 549 -59.23 -45.66 18.30
CA ILE O 549 -57.85 -45.28 18.54
C ILE O 549 -57.48 -44.50 17.30
N ILE O 550 -56.50 -43.63 17.40
CA ILE O 550 -56.00 -42.97 16.21
C ILE O 550 -54.77 -43.74 15.75
N LEU O 551 -54.96 -44.47 14.66
CA LEU O 551 -53.94 -45.30 14.04
C LEU O 551 -54.01 -44.97 12.57
N ASP O 552 -52.96 -44.31 12.07
CA ASP O 552 -52.92 -43.80 10.71
C ASP O 552 -51.93 -44.62 9.87
N LEU O 553 -52.40 -45.13 8.74
CA LEU O 553 -51.62 -45.98 7.85
C LEU O 553 -51.74 -45.48 6.42
N GLN O 554 -50.67 -44.89 5.91
CA GLN O 554 -50.68 -44.23 4.62
C GLN O 554 -49.59 -44.75 3.71
N LEU O 555 -49.92 -44.88 2.44
CA LEU O 555 -48.94 -45.24 1.43
C LEU O 555 -48.85 -43.99 0.57
N SER O 556 -47.70 -43.33 0.59
CA SER O 556 -47.56 -42.04 -0.06
C SER O 556 -46.56 -42.17 -1.21
N ALA O 557 -47.05 -42.07 -2.44
CA ALA O 557 -46.29 -42.36 -3.64
C ALA O 557 -46.38 -41.24 -4.67
N MET O 558 -45.28 -40.97 -5.34
CA MET O 558 -45.18 -39.91 -6.35
C MET O 558 -44.55 -40.48 -7.62
N GLU O 559 -45.19 -40.20 -8.75
CA GLU O 559 -44.65 -40.49 -10.06
C GLU O 559 -44.68 -39.20 -10.85
N LYS O 560 -43.52 -38.78 -11.34
CA LYS O 560 -43.39 -37.54 -12.07
C LYS O 560 -42.80 -37.87 -13.42
N THR O 561 -43.39 -37.34 -14.49
CA THR O 561 -42.82 -37.54 -15.82
C THR O 561 -42.68 -36.21 -16.55
N GLY O 562 -41.47 -35.91 -16.98
CA GLY O 562 -41.20 -34.72 -17.77
C GLY O 562 -40.39 -34.97 -19.02
N ASN O 563 -40.89 -34.56 -20.19
CA ASN O 563 -40.12 -34.67 -21.41
C ASN O 563 -39.96 -33.32 -22.08
N GLY O 564 -38.72 -32.92 -22.30
CA GLY O 564 -38.49 -31.69 -23.01
C GLY O 564 -37.67 -31.96 -24.24
N GLU O 565 -38.16 -31.56 -25.40
CA GLU O 565 -37.43 -31.71 -26.64
C GLU O 565 -37.31 -30.35 -27.32
N ILE O 566 -36.10 -29.94 -27.62
CA ILE O 566 -35.86 -28.70 -28.34
C ILE O 566 -35.09 -28.99 -29.61
N VAL O 567 -35.62 -28.55 -30.73
CA VAL O 567 -35.02 -28.75 -32.04
C VAL O 567 -34.81 -27.40 -32.69
N SER O 568 -33.55 -26.99 -32.81
CA SER O 568 -33.21 -25.69 -33.37
C SER O 568 -32.29 -25.83 -34.57
N GLN O 569 -32.62 -25.16 -35.68
CA GLN O 569 -31.75 -25.23 -36.86
C GLN O 569 -31.40 -23.85 -37.39
N PRO O 570 -30.15 -23.45 -37.26
CA PRO O 570 -29.62 -22.24 -37.89
C PRO O 570 -28.94 -22.45 -39.23
N LYS O 571 -29.26 -21.58 -40.19
CA LYS O 571 -28.72 -21.64 -41.54
C LYS O 571 -27.84 -20.42 -41.78
N VAL O 572 -26.59 -20.65 -42.22
CA VAL O 572 -25.60 -19.59 -42.42
C VAL O 572 -25.08 -19.59 -43.86
N VAL O 573 -25.00 -18.41 -44.48
CA VAL O 573 -24.40 -18.28 -45.81
C VAL O 573 -22.96 -17.79 -45.65
N THR O 574 -22.01 -18.58 -46.14
CA THR O 574 -20.58 -18.35 -45.94
C THR O 574 -19.79 -18.35 -47.24
N SER O 575 -18.77 -17.51 -47.32
CA SER O 575 -17.87 -17.64 -48.46
C SER O 575 -17.14 -18.98 -48.37
N ASP O 576 -16.47 -19.36 -49.45
CA ASP O 576 -15.79 -20.65 -49.51
C ASP O 576 -14.43 -20.52 -48.85
N LYS O 577 -14.13 -21.44 -47.91
CA LYS O 577 -12.85 -21.43 -47.17
C LYS O 577 -12.79 -20.27 -46.20
N GLU O 578 -13.91 -19.60 -45.97
CA GLU O 578 -14.00 -18.46 -45.08
C GLU O 578 -14.92 -18.85 -43.95
N THR O 579 -14.79 -18.16 -42.83
CA THR O 579 -15.70 -18.36 -41.73
C THR O 579 -16.87 -17.41 -41.75
N ALA O 580 -18.03 -17.95 -41.40
CA ALA O 580 -19.24 -17.18 -41.16
C ALA O 580 -19.87 -17.77 -39.91
N LYS O 581 -20.64 -16.94 -39.22
CA LYS O 581 -21.09 -17.32 -37.90
C LYS O 581 -22.50 -16.84 -37.66
N ILE O 582 -23.36 -17.75 -37.21
CA ILE O 582 -24.69 -17.37 -36.76
C ILE O 582 -24.67 -17.60 -35.25
N LEU O 583 -25.11 -16.59 -34.50
CA LEU O 583 -25.12 -16.70 -33.06
C LEU O 583 -26.42 -16.12 -32.53
N LYS O 584 -27.17 -16.95 -31.85
CA LYS O 584 -28.52 -16.65 -31.36
C LYS O 584 -28.53 -16.82 -29.84
N GLY O 585 -28.12 -15.81 -29.11
CA GLY O 585 -27.99 -15.97 -27.67
C GLY O 585 -27.95 -14.71 -26.86
N SER O 586 -27.25 -14.79 -25.74
CA SER O 586 -27.21 -13.74 -24.72
C SER O 586 -25.88 -13.89 -24.00
N GLU O 587 -25.31 -12.80 -23.51
CA GLU O 587 -23.89 -12.87 -23.14
C GLU O 587 -23.70 -12.87 -21.63
N VAL O 588 -23.54 -14.08 -21.10
CA VAL O 588 -23.32 -14.34 -19.68
C VAL O 588 -21.95 -13.80 -19.26
N PRO O 589 -21.96 -12.78 -18.45
CA PRO O 589 -20.76 -12.13 -17.96
C PRO O 589 -20.32 -12.68 -16.61
N TYR O 590 -19.17 -12.19 -16.16
CA TYR O 590 -18.73 -12.34 -14.79
C TYR O 590 -18.06 -11.02 -14.46
N GLN O 591 -18.57 -10.32 -13.46
CA GLN O 591 -18.05 -9.00 -13.09
C GLN O 591 -17.27 -9.17 -11.80
N GLU O 592 -15.96 -9.36 -11.92
CA GLU O 592 -15.06 -9.34 -10.78
C GLU O 592 -14.36 -7.99 -10.78
N ALA O 593 -14.81 -7.08 -9.94
CA ALA O 593 -14.24 -5.72 -9.94
C ALA O 593 -13.26 -5.55 -8.79
N SER O 594 -11.99 -5.87 -9.05
CA SER O 594 -11.02 -6.15 -8.02
C SER O 594 -10.15 -4.91 -8.06
N SER O 595 -10.41 -4.03 -7.09
CA SER O 595 -9.93 -2.66 -7.04
C SER O 595 -8.51 -2.49 -7.53
N SER O 596 -7.58 -3.26 -6.98
CA SER O 596 -6.16 -3.02 -7.27
C SER O 596 -5.77 -3.63 -8.61
N GLY O 597 -6.29 -2.99 -9.66
CA GLY O 597 -5.84 -3.19 -11.01
C GLY O 597 -6.49 -4.26 -11.85
N ALA O 598 -7.37 -5.10 -11.30
CA ALA O 598 -8.04 -6.05 -12.19
C ALA O 598 -9.54 -5.80 -12.22
N THR O 599 -10.07 -5.51 -13.42
CA THR O 599 -11.49 -5.32 -13.60
C THR O 599 -11.99 -6.36 -14.58
N SER O 600 -12.28 -7.54 -14.07
CA SER O 600 -12.64 -8.68 -14.90
C SER O 600 -14.12 -8.48 -15.22
N THR O 601 -14.37 -7.51 -16.11
CA THR O 601 -15.72 -7.30 -16.59
C THR O 601 -15.96 -8.25 -17.75
N SER O 602 -15.81 -9.53 -17.41
CA SER O 602 -15.85 -10.59 -18.39
C SER O 602 -17.26 -10.78 -18.87
N PHE O 603 -17.38 -11.22 -20.12
CA PHE O 603 -18.66 -11.68 -20.64
C PHE O 603 -18.37 -12.64 -21.76
N LYS O 604 -19.40 -13.42 -22.11
CA LYS O 604 -19.30 -14.48 -23.10
C LYS O 604 -20.72 -14.81 -23.47
N GLU O 605 -21.01 -14.90 -24.76
CA GLU O 605 -22.39 -15.14 -25.15
C GLU O 605 -22.70 -16.63 -25.26
N ALA O 606 -23.63 -17.05 -24.42
CA ALA O 606 -24.20 -18.38 -24.42
C ALA O 606 -25.29 -18.25 -25.47
N ALA O 607 -24.87 -18.55 -26.68
CA ALA O 607 -25.66 -18.40 -27.88
C ALA O 607 -25.59 -19.69 -28.68
N LEU O 608 -26.67 -20.01 -29.37
CA LEU O 608 -26.47 -21.07 -30.33
C LEU O 608 -25.54 -20.48 -31.37
N SER O 609 -24.73 -21.31 -31.98
CA SER O 609 -23.90 -20.75 -33.02
C SER O 609 -23.35 -21.81 -33.94
N LEU O 610 -23.08 -21.35 -35.16
CA LEU O 610 -22.36 -22.11 -36.16
C LEU O 610 -21.26 -21.18 -36.65
N GLU O 611 -20.02 -21.62 -36.52
CA GLU O 611 -18.89 -20.92 -37.08
C GLU O 611 -18.27 -21.86 -38.10
N VAL O 612 -18.47 -21.56 -39.38
CA VAL O 612 -18.17 -22.48 -40.45
C VAL O 612 -17.09 -21.91 -41.38
N THR O 613 -16.16 -22.78 -41.76
CA THR O 613 -15.15 -22.50 -42.78
C THR O 613 -15.23 -23.64 -43.78
N PRO O 614 -16.14 -23.53 -44.74
CA PRO O 614 -16.34 -24.57 -45.76
C PRO O 614 -15.31 -24.52 -46.89
N GLN O 615 -14.79 -25.69 -47.27
CA GLN O 615 -13.97 -25.82 -48.47
C GLN O 615 -14.75 -26.64 -49.48
N ILE O 616 -14.98 -26.07 -50.66
CA ILE O 616 -15.86 -26.66 -51.66
C ILE O 616 -15.08 -27.51 -52.64
N THR O 617 -15.44 -28.77 -52.72
CA THR O 617 -14.82 -29.71 -53.64
C THR O 617 -15.81 -30.05 -54.76
N PRO O 618 -15.31 -30.49 -55.94
CA PRO O 618 -16.13 -30.41 -57.16
C PRO O 618 -17.47 -31.09 -57.08
N ASP O 619 -17.55 -32.25 -56.44
CA ASP O 619 -18.82 -32.96 -56.51
C ASP O 619 -19.74 -32.36 -55.48
N ASN O 620 -19.88 -31.04 -55.48
CA ASN O 620 -20.82 -30.39 -54.60
C ASN O 620 -20.61 -30.92 -53.20
N ARG O 621 -19.37 -30.86 -52.75
CA ARG O 621 -19.09 -31.32 -51.40
C ARG O 621 -18.30 -30.25 -50.70
N ILE O 622 -18.30 -30.33 -49.38
CA ILE O 622 -17.51 -29.44 -48.54
C ILE O 622 -16.82 -30.18 -47.43
N ILE O 623 -15.53 -29.91 -47.26
CA ILE O 623 -14.84 -30.25 -46.03
C ILE O 623 -14.87 -28.95 -45.25
N VAL O 624 -15.56 -28.92 -44.12
CA VAL O 624 -15.74 -27.66 -43.40
C VAL O 624 -15.22 -27.82 -42.00
N GLU O 625 -14.51 -26.80 -41.53
CA GLU O 625 -14.19 -26.70 -40.11
C GLU O 625 -15.34 -25.94 -39.49
N VAL O 626 -16.13 -26.63 -38.68
CA VAL O 626 -17.32 -26.06 -38.07
C VAL O 626 -17.25 -26.18 -36.56
N LYS O 627 -17.43 -25.05 -35.92
CA LYS O 627 -17.76 -24.94 -34.50
C LYS O 627 -19.27 -24.89 -34.37
N VAL O 628 -19.86 -25.89 -33.73
CA VAL O 628 -21.29 -25.96 -33.53
C VAL O 628 -21.48 -25.95 -32.03
N THR O 629 -21.91 -24.81 -31.48
CA THR O 629 -22.01 -24.68 -30.05
C THR O 629 -23.39 -24.25 -29.57
N LYS O 630 -23.88 -24.91 -28.55
CA LYS O 630 -25.07 -24.47 -27.84
C LYS O 630 -24.65 -24.25 -26.41
N ASP O 631 -24.93 -23.08 -25.87
CA ASP O 631 -24.58 -22.80 -24.50
C ASP O 631 -25.73 -22.02 -23.87
N ALA O 632 -25.69 -21.92 -22.55
CA ALA O 632 -26.88 -21.33 -22.00
C ALA O 632 -26.65 -20.76 -20.62
N PRO O 633 -27.23 -19.58 -20.36
CA PRO O 633 -27.04 -18.90 -19.08
C PRO O 633 -27.26 -19.79 -17.87
N ASP O 634 -26.41 -19.59 -16.89
CA ASP O 634 -26.33 -20.45 -15.72
C ASP O 634 -27.21 -19.95 -14.58
N TYR O 635 -27.85 -20.89 -13.89
CA TYR O 635 -28.56 -20.53 -12.68
C TYR O 635 -27.65 -19.82 -11.69
N GLN O 636 -26.50 -20.41 -11.37
CA GLN O 636 -25.63 -19.80 -10.36
C GLN O 636 -25.15 -18.43 -10.84
N ASN O 637 -24.99 -18.26 -12.15
CA ASN O 637 -24.66 -16.95 -12.70
C ASN O 637 -25.81 -15.99 -12.49
N MET O 638 -27.02 -16.41 -12.83
CA MET O 638 -28.19 -15.60 -12.55
C MET O 638 -28.35 -15.45 -11.05
N LEU O 639 -27.82 -16.42 -10.30
CA LEU O 639 -27.78 -16.42 -8.85
C LEU O 639 -26.66 -15.53 -8.34
N ASN O 640 -25.74 -15.13 -9.21
CA ASN O 640 -24.53 -14.40 -8.84
C ASN O 640 -23.75 -15.19 -7.80
N GLY O 641 -23.73 -16.51 -7.98
CA GLY O 641 -22.96 -17.41 -7.13
C GLY O 641 -21.77 -17.87 -7.94
N VAL O 642 -21.39 -19.14 -7.81
CA VAL O 642 -20.34 -19.72 -8.64
C VAL O 642 -21.04 -20.32 -9.87
N PRO O 643 -20.90 -19.73 -11.04
CA PRO O 643 -21.76 -20.05 -12.21
C PRO O 643 -21.33 -21.22 -13.10
N PRO O 644 -22.03 -22.39 -13.03
CA PRO O 644 -21.78 -23.40 -14.06
C PRO O 644 -22.70 -23.21 -15.26
N ILE O 645 -22.22 -22.46 -16.26
CA ILE O 645 -22.96 -22.27 -17.50
C ILE O 645 -23.01 -23.54 -18.32
N ASN O 646 -24.11 -23.71 -19.09
CA ASN O 646 -24.27 -24.95 -19.84
C ASN O 646 -23.50 -24.85 -21.14
N LYS O 647 -22.86 -25.95 -21.53
CA LYS O 647 -22.13 -25.98 -22.78
C LYS O 647 -22.28 -27.35 -23.43
N ASN O 648 -22.85 -27.38 -24.63
CA ASN O 648 -22.82 -28.51 -25.55
C ASN O 648 -22.14 -28.05 -26.83
N GLU O 649 -20.86 -28.36 -27.02
CA GLU O 649 -20.18 -27.82 -28.20
C GLU O 649 -19.36 -28.88 -28.88
N VAL O 650 -19.48 -28.95 -30.20
CA VAL O 650 -18.64 -29.81 -31.02
C VAL O 650 -17.81 -28.92 -31.95
N ASN O 651 -16.52 -29.15 -31.98
CA ASN O 651 -15.61 -28.41 -32.85
C ASN O 651 -14.86 -29.40 -33.72
N ALA O 652 -15.04 -29.31 -35.03
CA ALA O 652 -14.46 -30.34 -35.87
C ALA O 652 -14.57 -29.97 -37.33
N LYS O 653 -13.69 -30.57 -38.14
CA LYS O 653 -13.73 -30.41 -39.59
C LYS O 653 -14.16 -31.74 -40.20
N ILE O 654 -15.24 -31.72 -40.99
CA ILE O 654 -15.76 -32.94 -41.59
C ILE O 654 -16.14 -32.66 -43.05
N LEU O 655 -16.18 -33.74 -43.84
CA LEU O 655 -16.54 -33.65 -45.25
C LEU O 655 -17.91 -34.28 -45.50
N VAL O 656 -18.79 -33.53 -46.20
CA VAL O 656 -20.09 -34.02 -46.61
C VAL O 656 -20.37 -33.45 -48.00
N ASN O 657 -21.18 -34.16 -48.80
CA ASN O 657 -21.54 -33.42 -49.99
C ASN O 657 -22.57 -32.36 -49.65
N ASP O 658 -22.71 -31.43 -50.58
CA ASP O 658 -23.62 -30.32 -50.40
C ASP O 658 -25.06 -30.82 -50.22
N GLY O 659 -25.45 -31.82 -50.99
CA GLY O 659 -26.82 -32.27 -50.88
C GLY O 659 -27.09 -33.09 -49.64
N GLU O 660 -26.15 -33.17 -48.71
CA GLU O 660 -26.07 -34.27 -47.78
C GLU O 660 -26.03 -33.80 -46.34
N THR O 661 -26.74 -34.52 -45.50
CA THR O 661 -26.84 -34.24 -44.08
C THR O 661 -26.18 -35.39 -43.33
N ILE O 662 -25.32 -35.06 -42.38
CA ILE O 662 -24.74 -36.08 -41.54
C ILE O 662 -24.96 -35.64 -40.11
N VAL O 663 -24.77 -36.59 -39.19
CA VAL O 663 -24.86 -36.27 -37.79
C VAL O 663 -23.44 -35.95 -37.36
N ILE O 664 -23.18 -34.68 -37.10
CA ILE O 664 -21.85 -34.27 -36.68
C ILE O 664 -21.51 -35.01 -35.41
N GLY O 665 -22.51 -35.15 -34.54
CA GLY O 665 -22.34 -35.88 -33.31
C GLY O 665 -23.65 -35.95 -32.59
N GLY O 666 -23.61 -36.66 -31.48
CA GLY O 666 -24.78 -36.78 -30.64
C GLY O 666 -24.49 -37.73 -29.50
N VAL O 667 -25.34 -37.66 -28.48
CA VAL O 667 -25.14 -38.46 -27.29
C VAL O 667 -26.47 -38.81 -26.66
N PHE O 668 -26.60 -40.07 -26.27
CA PHE O 668 -27.72 -40.54 -25.46
C PHE O 668 -27.26 -40.77 -24.03
N SER O 669 -27.98 -40.17 -23.08
CA SER O 669 -27.74 -40.34 -21.66
C SER O 669 -28.82 -41.20 -21.03
N ASN O 670 -28.48 -42.42 -20.61
CA ASN O 670 -29.43 -43.36 -20.01
C ASN O 670 -29.22 -43.44 -18.51
N GLU O 671 -30.14 -42.87 -17.75
CA GLU O 671 -30.10 -42.85 -16.30
C GLU O 671 -31.02 -43.91 -15.69
N GLN O 672 -30.44 -44.81 -14.89
CA GLN O 672 -31.24 -45.77 -14.15
C GLN O 672 -30.87 -45.62 -12.68
N SER O 673 -31.80 -45.12 -11.87
CA SER O 673 -31.56 -44.87 -10.46
C SER O 673 -32.56 -45.61 -9.61
N LYS O 674 -32.07 -46.35 -8.62
CA LYS O 674 -32.92 -47.06 -7.69
C LYS O 674 -32.47 -46.80 -6.27
N SER O 675 -33.43 -46.54 -5.39
CA SER O 675 -33.20 -46.25 -3.99
C SER O 675 -34.29 -46.99 -3.23
N VAL O 676 -33.92 -47.91 -2.35
CA VAL O 676 -34.90 -48.63 -1.57
C VAL O 676 -34.52 -48.51 -0.10
N GLU O 677 -35.50 -48.11 0.70
CA GLU O 677 -35.36 -47.92 2.13
C GLU O 677 -36.34 -48.82 2.86
N LYS O 678 -35.84 -49.66 3.73
CA LYS O 678 -36.74 -50.66 4.29
C LYS O 678 -36.34 -51.03 5.71
N VAL O 679 -37.28 -50.92 6.63
CA VAL O 679 -37.10 -51.64 7.87
C VAL O 679 -36.91 -53.11 7.52
N PRO O 680 -35.81 -53.72 7.93
CA PRO O 680 -35.52 -55.08 7.50
C PRO O 680 -36.57 -56.07 7.96
N PHE O 681 -36.95 -56.01 9.24
CA PHE O 681 -37.86 -57.01 9.79
C PHE O 681 -39.24 -56.91 9.13
N LEU O 682 -39.80 -55.70 9.09
CA LEU O 682 -41.10 -55.55 8.44
C LEU O 682 -40.97 -55.72 6.94
N GLY O 683 -39.87 -55.23 6.36
CA GLY O 683 -39.65 -55.41 4.93
C GLY O 683 -39.69 -56.88 4.58
N GLU O 684 -39.17 -57.72 5.48
CA GLU O 684 -39.16 -59.17 5.28
C GLU O 684 -40.58 -59.69 5.11
N LEU O 685 -41.53 -59.12 5.84
CA LEU O 685 -42.89 -59.61 5.79
C LEU O 685 -43.41 -59.52 4.37
N PRO O 686 -43.99 -60.59 3.83
CA PRO O 686 -44.44 -60.55 2.43
C PRO O 686 -45.56 -59.57 2.20
N TYR O 687 -46.50 -59.48 3.12
CA TYR O 687 -47.68 -58.64 2.93
C TYR O 687 -47.43 -57.22 3.39
N LEU O 688 -46.42 -57.02 4.22
CA LEU O 688 -46.13 -55.73 4.81
C LEU O 688 -44.82 -55.15 4.33
N GLY O 689 -43.98 -55.92 3.65
CA GLY O 689 -42.73 -55.35 3.19
C GLY O 689 -42.96 -54.24 2.20
N ARG O 690 -43.90 -54.45 1.26
CA ARG O 690 -44.25 -53.37 0.34
C ARG O 690 -44.71 -52.17 1.13
N LEU O 691 -45.39 -52.42 2.25
CA LEU O 691 -45.87 -51.42 3.17
C LEU O 691 -44.77 -50.94 4.09
N PHE O 692 -43.57 -51.53 3.99
CA PHE O 692 -42.44 -51.09 4.80
C PHE O 692 -41.14 -51.09 3.99
N ARG O 693 -41.23 -51.14 2.67
CA ARG O 693 -40.11 -50.97 1.75
C ARG O 693 -40.46 -49.80 0.85
N ARG O 694 -39.63 -48.76 0.91
CA ARG O 694 -39.80 -47.53 0.16
C ARG O 694 -38.91 -47.51 -1.06
N ASP O 695 -39.52 -47.63 -2.23
CA ASP O 695 -38.77 -47.70 -3.48
C ASP O 695 -38.92 -46.39 -4.22
N THR O 696 -37.80 -45.82 -4.61
CA THR O 696 -37.73 -44.67 -5.49
C THR O 696 -36.86 -45.08 -6.67
N VAL O 697 -37.44 -45.11 -7.85
CA VAL O 697 -36.71 -45.41 -9.08
C VAL O 697 -36.94 -44.26 -10.04
N THR O 698 -35.85 -43.70 -10.52
CA THR O 698 -35.94 -42.63 -11.50
C THR O 698 -35.06 -42.94 -12.69
N ASP O 699 -35.64 -42.84 -13.87
CA ASP O 699 -34.94 -42.95 -15.14
C ASP O 699 -35.18 -41.65 -15.88
N ARG O 700 -34.14 -40.86 -16.06
CA ARG O 700 -34.25 -39.64 -16.84
C ARG O 700 -33.22 -39.78 -17.94
N LYS O 701 -33.68 -39.81 -19.18
CA LYS O 701 -32.77 -40.00 -20.29
C LYS O 701 -32.97 -38.96 -21.37
N ASN O 702 -31.94 -38.15 -21.60
CA ASN O 702 -31.93 -37.13 -22.62
C ASN O 702 -30.87 -37.46 -23.64
N GLU O 703 -31.25 -37.38 -24.90
CA GLU O 703 -30.33 -37.60 -26.01
C GLU O 703 -30.29 -36.33 -26.82
N LEU O 704 -29.08 -35.92 -27.20
CA LEU O 704 -28.87 -34.76 -28.04
C LEU O 704 -28.12 -35.17 -29.29
N LEU O 705 -28.59 -34.69 -30.44
CA LEU O 705 -27.97 -35.00 -31.73
C LEU O 705 -27.89 -33.75 -32.59
N VAL O 706 -26.79 -33.59 -33.31
CA VAL O 706 -26.60 -32.48 -34.24
C VAL O 706 -26.47 -33.00 -35.67
N PHE O 707 -27.37 -32.56 -36.55
CA PHE O 707 -27.21 -32.80 -37.97
C PHE O 707 -26.48 -31.63 -38.62
N LEU O 708 -26.15 -31.77 -39.90
CA LEU O 708 -25.70 -30.66 -40.73
C LEU O 708 -25.85 -31.01 -42.20
N THR O 709 -26.28 -30.00 -43.00
CA THR O 709 -26.29 -30.07 -44.45
C THR O 709 -25.81 -28.76 -45.07
N PRO O 710 -24.78 -28.78 -45.93
CA PRO O 710 -24.34 -27.54 -46.54
C PRO O 710 -24.89 -27.42 -47.97
N ARG O 711 -25.57 -26.36 -48.32
CA ARG O 711 -26.08 -26.18 -49.68
C ARG O 711 -25.24 -25.10 -50.33
N ILE O 712 -24.40 -25.50 -51.29
CA ILE O 712 -23.49 -24.55 -51.88
C ILE O 712 -24.27 -23.41 -52.53
N MET O 713 -23.90 -22.18 -52.15
CA MET O 713 -24.48 -20.97 -52.71
C MET O 713 -23.72 -20.55 -53.96
N ASN O 714 -22.59 -21.23 -54.25
CA ASN O 714 -21.95 -21.05 -55.55
C ASN O 714 -22.91 -21.39 -56.66
N ASN O 715 -23.85 -22.32 -56.42
CA ASN O 715 -24.80 -22.66 -57.46
C ASN O 715 -25.50 -21.39 -57.91
N GLN O 716 -25.61 -20.47 -56.98
CA GLN O 716 -26.14 -19.13 -57.18
C GLN O 716 -25.01 -18.12 -57.26
N ALA O 717 -23.92 -18.35 -56.51
CA ALA O 717 -22.80 -17.41 -56.46
C ALA O 717 -21.97 -17.45 -57.74
N ILE O 718 -21.93 -18.60 -58.41
CA ILE O 718 -21.23 -18.64 -59.69
C ILE O 718 -22.09 -17.89 -60.70
N ALA O 719 -23.41 -18.09 -60.61
CA ALA O 719 -24.37 -17.38 -61.42
C ALA O 719 -24.52 -15.95 -60.93
N ILE O 720 -24.03 -15.68 -59.72
CA ILE O 720 -23.83 -14.35 -59.20
C ILE O 720 -22.36 -13.97 -59.19
#